data_1N5X
#
_entry.id   1N5X
#
_cell.length_a   168.269
_cell.length_b   124.659
_cell.length_c   147.325
_cell.angle_alpha   90.00
_cell.angle_beta   90.99
_cell.angle_gamma   90.00
#
_symmetry.space_group_name_H-M   'C 1 2 1'
#
loop_
_entity.id
_entity.type
_entity.pdbx_description
1 polymer 'Xanthine Dehydrogenase'
2 non-polymer 'FE2/S2 (INORGANIC) CLUSTER'
3 non-polymer 'PHOSPHONIC ACIDMONO-(2-AMINO-5,6-DIMERCAPTO-4-OXO-3,7,8A,9,10,10A-HEXAHYDRO-4H-8-OXA-1,3,9,10-TETRAAZA-ANTHRACEN-7-YLMETHYL)ESTER'
4 non-polymer 'DIOXOTHIOMOLYBDENUM(VI) ION'
5 non-polymer 'FLAVIN-ADENINE DINUCLEOTIDE'
6 non-polymer '2-(3-CYANO-4-ISOBUTOXY-PHENYL)-4-METHYL-5-THIAZOLE-CARBOXYLIC ACID'
#
_entity_poly.entity_id   1
_entity_poly.type   'polypeptide(L)'
_entity_poly.pdbx_seq_one_letter_code
;TADELVFFVNGKKVVEKNADPETTLLAYLRRKLGLRGTKLGCGEGGCGACTVMLSKYDRLQDKIIHFSANACLAPICTLH
HVAVTTVEGIGSTKTRLHPVQERIAKSHGSQCGFCTPGIVMSMYTLLRNQPEPTVEEIEDAFQGNLCRCTGYRPILQGFR
TFAKNGGCCGGNGNNPNCCMNQKKDHTVTLSPSLFNPEEFMPLDPTQEPIFPPELLRLKDVPPKQLRFEGERVTWIQAST
LKELLDLKAQHPEAKLVVGNTEIGIEMKFKNQLFPMIICPAWIPELNAVEHGPEGISFGAACALSSVEKTLLEAVAKLPT
QKTEVFRGVLEQLRWFAGKQVKSVASLGGNIITASPISDLNPVFMASGTKLTIVSRGTRRTVPMDHTFFPSYRKTLLGPE
EILLSIEIPYSREDEFFSAFKQASRREDDIAKVTCGMRVLFQPGSMQVKELALCYGGMADRTISALKTTQKQLSKFWNEK
LLQDVCAGLAEELSLSPDAPGGMIEFRRTLTLSFFFKFYLTVLKKLGKDSKDKCGKLDPTYTSATLLFQKHPPANIQLFQ
EVPNGQSKEDTVGRPLPHLAAAMQASGEAVYCDDIPRYENELFLRLVTSTRAHAKIKSIDVSEAQKVPGFVCFLSADDIP
GSNETGLFNDETVFAKDTVTCVGHIIGAVVADTPEHAERAAHVVKVTYEDLPAIITIEDAIKNNSFYGSELKIEKGDLKK
GFSEADNVVSGELYIGGQDHFYLETHCTIAIPKGEEGEMELFVSTQNAMKTQSFVAKMLGVPVNRILVRVKRMGGGFGGK
ETRSTLVSVAVALAAYKTGHPVRCMLDRNEDMLITGGRHPFLARYKVGFMKTGTIVALEVDHYSNAGNSRDLSHSIMERA
LFHMDNCYKIPNIRGTGRLCKTNLSSNTAFRGFGGPQALFIAENWMSEVAVTCGLPAEEVRWKNMYKEGDLTHFNQRLEG
FSVPRCWDECLKSSQYYARKSEVDKFNKENCWKKRGLCIIPTKFGISFTVPFLNQAGALIHVYTDGSVLVSHGGTEMGQG
LHTKMVQVASKALKIPISKIYISETSTNTVPNSSPTAASVSTDIYGQAVYEACQTILKRLEPFKKKNPDGSWEDWVMAAY
QDRVSLSTTGFYRTPNLGYSFETNSGNAFHYFTYGVACSEVEIDCLTGDHKNLRTDIVMDVGSSLNPAIDIGQVEGAFVQ
GLGLFTLEELHYSPEGSLHTRGPSTYKIPAFGSIPTEFRVSLLRDCPNKKAIYASKAVGEPPLFLGASVFFAIKDAIRAA
RAQHTNNNTKELFRLDSPATPEKIRNACVDKFTTLCVTGAPGNCKPWSLRV
;
_entity_poly.pdbx_strand_id   A,B
#
# COMPACT_ATOMS: atom_id res chain seq x y z
N ALA A 2 30.90 26.51 -1.89
CA ALA A 2 30.84 25.11 -2.39
C ALA A 2 29.67 24.34 -1.74
N ASP A 3 29.81 23.02 -1.65
CA ASP A 3 28.80 22.16 -1.04
C ASP A 3 27.30 22.29 -1.36
N GLU A 4 26.76 23.50 -1.35
CA GLU A 4 25.33 23.66 -1.60
C GLU A 4 24.93 23.70 -3.08
N LEU A 5 24.15 22.72 -3.50
CA LEU A 5 23.66 22.65 -4.88
C LEU A 5 22.28 23.30 -4.94
N VAL A 6 22.15 24.33 -5.76
CA VAL A 6 20.88 25.04 -5.87
C VAL A 6 20.31 25.12 -7.28
N PHE A 7 19.15 24.52 -7.50
CA PHE A 7 18.49 24.56 -8.80
C PHE A 7 16.97 24.61 -8.62
N PHE A 8 16.26 24.81 -9.72
CA PHE A 8 14.80 24.86 -9.64
C PHE A 8 14.17 23.76 -10.46
N VAL A 9 13.04 23.26 -10.01
CA VAL A 9 12.30 22.21 -10.70
C VAL A 9 10.85 22.65 -10.74
N ASN A 10 10.39 22.98 -11.94
CA ASN A 10 9.01 23.42 -12.12
C ASN A 10 8.69 24.67 -11.30
N GLY A 11 9.60 25.63 -11.32
CA GLY A 11 9.38 26.86 -10.59
C GLY A 11 9.85 26.83 -9.15
N LYS A 12 9.73 25.68 -8.50
CA LYS A 12 10.15 25.57 -7.11
C LYS A 12 11.67 25.42 -6.93
N LYS A 13 12.22 26.18 -6.00
CA LYS A 13 13.65 26.16 -5.71
C LYS A 13 14.08 24.99 -4.84
N VAL A 14 15.11 24.29 -5.29
CA VAL A 14 15.63 23.14 -4.57
C VAL A 14 17.00 23.47 -4.03
N VAL A 15 17.23 23.11 -2.78
CA VAL A 15 18.53 23.37 -2.18
C VAL A 15 19.00 22.04 -1.63
N GLU A 16 19.87 21.37 -2.37
CA GLU A 16 20.40 20.09 -1.93
C GLU A 16 21.75 20.35 -1.27
N LYS A 17 21.82 20.11 0.03
CA LYS A 17 23.05 20.36 0.78
C LYS A 17 24.06 19.23 0.73
N ASN A 18 23.68 18.09 0.17
CA ASN A 18 24.58 16.96 0.09
C ASN A 18 24.50 16.25 -1.24
N ALA A 19 24.65 17.02 -2.32
CA ALA A 19 24.61 16.45 -3.66
C ALA A 19 25.70 15.39 -3.83
N ASP A 20 25.30 14.22 -4.33
CA ASP A 20 26.26 13.17 -4.58
C ASP A 20 26.54 13.18 -6.07
N PRO A 21 27.80 13.38 -6.47
CA PRO A 21 28.21 13.43 -7.87
C PRO A 21 27.66 12.31 -8.77
N GLU A 22 27.40 11.15 -8.17
CA GLU A 22 26.88 10.02 -8.94
C GLU A 22 25.35 10.07 -9.12
N THR A 23 24.69 11.09 -8.60
CA THR A 23 23.24 11.19 -8.74
C THR A 23 22.77 11.84 -10.03
N THR A 24 21.86 11.15 -10.72
CA THR A 24 21.29 11.65 -11.97
C THR A 24 20.02 12.42 -11.66
N LEU A 25 19.61 13.27 -12.59
CA LEU A 25 18.39 14.03 -12.39
C LEU A 25 17.19 13.10 -12.34
N LEU A 26 17.19 12.08 -13.18
CA LEU A 26 16.08 11.13 -13.21
C LEU A 26 15.79 10.50 -11.85
N ALA A 27 16.86 10.14 -11.15
CA ALA A 27 16.73 9.52 -9.84
C ALA A 27 16.28 10.56 -8.83
N TYR A 28 16.83 11.76 -8.93
CA TYR A 28 16.47 12.80 -8.01
C TYR A 28 14.99 13.13 -8.15
N LEU A 29 14.55 13.35 -9.37
CA LEU A 29 13.15 13.67 -9.62
C LEU A 29 12.23 12.58 -9.10
N ARG A 30 12.65 11.33 -9.23
CA ARG A 30 11.80 10.24 -8.79
C ARG A 30 11.86 9.90 -7.31
N ARG A 31 13.07 9.73 -6.79
CA ARG A 31 13.23 9.38 -5.37
C ARG A 31 13.03 10.56 -4.43
N LYS A 32 13.92 11.54 -4.50
CA LYS A 32 13.89 12.69 -3.64
C LYS A 32 12.73 13.68 -3.83
N LEU A 33 12.39 14.02 -5.07
CA LEU A 33 11.33 14.98 -5.34
C LEU A 33 9.92 14.40 -5.58
N GLY A 34 9.79 13.08 -5.53
CA GLY A 34 8.49 12.45 -5.75
C GLY A 34 7.76 12.78 -7.04
N LEU A 35 8.48 13.18 -8.09
CA LEU A 35 7.87 13.49 -9.38
C LEU A 35 8.08 12.34 -10.36
N ARG A 36 7.19 11.35 -10.31
CA ARG A 36 7.31 10.19 -11.18
C ARG A 36 6.91 10.35 -12.65
N GLY A 37 6.62 11.56 -13.09
CA GLY A 37 6.23 11.75 -14.48
C GLY A 37 7.34 11.34 -15.43
N THR A 38 8.57 11.66 -15.06
CA THR A 38 9.73 11.30 -15.86
C THR A 38 10.03 9.82 -15.59
N LYS A 39 10.04 9.01 -16.65
CA LYS A 39 10.25 7.57 -16.56
C LYS A 39 11.66 7.12 -16.89
N LEU A 40 11.96 5.86 -16.59
CA LEU A 40 13.25 5.23 -16.93
C LEU A 40 12.97 4.13 -17.96
N GLY A 41 13.55 4.25 -19.15
CA GLY A 41 13.33 3.25 -20.18
C GLY A 41 14.55 2.54 -20.72
N CYS A 42 15.73 3.06 -20.41
CA CYS A 42 16.94 2.45 -20.92
C CYS A 42 18.20 2.89 -20.16
N GLY A 43 18.23 4.15 -19.76
CA GLY A 43 19.37 4.67 -19.04
C GLY A 43 20.60 4.89 -19.90
N GLU A 44 20.45 4.73 -21.21
CA GLU A 44 21.58 4.92 -22.13
C GLU A 44 21.38 6.16 -22.97
N GLY A 45 20.26 6.86 -22.81
CA GLY A 45 20.01 8.06 -23.58
C GLY A 45 19.36 7.81 -24.94
N GLY A 46 18.98 6.57 -25.21
CA GLY A 46 18.37 6.25 -26.50
C GLY A 46 16.86 6.33 -26.67
N CYS A 47 16.08 6.12 -25.60
CA CYS A 47 14.62 6.15 -25.71
C CYS A 47 13.93 7.50 -25.48
N GLY A 48 14.52 8.36 -24.65
CA GLY A 48 13.95 9.66 -24.40
C GLY A 48 12.75 9.66 -23.47
N ALA A 49 12.59 8.60 -22.70
CA ALA A 49 11.48 8.49 -21.78
C ALA A 49 11.78 9.32 -20.54
N CYS A 50 13.00 9.86 -20.49
CA CYS A 50 13.44 10.65 -19.35
C CYS A 50 13.68 12.09 -19.77
N THR A 51 13.07 12.50 -20.87
CA THR A 51 13.23 13.85 -21.38
C THR A 51 12.61 14.91 -20.49
N VAL A 52 13.40 15.95 -20.19
CA VAL A 52 12.95 17.07 -19.37
C VAL A 52 13.49 18.33 -20.06
N MET A 53 12.93 19.49 -19.73
CA MET A 53 13.44 20.71 -20.34
C MET A 53 14.32 21.41 -19.33
N LEU A 54 15.41 22.00 -19.82
CA LEU A 54 16.35 22.74 -18.99
C LEU A 54 16.39 24.17 -19.51
N SER A 55 16.20 25.13 -18.61
CA SER A 55 16.23 26.53 -19.00
C SER A 55 17.29 27.17 -18.13
N LYS A 56 18.08 28.06 -18.74
CA LYS A 56 19.14 28.76 -18.01
C LYS A 56 19.44 30.10 -18.67
N TYR A 57 20.12 30.96 -17.93
CA TYR A 57 20.50 32.27 -18.44
C TYR A 57 21.90 32.14 -19.02
N ASP A 58 22.01 32.27 -20.33
CA ASP A 58 23.29 32.18 -21.00
C ASP A 58 23.96 33.55 -21.08
N ARG A 59 25.22 33.60 -20.65
CA ARG A 59 25.98 34.83 -20.74
C ARG A 59 26.82 34.63 -22.00
N LEU A 60 26.73 35.59 -22.91
CA LEU A 60 27.42 35.57 -24.20
C LEU A 60 26.29 35.84 -25.17
N GLN A 61 25.09 35.41 -24.77
CA GLN A 61 23.94 35.68 -25.61
C GLN A 61 23.06 36.59 -24.81
N ASP A 62 23.35 36.65 -23.50
CA ASP A 62 22.61 37.49 -22.59
C ASP A 62 21.13 37.23 -22.87
N LYS A 63 20.73 35.97 -22.69
CA LYS A 63 19.35 35.56 -22.95
C LYS A 63 19.04 34.23 -22.28
N ILE A 64 17.75 33.95 -22.06
CA ILE A 64 17.35 32.69 -21.46
C ILE A 64 17.27 31.66 -22.58
N ILE A 65 17.83 30.49 -22.35
CA ILE A 65 17.78 29.46 -23.37
C ILE A 65 17.02 28.26 -22.82
N HIS A 66 16.43 27.49 -23.73
CA HIS A 66 15.65 26.31 -23.37
C HIS A 66 16.09 25.13 -24.24
N PHE A 67 16.41 24.01 -23.62
CA PHE A 67 16.82 22.84 -24.38
C PHE A 67 16.40 21.54 -23.73
N SER A 68 16.30 20.47 -24.51
CA SER A 68 15.89 19.20 -23.95
C SER A 68 17.12 18.45 -23.47
N ALA A 69 16.91 17.48 -22.58
CA ALA A 69 18.00 16.69 -22.05
C ALA A 69 17.46 15.41 -21.43
N ASN A 70 18.28 14.35 -21.47
CA ASN A 70 17.89 13.06 -20.91
C ASN A 70 18.26 13.08 -19.44
N ALA A 71 17.25 13.04 -18.59
CA ALA A 71 17.45 13.05 -17.14
C ALA A 71 18.29 11.89 -16.62
N CYS A 72 18.25 10.76 -17.32
CA CYS A 72 19.00 9.58 -16.89
C CYS A 72 20.52 9.73 -17.01
N LEU A 73 20.97 10.71 -17.78
CA LEU A 73 22.40 10.93 -17.96
C LEU A 73 22.88 12.25 -17.36
N ALA A 74 21.93 13.08 -16.91
CA ALA A 74 22.26 14.37 -16.34
C ALA A 74 22.63 14.33 -14.86
N PRO A 75 23.91 14.60 -14.54
CA PRO A 75 24.28 14.57 -13.13
C PRO A 75 23.62 15.82 -12.57
N ILE A 76 23.16 15.77 -11.32
CA ILE A 76 22.52 16.97 -10.78
C ILE A 76 23.56 18.06 -10.57
N CYS A 77 24.80 17.66 -10.29
CA CYS A 77 25.89 18.60 -10.05
C CYS A 77 26.24 19.48 -11.24
N THR A 78 25.55 19.29 -12.35
CA THR A 78 25.80 20.11 -13.53
C THR A 78 24.67 21.10 -13.63
N LEU A 79 23.68 20.94 -12.74
CA LEU A 79 22.49 21.77 -12.76
C LEU A 79 22.40 22.97 -11.81
N HIS A 80 23.52 23.36 -11.22
CA HIS A 80 23.53 24.50 -10.33
C HIS A 80 23.03 25.73 -11.10
N HIS A 81 21.98 26.35 -10.58
CA HIS A 81 21.35 27.54 -11.16
C HIS A 81 20.68 27.32 -12.50
N VAL A 82 20.17 26.10 -12.67
CA VAL A 82 19.47 25.73 -13.89
C VAL A 82 18.04 25.38 -13.49
N ALA A 83 17.08 25.82 -14.30
CA ALA A 83 15.69 25.55 -14.01
C ALA A 83 15.20 24.37 -14.83
N VAL A 84 14.85 23.29 -14.14
CA VAL A 84 14.35 22.07 -14.76
C VAL A 84 12.84 22.16 -14.92
N THR A 85 12.34 21.59 -16.00
CA THR A 85 10.90 21.56 -16.27
C THR A 85 10.54 20.11 -16.61
N THR A 86 9.66 19.51 -15.81
CA THR A 86 9.24 18.15 -16.09
C THR A 86 7.85 18.16 -16.68
N VAL A 87 7.33 16.98 -17.02
CA VAL A 87 6.02 16.85 -17.64
C VAL A 87 4.93 17.46 -16.78
N GLU A 88 4.97 17.15 -15.49
CA GLU A 88 4.00 17.64 -14.54
C GLU A 88 4.12 19.15 -14.33
N GLY A 89 5.17 19.73 -14.87
CA GLY A 89 5.36 21.16 -14.72
C GLY A 89 4.75 22.03 -15.80
N ILE A 90 4.00 21.43 -16.73
CA ILE A 90 3.41 22.22 -17.79
C ILE A 90 1.89 22.09 -17.86
N GLY A 91 1.35 21.16 -17.07
CA GLY A 91 -0.08 20.95 -17.05
C GLY A 91 -0.48 19.65 -16.37
N SER A 92 -1.77 19.43 -16.22
CA SER A 92 -2.25 18.20 -15.60
C SER A 92 -3.76 18.16 -15.63
N THR A 93 -4.31 16.96 -15.45
CA THR A 93 -5.74 16.73 -15.45
C THR A 93 -6.40 17.32 -14.21
N LYS A 94 -5.60 17.56 -13.19
CA LYS A 94 -6.05 18.12 -11.92
C LYS A 94 -6.21 19.64 -12.03
N THR A 95 -5.67 20.23 -13.09
CA THR A 95 -5.78 21.66 -13.29
C THR A 95 -6.26 21.91 -14.71
N ARG A 96 -5.35 21.75 -15.66
CA ARG A 96 -5.65 21.93 -17.08
C ARG A 96 -4.44 21.50 -17.88
N LEU A 97 -4.68 20.63 -18.88
CA LEU A 97 -3.60 20.15 -19.74
C LEU A 97 -3.10 21.26 -20.64
N HIS A 98 -1.84 21.13 -21.04
CA HIS A 98 -1.17 22.07 -21.93
C HIS A 98 -1.51 21.66 -23.38
N PRO A 99 -1.53 22.61 -24.32
CA PRO A 99 -1.84 22.22 -25.71
C PRO A 99 -1.11 20.95 -26.15
N VAL A 100 0.17 20.83 -25.82
CA VAL A 100 0.94 19.66 -26.19
C VAL A 100 0.33 18.39 -25.59
N GLN A 101 0.08 18.38 -24.28
CA GLN A 101 -0.50 17.21 -23.64
C GLN A 101 -1.93 16.92 -24.13
N GLU A 102 -2.69 17.97 -24.43
CA GLU A 102 -4.06 17.81 -24.90
C GLU A 102 -4.10 17.16 -26.28
N ARG A 103 -3.32 17.71 -27.21
CA ARG A 103 -3.28 17.21 -28.57
C ARG A 103 -2.81 15.78 -28.69
N ILE A 104 -1.69 15.44 -28.06
CA ILE A 104 -1.19 14.07 -28.15
C ILE A 104 -2.23 13.07 -27.63
N ALA A 105 -2.98 13.46 -26.60
CA ALA A 105 -3.98 12.58 -26.01
C ALA A 105 -5.21 12.42 -26.89
N LYS A 106 -5.74 13.54 -27.38
CA LYS A 106 -6.91 13.51 -28.23
C LYS A 106 -6.61 12.98 -29.63
N SER A 107 -5.34 13.02 -30.03
CA SER A 107 -4.92 12.53 -31.35
C SER A 107 -4.62 11.05 -31.37
N HIS A 108 -4.81 10.39 -30.24
CA HIS A 108 -4.56 8.97 -30.12
C HIS A 108 -3.07 8.72 -30.26
N GLY A 109 -2.26 9.70 -29.87
CA GLY A 109 -0.80 9.57 -29.92
C GLY A 109 -0.23 8.92 -28.67
N SER A 110 -1.09 8.34 -27.86
CA SER A 110 -0.66 7.68 -26.64
C SER A 110 -1.46 6.40 -26.48
N GLN A 111 -0.76 5.28 -26.23
CA GLN A 111 -1.43 4.00 -26.04
C GLN A 111 -1.14 3.46 -24.66
N CYS A 112 0.08 3.01 -24.39
CA CYS A 112 0.39 2.51 -23.06
C CYS A 112 0.83 3.77 -22.31
N GLY A 113 1.15 4.79 -23.09
CA GLY A 113 1.57 6.08 -22.57
C GLY A 113 2.87 6.25 -21.80
N PHE A 114 3.68 5.20 -21.73
CA PHE A 114 4.94 5.29 -20.98
C PHE A 114 5.95 6.21 -21.65
N CYS A 115 5.86 6.33 -22.96
CA CYS A 115 6.75 7.18 -23.71
C CYS A 115 6.19 8.60 -23.82
N THR A 116 4.88 8.73 -23.62
CA THR A 116 4.19 10.00 -23.75
C THR A 116 4.78 11.18 -23.02
N PRO A 117 5.19 10.99 -21.76
CA PRO A 117 5.78 12.13 -21.07
C PRO A 117 7.01 12.71 -21.77
N GLY A 118 7.99 11.86 -22.08
CA GLY A 118 9.20 12.32 -22.74
C GLY A 118 8.95 12.95 -24.10
N ILE A 119 7.96 12.45 -24.82
CA ILE A 119 7.62 12.98 -26.14
C ILE A 119 6.93 14.33 -26.00
N VAL A 120 6.17 14.50 -24.92
CA VAL A 120 5.46 15.74 -24.63
C VAL A 120 6.50 16.83 -24.36
N MET A 121 7.56 16.46 -23.66
CA MET A 121 8.62 17.40 -23.34
C MET A 121 9.50 17.73 -24.55
N SER A 122 9.71 16.77 -25.44
CA SER A 122 10.50 17.03 -26.64
C SER A 122 9.76 18.03 -27.51
N MET A 123 8.44 17.85 -27.63
CA MET A 123 7.63 18.75 -28.43
C MET A 123 7.48 20.09 -27.72
N TYR A 124 7.52 20.06 -26.38
CA TYR A 124 7.39 21.27 -25.58
C TYR A 124 8.60 22.16 -25.76
N THR A 125 9.79 21.59 -25.58
CA THR A 125 11.03 22.34 -25.75
C THR A 125 11.02 23.02 -27.11
N LEU A 126 10.64 22.26 -28.16
CA LEU A 126 10.58 22.80 -29.50
C LEU A 126 9.74 24.06 -29.52
N LEU A 127 8.48 23.92 -29.10
CA LEU A 127 7.52 25.02 -29.07
C LEU A 127 7.99 26.16 -28.20
N ARG A 128 8.82 25.85 -27.21
CA ARG A 128 9.33 26.86 -26.32
C ARG A 128 10.46 27.62 -26.98
N ASN A 129 11.01 27.08 -28.06
CA ASN A 129 12.08 27.75 -28.78
C ASN A 129 11.49 28.35 -30.06
N GLN A 130 10.54 27.63 -30.62
CA GLN A 130 9.85 28.07 -31.82
C GLN A 130 8.37 27.85 -31.60
N PRO A 131 7.61 28.93 -31.37
CA PRO A 131 6.17 28.83 -31.14
C PRO A 131 5.38 28.41 -32.39
N GLU A 132 6.00 28.55 -33.55
CA GLU A 132 5.39 28.16 -34.82
C GLU A 132 6.42 27.35 -35.59
N PRO A 133 6.56 26.08 -35.26
CA PRO A 133 7.53 25.25 -35.96
C PRO A 133 7.07 24.85 -37.36
N THR A 134 8.01 24.31 -38.12
CA THR A 134 7.75 23.83 -39.47
C THR A 134 7.57 22.32 -39.31
N VAL A 135 6.81 21.69 -40.21
CA VAL A 135 6.60 20.25 -40.14
C VAL A 135 7.92 19.50 -40.01
N GLU A 136 8.99 20.05 -40.57
CA GLU A 136 10.28 19.39 -40.51
C GLU A 136 10.97 19.49 -39.13
N GLU A 137 10.83 20.63 -38.46
CA GLU A 137 11.42 20.85 -37.15
C GLU A 137 10.63 20.03 -36.13
N ILE A 138 9.34 19.88 -36.39
CA ILE A 138 8.48 19.11 -35.50
C ILE A 138 8.91 17.64 -35.54
N GLU A 139 9.38 17.17 -36.69
CA GLU A 139 9.81 15.78 -36.74
C GLU A 139 11.20 15.65 -36.13
N ASP A 140 12.14 16.50 -36.54
CA ASP A 140 13.50 16.41 -36.02
C ASP A 140 13.57 16.50 -34.50
N ALA A 141 12.46 16.89 -33.88
CA ALA A 141 12.36 17.06 -32.44
C ALA A 141 12.38 15.74 -31.71
N PHE A 142 11.88 14.70 -32.38
CA PHE A 142 11.79 13.38 -31.76
C PHE A 142 12.82 12.32 -32.15
N GLN A 143 14.02 12.72 -32.54
CA GLN A 143 15.04 11.75 -32.92
C GLN A 143 15.62 11.04 -31.72
N GLY A 144 15.32 11.55 -30.53
CA GLY A 144 15.83 10.93 -29.34
C GLY A 144 14.72 10.28 -28.56
N ASN A 145 13.58 10.13 -29.21
CA ASN A 145 12.40 9.55 -28.58
C ASN A 145 11.91 8.28 -29.26
N LEU A 146 11.59 7.26 -28.46
CA LEU A 146 11.09 5.99 -28.97
C LEU A 146 9.70 5.58 -28.43
N CYS A 147 8.82 5.17 -29.33
CA CYS A 147 7.50 4.69 -28.97
C CYS A 147 7.36 3.29 -29.55
N ARG A 148 6.88 2.36 -28.75
CA ARG A 148 6.72 0.99 -29.18
C ARG A 148 5.27 0.61 -29.46
N CYS A 149 4.32 1.52 -29.18
CA CYS A 149 2.90 1.24 -29.37
C CYS A 149 2.20 1.83 -30.58
N THR A 150 2.25 3.15 -30.70
CA THR A 150 1.53 3.91 -31.73
C THR A 150 1.88 3.86 -33.21
N GLY A 151 3.05 3.39 -33.58
CA GLY A 151 3.40 3.38 -34.98
C GLY A 151 3.79 4.79 -35.38
N TYR A 152 3.86 5.67 -34.39
CA TYR A 152 4.25 7.06 -34.56
C TYR A 152 3.36 7.98 -35.36
N ARG A 153 2.65 7.46 -36.36
CA ARG A 153 1.82 8.33 -37.20
C ARG A 153 0.92 9.31 -36.41
N PRO A 154 0.11 8.82 -35.47
CA PRO A 154 -0.76 9.69 -34.67
C PRO A 154 -0.02 10.79 -33.90
N ILE A 155 1.10 10.45 -33.29
CA ILE A 155 1.87 11.44 -32.56
C ILE A 155 2.23 12.61 -33.49
N LEU A 156 2.68 12.28 -34.71
CA LEU A 156 3.07 13.31 -35.68
C LEU A 156 1.91 14.07 -36.32
N GLN A 157 0.78 13.41 -36.53
CA GLN A 157 -0.36 14.07 -37.13
C GLN A 157 -0.97 15.06 -36.14
N GLY A 158 -1.08 14.66 -34.88
CA GLY A 158 -1.62 15.55 -33.88
C GLY A 158 -0.77 16.81 -33.71
N PHE A 159 0.55 16.65 -33.54
CA PHE A 159 1.45 17.78 -33.37
C PHE A 159 1.62 18.61 -34.64
N ARG A 160 1.23 18.04 -35.78
CA ARG A 160 1.33 18.74 -37.04
C ARG A 160 0.50 20.03 -37.01
N THR A 161 -0.45 20.08 -36.08
CA THR A 161 -1.33 21.23 -35.91
C THR A 161 -0.67 22.44 -35.22
N PHE A 162 0.57 22.28 -34.79
CA PHE A 162 1.32 23.37 -34.17
C PHE A 162 2.09 24.07 -35.27
N ALA A 163 2.28 23.33 -36.36
CA ALA A 163 3.04 23.80 -37.51
C ALA A 163 2.39 24.90 -38.34
N LYS A 164 3.15 25.37 -39.33
CA LYS A 164 2.67 26.40 -40.24
C LYS A 164 2.58 27.75 -39.50
N SER A 191 -15.82 11.68 -45.29
CA SER A 191 -15.80 10.58 -44.26
C SER A 191 -15.36 11.06 -42.86
N PRO A 192 -15.75 10.32 -41.81
CA PRO A 192 -15.39 10.70 -40.43
C PRO A 192 -13.88 10.74 -40.21
N SER A 193 -13.47 11.48 -39.19
CA SER A 193 -12.06 11.61 -38.84
C SER A 193 -11.85 11.26 -37.38
N LEU A 194 -10.66 10.76 -37.07
CA LEU A 194 -10.34 10.36 -35.71
C LEU A 194 -10.28 11.49 -34.67
N PHE A 195 -10.05 12.72 -35.11
CA PHE A 195 -10.02 13.84 -34.17
C PHE A 195 -10.31 15.20 -34.83
N ASN A 196 -10.79 16.16 -34.03
CA ASN A 196 -11.12 17.49 -34.54
C ASN A 196 -10.14 18.54 -34.01
N PRO A 197 -9.22 19.00 -34.87
CA PRO A 197 -8.22 20.01 -34.50
C PRO A 197 -8.83 21.37 -34.17
N GLU A 198 -10.09 21.58 -34.55
CA GLU A 198 -10.72 22.87 -34.30
C GLU A 198 -11.09 23.03 -32.84
N GLU A 199 -11.15 21.91 -32.13
CA GLU A 199 -11.49 21.97 -30.72
C GLU A 199 -10.21 22.06 -29.88
N PHE A 200 -9.05 22.01 -30.54
CA PHE A 200 -7.78 22.09 -29.83
C PHE A 200 -7.58 23.52 -29.36
N MET A 201 -7.15 23.66 -28.11
CA MET A 201 -6.90 24.96 -27.53
C MET A 201 -5.61 25.56 -28.09
N PRO A 202 -5.67 26.81 -28.57
CA PRO A 202 -4.49 27.48 -29.13
C PRO A 202 -3.39 27.68 -28.10
N LEU A 203 -2.15 27.63 -28.56
CA LEU A 203 -0.98 27.80 -27.70
C LEU A 203 -0.71 29.29 -27.41
N ASP A 204 -0.81 29.67 -26.14
CA ASP A 204 -0.59 31.07 -25.74
C ASP A 204 0.71 31.20 -24.96
N PRO A 205 1.81 31.59 -25.62
CA PRO A 205 3.07 31.71 -24.90
C PRO A 205 3.04 32.72 -23.74
N THR A 206 2.23 33.77 -23.85
CA THR A 206 2.13 34.75 -22.77
C THR A 206 1.59 34.09 -21.48
N GLN A 207 1.33 32.79 -21.52
CA GLN A 207 0.82 32.09 -20.35
C GLN A 207 1.78 30.99 -19.90
N GLU A 208 2.92 30.91 -20.57
CA GLU A 208 3.90 29.91 -20.25
C GLU A 208 4.63 30.32 -18.96
N PRO A 209 4.87 29.36 -18.05
CA PRO A 209 5.56 29.64 -16.78
C PRO A 209 6.81 30.48 -17.01
N ILE A 210 6.91 31.58 -16.28
CA ILE A 210 8.03 32.50 -16.39
C ILE A 210 9.32 31.88 -15.82
N PHE A 211 10.46 32.40 -16.24
CA PHE A 211 11.74 31.92 -15.74
C PHE A 211 11.82 32.31 -14.27
N PRO A 212 12.33 31.40 -13.43
CA PRO A 212 12.44 31.68 -11.98
C PRO A 212 13.10 33.02 -11.70
N PRO A 213 12.30 34.00 -11.25
CA PRO A 213 12.81 35.35 -10.94
C PRO A 213 14.06 35.35 -10.06
N GLU A 214 14.01 34.62 -8.94
CA GLU A 214 15.17 34.55 -8.05
C GLU A 214 16.38 34.11 -8.85
N LEU A 215 16.23 32.96 -9.50
CA LEU A 215 17.27 32.40 -10.31
C LEU A 215 17.83 33.45 -11.28
N LEU A 216 17.00 34.41 -11.69
CA LEU A 216 17.47 35.42 -12.64
C LEU A 216 18.30 36.50 -11.97
N ARG A 217 18.07 36.73 -10.68
CA ARG A 217 18.83 37.74 -9.95
C ARG A 217 20.26 37.24 -9.72
N LEU A 218 20.40 35.94 -9.52
CA LEU A 218 21.71 35.34 -9.27
C LEU A 218 22.67 35.46 -10.46
N LYS A 219 22.13 35.65 -11.66
CA LYS A 219 22.96 35.77 -12.86
C LYS A 219 24.02 36.86 -12.67
N ASP A 220 23.71 37.83 -11.82
CA ASP A 220 24.62 38.93 -11.56
C ASP A 220 25.88 38.45 -10.83
N VAL A 221 25.71 37.83 -9.67
CA VAL A 221 26.86 37.33 -8.91
C VAL A 221 27.86 36.57 -9.81
N PRO A 222 29.17 36.79 -9.59
CA PRO A 222 30.26 36.15 -10.35
C PRO A 222 30.35 34.70 -9.93
N PRO A 223 30.42 33.79 -10.91
CA PRO A 223 30.52 32.37 -10.58
C PRO A 223 31.69 32.05 -9.68
N LYS A 224 31.42 31.27 -8.63
CA LYS A 224 32.42 30.85 -7.68
C LYS A 224 32.61 29.34 -7.87
N GLN A 225 33.77 28.82 -7.50
CA GLN A 225 34.04 27.39 -7.64
C GLN A 225 33.32 26.56 -6.58
N LEU A 226 32.56 25.57 -7.04
CA LEU A 226 31.82 24.72 -6.14
C LEU A 226 32.52 23.37 -5.97
N ARG A 227 32.10 22.64 -4.94
CA ARG A 227 32.67 21.33 -4.63
C ARG A 227 31.60 20.45 -3.99
N PHE A 228 31.48 19.20 -4.44
CA PHE A 228 30.49 18.26 -3.91
C PHE A 228 31.15 16.95 -3.51
N GLU A 229 30.67 16.32 -2.44
CA GLU A 229 31.25 15.07 -1.98
C GLU A 229 30.20 13.99 -1.78
N GLY A 230 30.17 13.01 -2.70
CA GLY A 230 29.21 11.92 -2.60
C GLY A 230 29.84 10.72 -1.92
N GLU A 231 29.13 9.60 -1.92
CA GLU A 231 29.64 8.39 -1.27
C GLU A 231 31.00 7.95 -1.78
N ARG A 232 31.23 8.03 -3.10
CA ARG A 232 32.49 7.58 -3.70
C ARG A 232 33.20 8.59 -4.60
N VAL A 233 32.46 9.59 -5.08
CA VAL A 233 33.01 10.56 -6.00
C VAL A 233 33.05 11.98 -5.44
N THR A 234 33.97 12.79 -5.96
CA THR A 234 34.10 14.19 -5.58
C THR A 234 33.97 14.98 -6.88
N TRP A 235 33.06 15.93 -6.88
CA TRP A 235 32.82 16.75 -8.06
C TRP A 235 33.27 18.19 -7.81
N ILE A 236 34.12 18.70 -8.68
CA ILE A 236 34.59 20.06 -8.56
C ILE A 236 34.25 20.87 -9.80
N GLN A 237 33.25 21.73 -9.64
CA GLN A 237 32.76 22.59 -10.70
C GLN A 237 33.69 23.79 -10.83
N ALA A 238 34.55 23.81 -11.85
CA ALA A 238 35.47 24.93 -12.04
C ALA A 238 34.73 26.14 -12.58
N SER A 239 35.17 27.34 -12.22
CA SER A 239 34.52 28.55 -12.70
C SER A 239 35.39 29.36 -13.66
N THR A 240 36.67 29.06 -13.69
CA THR A 240 37.57 29.81 -14.57
C THR A 240 38.60 28.89 -15.19
N LEU A 241 39.14 29.30 -16.34
CA LEU A 241 40.13 28.47 -17.00
C LEU A 241 41.34 28.25 -16.10
N LYS A 242 41.78 29.32 -15.42
CA LYS A 242 42.91 29.23 -14.51
C LYS A 242 42.72 28.11 -13.48
N GLU A 243 41.51 28.05 -12.90
CA GLU A 243 41.20 27.04 -11.90
C GLU A 243 41.20 25.65 -12.54
N LEU A 244 40.73 25.58 -13.79
CA LEU A 244 40.69 24.29 -14.48
C LEU A 244 42.09 23.76 -14.68
N LEU A 245 42.97 24.64 -15.14
CA LEU A 245 44.34 24.23 -15.40
C LEU A 245 45.06 23.88 -14.11
N ASP A 246 44.77 24.63 -13.04
CA ASP A 246 45.39 24.35 -11.75
C ASP A 246 44.89 22.99 -11.24
N LEU A 247 43.59 22.79 -11.32
CA LEU A 247 43.00 21.53 -10.87
C LEU A 247 43.63 20.35 -11.56
N LYS A 248 43.72 20.42 -12.89
CA LYS A 248 44.29 19.34 -13.69
C LYS A 248 45.75 19.06 -13.35
N ALA A 249 46.45 20.13 -12.96
CA ALA A 249 47.84 20.02 -12.56
C ALA A 249 47.92 19.20 -11.27
N GLN A 250 47.11 19.58 -10.30
CA GLN A 250 47.07 18.92 -8.99
C GLN A 250 46.45 17.53 -9.01
N HIS A 251 45.56 17.29 -9.99
CA HIS A 251 44.86 16.02 -10.14
C HIS A 251 44.79 15.58 -11.59
N PRO A 252 45.87 14.98 -12.10
CA PRO A 252 45.93 14.51 -13.49
C PRO A 252 44.89 13.43 -13.84
N GLU A 253 44.76 12.45 -12.96
CA GLU A 253 43.83 11.34 -13.18
C GLU A 253 42.34 11.73 -13.21
N ALA A 254 42.02 12.88 -12.60
CA ALA A 254 40.64 13.37 -12.55
C ALA A 254 40.04 13.48 -13.96
N LYS A 255 38.83 12.94 -14.16
CA LYS A 255 38.16 13.00 -15.48
C LYS A 255 37.32 14.26 -15.58
N LEU A 256 37.21 14.81 -16.79
CA LEU A 256 36.40 15.99 -17.02
C LEU A 256 35.03 15.51 -17.44
N VAL A 257 34.00 16.25 -17.07
CA VAL A 257 32.65 15.87 -17.44
C VAL A 257 31.94 17.13 -17.83
N VAL A 258 31.24 17.06 -18.95
CA VAL A 258 30.47 18.18 -19.45
C VAL A 258 29.07 17.64 -19.61
N GLY A 259 28.86 16.91 -20.71
CA GLY A 259 27.55 16.35 -20.98
C GLY A 259 27.36 15.01 -20.29
N ASN A 260 28.45 14.39 -19.89
CA ASN A 260 28.35 13.11 -19.20
C ASN A 260 27.66 12.03 -20.08
N THR A 261 27.45 12.32 -21.36
CA THR A 261 26.81 11.33 -22.23
C THR A 261 27.77 10.22 -22.60
N GLU A 262 28.99 10.32 -22.07
CA GLU A 262 30.00 9.30 -22.31
C GLU A 262 30.41 8.69 -20.96
N ILE A 263 30.83 9.55 -20.03
CA ILE A 263 31.22 9.11 -18.71
C ILE A 263 30.06 8.42 -18.00
N GLY A 264 28.85 8.93 -18.22
CA GLY A 264 27.67 8.34 -17.61
C GLY A 264 27.46 6.90 -18.02
N ILE A 265 27.81 6.60 -19.27
CA ILE A 265 27.66 5.23 -19.77
C ILE A 265 28.74 4.31 -19.19
N GLU A 266 29.96 4.83 -19.12
CA GLU A 266 31.09 4.06 -18.60
C GLU A 266 30.91 3.73 -17.13
N MET A 267 30.31 4.64 -16.37
CA MET A 267 30.11 4.35 -14.96
C MET A 267 28.98 3.37 -14.73
N LYS A 268 27.84 3.62 -15.38
CA LYS A 268 26.68 2.76 -15.24
C LYS A 268 26.88 1.37 -15.85
N PHE A 269 27.33 1.33 -17.10
CA PHE A 269 27.50 0.06 -17.81
C PHE A 269 28.88 -0.61 -17.82
N LYS A 270 29.93 0.18 -17.84
CA LYS A 270 31.29 -0.36 -17.87
C LYS A 270 31.89 -0.58 -16.50
N ASN A 271 31.09 -0.41 -15.45
CA ASN A 271 31.60 -0.57 -14.10
C ASN A 271 32.90 0.22 -13.94
N GLN A 272 32.80 1.55 -14.00
CA GLN A 272 33.99 2.38 -13.86
C GLN A 272 33.81 3.31 -12.70
N LEU A 273 34.90 3.64 -12.02
CA LEU A 273 34.81 4.56 -10.90
C LEU A 273 35.81 5.70 -10.99
N PHE A 274 35.31 6.88 -11.33
CA PHE A 274 36.16 8.06 -11.41
C PHE A 274 35.89 8.82 -10.11
N PRO A 275 36.71 8.54 -9.07
CA PRO A 275 36.64 9.12 -7.73
C PRO A 275 36.68 10.64 -7.65
N MET A 276 37.24 11.29 -8.67
CA MET A 276 37.31 12.75 -8.70
C MET A 276 37.01 13.27 -10.12
N ILE A 277 36.01 14.15 -10.20
CA ILE A 277 35.55 14.73 -11.45
C ILE A 277 35.65 16.25 -11.49
N ILE A 278 35.97 16.80 -12.65
CA ILE A 278 36.05 18.25 -12.80
C ILE A 278 35.12 18.64 -13.95
N CYS A 279 34.23 19.60 -13.70
CA CYS A 279 33.33 20.06 -14.73
C CYS A 279 33.72 21.47 -15.18
N PRO A 280 34.28 21.58 -16.40
CA PRO A 280 34.72 22.85 -16.98
C PRO A 280 33.61 23.63 -17.67
N ALA A 281 32.44 23.01 -17.79
CA ALA A 281 31.29 23.61 -18.44
C ALA A 281 31.10 25.11 -18.27
N TRP A 282 31.34 25.65 -17.09
CA TRP A 282 31.16 27.08 -16.88
C TRP A 282 32.16 27.98 -17.60
N ILE A 283 33.44 27.63 -17.57
CA ILE A 283 34.51 28.41 -18.20
C ILE A 283 34.16 29.02 -19.55
N PRO A 284 34.02 30.35 -19.63
CA PRO A 284 33.68 31.01 -20.90
C PRO A 284 34.57 30.72 -22.11
N GLU A 285 35.87 30.55 -21.89
CA GLU A 285 36.75 30.30 -23.02
C GLU A 285 36.48 28.93 -23.64
N LEU A 286 35.84 28.04 -22.89
CA LEU A 286 35.52 26.71 -23.39
C LEU A 286 34.15 26.73 -24.06
N ASN A 287 33.57 27.92 -24.15
CA ASN A 287 32.25 28.10 -24.74
C ASN A 287 32.28 29.21 -25.78
N ALA A 288 33.48 29.74 -26.00
CA ALA A 288 33.63 30.83 -26.94
C ALA A 288 33.50 30.36 -28.37
N VAL A 289 32.97 31.25 -29.20
CA VAL A 289 32.80 30.99 -30.62
C VAL A 289 33.48 32.16 -31.31
N GLU A 290 34.38 31.85 -32.23
CA GLU A 290 35.08 32.90 -32.93
C GLU A 290 35.14 32.65 -34.41
N HIS A 291 34.91 33.70 -35.19
CA HIS A 291 34.95 33.57 -36.63
C HIS A 291 36.19 34.26 -37.15
N GLY A 292 37.26 33.49 -37.27
CA GLY A 292 38.50 34.04 -37.76
C GLY A 292 38.64 33.82 -39.26
N PRO A 293 39.74 34.29 -39.86
CA PRO A 293 40.03 34.16 -41.29
C PRO A 293 40.29 32.72 -41.75
N GLU A 294 40.70 31.86 -40.83
CA GLU A 294 40.99 30.47 -41.16
C GLU A 294 39.76 29.58 -41.07
N GLY A 295 38.80 30.03 -40.26
CA GLY A 295 37.58 29.29 -40.03
C GLY A 295 36.91 29.73 -38.75
N ILE A 296 35.90 28.98 -38.33
CA ILE A 296 35.17 29.27 -37.11
C ILE A 296 35.72 28.41 -35.99
N SER A 297 35.90 29.01 -34.81
CA SER A 297 36.42 28.30 -33.66
C SER A 297 35.36 28.12 -32.58
N PHE A 298 35.33 26.94 -31.96
CA PHE A 298 34.37 26.65 -30.91
C PHE A 298 35.12 26.19 -29.66
N GLY A 299 34.65 26.63 -28.49
CA GLY A 299 35.27 26.21 -27.24
C GLY A 299 34.94 24.75 -27.06
N ALA A 300 35.83 23.99 -26.41
CA ALA A 300 35.63 22.55 -26.23
C ALA A 300 34.42 22.11 -25.39
N ALA A 301 33.68 23.08 -24.84
CA ALA A 301 32.52 22.75 -24.04
C ALA A 301 31.23 23.04 -24.80
N CYS A 302 31.36 23.70 -25.95
CA CYS A 302 30.20 24.03 -26.77
C CYS A 302 29.45 22.75 -27.12
N ALA A 303 28.13 22.79 -27.01
CA ALA A 303 27.32 21.63 -27.33
C ALA A 303 27.14 21.52 -28.83
N LEU A 304 27.07 20.29 -29.29
CA LEU A 304 26.91 20.00 -30.70
C LEU A 304 25.78 20.83 -31.31
N SER A 305 24.68 20.92 -30.59
CA SER A 305 23.53 21.69 -31.05
C SER A 305 23.94 23.11 -31.34
N SER A 306 24.88 23.64 -30.56
CA SER A 306 25.36 25.01 -30.77
C SER A 306 26.21 25.04 -32.04
N VAL A 307 27.16 24.12 -32.10
CA VAL A 307 28.04 24.00 -33.25
C VAL A 307 27.17 23.86 -34.49
N GLU A 308 26.15 23.01 -34.42
CA GLU A 308 25.24 22.81 -35.53
C GLU A 308 24.60 24.15 -35.93
N LYS A 309 24.08 24.87 -34.94
CA LYS A 309 23.44 26.16 -35.18
C LYS A 309 24.38 27.15 -35.87
N THR A 310 25.60 27.24 -35.34
CA THR A 310 26.59 28.16 -35.89
C THR A 310 26.90 27.81 -37.33
N LEU A 311 27.24 26.54 -37.54
CA LEU A 311 27.58 26.05 -38.87
C LEU A 311 26.48 26.27 -39.90
N LEU A 312 25.25 26.01 -39.52
CA LEU A 312 24.13 26.20 -40.43
C LEU A 312 24.02 27.64 -40.87
N GLU A 313 24.23 28.56 -39.94
CA GLU A 313 24.16 29.97 -40.26
C GLU A 313 25.35 30.32 -41.15
N ALA A 314 26.49 29.72 -40.85
CA ALA A 314 27.70 29.94 -41.65
C ALA A 314 27.46 29.46 -43.08
N VAL A 315 26.79 28.32 -43.23
CA VAL A 315 26.50 27.75 -44.55
C VAL A 315 25.51 28.62 -45.32
N ALA A 316 24.58 29.23 -44.61
CA ALA A 316 23.57 30.07 -45.23
C ALA A 316 24.15 31.41 -45.66
N LYS A 317 25.13 31.91 -44.93
CA LYS A 317 25.73 33.20 -45.25
C LYS A 317 26.96 33.19 -46.16
N LEU A 318 27.84 32.21 -45.98
CA LEU A 318 29.05 32.14 -46.79
C LEU A 318 28.87 31.37 -48.08
N PRO A 319 29.72 31.66 -49.09
CA PRO A 319 29.67 30.99 -50.39
C PRO A 319 29.90 29.50 -50.21
N THR A 320 29.26 28.72 -51.08
CA THR A 320 29.36 27.28 -51.04
C THR A 320 30.79 26.77 -50.99
N GLN A 321 31.69 27.43 -51.70
CA GLN A 321 33.07 26.97 -51.73
C GLN A 321 33.84 27.05 -50.42
N LYS A 322 33.41 27.94 -49.51
CA LYS A 322 34.09 28.06 -48.23
C LYS A 322 33.48 27.18 -47.13
N THR A 323 32.30 26.62 -47.39
CA THR A 323 31.61 25.80 -46.39
C THR A 323 31.64 24.29 -46.63
N GLU A 324 32.56 23.83 -47.49
CA GLU A 324 32.65 22.40 -47.79
C GLU A 324 32.86 21.50 -46.58
N VAL A 325 33.73 21.89 -45.67
CA VAL A 325 33.96 21.08 -44.46
C VAL A 325 32.81 21.29 -43.49
N PHE A 326 32.23 22.48 -43.50
CA PHE A 326 31.11 22.78 -42.61
C PHE A 326 29.94 21.86 -42.93
N ARG A 327 29.58 21.83 -44.21
CA ARG A 327 28.50 20.99 -44.67
C ARG A 327 28.80 19.53 -44.31
N GLY A 328 30.08 19.21 -44.17
CA GLY A 328 30.47 17.84 -43.82
C GLY A 328 30.08 17.53 -42.40
N VAL A 329 30.43 18.41 -41.48
CA VAL A 329 30.11 18.21 -40.09
C VAL A 329 28.59 18.15 -39.92
N LEU A 330 27.88 19.02 -40.64
CA LEU A 330 26.43 19.08 -40.59
C LEU A 330 25.76 17.78 -40.99
N GLU A 331 26.29 17.11 -42.01
CA GLU A 331 25.72 15.83 -42.42
C GLU A 331 25.90 14.81 -41.32
N GLN A 332 26.98 14.92 -40.55
CA GLN A 332 27.21 13.99 -39.45
C GLN A 332 26.27 14.33 -38.30
N LEU A 333 26.30 15.59 -37.86
CA LEU A 333 25.44 16.02 -36.76
C LEU A 333 23.99 15.75 -37.10
N ARG A 334 23.73 15.53 -38.38
CA ARG A 334 22.39 15.28 -38.86
C ARG A 334 21.81 13.97 -38.35
N TRP A 335 22.65 12.95 -38.19
CA TRP A 335 22.13 11.67 -37.72
C TRP A 335 22.86 11.24 -36.46
N PHE A 336 23.32 12.25 -35.74
CA PHE A 336 24.04 12.10 -34.48
C PHE A 336 23.02 12.18 -33.33
N ALA A 337 22.85 11.07 -32.60
CA ALA A 337 21.91 11.00 -31.50
C ALA A 337 20.60 11.73 -31.84
N GLY A 338 20.11 12.49 -30.86
CA GLY A 338 18.88 13.26 -31.04
C GLY A 338 19.07 14.65 -30.46
N LYS A 339 17.98 15.35 -30.22
CA LYS A 339 18.07 16.69 -29.67
C LYS A 339 18.56 16.67 -28.22
N GLN A 340 18.09 15.70 -27.43
CA GLN A 340 18.49 15.63 -26.03
C GLN A 340 19.98 15.46 -25.82
N VAL A 341 20.63 14.64 -26.65
CA VAL A 341 22.07 14.41 -26.52
C VAL A 341 22.93 15.52 -27.12
N LYS A 342 22.46 16.09 -28.22
CA LYS A 342 23.19 17.16 -28.87
C LYS A 342 23.13 18.46 -28.09
N SER A 343 22.17 18.57 -27.17
CA SER A 343 22.04 19.78 -26.38
C SER A 343 22.95 19.78 -25.17
N VAL A 344 23.51 18.62 -24.85
CA VAL A 344 24.40 18.50 -23.70
C VAL A 344 25.79 17.98 -24.09
N ALA A 345 25.84 17.15 -25.16
CA ALA A 345 27.12 16.60 -25.62
C ALA A 345 28.07 17.70 -26.10
N SER A 346 29.30 17.67 -25.62
CA SER A 346 30.24 18.69 -25.99
C SER A 346 31.12 18.28 -27.13
N LEU A 347 31.52 19.26 -27.91
CA LEU A 347 32.40 19.07 -29.03
C LEU A 347 33.66 18.40 -28.48
N GLY A 348 34.23 19.01 -27.45
CA GLY A 348 35.43 18.44 -26.86
C GLY A 348 35.22 17.01 -26.44
N GLY A 349 34.10 16.76 -25.76
CA GLY A 349 33.80 15.42 -25.27
C GLY A 349 33.88 14.34 -26.33
N ASN A 350 33.40 14.63 -27.53
CA ASN A 350 33.42 13.64 -28.61
C ASN A 350 34.85 13.32 -29.07
N ILE A 351 35.63 14.37 -29.30
CA ILE A 351 36.99 14.21 -29.76
C ILE A 351 37.85 13.37 -28.83
N ILE A 352 37.99 13.81 -27.58
CA ILE A 352 38.84 13.12 -26.62
C ILE A 352 38.42 11.70 -26.21
N THR A 353 37.12 11.40 -26.24
CA THR A 353 36.66 10.06 -25.88
C THR A 353 37.33 9.07 -26.81
N ALA A 354 37.58 9.53 -28.04
CA ALA A 354 38.24 8.75 -29.07
C ALA A 354 37.59 7.40 -29.30
N SER A 355 36.32 7.42 -29.66
CA SER A 355 35.61 6.18 -29.92
C SER A 355 35.88 5.73 -31.35
N PRO A 356 36.30 4.46 -31.52
CA PRO A 356 36.59 3.91 -32.85
C PRO A 356 35.49 4.25 -33.85
N ILE A 357 34.27 4.45 -33.33
CA ILE A 357 33.14 4.74 -34.19
C ILE A 357 32.57 6.15 -34.05
N SER A 358 33.46 7.09 -33.73
CA SER A 358 33.09 8.50 -33.62
C SER A 358 32.70 8.97 -35.01
N ASP A 359 31.67 9.81 -35.09
CA ASP A 359 31.25 10.28 -36.39
C ASP A 359 31.91 11.61 -36.71
N LEU A 360 32.46 12.26 -35.71
CA LEU A 360 33.08 13.53 -35.94
C LEU A 360 34.58 13.46 -36.21
N ASN A 361 35.31 12.71 -35.38
CA ASN A 361 36.75 12.61 -35.55
C ASN A 361 37.18 12.36 -36.99
N PRO A 362 36.55 11.40 -37.68
CA PRO A 362 36.93 11.15 -39.07
C PRO A 362 36.88 12.43 -39.93
N VAL A 363 35.84 13.24 -39.73
CA VAL A 363 35.69 14.48 -40.48
C VAL A 363 36.75 15.50 -40.07
N PHE A 364 37.01 15.61 -38.77
CA PHE A 364 38.01 16.54 -38.27
C PHE A 364 39.43 16.23 -38.73
N MET A 365 39.73 14.94 -38.91
CA MET A 365 41.05 14.49 -39.33
C MET A 365 41.30 14.72 -40.82
N ALA A 366 40.26 14.47 -41.62
CA ALA A 366 40.36 14.64 -43.07
C ALA A 366 40.49 16.11 -43.42
N SER A 367 40.20 16.98 -42.46
CA SER A 367 40.26 18.41 -42.69
C SER A 367 41.31 19.11 -41.84
N GLY A 368 42.09 18.33 -41.11
CA GLY A 368 43.13 18.89 -40.26
C GLY A 368 42.65 20.03 -39.37
N THR A 369 41.48 19.85 -38.78
CA THR A 369 40.86 20.84 -37.88
C THR A 369 41.83 21.22 -36.78
N LYS A 370 42.03 22.54 -36.60
CA LYS A 370 42.96 23.05 -35.59
C LYS A 370 42.50 22.84 -34.15
N LEU A 371 43.32 22.11 -33.38
CA LEU A 371 43.02 21.83 -31.97
C LEU A 371 43.95 22.61 -31.03
N THR A 372 43.38 23.49 -30.22
CA THR A 372 44.17 24.27 -29.27
C THR A 372 44.20 23.62 -27.88
N ILE A 373 45.29 22.93 -27.58
CA ILE A 373 45.49 22.24 -26.31
C ILE A 373 46.26 23.10 -25.30
N VAL A 374 45.83 23.07 -24.05
CA VAL A 374 46.52 23.86 -23.02
C VAL A 374 46.73 23.14 -21.69
N SER A 375 47.50 23.79 -20.83
CA SER A 375 47.81 23.28 -19.49
C SER A 375 48.48 24.46 -18.79
N ARG A 376 48.49 24.46 -17.45
CA ARG A 376 49.09 25.56 -16.71
C ARG A 376 50.49 25.87 -17.27
N GLY A 377 50.63 27.03 -17.89
CA GLY A 377 51.91 27.41 -18.46
C GLY A 377 52.06 27.15 -19.95
N THR A 378 51.80 25.91 -20.39
CA THR A 378 51.93 25.54 -21.80
C THR A 378 50.67 25.84 -22.64
N ARG A 379 50.84 25.81 -23.97
CA ARG A 379 49.75 26.07 -24.89
C ARG A 379 50.16 25.89 -26.36
N ARG A 380 49.65 24.83 -27.00
CA ARG A 380 49.97 24.54 -28.40
C ARG A 380 48.74 24.35 -29.30
N THR A 381 48.93 24.47 -30.61
CA THR A 381 47.82 24.27 -31.56
C THR A 381 48.26 23.35 -32.68
N VAL A 382 47.68 22.15 -32.72
CA VAL A 382 48.05 21.19 -33.74
C VAL A 382 46.86 20.69 -34.53
N PRO A 383 47.03 20.49 -35.84
CA PRO A 383 45.94 20.01 -36.69
C PRO A 383 45.73 18.50 -36.49
N MET A 384 44.48 18.06 -36.46
CA MET A 384 44.21 16.65 -36.29
C MET A 384 44.68 15.85 -37.51
N ASP A 385 45.35 14.73 -37.23
CA ASP A 385 45.81 13.83 -38.28
C ASP A 385 45.90 12.44 -37.67
N HIS A 386 46.30 11.46 -38.46
CA HIS A 386 46.33 10.10 -37.95
C HIS A 386 47.11 9.87 -36.66
N THR A 387 48.11 10.71 -36.39
CA THR A 387 48.93 10.53 -35.20
C THR A 387 48.27 10.86 -33.88
N PHE A 388 47.18 11.60 -33.94
CA PHE A 388 46.46 12.02 -32.74
C PHE A 388 45.89 10.87 -31.92
N PHE A 389 45.48 9.80 -32.61
CA PHE A 389 44.92 8.63 -31.94
C PHE A 389 45.91 7.47 -31.97
N PRO A 390 46.91 7.50 -31.07
CA PRO A 390 47.94 6.47 -30.95
C PRO A 390 47.36 5.05 -30.92
N SER A 391 46.55 4.78 -29.92
CA SER A 391 45.97 3.45 -29.75
C SER A 391 44.48 3.52 -29.41
N TYR A 392 43.92 2.38 -29.03
CA TYR A 392 42.51 2.30 -28.67
C TYR A 392 42.16 3.36 -27.64
N ARG A 393 41.04 4.05 -27.89
CA ARG A 393 40.52 5.11 -27.02
C ARG A 393 41.56 6.03 -26.37
N LYS A 394 42.68 6.26 -27.05
CA LYS A 394 43.70 7.13 -26.50
C LYS A 394 44.03 8.26 -27.47
N THR A 395 44.50 9.37 -26.93
CA THR A 395 44.83 10.52 -27.75
C THR A 395 46.17 11.09 -27.32
N LEU A 396 46.65 12.07 -28.06
CA LEU A 396 47.93 12.71 -27.77
C LEU A 396 47.84 13.90 -26.83
N LEU A 397 47.06 13.77 -25.77
CA LEU A 397 46.96 14.86 -24.80
C LEU A 397 47.79 14.47 -23.58
N GLY A 398 48.35 15.48 -22.92
CA GLY A 398 49.16 15.21 -21.75
C GLY A 398 48.25 14.97 -20.55
N PRO A 399 48.73 14.23 -19.54
CA PRO A 399 47.86 14.00 -18.38
C PRO A 399 47.43 15.30 -17.69
N GLU A 400 48.11 16.40 -17.99
CA GLU A 400 47.76 17.68 -17.38
C GLU A 400 47.18 18.62 -18.43
N GLU A 401 46.91 18.08 -19.61
CA GLU A 401 46.36 18.86 -20.71
C GLU A 401 44.86 18.71 -20.87
N ILE A 402 44.23 19.74 -21.41
CA ILE A 402 42.79 19.75 -21.67
C ILE A 402 42.60 20.46 -23.01
N LEU A 403 41.70 19.93 -23.84
CA LEU A 403 41.42 20.54 -25.13
C LEU A 403 40.61 21.81 -24.86
N LEU A 404 41.11 22.94 -25.35
CA LEU A 404 40.47 24.23 -25.12
C LEU A 404 39.52 24.68 -26.22
N SER A 405 39.96 24.56 -27.46
CA SER A 405 39.14 24.98 -28.57
C SER A 405 39.41 24.20 -29.84
N ILE A 406 38.47 24.26 -30.78
CA ILE A 406 38.56 23.57 -32.05
C ILE A 406 38.19 24.55 -33.15
N GLU A 407 38.99 24.60 -34.21
CA GLU A 407 38.68 25.50 -35.32
C GLU A 407 38.40 24.72 -36.59
N ILE A 408 37.12 24.55 -36.91
CA ILE A 408 36.73 23.85 -38.12
C ILE A 408 37.02 24.84 -39.25
N PRO A 409 37.88 24.44 -40.18
CA PRO A 409 38.35 25.17 -41.36
C PRO A 409 37.39 25.57 -42.47
N TYR A 410 37.64 26.75 -43.02
CA TYR A 410 36.86 27.24 -44.13
C TYR A 410 37.33 26.39 -45.31
N SER A 411 36.65 26.48 -46.43
CA SER A 411 37.01 25.66 -47.58
C SER A 411 37.67 26.44 -48.72
N ARG A 412 38.86 26.00 -49.12
CA ARG A 412 39.60 26.66 -50.19
C ARG A 412 39.10 26.27 -51.58
N GLU A 413 39.51 27.04 -52.59
CA GLU A 413 39.12 26.74 -53.96
C GLU A 413 39.71 25.41 -54.38
N ASP A 414 39.04 24.74 -55.32
CA ASP A 414 39.50 23.45 -55.82
C ASP A 414 39.67 22.43 -54.67
N GLU A 415 38.90 22.62 -53.60
CA GLU A 415 38.95 21.73 -52.44
C GLU A 415 37.54 21.24 -52.11
N PHE A 416 37.32 19.94 -52.12
CA PHE A 416 35.98 19.44 -51.82
C PHE A 416 35.96 18.40 -50.72
N PHE A 417 34.88 18.44 -49.95
CA PHE A 417 34.71 17.55 -48.81
C PHE A 417 33.41 16.76 -48.90
N SER A 418 33.33 15.68 -48.15
CA SER A 418 32.15 14.82 -48.06
C SER A 418 32.25 14.05 -46.74
N ALA A 419 31.12 13.64 -46.21
CA ALA A 419 31.10 12.87 -44.96
C ALA A 419 29.91 11.92 -45.01
N PHE A 420 30.18 10.65 -44.80
CA PHE A 420 29.14 9.64 -44.83
C PHE A 420 29.15 8.81 -43.57
N LYS A 421 27.99 8.24 -43.25
CA LYS A 421 27.81 7.40 -42.08
C LYS A 421 26.73 6.41 -42.41
N GLN A 422 26.92 5.17 -41.97
CA GLN A 422 25.93 4.13 -42.22
C GLN A 422 25.86 3.20 -41.03
N ALA A 423 24.64 2.98 -40.54
CA ALA A 423 24.43 2.10 -39.39
C ALA A 423 23.35 1.07 -39.70
N SER A 424 22.49 0.80 -38.71
CA SER A 424 21.40 -0.16 -38.89
C SER A 424 20.10 0.59 -39.09
N ARG A 425 19.96 1.71 -38.36
CA ARG A 425 18.81 2.58 -38.45
C ARG A 425 19.37 3.99 -38.66
N ARG A 426 18.80 4.70 -39.62
CA ARG A 426 19.23 6.04 -39.96
C ARG A 426 19.23 7.04 -38.80
N GLU A 427 18.14 7.09 -38.05
CA GLU A 427 18.01 8.02 -36.93
C GLU A 427 18.72 7.54 -35.66
N ASP A 428 19.51 8.44 -35.07
CA ASP A 428 20.22 8.16 -33.82
C ASP A 428 20.76 6.73 -33.70
N ASP A 429 21.98 6.52 -34.21
CA ASP A 429 22.60 5.17 -34.16
C ASP A 429 24.13 5.13 -34.28
N ILE A 430 24.71 4.11 -33.64
CA ILE A 430 26.17 3.87 -33.64
C ILE A 430 26.58 3.41 -35.05
N ALA A 431 27.51 4.13 -35.68
CA ALA A 431 27.96 3.82 -37.04
C ALA A 431 28.69 2.49 -37.26
N LYS A 432 28.41 1.83 -38.39
CA LYS A 432 29.08 0.58 -38.76
C LYS A 432 30.39 1.07 -39.36
N VAL A 433 30.25 2.01 -40.29
CA VAL A 433 31.37 2.64 -40.97
C VAL A 433 30.99 4.10 -41.20
N THR A 434 31.88 5.00 -40.82
CA THR A 434 31.65 6.42 -40.98
C THR A 434 32.94 7.01 -41.51
N CYS A 435 32.85 8.08 -42.28
CA CYS A 435 34.05 8.67 -42.83
C CYS A 435 34.02 10.17 -43.06
N GLY A 436 35.19 10.68 -43.41
CA GLY A 436 35.37 12.08 -43.73
C GLY A 436 36.31 12.03 -44.93
N MET A 437 35.92 12.66 -46.03
CA MET A 437 36.74 12.65 -47.23
C MET A 437 37.04 14.04 -47.80
N ARG A 438 38.33 14.28 -48.04
CA ARG A 438 38.77 15.55 -48.57
C ARG A 438 39.78 15.44 -49.71
N VAL A 439 39.65 16.35 -50.67
CA VAL A 439 40.56 16.42 -51.81
C VAL A 439 40.86 17.88 -52.17
N LEU A 440 42.10 18.11 -52.55
CA LEU A 440 42.56 19.43 -52.97
C LEU A 440 43.31 19.25 -54.28
N PHE A 441 42.88 19.98 -55.31
CA PHE A 441 43.54 19.88 -56.61
C PHE A 441 44.43 21.09 -56.91
N GLN A 442 45.29 20.94 -57.92
CA GLN A 442 46.13 22.05 -58.34
C GLN A 442 45.14 23.04 -58.94
N PRO A 443 45.39 24.35 -58.78
CA PRO A 443 44.51 25.42 -59.29
C PRO A 443 43.72 25.08 -60.55
N GLY A 444 42.41 25.21 -60.46
CA GLY A 444 41.54 24.93 -61.60
C GLY A 444 41.76 23.64 -62.38
N SER A 445 42.47 22.67 -61.81
CA SER A 445 42.72 21.41 -62.51
C SER A 445 41.96 20.24 -61.91
N MET A 446 42.22 19.06 -62.44
CA MET A 446 41.60 17.85 -61.95
C MET A 446 42.71 16.96 -61.44
N GLN A 447 43.81 17.60 -61.10
CA GLN A 447 44.97 16.90 -60.60
C GLN A 447 45.09 17.01 -59.09
N VAL A 448 45.12 15.84 -58.44
CA VAL A 448 45.20 15.74 -56.99
C VAL A 448 46.47 16.33 -56.37
N LYS A 449 46.28 17.21 -55.38
CA LYS A 449 47.40 17.81 -54.67
C LYS A 449 47.38 17.15 -53.29
N GLU A 450 46.25 17.27 -52.59
CA GLU A 450 46.09 16.66 -51.27
C GLU A 450 44.88 15.73 -51.30
N LEU A 451 45.00 14.57 -50.68
CA LEU A 451 43.89 13.62 -50.64
C LEU A 451 43.89 12.82 -49.35
N ALA A 452 42.82 12.97 -48.57
CA ALA A 452 42.69 12.29 -47.30
C ALA A 452 41.37 11.52 -47.16
N LEU A 453 41.48 10.25 -46.81
CA LEU A 453 40.31 9.40 -46.62
C LEU A 453 40.41 8.83 -45.19
N CYS A 454 39.54 9.30 -44.31
CA CYS A 454 39.54 8.85 -42.91
C CYS A 454 38.25 8.13 -42.49
N TYR A 455 38.39 6.92 -41.94
CA TYR A 455 37.24 6.13 -41.52
C TYR A 455 37.13 5.80 -40.03
N GLY A 456 35.89 5.50 -39.65
CA GLY A 456 35.58 5.09 -38.30
C GLY A 456 34.93 3.75 -38.52
N GLY A 457 35.05 2.83 -37.55
CA GLY A 457 34.42 1.54 -37.70
C GLY A 457 35.23 0.49 -38.47
N MET A 458 36.49 0.81 -38.75
CA MET A 458 37.36 -0.11 -39.48
C MET A 458 38.56 -0.53 -38.64
N ALA A 459 38.79 0.18 -37.55
CA ALA A 459 39.91 -0.11 -36.65
C ALA A 459 39.50 0.16 -35.21
N ASP A 460 40.45 0.06 -34.27
CA ASP A 460 40.18 0.31 -32.86
C ASP A 460 40.42 1.79 -32.58
N ARG A 461 40.42 2.57 -33.65
CA ARG A 461 40.64 4.00 -33.57
C ARG A 461 40.39 4.60 -34.95
N THR A 462 40.12 5.90 -35.00
CA THR A 462 39.89 6.56 -36.27
C THR A 462 41.21 6.46 -37.04
N ILE A 463 41.13 6.09 -38.32
CA ILE A 463 42.34 5.96 -39.14
C ILE A 463 42.21 6.65 -40.49
N SER A 464 43.34 6.93 -41.12
CA SER A 464 43.38 7.55 -42.43
C SER A 464 44.02 6.55 -43.38
N ALA A 465 43.42 6.34 -44.55
CA ALA A 465 43.97 5.40 -45.53
C ALA A 465 45.15 6.02 -46.28
N LEU A 466 46.18 6.41 -45.53
CA LEU A 466 47.37 7.04 -46.10
C LEU A 466 48.02 6.30 -47.26
N LYS A 467 48.27 5.00 -47.10
CA LYS A 467 48.89 4.23 -48.17
C LYS A 467 48.12 4.45 -49.45
N THR A 468 46.83 4.11 -49.42
CA THR A 468 46.00 4.26 -50.60
C THR A 468 45.91 5.68 -51.15
N THR A 469 45.89 6.69 -50.29
CA THR A 469 45.80 8.06 -50.78
C THR A 469 47.11 8.62 -51.33
N GLN A 470 48.24 8.07 -50.89
CA GLN A 470 49.55 8.53 -51.36
C GLN A 470 49.73 8.32 -52.86
N LYS A 471 49.49 7.07 -53.26
CA LYS A 471 49.60 6.67 -54.65
C LYS A 471 48.75 7.50 -55.62
N GLN A 472 47.92 8.38 -55.10
CA GLN A 472 47.05 9.18 -55.95
C GLN A 472 47.46 10.62 -56.06
N LEU A 473 48.36 11.04 -55.18
CA LEU A 473 48.83 12.41 -55.21
C LEU A 473 49.43 12.66 -56.58
N SER A 474 49.06 13.80 -57.16
CA SER A 474 49.56 14.20 -58.47
C SER A 474 48.85 13.52 -59.63
N LYS A 475 48.14 12.43 -59.34
CA LYS A 475 47.38 11.71 -60.37
C LYS A 475 46.09 12.48 -60.64
N PHE A 476 45.38 12.12 -61.70
CA PHE A 476 44.16 12.84 -62.03
C PHE A 476 42.86 12.18 -61.58
N TRP A 477 41.85 13.00 -61.36
CA TRP A 477 40.54 12.52 -60.92
C TRP A 477 39.87 11.87 -62.11
N ASN A 478 39.99 10.54 -62.20
CA ASN A 478 39.44 9.77 -63.32
C ASN A 478 39.13 8.31 -63.00
N GLU A 479 38.38 7.70 -63.91
CA GLU A 479 37.96 6.30 -63.80
C GLU A 479 39.07 5.36 -63.31
N LYS A 480 40.31 5.70 -63.65
CA LYS A 480 41.44 4.87 -63.27
C LYS A 480 41.75 5.07 -61.79
N LEU A 481 41.70 6.33 -61.34
CA LEU A 481 41.97 6.66 -59.94
C LEU A 481 40.94 5.94 -59.09
N LEU A 482 39.69 6.03 -59.52
CA LEU A 482 38.61 5.36 -58.83
C LEU A 482 38.97 3.89 -58.68
N GLN A 483 39.44 3.28 -59.75
CA GLN A 483 39.84 1.87 -59.75
C GLN A 483 41.00 1.60 -58.79
N ASP A 484 42.05 2.39 -58.88
CA ASP A 484 43.20 2.18 -57.99
C ASP A 484 42.78 2.30 -56.52
N VAL A 485 42.20 3.45 -56.15
CA VAL A 485 41.75 3.68 -54.77
C VAL A 485 40.95 2.51 -54.20
N CYS A 486 39.90 2.09 -54.89
CA CYS A 486 39.10 0.97 -54.43
C CYS A 486 39.99 -0.25 -54.16
N ALA A 487 40.95 -0.49 -55.05
CA ALA A 487 41.87 -1.60 -54.86
C ALA A 487 42.70 -1.31 -53.62
N GLY A 488 43.14 -0.06 -53.50
CA GLY A 488 43.92 0.36 -52.36
C GLY A 488 43.17 0.12 -51.06
N LEU A 489 42.00 0.76 -50.95
CA LEU A 489 41.16 0.62 -49.76
C LEU A 489 40.94 -0.82 -49.40
N ALA A 490 40.58 -1.62 -50.42
CA ALA A 490 40.30 -3.04 -50.22
C ALA A 490 41.46 -3.80 -49.63
N GLU A 491 42.67 -3.30 -49.83
CA GLU A 491 43.84 -3.97 -49.30
C GLU A 491 44.31 -3.35 -47.99
N GLU A 492 44.31 -2.03 -47.95
CA GLU A 492 44.77 -1.31 -46.77
C GLU A 492 43.84 -1.42 -45.55
N LEU A 493 42.54 -1.48 -45.77
CA LEU A 493 41.58 -1.57 -44.66
C LEU A 493 40.89 -2.92 -44.52
N SER A 494 41.64 -3.98 -44.80
CA SER A 494 41.11 -5.34 -44.70
C SER A 494 40.66 -5.66 -43.28
N LEU A 495 39.75 -6.61 -43.13
CA LEU A 495 39.28 -7.02 -41.81
C LEU A 495 39.40 -8.52 -41.70
N SER A 496 39.98 -8.98 -40.60
CA SER A 496 40.11 -10.42 -40.37
C SER A 496 38.75 -10.97 -39.96
N PRO A 497 38.45 -12.22 -40.37
CA PRO A 497 37.16 -12.88 -40.05
C PRO A 497 36.72 -12.67 -38.61
N ASP A 498 37.70 -12.67 -37.72
CA ASP A 498 37.47 -12.49 -36.29
C ASP A 498 37.35 -11.00 -35.95
N ALA A 499 37.06 -10.19 -36.95
CA ALA A 499 36.93 -8.77 -36.73
C ALA A 499 35.86 -8.48 -35.67
N PRO A 500 36.13 -7.51 -34.78
CA PRO A 500 35.14 -7.20 -33.77
C PRO A 500 33.96 -6.58 -34.48
N GLY A 501 32.75 -6.91 -34.04
CA GLY A 501 31.57 -6.35 -34.67
C GLY A 501 31.15 -7.08 -35.92
N GLY A 502 31.99 -7.99 -36.39
CA GLY A 502 31.68 -8.76 -37.59
C GLY A 502 31.27 -7.91 -38.79
N MET A 503 30.37 -8.46 -39.60
CA MET A 503 29.90 -7.78 -40.81
C MET A 503 31.08 -7.36 -41.69
N ILE A 504 32.09 -8.22 -41.72
CA ILE A 504 33.29 -7.99 -42.50
C ILE A 504 33.02 -7.51 -43.94
N GLU A 505 32.32 -8.30 -44.74
CA GLU A 505 32.01 -7.94 -46.13
C GLU A 505 31.31 -6.58 -46.30
N PHE A 506 30.22 -6.40 -45.55
CA PHE A 506 29.43 -5.18 -45.62
C PHE A 506 30.27 -3.97 -45.25
N ARG A 507 31.03 -4.08 -44.16
CA ARG A 507 31.85 -2.97 -43.72
C ARG A 507 32.89 -2.57 -44.76
N ARG A 508 33.57 -3.56 -45.32
CA ARG A 508 34.57 -3.26 -46.33
C ARG A 508 33.91 -2.68 -47.58
N THR A 509 32.79 -3.25 -48.00
CA THR A 509 32.08 -2.74 -49.17
C THR A 509 31.70 -1.28 -48.98
N LEU A 510 31.33 -0.92 -47.75
CA LEU A 510 30.93 0.45 -47.43
C LEU A 510 32.03 1.49 -47.59
N THR A 511 33.27 1.06 -47.43
CA THR A 511 34.39 1.98 -47.58
C THR A 511 34.61 2.26 -49.06
N LEU A 512 34.40 1.27 -49.91
CA LEU A 512 34.59 1.47 -51.35
C LEU A 512 33.42 2.24 -51.92
N SER A 513 32.22 1.90 -51.45
CA SER A 513 31.00 2.54 -51.90
C SER A 513 31.01 4.00 -51.47
N PHE A 514 31.47 4.26 -50.25
CA PHE A 514 31.54 5.61 -49.75
C PHE A 514 32.45 6.43 -50.66
N PHE A 515 33.60 5.86 -51.01
CA PHE A 515 34.53 6.57 -51.87
C PHE A 515 33.96 6.79 -53.26
N PHE A 516 33.20 5.81 -53.75
CA PHE A 516 32.57 5.90 -55.06
C PHE A 516 31.66 7.13 -55.09
N LYS A 517 30.89 7.32 -54.01
CA LYS A 517 30.01 8.47 -53.90
C LYS A 517 30.88 9.74 -53.88
N PHE A 518 31.97 9.70 -53.11
CA PHE A 518 32.87 10.85 -53.03
C PHE A 518 33.40 11.14 -54.42
N TYR A 519 33.81 10.08 -55.11
CA TYR A 519 34.34 10.19 -56.46
C TYR A 519 33.35 10.85 -57.42
N LEU A 520 32.11 10.36 -57.43
CA LEU A 520 31.07 10.90 -58.31
C LEU A 520 30.69 12.33 -57.95
N THR A 521 30.64 12.62 -56.66
CA THR A 521 30.29 13.94 -56.19
C THR A 521 31.33 14.97 -56.61
N VAL A 522 32.60 14.62 -56.47
CA VAL A 522 33.69 15.51 -56.85
C VAL A 522 33.61 15.82 -58.35
N LEU A 523 33.28 14.81 -59.16
CA LEU A 523 33.13 15.01 -60.59
C LEU A 523 32.05 16.07 -60.81
N LYS A 524 30.89 15.86 -60.17
CA LYS A 524 29.81 16.82 -60.29
C LYS A 524 30.35 18.20 -59.90
N LYS A 525 31.10 18.24 -58.79
CA LYS A 525 31.65 19.49 -58.29
C LYS A 525 32.79 20.03 -59.15
N LEU A 526 33.41 19.17 -59.94
CA LEU A 526 34.47 19.64 -60.82
C LEU A 526 33.78 20.12 -62.10
N GLY A 527 32.45 19.98 -62.12
CA GLY A 527 31.66 20.40 -63.27
C GLY A 527 31.22 21.88 -63.26
N LYS A 528 31.69 22.66 -62.27
CA LYS A 528 31.34 24.09 -62.19
C LYS A 528 29.82 24.36 -62.04
N ASP A 529 29.22 24.81 -63.16
CA ASP A 529 27.78 25.13 -63.29
C ASP A 529 27.43 26.63 -63.38
N SER A 530 28.06 27.48 -62.54
CA SER A 530 27.85 28.95 -62.55
C SER A 530 26.68 29.51 -61.68
N LYS A 536 30.41 17.44 -65.22
CA LYS A 536 29.11 16.70 -65.41
C LYS A 536 29.19 15.27 -64.88
N LEU A 537 28.34 14.38 -65.42
CA LEU A 537 28.29 12.98 -64.99
C LEU A 537 27.20 12.24 -65.81
N ASP A 538 27.27 10.90 -65.82
CA ASP A 538 26.26 10.11 -66.57
C ASP A 538 24.86 10.51 -66.12
N PRO A 539 23.86 10.36 -67.01
CA PRO A 539 22.46 10.71 -66.69
C PRO A 539 21.87 9.92 -65.49
N THR A 540 22.17 8.61 -65.43
CA THR A 540 21.69 7.70 -64.37
C THR A 540 22.61 7.63 -63.14
N TYR A 541 23.42 8.67 -62.91
CA TYR A 541 24.37 8.67 -61.79
C TYR A 541 24.20 9.71 -60.68
N THR A 542 23.88 10.95 -61.05
CA THR A 542 23.71 12.06 -60.09
C THR A 542 22.98 11.68 -58.80
N SER A 543 22.06 10.71 -58.89
CA SER A 543 21.30 10.23 -57.74
C SER A 543 22.26 9.72 -56.66
N ALA A 544 23.44 9.28 -57.07
CA ALA A 544 24.44 8.78 -56.13
C ALA A 544 25.34 9.92 -55.64
N THR A 545 24.94 11.16 -55.92
CA THR A 545 25.69 12.36 -55.50
C THR A 545 24.71 13.27 -54.72
N LEU A 546 23.73 12.63 -54.06
CA LEU A 546 22.70 13.33 -53.30
C LEU A 546 22.54 12.89 -51.84
N LEU A 547 22.49 13.87 -50.92
CA LEU A 547 22.32 13.61 -49.48
C LEU A 547 20.86 13.22 -49.18
N PHE A 548 20.64 12.52 -48.06
CA PHE A 548 19.29 12.07 -47.69
C PHE A 548 18.25 13.20 -47.81
N GLN A 549 17.03 12.84 -48.20
CA GLN A 549 15.96 13.83 -48.37
C GLN A 549 14.60 13.35 -47.86
N LYS A 550 13.97 14.17 -47.01
CA LYS A 550 12.66 13.85 -46.45
C LYS A 550 11.56 14.49 -47.31
N HIS A 551 10.73 13.64 -47.94
CA HIS A 551 9.61 14.11 -48.78
C HIS A 551 8.47 14.42 -47.76
N PRO A 552 7.54 15.33 -48.11
CA PRO A 552 6.43 15.68 -47.18
C PRO A 552 5.42 14.53 -46.91
N PRO A 553 5.14 14.24 -45.62
CA PRO A 553 4.20 13.15 -45.23
C PRO A 553 2.72 13.37 -45.65
N ALA A 554 2.02 12.27 -45.93
CA ALA A 554 0.59 12.34 -46.32
C ALA A 554 -0.13 11.09 -45.78
N ASN A 555 -0.94 11.26 -44.73
CA ASN A 555 -1.67 10.13 -44.16
C ASN A 555 -3.16 10.31 -44.18
N ILE A 556 -3.85 9.23 -44.51
CA ILE A 556 -5.30 9.25 -44.54
C ILE A 556 -5.81 8.06 -43.74
N GLN A 557 -6.83 8.30 -42.92
CA GLN A 557 -7.42 7.23 -42.15
C GLN A 557 -8.90 7.24 -42.50
N LEU A 558 -9.44 6.08 -42.85
CA LEU A 558 -10.84 6.03 -43.14
C LEU A 558 -11.47 4.80 -42.56
N PHE A 559 -12.52 5.05 -41.82
CA PHE A 559 -13.28 4.04 -41.13
C PHE A 559 -14.72 4.43 -41.41
N GLN A 560 -15.65 3.65 -40.87
CA GLN A 560 -17.06 3.90 -41.08
C GLN A 560 -17.76 4.68 -39.97
N GLU A 561 -18.69 5.54 -40.40
CA GLU A 561 -19.48 6.36 -39.50
C GLU A 561 -20.49 5.47 -38.79
N VAL A 562 -21.01 5.92 -37.65
CA VAL A 562 -21.97 5.12 -36.93
C VAL A 562 -23.38 5.41 -37.46
N PRO A 563 -24.32 4.47 -37.25
CA PRO A 563 -25.70 4.63 -37.70
C PRO A 563 -26.22 6.04 -37.40
N ASN A 564 -26.69 6.71 -38.44
CA ASN A 564 -27.22 8.08 -38.35
C ASN A 564 -28.02 8.38 -37.07
N GLY A 565 -28.81 7.40 -36.63
CA GLY A 565 -29.60 7.59 -35.44
C GLY A 565 -29.15 6.72 -34.27
N GLN A 566 -27.95 6.99 -33.78
CA GLN A 566 -27.43 6.23 -32.65
C GLN A 566 -27.26 7.24 -31.52
N SER A 567 -27.61 6.83 -30.31
CA SER A 567 -27.50 7.72 -29.18
C SER A 567 -26.08 8.26 -29.07
N LYS A 568 -25.99 9.56 -28.81
CA LYS A 568 -24.70 10.22 -28.67
C LYS A 568 -23.99 9.59 -27.47
N GLU A 569 -24.75 8.90 -26.63
CA GLU A 569 -24.23 8.23 -25.45
C GLU A 569 -23.77 6.81 -25.71
N ASP A 570 -24.11 6.27 -26.88
CA ASP A 570 -23.68 4.93 -27.24
C ASP A 570 -22.34 5.12 -27.96
N THR A 571 -21.26 5.10 -27.20
CA THR A 571 -19.93 5.30 -27.73
C THR A 571 -19.38 4.19 -28.63
N VAL A 572 -19.94 2.99 -28.52
CA VAL A 572 -19.50 1.87 -29.35
C VAL A 572 -19.57 2.23 -30.84
N GLY A 573 -18.41 2.23 -31.50
CA GLY A 573 -18.35 2.57 -32.91
C GLY A 573 -17.73 3.93 -33.15
N ARG A 574 -17.66 4.75 -32.12
CA ARG A 574 -17.07 6.09 -32.25
C ARG A 574 -15.60 6.02 -31.85
N PRO A 575 -14.78 6.96 -32.35
CA PRO A 575 -13.34 7.02 -32.06
C PRO A 575 -13.02 7.69 -30.73
N LEU A 576 -13.49 7.08 -29.65
CA LEU A 576 -13.29 7.55 -28.28
C LEU A 576 -11.85 7.33 -27.83
N PRO A 577 -11.13 8.41 -27.51
CA PRO A 577 -9.75 8.21 -27.07
C PRO A 577 -9.57 7.40 -25.80
N HIS A 578 -8.39 6.78 -25.68
CA HIS A 578 -8.02 5.95 -24.54
C HIS A 578 -8.28 6.71 -23.24
N LEU A 579 -9.20 6.19 -22.44
CA LEU A 579 -9.58 6.83 -21.18
C LEU A 579 -8.44 7.34 -20.28
N ALA A 580 -7.20 6.91 -20.54
CA ALA A 580 -6.08 7.35 -19.72
C ALA A 580 -5.06 8.20 -20.46
N ALA A 581 -5.31 8.43 -21.75
CA ALA A 581 -4.43 9.22 -22.60
C ALA A 581 -3.98 10.51 -21.92
N ALA A 582 -4.95 11.27 -21.40
CA ALA A 582 -4.69 12.54 -20.74
C ALA A 582 -3.75 12.41 -19.53
N MET A 583 -3.97 11.40 -18.70
CA MET A 583 -3.14 11.20 -17.53
C MET A 583 -1.76 10.63 -17.88
N GLN A 584 -1.65 10.02 -19.06
CA GLN A 584 -0.39 9.49 -19.50
C GLN A 584 0.39 10.65 -20.11
N ALA A 585 -0.36 11.56 -20.74
CA ALA A 585 0.23 12.73 -21.34
C ALA A 585 0.54 13.79 -20.28
N SER A 586 0.30 13.47 -19.02
CA SER A 586 0.57 14.43 -17.95
C SER A 586 1.47 13.85 -16.86
N GLY A 587 1.80 12.58 -16.98
CA GLY A 587 2.67 11.96 -16.00
C GLY A 587 1.96 11.52 -14.74
N GLU A 588 0.65 11.65 -14.75
CA GLU A 588 -0.17 11.29 -13.59
C GLU A 588 -0.54 9.83 -13.62
N ALA A 589 -0.48 9.22 -14.80
CA ALA A 589 -0.79 7.81 -14.92
C ALA A 589 0.27 7.10 -14.08
N VAL A 590 -0.16 6.13 -13.29
CA VAL A 590 0.78 5.44 -12.43
C VAL A 590 1.18 4.05 -12.91
N TYR A 591 2.49 3.82 -12.95
CA TYR A 591 2.99 2.53 -13.33
C TYR A 591 3.65 1.93 -12.10
N CYS A 592 3.83 0.62 -12.12
CA CYS A 592 4.38 -0.10 -11.01
C CYS A 592 5.45 0.60 -10.17
N ASP A 593 6.53 1.06 -10.78
CA ASP A 593 7.58 1.72 -10.01
C ASP A 593 7.18 3.13 -9.58
N ASP A 594 6.17 3.68 -10.23
CA ASP A 594 5.65 5.00 -9.92
C ASP A 594 4.95 4.97 -8.56
N ILE A 595 4.50 3.77 -8.18
CA ILE A 595 3.85 3.57 -6.90
C ILE A 595 4.85 3.99 -5.81
N PRO A 596 4.41 4.85 -4.87
CA PRO A 596 5.33 5.29 -3.82
C PRO A 596 5.96 4.12 -3.12
N ARG A 597 7.07 4.38 -2.45
CA ARG A 597 7.80 3.34 -1.76
C ARG A 597 7.61 3.44 -0.25
N TYR A 598 7.55 2.30 0.41
CA TYR A 598 7.40 2.26 1.85
C TYR A 598 8.69 2.68 2.53
N GLU A 599 8.57 3.26 3.71
CA GLU A 599 9.73 3.72 4.48
C GLU A 599 10.76 2.60 4.70
N ASN A 600 10.30 1.36 4.75
CA ASN A 600 11.20 0.22 4.95
C ASN A 600 11.27 -0.70 3.74
N GLU A 601 10.94 -0.17 2.57
CA GLU A 601 10.97 -0.97 1.36
C GLU A 601 12.40 -1.20 0.89
N LEU A 602 12.73 -2.46 0.65
CA LEU A 602 14.07 -2.85 0.22
C LEU A 602 14.12 -3.07 -1.28
N PHE A 603 15.33 -3.07 -1.84
CA PHE A 603 15.51 -3.26 -3.28
C PHE A 603 16.23 -4.55 -3.65
N LEU A 604 15.79 -5.17 -4.74
CA LEU A 604 16.37 -6.41 -5.20
C LEU A 604 16.97 -6.33 -6.59
N ARG A 605 18.17 -6.88 -6.72
CA ARG A 605 18.92 -6.91 -7.98
C ARG A 605 19.28 -8.37 -8.23
N LEU A 606 18.82 -8.92 -9.35
CA LEU A 606 19.10 -10.31 -9.68
C LEU A 606 20.56 -10.57 -10.00
N VAL A 607 21.08 -11.69 -9.51
CA VAL A 607 22.44 -12.15 -9.77
C VAL A 607 22.32 -13.27 -10.80
N THR A 608 22.76 -13.02 -12.03
CA THR A 608 22.64 -14.00 -13.12
C THR A 608 23.90 -14.73 -13.64
N SER A 609 23.68 -15.82 -14.37
CA SER A 609 24.73 -16.63 -14.96
C SER A 609 25.46 -15.90 -16.10
N THR A 610 26.79 -16.00 -16.12
CA THR A 610 27.57 -15.37 -17.18
C THR A 610 28.08 -16.42 -18.17
N ARG A 611 27.78 -17.68 -17.88
CA ARG A 611 28.17 -18.80 -18.74
C ARG A 611 26.93 -19.42 -19.39
N ALA A 612 27.06 -19.83 -20.64
CA ALA A 612 25.94 -20.41 -21.38
C ALA A 612 25.48 -21.75 -20.85
N HIS A 613 26.38 -22.45 -20.18
CA HIS A 613 26.07 -23.76 -19.63
C HIS A 613 27.27 -24.19 -18.81
N ALA A 614 27.05 -24.50 -17.54
CA ALA A 614 28.15 -24.90 -16.68
C ALA A 614 27.65 -25.30 -15.30
N LYS A 615 28.58 -25.74 -14.48
CA LYS A 615 28.29 -26.13 -13.11
C LYS A 615 28.61 -24.93 -12.24
N ILE A 616 27.84 -24.76 -11.18
CA ILE A 616 28.06 -23.70 -10.22
C ILE A 616 28.90 -24.42 -9.19
N LYS A 617 30.17 -24.06 -9.07
CA LYS A 617 31.02 -24.74 -8.11
C LYS A 617 31.15 -23.99 -6.80
N SER A 618 30.82 -22.70 -6.84
CA SER A 618 30.93 -21.92 -5.63
C SER A 618 30.37 -20.52 -5.81
N ILE A 619 29.79 -19.99 -4.74
CA ILE A 619 29.25 -18.64 -4.75
C ILE A 619 29.85 -17.89 -3.56
N ASP A 620 30.50 -16.78 -3.85
CA ASP A 620 31.14 -15.97 -2.82
C ASP A 620 30.45 -14.61 -2.75
N VAL A 621 30.06 -14.21 -1.55
CA VAL A 621 29.39 -12.93 -1.34
C VAL A 621 30.15 -12.00 -0.40
N SER A 622 31.39 -12.38 -0.09
CA SER A 622 32.27 -11.61 0.78
C SER A 622 32.37 -10.15 0.35
N GLU A 623 32.49 -9.96 -0.96
CA GLU A 623 32.60 -8.63 -1.51
C GLU A 623 31.29 -7.87 -1.40
N ALA A 624 30.21 -8.55 -1.74
CA ALA A 624 28.87 -7.94 -1.69
C ALA A 624 28.58 -7.41 -0.28
N GLN A 625 28.69 -8.29 0.72
CA GLN A 625 28.45 -7.93 2.11
C GLN A 625 29.15 -6.67 2.57
N LYS A 626 30.22 -6.32 1.88
CA LYS A 626 30.98 -5.14 2.24
C LYS A 626 30.37 -3.85 1.71
N VAL A 627 29.47 -3.97 0.74
CA VAL A 627 28.84 -2.79 0.15
C VAL A 627 27.87 -2.15 1.14
N PRO A 628 27.85 -0.82 1.20
CA PRO A 628 26.94 -0.10 2.10
C PRO A 628 25.48 -0.42 1.79
N GLY A 629 24.72 -0.74 2.82
CA GLY A 629 23.31 -1.02 2.62
C GLY A 629 22.95 -2.46 2.27
N PHE A 630 23.96 -3.31 2.11
CA PHE A 630 23.72 -4.71 1.79
C PHE A 630 22.87 -5.35 2.89
N VAL A 631 21.80 -6.03 2.49
CA VAL A 631 20.93 -6.69 3.46
C VAL A 631 21.21 -8.18 3.44
N CYS A 632 21.04 -8.80 2.28
CA CYS A 632 21.30 -10.22 2.17
C CYS A 632 21.38 -10.70 0.72
N PHE A 633 21.84 -11.93 0.56
CA PHE A 633 21.95 -12.56 -0.75
C PHE A 633 21.00 -13.75 -0.75
N LEU A 634 20.09 -13.79 -1.71
CA LEU A 634 19.14 -14.90 -1.79
C LEU A 634 19.56 -15.91 -2.85
N SER A 635 19.35 -17.18 -2.55
CA SER A 635 19.70 -18.26 -3.46
C SER A 635 18.67 -19.37 -3.30
N ALA A 636 18.72 -20.36 -4.18
CA ALA A 636 17.77 -21.48 -4.12
C ALA A 636 17.50 -21.96 -2.69
N ASP A 637 18.54 -22.05 -1.88
CA ASP A 637 18.42 -22.51 -0.50
C ASP A 637 17.35 -21.86 0.37
N ASP A 638 17.11 -20.57 0.16
CA ASP A 638 16.14 -19.81 0.95
C ASP A 638 14.67 -20.08 0.63
N ILE A 639 14.38 -20.61 -0.54
CA ILE A 639 13.00 -20.88 -0.91
C ILE A 639 12.32 -21.88 0.02
N PRO A 640 11.21 -21.45 0.65
CA PRO A 640 10.44 -22.28 1.58
C PRO A 640 9.56 -23.31 0.86
N GLY A 641 9.05 -22.95 -0.32
CA GLY A 641 8.21 -23.86 -1.08
C GLY A 641 9.03 -24.78 -1.97
N SER A 642 8.86 -24.69 -3.29
CA SER A 642 9.63 -25.50 -4.22
C SER A 642 10.33 -24.57 -5.19
N ASN A 643 11.50 -24.99 -5.65
CA ASN A 643 12.27 -24.18 -6.60
C ASN A 643 11.76 -24.46 -8.02
N GLU A 644 10.82 -25.38 -8.13
CA GLU A 644 10.31 -25.75 -9.43
C GLU A 644 9.19 -24.85 -9.94
N THR A 645 9.49 -24.02 -10.94
CA THR A 645 8.52 -23.11 -11.51
C THR A 645 8.40 -23.25 -13.02
N GLY A 646 7.80 -22.24 -13.65
CA GLY A 646 7.63 -22.23 -15.09
C GLY A 646 6.35 -22.91 -15.52
N LEU A 647 5.83 -22.50 -16.67
CA LEU A 647 4.60 -23.07 -17.20
C LEU A 647 4.56 -24.61 -17.25
N PHE A 648 5.73 -25.26 -17.34
CA PHE A 648 5.78 -26.72 -17.39
C PHE A 648 6.67 -27.36 -16.33
N ASN A 649 6.94 -26.62 -15.28
CA ASN A 649 7.76 -27.14 -14.19
C ASN A 649 9.09 -27.65 -14.67
N ASP A 650 9.65 -26.97 -15.65
CA ASP A 650 10.95 -27.35 -16.17
C ASP A 650 11.93 -26.22 -15.94
N GLU A 651 11.57 -25.28 -15.08
CA GLU A 651 12.43 -24.14 -14.79
C GLU A 651 12.71 -24.08 -13.30
N THR A 652 13.66 -23.24 -12.92
CA THR A 652 13.97 -23.07 -11.52
C THR A 652 13.67 -21.61 -11.17
N VAL A 653 13.41 -21.34 -9.89
CA VAL A 653 13.16 -19.99 -9.43
C VAL A 653 14.55 -19.40 -9.29
N PHE A 654 15.43 -20.20 -8.72
CA PHE A 654 16.84 -19.85 -8.52
C PHE A 654 17.67 -21.05 -8.96
N ALA A 655 18.70 -20.78 -9.75
CA ALA A 655 19.54 -21.87 -10.23
C ALA A 655 20.21 -22.66 -9.11
N LYS A 656 20.20 -23.98 -9.26
CA LYS A 656 20.85 -24.89 -8.32
C LYS A 656 21.70 -25.89 -9.08
N ASP A 657 22.96 -26.03 -8.66
CA ASP A 657 23.92 -26.95 -9.28
C ASP A 657 24.51 -26.51 -10.63
N THR A 658 23.65 -26.29 -11.62
CA THR A 658 24.10 -25.87 -12.94
C THR A 658 23.29 -24.72 -13.53
N VAL A 659 23.95 -23.89 -14.34
CA VAL A 659 23.30 -22.77 -15.00
C VAL A 659 23.12 -23.25 -16.44
N THR A 660 22.04 -22.85 -17.11
CA THR A 660 21.82 -23.33 -18.46
C THR A 660 21.64 -22.31 -19.57
N CYS A 661 22.18 -21.12 -19.37
CA CYS A 661 22.12 -20.06 -20.37
C CYS A 661 22.68 -18.81 -19.73
N VAL A 662 23.18 -17.88 -20.53
CA VAL A 662 23.71 -16.65 -19.98
C VAL A 662 22.48 -15.86 -19.54
N GLY A 663 22.53 -15.34 -18.31
CA GLY A 663 21.40 -14.59 -17.81
C GLY A 663 20.47 -15.42 -16.92
N HIS A 664 20.77 -16.71 -16.79
CA HIS A 664 19.98 -17.63 -15.98
C HIS A 664 20.08 -17.12 -14.51
N ILE A 665 18.95 -16.92 -13.83
CA ILE A 665 18.98 -16.39 -12.47
C ILE A 665 19.48 -17.36 -11.41
N ILE A 666 20.57 -16.98 -10.73
CA ILE A 666 21.20 -17.82 -9.71
C ILE A 666 20.76 -17.41 -8.31
N GLY A 667 20.57 -16.11 -8.12
CA GLY A 667 20.17 -15.60 -6.83
C GLY A 667 19.87 -14.12 -6.95
N ALA A 668 19.86 -13.42 -5.82
CA ALA A 668 19.61 -11.99 -5.84
C ALA A 668 20.10 -11.31 -4.57
N VAL A 669 20.43 -10.02 -4.71
CA VAL A 669 20.89 -9.23 -3.57
C VAL A 669 19.80 -8.22 -3.18
N VAL A 670 19.63 -8.02 -1.88
CA VAL A 670 18.65 -7.09 -1.37
C VAL A 670 19.45 -6.04 -0.63
N ALA A 671 19.14 -4.77 -0.85
CA ALA A 671 19.86 -3.71 -0.16
C ALA A 671 18.94 -2.52 0.12
N ASP A 672 19.45 -1.51 0.81
CA ASP A 672 18.63 -0.34 1.14
C ASP A 672 18.34 0.60 -0.02
N THR A 673 19.07 0.46 -1.12
CA THR A 673 18.85 1.32 -2.29
C THR A 673 19.07 0.52 -3.57
N PRO A 674 18.64 1.06 -4.72
CA PRO A 674 18.85 0.33 -5.98
C PRO A 674 20.35 0.24 -6.25
N GLU A 675 21.02 1.38 -6.15
CA GLU A 675 22.46 1.48 -6.39
C GLU A 675 23.28 0.46 -5.60
N HIS A 676 22.98 0.33 -4.32
CA HIS A 676 23.70 -0.59 -3.44
C HIS A 676 23.49 -2.04 -3.82
N ALA A 677 22.26 -2.41 -4.13
CA ALA A 677 21.95 -3.78 -4.52
C ALA A 677 22.67 -4.08 -5.83
N GLU A 678 22.66 -3.11 -6.74
CA GLU A 678 23.32 -3.25 -8.03
C GLU A 678 24.82 -3.47 -7.82
N ARG A 679 25.48 -2.55 -7.13
CA ARG A 679 26.91 -2.69 -6.86
C ARG A 679 27.22 -3.98 -6.12
N ALA A 680 26.49 -4.25 -5.05
CA ALA A 680 26.72 -5.46 -4.27
C ALA A 680 26.55 -6.70 -5.14
N ALA A 681 25.53 -6.69 -5.99
CA ALA A 681 25.26 -7.83 -6.88
C ALA A 681 26.39 -8.06 -7.88
N HIS A 682 27.04 -6.97 -8.29
CA HIS A 682 28.12 -7.04 -9.27
C HIS A 682 29.42 -7.66 -8.76
N VAL A 683 29.57 -7.79 -7.44
CA VAL A 683 30.78 -8.38 -6.90
C VAL A 683 30.54 -9.75 -6.26
N VAL A 684 29.41 -10.37 -6.58
CA VAL A 684 29.16 -11.71 -6.04
C VAL A 684 29.92 -12.65 -6.97
N LYS A 685 30.93 -13.33 -6.42
CA LYS A 685 31.74 -14.20 -7.24
C LYS A 685 31.21 -15.62 -7.44
N VAL A 686 30.84 -15.93 -8.66
CA VAL A 686 30.37 -17.27 -8.99
C VAL A 686 31.52 -17.96 -9.73
N THR A 687 31.86 -19.17 -9.31
CA THR A 687 32.92 -19.90 -9.97
C THR A 687 32.29 -21.07 -10.71
N TYR A 688 32.46 -21.11 -12.03
CA TYR A 688 31.85 -22.17 -12.83
C TYR A 688 32.82 -23.24 -13.35
N GLU A 689 32.23 -24.30 -13.88
CA GLU A 689 32.96 -25.42 -14.47
C GLU A 689 32.10 -25.71 -15.70
N ASP A 690 32.49 -25.09 -16.82
CA ASP A 690 31.75 -25.21 -18.08
C ASP A 690 31.32 -26.61 -18.53
N LEU A 691 30.19 -26.65 -19.24
CA LEU A 691 29.63 -27.87 -19.78
C LEU A 691 29.34 -27.65 -21.26
N PRO A 692 29.34 -28.72 -22.06
CA PRO A 692 29.08 -28.64 -23.51
C PRO A 692 27.79 -27.88 -23.81
N ALA A 693 27.91 -26.72 -24.44
CA ALA A 693 26.73 -25.90 -24.74
C ALA A 693 26.13 -26.10 -26.13
N ILE A 694 24.81 -25.98 -26.23
CA ILE A 694 24.11 -26.09 -27.51
C ILE A 694 23.44 -24.74 -27.73
N ILE A 695 24.03 -23.90 -28.58
CA ILE A 695 23.50 -22.57 -28.80
C ILE A 695 22.53 -22.38 -29.95
N THR A 696 22.87 -22.88 -31.13
CA THR A 696 22.04 -22.68 -32.31
C THR A 696 21.06 -23.77 -32.69
N ILE A 697 20.12 -23.42 -33.57
CA ILE A 697 19.12 -24.37 -34.05
C ILE A 697 19.86 -25.56 -34.65
N GLU A 698 20.97 -25.26 -35.34
CA GLU A 698 21.80 -26.26 -35.96
C GLU A 698 22.22 -27.32 -34.92
N ASP A 699 23.04 -26.90 -33.94
CA ASP A 699 23.50 -27.82 -32.91
C ASP A 699 22.32 -28.55 -32.28
N ALA A 700 21.19 -27.83 -32.20
CA ALA A 700 20.01 -28.41 -31.62
C ALA A 700 19.64 -29.62 -32.46
N ILE A 701 19.61 -29.42 -33.77
CA ILE A 701 19.29 -30.50 -34.70
C ILE A 701 20.42 -31.53 -34.69
N LYS A 702 21.65 -31.05 -34.82
CA LYS A 702 22.83 -31.90 -34.81
C LYS A 702 22.79 -32.86 -33.61
N ASN A 703 22.78 -32.29 -32.40
CA ASN A 703 22.76 -33.08 -31.17
C ASN A 703 21.41 -33.65 -30.80
N ASN A 704 20.43 -33.44 -31.68
CA ASN A 704 19.07 -33.94 -31.43
C ASN A 704 18.50 -33.40 -30.10
N SER A 705 18.69 -32.09 -29.86
CA SER A 705 18.20 -31.45 -28.64
C SER A 705 16.88 -30.75 -28.85
N PHE A 706 15.79 -31.43 -28.52
CA PHE A 706 14.46 -30.87 -28.68
C PHE A 706 13.65 -30.95 -27.40
N TYR A 707 12.40 -30.51 -27.50
CA TYR A 707 11.45 -30.53 -26.40
C TYR A 707 10.24 -31.23 -27.03
N GLY A 708 9.91 -32.42 -26.54
CA GLY A 708 8.78 -33.14 -27.09
C GLY A 708 8.99 -33.65 -28.50
N SER A 709 7.96 -34.23 -29.09
CA SER A 709 8.08 -34.78 -30.42
C SER A 709 7.47 -33.88 -31.50
N GLU A 710 7.92 -34.10 -32.74
CA GLU A 710 7.47 -33.34 -33.89
C GLU A 710 5.97 -33.04 -33.92
N LEU A 711 5.62 -31.87 -34.46
CA LEU A 711 4.22 -31.47 -34.63
C LEU A 711 4.00 -31.63 -36.12
N LYS A 712 2.75 -31.75 -36.55
CA LYS A 712 2.48 -31.93 -37.97
C LYS A 712 1.03 -31.80 -38.37
N ILE A 713 0.82 -31.33 -39.60
CA ILE A 713 -0.50 -31.20 -40.20
C ILE A 713 -0.26 -31.59 -41.65
N GLU A 714 -0.92 -32.65 -42.10
CA GLU A 714 -0.75 -33.11 -43.48
C GLU A 714 -2.12 -33.28 -44.12
N LYS A 715 -2.25 -32.83 -45.36
CA LYS A 715 -3.52 -32.94 -46.06
C LYS A 715 -3.28 -33.23 -47.54
N GLY A 716 -3.98 -34.24 -48.06
CA GLY A 716 -3.83 -34.59 -49.48
C GLY A 716 -2.77 -35.65 -49.75
N ASP A 717 -2.19 -35.60 -50.95
CA ASP A 717 -1.15 -36.55 -51.34
C ASP A 717 0.08 -35.80 -51.85
N LEU A 718 1.13 -35.75 -51.03
CA LEU A 718 2.33 -35.05 -51.44
C LEU A 718 2.98 -35.68 -52.66
N LYS A 719 3.30 -36.97 -52.55
CA LYS A 719 3.93 -37.73 -53.63
C LYS A 719 3.15 -37.44 -54.91
N LYS A 720 1.85 -37.67 -54.83
CA LYS A 720 0.95 -37.44 -55.95
C LYS A 720 0.97 -35.97 -56.38
N GLY A 721 1.13 -35.07 -55.41
CA GLY A 721 1.14 -33.65 -55.70
C GLY A 721 2.33 -33.12 -56.47
N PHE A 722 3.54 -33.43 -56.02
CA PHE A 722 4.74 -32.98 -56.72
C PHE A 722 4.75 -33.60 -58.11
N SER A 723 4.40 -34.88 -58.14
CA SER A 723 4.33 -35.67 -59.36
C SER A 723 3.49 -35.01 -60.47
N GLU A 724 2.56 -34.14 -60.09
CA GLU A 724 1.71 -33.46 -61.06
C GLU A 724 2.14 -32.03 -61.25
N ALA A 725 3.11 -31.59 -60.45
CA ALA A 725 3.57 -30.21 -60.50
C ALA A 725 4.58 -29.94 -61.60
N ASP A 726 4.31 -28.91 -62.42
CA ASP A 726 5.22 -28.53 -63.50
C ASP A 726 6.61 -28.26 -62.92
N ASN A 727 6.70 -27.25 -62.06
CA ASN A 727 7.97 -26.87 -61.46
C ASN A 727 8.00 -27.14 -59.94
N VAL A 728 9.20 -27.34 -59.42
CA VAL A 728 9.39 -27.60 -58.00
C VAL A 728 10.57 -26.78 -57.47
N VAL A 729 10.38 -26.14 -56.32
CA VAL A 729 11.41 -25.32 -55.70
C VAL A 729 11.70 -25.76 -54.28
N SER A 730 12.98 -25.76 -53.91
CA SER A 730 13.40 -26.12 -52.56
C SER A 730 14.24 -25.00 -52.01
N GLY A 731 14.27 -24.90 -50.68
CA GLY A 731 15.06 -23.85 -50.07
C GLY A 731 15.18 -23.95 -48.58
N GLU A 732 15.75 -22.90 -48.00
CA GLU A 732 15.95 -22.81 -46.58
C GLU A 732 15.84 -21.33 -46.23
N LEU A 733 15.05 -21.01 -45.21
CA LEU A 733 14.86 -19.63 -44.82
C LEU A 733 15.07 -19.43 -43.34
N TYR A 734 15.48 -18.22 -42.96
CA TYR A 734 15.72 -17.91 -41.57
C TYR A 734 15.08 -16.57 -41.18
N ILE A 735 14.49 -16.54 -39.99
CA ILE A 735 13.86 -15.33 -39.44
C ILE A 735 14.43 -15.13 -38.06
N GLY A 736 15.01 -13.95 -37.83
CA GLY A 736 15.61 -13.63 -36.56
C GLY A 736 14.61 -13.45 -35.44
N GLY A 737 15.10 -13.46 -34.21
CA GLY A 737 14.20 -13.28 -33.08
C GLY A 737 13.77 -11.82 -32.96
N GLN A 738 13.34 -11.43 -31.77
CA GLN A 738 12.90 -10.05 -31.57
C GLN A 738 12.68 -9.76 -30.09
N ASP A 739 13.13 -8.57 -29.66
CA ASP A 739 12.97 -8.14 -28.28
C ASP A 739 11.71 -7.28 -28.21
N HIS A 740 10.85 -7.56 -27.23
CA HIS A 740 9.60 -6.82 -27.09
C HIS A 740 9.81 -5.29 -27.04
N PHE A 741 10.77 -4.87 -26.23
CA PHE A 741 11.10 -3.46 -26.04
C PHE A 741 9.90 -2.61 -25.66
N TYR A 742 9.16 -3.07 -24.66
CA TYR A 742 8.03 -2.32 -24.13
C TYR A 742 8.77 -1.19 -23.40
N LEU A 743 8.24 0.03 -23.37
CA LEU A 743 9.00 1.08 -22.70
C LEU A 743 9.17 0.85 -21.19
N GLU A 744 8.18 0.23 -20.56
CA GLU A 744 8.33 -0.05 -19.15
C GLU A 744 8.80 -1.50 -19.07
N THR A 745 9.99 -1.73 -18.52
CA THR A 745 10.50 -3.08 -18.38
C THR A 745 9.74 -3.81 -17.28
N HIS A 746 10.03 -5.10 -17.11
CA HIS A 746 9.38 -5.91 -16.08
C HIS A 746 9.55 -5.24 -14.72
N CYS A 747 8.51 -5.35 -13.89
CA CYS A 747 8.55 -4.72 -12.57
C CYS A 747 7.60 -5.40 -11.57
N THR A 748 8.05 -5.56 -10.35
CA THR A 748 7.23 -6.17 -9.30
C THR A 748 7.51 -5.61 -7.91
N ILE A 749 6.44 -5.42 -7.15
CA ILE A 749 6.50 -4.92 -5.79
C ILE A 749 5.79 -5.95 -4.92
N ALA A 750 6.51 -6.54 -3.97
CA ALA A 750 5.91 -7.52 -3.08
C ALA A 750 5.77 -6.94 -1.67
N ILE A 751 4.58 -7.07 -1.08
CA ILE A 751 4.33 -6.57 0.26
C ILE A 751 3.95 -7.72 1.18
N PRO A 752 4.87 -8.14 2.06
CA PRO A 752 4.53 -9.24 2.96
C PRO A 752 3.64 -8.70 4.08
N LYS A 753 2.50 -9.34 4.31
CA LYS A 753 1.59 -8.86 5.36
C LYS A 753 2.03 -9.20 6.77
N GLY A 754 2.33 -10.47 7.02
CA GLY A 754 2.79 -10.87 8.33
C GLY A 754 1.89 -11.93 8.91
N GLU A 755 0.70 -12.09 8.33
CA GLU A 755 -0.24 -13.07 8.84
C GLU A 755 -0.59 -14.10 7.78
N GLU A 756 -0.67 -15.36 8.21
CA GLU A 756 -1.06 -16.48 7.34
C GLU A 756 -0.35 -16.60 5.98
N GLY A 757 0.87 -16.08 5.90
CA GLY A 757 1.60 -16.15 4.65
C GLY A 757 1.03 -15.24 3.58
N GLU A 758 0.21 -14.27 4.00
CA GLU A 758 -0.40 -13.32 3.08
C GLU A 758 0.61 -12.39 2.41
N MET A 759 0.41 -12.15 1.12
CA MET A 759 1.27 -11.26 0.36
C MET A 759 0.51 -10.57 -0.76
N GLU A 760 0.76 -9.27 -0.92
CA GLU A 760 0.09 -8.50 -1.96
C GLU A 760 1.18 -8.05 -2.93
N LEU A 761 0.95 -8.25 -4.22
CA LEU A 761 1.93 -7.86 -5.22
C LEU A 761 1.40 -6.94 -6.30
N PHE A 762 2.19 -5.92 -6.61
CA PHE A 762 1.87 -4.96 -7.67
C PHE A 762 2.86 -5.32 -8.78
N VAL A 763 2.33 -5.93 -9.84
CA VAL A 763 3.14 -6.42 -10.96
C VAL A 763 2.78 -5.92 -12.34
N SER A 764 3.80 -5.74 -13.18
CA SER A 764 3.63 -5.32 -14.58
C SER A 764 3.59 -6.66 -15.34
N THR A 765 2.39 -7.20 -15.51
CA THR A 765 2.22 -8.49 -16.16
C THR A 765 0.85 -8.61 -16.83
N GLN A 766 0.74 -9.59 -17.72
CA GLN A 766 -0.51 -9.83 -18.44
C GLN A 766 -1.10 -11.13 -17.95
N ASN A 767 -0.52 -11.70 -16.92
CA ASN A 767 -1.01 -12.96 -16.38
C ASN A 767 -0.95 -12.91 -14.86
N ALA A 768 -2.02 -12.39 -14.26
CA ALA A 768 -2.09 -12.29 -12.81
C ALA A 768 -2.31 -13.68 -12.22
N MET A 769 -3.06 -14.52 -12.92
CA MET A 769 -3.33 -15.86 -12.44
C MET A 769 -2.07 -16.69 -12.24
N LYS A 770 -1.20 -16.71 -13.24
CA LYS A 770 0.03 -17.46 -13.13
C LYS A 770 0.96 -16.80 -12.11
N THR A 771 0.98 -15.47 -12.05
CA THR A 771 1.82 -14.78 -11.06
C THR A 771 1.39 -15.26 -9.69
N GLN A 772 0.07 -15.33 -9.51
CA GLN A 772 -0.53 -15.75 -8.25
C GLN A 772 -0.16 -17.17 -7.82
N SER A 773 -0.38 -18.16 -8.68
CA SER A 773 -0.04 -19.53 -8.31
C SER A 773 1.47 -19.83 -8.31
N PHE A 774 2.24 -19.15 -9.15
CA PHE A 774 3.68 -19.37 -9.17
C PHE A 774 4.29 -18.83 -7.88
N VAL A 775 3.82 -17.66 -7.46
CA VAL A 775 4.31 -17.05 -6.23
C VAL A 775 3.94 -17.94 -5.05
N ALA A 776 2.74 -18.49 -5.10
CA ALA A 776 2.27 -19.37 -4.06
C ALA A 776 3.07 -20.68 -4.03
N LYS A 777 3.39 -21.22 -5.21
CA LYS A 777 4.14 -22.48 -5.27
C LYS A 777 5.53 -22.30 -4.67
N MET A 778 6.13 -21.15 -4.94
CA MET A 778 7.46 -20.85 -4.46
C MET A 778 7.46 -20.73 -2.93
N LEU A 779 6.46 -20.03 -2.41
CA LEU A 779 6.32 -19.82 -0.96
C LEU A 779 5.75 -21.05 -0.25
N GLY A 780 4.92 -21.81 -0.95
CA GLY A 780 4.33 -22.98 -0.36
C GLY A 780 3.14 -22.67 0.54
N VAL A 781 2.24 -21.84 0.03
CA VAL A 781 1.05 -21.43 0.76
C VAL A 781 -0.11 -21.51 -0.20
N PRO A 782 -1.33 -21.74 0.30
CA PRO A 782 -2.49 -21.83 -0.59
C PRO A 782 -2.57 -20.63 -1.54
N VAL A 783 -3.17 -20.83 -2.70
CA VAL A 783 -3.27 -19.74 -3.66
C VAL A 783 -4.10 -18.57 -3.15
N ASN A 784 -5.04 -18.84 -2.26
CA ASN A 784 -5.92 -17.79 -1.68
C ASN A 784 -5.21 -16.76 -0.77
N ARG A 785 -3.95 -17.04 -0.42
CA ARG A 785 -3.16 -16.17 0.44
C ARG A 785 -2.43 -15.08 -0.34
N ILE A 786 -2.34 -15.25 -1.65
CA ILE A 786 -1.63 -14.31 -2.51
C ILE A 786 -2.53 -13.44 -3.38
N LEU A 787 -2.33 -12.12 -3.29
CA LEU A 787 -3.12 -11.18 -4.09
C LEU A 787 -2.23 -10.47 -5.12
N VAL A 788 -2.67 -10.46 -6.37
CA VAL A 788 -1.91 -9.80 -7.41
C VAL A 788 -2.80 -8.71 -8.02
N ARG A 789 -2.25 -7.52 -8.17
CA ARG A 789 -2.99 -6.40 -8.71
C ARG A 789 -2.23 -5.77 -9.87
N VAL A 790 -2.92 -5.50 -10.96
CA VAL A 790 -2.31 -4.93 -12.13
C VAL A 790 -3.05 -3.67 -12.57
N LYS A 791 -2.46 -2.50 -12.35
CA LYS A 791 -3.10 -1.27 -12.75
C LYS A 791 -3.00 -1.23 -14.28
N ARG A 792 -1.79 -1.04 -14.77
CA ARG A 792 -1.52 -0.97 -16.20
C ARG A 792 -0.06 -1.29 -16.47
N MET A 793 0.25 -1.71 -17.70
CA MET A 793 1.63 -2.00 -18.07
C MET A 793 2.07 -0.99 -19.09
N GLY A 794 3.31 -0.57 -18.99
CA GLY A 794 3.83 0.35 -19.98
C GLY A 794 4.33 -0.54 -21.11
N GLY A 795 3.42 -1.33 -21.67
CA GLY A 795 3.75 -2.24 -22.76
C GLY A 795 3.89 -3.69 -22.32
N GLY A 796 3.38 -4.61 -23.14
CA GLY A 796 3.47 -6.03 -22.84
C GLY A 796 3.87 -6.85 -24.07
N PHE A 797 3.02 -6.81 -25.08
CA PHE A 797 3.23 -7.50 -26.34
C PHE A 797 3.55 -8.99 -26.22
N GLY A 798 3.29 -9.59 -25.07
CA GLY A 798 3.58 -11.00 -24.90
C GLY A 798 4.83 -11.26 -24.10
N GLY A 799 5.68 -10.25 -24.00
CA GLY A 799 6.90 -10.39 -23.24
C GLY A 799 6.52 -10.55 -21.79
N LYS A 800 5.31 -10.09 -21.47
CA LYS A 800 4.81 -10.18 -20.12
C LYS A 800 3.64 -11.14 -19.99
N GLU A 801 3.50 -12.08 -20.92
CA GLU A 801 2.42 -13.06 -20.83
C GLU A 801 2.76 -14.10 -19.77
N THR A 802 4.05 -14.37 -19.59
CA THR A 802 4.48 -15.35 -18.59
C THR A 802 5.85 -15.04 -17.99
N ARG A 803 6.76 -14.54 -18.82
CA ARG A 803 8.12 -14.30 -18.37
C ARG A 803 8.29 -13.24 -17.29
N SER A 804 7.18 -12.62 -16.89
CA SER A 804 7.23 -11.61 -15.83
C SER A 804 7.38 -12.30 -14.50
N THR A 805 6.99 -13.57 -14.44
CA THR A 805 7.08 -14.32 -13.20
C THR A 805 8.51 -14.51 -12.73
N LEU A 806 9.45 -14.32 -13.65
CA LEU A 806 10.85 -14.46 -13.31
C LEU A 806 11.26 -13.43 -12.26
N VAL A 807 10.72 -12.23 -12.38
CA VAL A 807 11.00 -11.14 -11.44
C VAL A 807 10.06 -11.18 -10.22
N SER A 808 8.79 -11.46 -10.46
CA SER A 808 7.79 -11.51 -9.41
C SER A 808 8.19 -12.47 -8.30
N VAL A 809 8.43 -13.72 -8.67
CA VAL A 809 8.79 -14.74 -7.70
C VAL A 809 10.06 -14.43 -6.93
N ALA A 810 11.01 -13.74 -7.56
CA ALA A 810 12.26 -13.41 -6.89
C ALA A 810 12.01 -12.32 -5.84
N VAL A 811 11.17 -11.35 -6.19
CA VAL A 811 10.86 -10.27 -5.27
C VAL A 811 10.03 -10.81 -4.11
N ALA A 812 9.15 -11.76 -4.42
CA ALA A 812 8.30 -12.37 -3.40
C ALA A 812 9.16 -13.07 -2.34
N LEU A 813 10.21 -13.75 -2.78
CA LEU A 813 11.09 -14.45 -1.85
C LEU A 813 11.81 -13.45 -0.94
N ALA A 814 12.19 -12.30 -1.50
CA ALA A 814 12.88 -11.28 -0.71
C ALA A 814 11.90 -10.68 0.31
N ALA A 815 10.65 -10.51 -0.10
CA ALA A 815 9.63 -9.97 0.79
C ALA A 815 9.44 -11.00 1.90
N TYR A 816 9.23 -12.24 1.51
CA TYR A 816 9.05 -13.33 2.46
C TYR A 816 10.17 -13.42 3.48
N LYS A 817 11.40 -13.49 2.98
CA LYS A 817 12.55 -13.63 3.85
C LYS A 817 12.88 -12.44 4.74
N THR A 818 12.74 -11.23 4.20
CA THR A 818 13.06 -10.03 4.95
C THR A 818 11.92 -9.50 5.80
N GLY A 819 10.70 -9.71 5.35
CA GLY A 819 9.58 -9.20 6.11
C GLY A 819 9.24 -7.81 5.63
N HIS A 820 10.13 -7.20 4.85
CA HIS A 820 9.86 -5.86 4.33
C HIS A 820 9.36 -5.95 2.93
N PRO A 821 8.63 -4.93 2.48
CA PRO A 821 8.14 -4.97 1.11
C PRO A 821 9.39 -4.78 0.26
N VAL A 822 9.43 -5.43 -0.90
CA VAL A 822 10.59 -5.33 -1.77
C VAL A 822 10.15 -5.07 -3.19
N ARG A 823 10.97 -4.38 -3.96
CA ARG A 823 10.62 -4.11 -5.34
C ARG A 823 11.81 -4.23 -6.27
N CYS A 824 11.51 -4.37 -7.55
CA CYS A 824 12.52 -4.49 -8.58
C CYS A 824 12.00 -4.18 -9.97
N MET A 825 12.69 -3.29 -10.67
CA MET A 825 12.35 -2.94 -12.04
C MET A 825 13.65 -3.26 -12.79
N LEU A 826 13.56 -4.10 -13.82
CA LEU A 826 14.75 -4.48 -14.57
C LEU A 826 15.28 -3.34 -15.43
N ASP A 827 16.59 -3.31 -15.60
CA ASP A 827 17.19 -2.31 -16.46
C ASP A 827 17.04 -2.88 -17.86
N ARG A 828 17.05 -2.01 -18.86
CA ARG A 828 16.90 -2.42 -20.23
C ARG A 828 17.71 -3.68 -20.58
N ASN A 829 19.02 -3.63 -20.31
CA ASN A 829 19.88 -4.75 -20.62
C ASN A 829 19.54 -6.03 -19.88
N GLU A 830 19.08 -5.92 -18.64
CA GLU A 830 18.70 -7.11 -17.88
C GLU A 830 17.46 -7.68 -18.53
N ASP A 831 16.54 -6.79 -18.89
CA ASP A 831 15.29 -7.19 -19.53
C ASP A 831 15.57 -7.92 -20.84
N MET A 832 16.49 -7.38 -21.62
CA MET A 832 16.85 -7.97 -22.92
C MET A 832 17.61 -9.29 -22.82
N LEU A 833 18.40 -9.45 -21.77
CA LEU A 833 19.16 -10.66 -21.59
C LEU A 833 18.33 -11.79 -20.99
N ILE A 834 17.43 -11.44 -20.06
CA ILE A 834 16.65 -12.44 -19.34
C ILE A 834 15.22 -12.80 -19.76
N THR A 835 14.38 -11.80 -19.97
CA THR A 835 12.97 -12.03 -20.26
C THR A 835 12.59 -12.89 -21.45
N GLY A 836 13.54 -13.18 -22.32
CA GLY A 836 13.24 -13.97 -23.50
C GLY A 836 12.58 -13.09 -24.55
N GLY A 837 12.52 -13.58 -25.77
CA GLY A 837 11.91 -12.79 -26.83
C GLY A 837 11.12 -13.63 -27.81
N ARG A 838 11.03 -13.15 -29.04
CA ARG A 838 10.32 -13.88 -30.09
C ARG A 838 11.15 -15.08 -30.51
N HIS A 839 10.48 -16.10 -31.03
CA HIS A 839 11.19 -17.30 -31.47
C HIS A 839 11.86 -17.18 -32.83
N PRO A 840 13.18 -17.47 -32.89
CA PRO A 840 13.87 -17.39 -34.18
C PRO A 840 13.46 -18.68 -34.90
N PHE A 841 13.12 -18.56 -36.18
CA PHE A 841 12.73 -19.73 -36.97
C PHE A 841 13.69 -20.11 -38.10
N LEU A 842 13.73 -21.40 -38.41
CA LEU A 842 14.54 -21.94 -39.51
C LEU A 842 13.63 -22.87 -40.31
N ALA A 843 13.40 -22.56 -41.58
CA ALA A 843 12.52 -23.40 -42.38
C ALA A 843 13.18 -24.03 -43.58
N ARG A 844 12.79 -25.28 -43.84
CA ARG A 844 13.29 -26.05 -44.98
C ARG A 844 12.06 -26.46 -45.77
N TYR A 845 11.79 -25.72 -46.85
CA TYR A 845 10.63 -25.92 -47.70
C TYR A 845 10.89 -26.55 -49.09
N LYS A 846 9.80 -26.81 -49.80
CA LYS A 846 9.81 -27.41 -51.14
C LYS A 846 8.39 -27.30 -51.71
N VAL A 847 8.23 -26.51 -52.77
CA VAL A 847 6.90 -26.31 -53.33
C VAL A 847 6.73 -26.62 -54.82
N GLY A 848 5.74 -27.46 -55.13
CA GLY A 848 5.47 -27.80 -56.51
C GLY A 848 4.35 -26.92 -57.04
N PHE A 849 4.41 -26.56 -58.31
CA PHE A 849 3.38 -25.70 -58.88
C PHE A 849 3.33 -25.72 -60.41
N MET A 850 2.24 -25.21 -60.97
CA MET A 850 2.07 -25.17 -62.42
C MET A 850 2.59 -23.84 -62.95
N LYS A 851 2.91 -23.83 -64.25
CA LYS A 851 3.42 -22.65 -64.94
C LYS A 851 2.56 -21.42 -64.60
N THR A 852 1.26 -21.64 -64.52
CA THR A 852 0.32 -20.56 -64.21
C THR A 852 0.57 -19.94 -62.83
N GLY A 853 1.29 -20.67 -61.98
CA GLY A 853 1.59 -20.16 -60.66
C GLY A 853 0.80 -20.86 -59.55
N THR A 854 -0.06 -21.81 -59.94
CA THR A 854 -0.87 -22.55 -58.98
C THR A 854 -0.10 -23.55 -58.14
N ILE A 855 -0.15 -23.38 -56.82
CA ILE A 855 0.55 -24.28 -55.93
C ILE A 855 -0.17 -25.63 -55.95
N VAL A 856 0.62 -26.69 -56.07
CA VAL A 856 0.11 -28.05 -56.14
C VAL A 856 0.54 -28.86 -54.92
N ALA A 857 1.76 -28.62 -54.44
CA ALA A 857 2.26 -29.34 -53.27
C ALA A 857 3.13 -28.45 -52.41
N LEU A 858 3.20 -28.76 -51.12
CA LEU A 858 4.01 -27.97 -50.21
C LEU A 858 4.52 -28.81 -49.08
N GLU A 859 5.74 -28.51 -48.65
CA GLU A 859 6.38 -29.21 -47.56
C GLU A 859 7.30 -28.25 -46.84
N VAL A 860 6.91 -27.84 -45.65
CA VAL A 860 7.74 -26.94 -44.89
C VAL A 860 7.99 -27.60 -43.54
N ASP A 861 9.24 -27.56 -43.11
CA ASP A 861 9.62 -28.12 -41.83
C ASP A 861 10.19 -26.97 -41.03
N HIS A 862 9.49 -26.63 -39.95
CA HIS A 862 9.89 -25.53 -39.09
C HIS A 862 10.69 -25.96 -37.86
N TYR A 863 11.66 -25.13 -37.48
CA TYR A 863 12.51 -25.36 -36.31
C TYR A 863 12.60 -24.02 -35.57
N SER A 864 12.22 -24.01 -34.30
CA SER A 864 12.29 -22.77 -33.53
C SER A 864 13.26 -22.93 -32.37
N ASN A 865 14.03 -21.88 -32.14
CA ASN A 865 14.99 -21.88 -31.04
C ASN A 865 14.17 -21.55 -29.81
N ALA A 866 13.90 -22.56 -28.97
CA ALA A 866 13.05 -22.42 -27.78
C ALA A 866 13.64 -21.86 -26.48
N GLY A 867 14.97 -21.95 -26.32
CA GLY A 867 15.58 -21.46 -25.11
C GLY A 867 15.73 -22.58 -24.09
N ASN A 868 16.24 -22.25 -22.90
CA ASN A 868 16.44 -23.26 -21.86
C ASN A 868 15.16 -23.63 -21.13
N SER A 869 14.02 -23.42 -21.77
CA SER A 869 12.75 -23.73 -21.16
C SER A 869 11.61 -23.87 -22.15
N ARG A 870 10.69 -24.78 -21.85
CA ARG A 870 9.52 -25.02 -22.69
C ARG A 870 8.66 -23.76 -22.78
N ASP A 871 8.24 -23.26 -21.62
CA ASP A 871 7.39 -22.07 -21.56
C ASP A 871 6.25 -22.15 -22.58
N LEU A 872 6.10 -21.15 -23.43
CA LEU A 872 5.02 -21.15 -24.42
C LEU A 872 5.50 -21.67 -25.77
N SER A 873 6.80 -21.95 -25.85
CA SER A 873 7.43 -22.41 -27.08
C SER A 873 6.58 -23.41 -27.87
N HIS A 874 5.91 -24.34 -27.19
CA HIS A 874 5.10 -25.33 -27.88
C HIS A 874 3.81 -24.85 -28.54
N SER A 875 3.01 -24.06 -27.84
CA SER A 875 1.77 -23.56 -28.45
C SER A 875 2.10 -22.59 -29.58
N ILE A 876 3.27 -21.97 -29.48
CA ILE A 876 3.71 -21.04 -30.49
C ILE A 876 3.92 -21.79 -31.81
N MET A 877 4.53 -22.98 -31.72
CA MET A 877 4.78 -23.80 -32.90
C MET A 877 3.46 -24.18 -33.56
N GLU A 878 2.48 -24.53 -32.74
CA GLU A 878 1.18 -24.90 -33.28
C GLU A 878 0.56 -23.72 -34.01
N ARG A 879 0.58 -22.54 -33.41
CA ARG A 879 -0.01 -21.39 -34.08
C ARG A 879 0.71 -21.18 -35.41
N ALA A 880 1.99 -21.52 -35.44
CA ALA A 880 2.78 -21.39 -36.65
C ALA A 880 2.21 -22.32 -37.72
N LEU A 881 2.12 -23.61 -37.41
CA LEU A 881 1.57 -24.59 -38.33
C LEU A 881 0.16 -24.24 -38.84
N PHE A 882 -0.66 -23.62 -37.98
CA PHE A 882 -2.03 -23.20 -38.34
C PHE A 882 -1.99 -22.01 -39.32
N HIS A 883 -0.81 -21.47 -39.55
CA HIS A 883 -0.64 -20.31 -40.43
C HIS A 883 0.37 -20.44 -41.58
N MET A 884 0.90 -21.63 -41.78
CA MET A 884 1.87 -21.84 -42.86
C MET A 884 1.23 -21.70 -44.24
N ASP A 885 -0.10 -21.57 -44.25
CA ASP A 885 -0.85 -21.45 -45.49
C ASP A 885 -1.24 -20.02 -45.79
N ASN A 886 -1.11 -19.15 -44.80
CA ASN A 886 -1.54 -17.76 -44.96
C ASN A 886 -2.92 -17.74 -45.63
N CYS A 887 -3.04 -17.08 -46.78
CA CYS A 887 -4.32 -16.97 -47.47
C CYS A 887 -4.44 -17.83 -48.72
N TYR A 888 -3.70 -18.94 -48.78
CA TYR A 888 -3.70 -19.78 -49.98
C TYR A 888 -4.14 -21.23 -49.85
N LYS A 889 -4.89 -21.67 -50.86
CA LYS A 889 -5.37 -23.04 -50.91
C LYS A 889 -4.26 -23.92 -51.48
N ILE A 890 -3.81 -24.89 -50.69
CA ILE A 890 -2.75 -25.80 -51.09
C ILE A 890 -3.26 -27.22 -50.88
N PRO A 891 -3.75 -27.89 -51.96
CA PRO A 891 -4.29 -29.27 -52.00
C PRO A 891 -3.46 -30.33 -51.29
N ASN A 892 -2.16 -30.34 -51.54
CA ASN A 892 -1.30 -31.31 -50.91
C ASN A 892 -0.29 -30.53 -50.09
N ILE A 893 -0.35 -30.73 -48.77
CA ILE A 893 0.52 -29.99 -47.89
C ILE A 893 0.92 -30.80 -46.67
N ARG A 894 2.08 -30.45 -46.13
CA ARG A 894 2.61 -31.11 -44.96
C ARG A 894 3.58 -30.14 -44.30
N GLY A 895 3.33 -29.87 -43.03
CA GLY A 895 4.19 -28.98 -42.27
C GLY A 895 4.54 -29.63 -40.95
N THR A 896 5.79 -29.51 -40.52
CA THR A 896 6.19 -30.08 -39.25
C THR A 896 6.94 -29.03 -38.44
N GLY A 897 7.01 -29.25 -37.13
CA GLY A 897 7.70 -28.32 -36.28
C GLY A 897 8.41 -29.03 -35.15
N ARG A 898 9.54 -28.48 -34.73
CA ARG A 898 10.30 -29.03 -33.62
C ARG A 898 10.69 -27.85 -32.76
N LEU A 899 10.92 -28.11 -31.48
CA LEU A 899 11.32 -27.07 -30.56
C LEU A 899 12.75 -27.36 -30.20
N CYS A 900 13.66 -26.45 -30.54
CA CYS A 900 15.06 -26.64 -30.24
C CYS A 900 15.42 -26.24 -28.80
N LYS A 901 15.81 -27.23 -28.01
CA LYS A 901 16.21 -27.03 -26.63
C LYS A 901 17.66 -26.50 -26.63
N THR A 902 17.83 -25.19 -26.42
CA THR A 902 19.17 -24.59 -26.43
C THR A 902 19.53 -23.92 -25.11
N ASN A 903 20.77 -23.45 -25.01
CA ASN A 903 21.28 -22.78 -23.83
C ASN A 903 21.24 -21.26 -23.96
N LEU A 904 20.05 -20.76 -24.25
CA LEU A 904 19.80 -19.34 -24.40
C LEU A 904 18.58 -19.08 -23.52
N SER A 905 18.37 -17.84 -23.10
CA SER A 905 17.21 -17.53 -22.26
C SER A 905 15.98 -18.06 -23.00
N SER A 906 15.10 -18.74 -22.28
CA SER A 906 13.89 -19.29 -22.90
C SER A 906 13.10 -18.23 -23.64
N ASN A 907 12.79 -18.47 -24.90
CA ASN A 907 12.02 -17.50 -25.65
C ASN A 907 10.56 -17.75 -25.31
N THR A 908 9.74 -16.72 -25.50
CA THR A 908 8.32 -16.76 -25.17
C THR A 908 7.41 -16.18 -26.25
N ALA A 909 6.23 -15.75 -25.83
CA ALA A 909 5.26 -15.18 -26.74
C ALA A 909 5.65 -13.77 -27.17
N PHE A 910 5.24 -13.40 -28.38
CA PHE A 910 5.50 -12.07 -28.91
C PHE A 910 4.44 -11.78 -29.93
N ARG A 911 3.79 -10.64 -29.79
CA ARG A 911 2.74 -10.18 -30.69
C ARG A 911 2.84 -10.86 -32.05
N GLY A 912 1.99 -11.87 -32.23
CA GLY A 912 1.98 -12.65 -33.45
C GLY A 912 1.95 -14.11 -33.03
N PHE A 913 2.70 -14.43 -31.98
CA PHE A 913 2.72 -15.78 -31.41
C PHE A 913 2.96 -16.90 -32.43
N GLY A 914 4.11 -16.88 -33.09
CA GLY A 914 4.41 -17.92 -34.05
C GLY A 914 3.78 -17.68 -35.42
N GLY A 915 2.66 -16.99 -35.42
CA GLY A 915 1.98 -16.71 -36.67
C GLY A 915 2.83 -15.96 -37.67
N PRO A 916 3.48 -14.85 -37.27
CA PRO A 916 4.34 -14.05 -38.15
C PRO A 916 5.43 -14.86 -38.86
N GLN A 917 6.06 -15.79 -38.13
CA GLN A 917 7.10 -16.63 -38.70
C GLN A 917 6.53 -17.47 -39.83
N ALA A 918 5.52 -18.27 -39.52
CA ALA A 918 4.87 -19.11 -40.52
C ALA A 918 4.40 -18.32 -41.74
N LEU A 919 3.72 -17.20 -41.51
CA LEU A 919 3.23 -16.38 -42.62
C LEU A 919 4.39 -15.90 -43.49
N PHE A 920 5.53 -15.60 -42.87
CA PHE A 920 6.71 -15.12 -43.59
C PHE A 920 7.25 -16.19 -44.55
N ILE A 921 7.49 -17.40 -44.03
CA ILE A 921 7.97 -18.51 -44.81
C ILE A 921 6.99 -18.75 -45.96
N ALA A 922 5.71 -18.64 -45.65
CA ALA A 922 4.68 -18.85 -46.66
C ALA A 922 4.86 -17.85 -47.80
N GLU A 923 5.01 -16.57 -47.45
CA GLU A 923 5.18 -15.53 -48.45
C GLU A 923 6.53 -15.53 -49.11
N ASN A 924 7.51 -16.23 -48.56
CA ASN A 924 8.81 -16.26 -49.21
C ASN A 924 8.72 -17.21 -50.40
N TRP A 925 8.35 -18.48 -50.15
CA TRP A 925 8.25 -19.43 -51.24
C TRP A 925 7.19 -19.01 -52.24
N MET A 926 6.23 -18.23 -51.80
CA MET A 926 5.20 -17.79 -52.74
C MET A 926 5.85 -16.80 -53.69
N SER A 927 6.68 -15.91 -53.14
CA SER A 927 7.33 -14.91 -53.96
C SER A 927 8.25 -15.58 -54.98
N GLU A 928 8.83 -16.72 -54.59
CA GLU A 928 9.71 -17.43 -55.49
C GLU A 928 8.91 -18.06 -56.62
N VAL A 929 7.74 -18.61 -56.30
CA VAL A 929 6.91 -19.20 -57.34
C VAL A 929 6.64 -18.14 -58.41
N ALA A 930 6.30 -16.92 -58.01
CA ALA A 930 6.03 -15.85 -58.98
C ALA A 930 7.21 -15.59 -59.90
N VAL A 931 8.41 -15.48 -59.33
CA VAL A 931 9.63 -15.23 -60.11
C VAL A 931 9.86 -16.36 -61.11
N THR A 932 9.92 -17.58 -60.59
CA THR A 932 10.12 -18.77 -61.38
C THR A 932 9.15 -18.83 -62.57
N CYS A 933 7.87 -18.57 -62.32
CA CYS A 933 6.86 -18.61 -63.37
C CYS A 933 6.96 -17.43 -64.31
N GLY A 934 7.57 -16.34 -63.86
CA GLY A 934 7.67 -15.17 -64.71
C GLY A 934 6.36 -14.43 -64.77
N LEU A 935 5.56 -14.58 -63.72
CA LEU A 935 4.27 -13.92 -63.66
C LEU A 935 4.22 -12.85 -62.57
N PRO A 936 3.37 -11.83 -62.75
CA PRO A 936 3.24 -10.74 -61.76
C PRO A 936 2.82 -11.39 -60.44
N ALA A 937 3.33 -10.88 -59.32
CA ALA A 937 3.03 -11.47 -58.03
C ALA A 937 1.56 -11.39 -57.60
N GLU A 938 0.93 -10.23 -57.75
CA GLU A 938 -0.47 -10.09 -57.32
C GLU A 938 -1.31 -11.15 -58.00
N GLU A 939 -0.99 -11.41 -59.26
CA GLU A 939 -1.69 -12.40 -60.07
C GLU A 939 -1.47 -13.82 -59.53
N VAL A 940 -0.22 -14.16 -59.28
CA VAL A 940 0.10 -15.47 -58.74
C VAL A 940 -0.67 -15.65 -57.43
N ARG A 941 -0.58 -14.64 -56.57
CA ARG A 941 -1.24 -14.67 -55.27
C ARG A 941 -2.75 -14.75 -55.34
N TRP A 942 -3.36 -13.83 -56.07
CA TRP A 942 -4.82 -13.81 -56.19
C TRP A 942 -5.45 -15.12 -56.66
N LYS A 943 -4.85 -15.75 -57.67
CA LYS A 943 -5.38 -17.00 -58.21
C LYS A 943 -5.24 -18.16 -57.23
N ASN A 944 -4.26 -18.05 -56.33
CA ASN A 944 -4.00 -19.08 -55.33
C ASN A 944 -4.80 -18.85 -54.05
N MET A 945 -5.49 -17.71 -54.00
CA MET A 945 -6.25 -17.35 -52.81
C MET A 945 -7.46 -18.20 -52.47
N TYR A 946 -7.67 -18.38 -51.16
CA TYR A 946 -8.80 -19.15 -50.65
C TYR A 946 -10.07 -18.52 -51.17
N LYS A 947 -11.15 -19.26 -51.03
CA LYS A 947 -12.45 -18.81 -51.50
C LYS A 947 -13.49 -19.09 -50.41
N GLU A 948 -14.46 -18.19 -50.30
CA GLU A 948 -15.52 -18.33 -49.32
C GLU A 948 -16.00 -19.77 -49.29
N GLY A 949 -15.81 -20.44 -48.16
CA GLY A 949 -16.24 -21.82 -48.03
C GLY A 949 -15.12 -22.82 -47.95
N ASP A 950 -13.98 -22.50 -48.56
CA ASP A 950 -12.85 -23.42 -48.56
C ASP A 950 -12.46 -23.87 -47.17
N LEU A 951 -11.69 -24.94 -47.10
CA LEU A 951 -11.23 -25.43 -45.83
C LEU A 951 -9.75 -25.14 -45.74
N THR A 952 -9.28 -24.83 -44.53
CA THR A 952 -7.87 -24.57 -44.33
C THR A 952 -7.20 -25.93 -44.46
N HIS A 953 -5.89 -25.99 -44.26
CA HIS A 953 -5.23 -27.26 -44.35
C HIS A 953 -5.57 -28.06 -43.11
N PHE A 954 -5.99 -27.34 -42.06
CA PHE A 954 -6.39 -28.00 -40.82
C PHE A 954 -7.91 -28.18 -40.81
N ASN A 955 -8.47 -28.16 -42.01
CA ASN A 955 -9.90 -28.36 -42.25
C ASN A 955 -10.85 -27.53 -41.41
N GLN A 956 -10.99 -26.26 -41.76
CA GLN A 956 -11.91 -25.41 -41.06
C GLN A 956 -12.44 -24.45 -42.08
N ARG A 957 -13.77 -24.32 -42.14
CA ARG A 957 -14.40 -23.44 -43.11
C ARG A 957 -14.09 -21.98 -42.90
N LEU A 958 -13.81 -21.28 -44.00
CA LEU A 958 -13.52 -19.88 -43.94
C LEU A 958 -14.80 -19.13 -44.26
N GLU A 959 -15.62 -18.92 -43.23
CA GLU A 959 -16.87 -18.21 -43.38
C GLU A 959 -16.63 -16.72 -43.23
N GLY A 960 -17.22 -15.93 -44.12
CA GLY A 960 -17.01 -14.50 -44.05
C GLY A 960 -15.56 -14.19 -44.40
N PHE A 961 -15.03 -14.90 -45.40
CA PHE A 961 -13.66 -14.71 -45.88
C PHE A 961 -13.66 -13.38 -46.63
N SER A 962 -13.03 -12.36 -46.08
CA SER A 962 -13.06 -11.05 -46.70
C SER A 962 -11.76 -10.54 -47.32
N VAL A 963 -10.74 -11.40 -47.34
CA VAL A 963 -9.46 -11.02 -47.93
C VAL A 963 -9.71 -10.48 -49.35
N PRO A 964 -10.62 -11.11 -50.11
CA PRO A 964 -10.89 -10.63 -51.46
C PRO A 964 -11.26 -9.15 -51.51
N ARG A 965 -12.21 -8.73 -50.68
CA ARG A 965 -12.65 -7.34 -50.62
C ARG A 965 -11.51 -6.42 -50.17
N CYS A 966 -10.71 -6.91 -49.23
CA CYS A 966 -9.58 -6.15 -48.72
C CYS A 966 -8.56 -6.00 -49.83
N TRP A 967 -8.38 -7.08 -50.58
CA TRP A 967 -7.45 -7.14 -51.70
C TRP A 967 -7.82 -6.15 -52.80
N ASP A 968 -9.08 -6.20 -53.23
CA ASP A 968 -9.56 -5.32 -54.28
C ASP A 968 -9.52 -3.85 -53.86
N GLU A 969 -10.07 -3.58 -52.69
CA GLU A 969 -10.09 -2.21 -52.20
C GLU A 969 -8.68 -1.67 -52.02
N CYS A 970 -7.77 -2.48 -51.48
CA CYS A 970 -6.40 -2.03 -51.28
C CYS A 970 -5.72 -1.72 -52.63
N LEU A 971 -5.83 -2.65 -53.58
CA LEU A 971 -5.25 -2.46 -54.92
C LEU A 971 -5.75 -1.16 -55.52
N LYS A 972 -7.04 -0.90 -55.38
CA LYS A 972 -7.63 0.29 -55.94
C LYS A 972 -7.22 1.61 -55.28
N SER A 973 -7.35 1.70 -53.95
CA SER A 973 -7.01 2.95 -53.26
C SER A 973 -5.52 3.22 -53.20
N SER A 974 -4.72 2.15 -53.28
CA SER A 974 -3.28 2.31 -53.25
C SER A 974 -2.76 2.69 -54.64
N GLN A 975 -3.60 2.48 -55.65
CA GLN A 975 -3.27 2.77 -57.04
C GLN A 975 -2.11 1.88 -57.47
N TYR A 976 -2.04 0.72 -56.84
CA TYR A 976 -1.01 -0.28 -57.11
C TYR A 976 -0.55 -0.35 -58.57
N TYR A 977 -1.48 -0.67 -59.47
CA TYR A 977 -1.16 -0.81 -60.89
C TYR A 977 -0.53 0.44 -61.51
N ALA A 978 -1.13 1.60 -61.27
CA ALA A 978 -0.58 2.82 -61.80
C ALA A 978 0.81 3.08 -61.21
N ARG A 979 1.00 2.70 -59.95
CA ARG A 979 2.28 2.91 -59.30
C ARG A 979 3.34 1.90 -59.72
N LYS A 980 2.95 0.68 -60.04
CA LYS A 980 3.95 -0.31 -60.44
C LYS A 980 4.73 0.19 -61.68
N SER A 981 4.02 0.88 -62.58
CA SER A 981 4.64 1.45 -63.77
C SER A 981 5.65 2.44 -63.27
N GLU A 982 5.15 3.40 -62.49
CA GLU A 982 5.98 4.44 -61.86
C GLU A 982 7.29 3.83 -61.34
N VAL A 983 7.17 2.69 -60.64
CA VAL A 983 8.32 2.01 -60.06
C VAL A 983 9.36 1.55 -61.07
N ASP A 984 8.90 0.98 -62.17
CA ASP A 984 9.79 0.50 -63.20
C ASP A 984 10.46 1.62 -63.97
N LYS A 985 9.74 2.72 -64.14
CA LYS A 985 10.31 3.87 -64.84
C LYS A 985 11.50 4.33 -64.01
N PHE A 986 11.29 4.44 -62.71
CA PHE A 986 12.33 4.85 -61.77
C PHE A 986 13.53 3.93 -61.91
N ASN A 987 13.27 2.62 -61.86
CA ASN A 987 14.33 1.64 -61.97
C ASN A 987 15.12 1.76 -63.27
N LYS A 988 14.45 2.25 -64.31
CA LYS A 988 15.09 2.42 -65.60
C LYS A 988 15.97 3.65 -65.59
N GLU A 989 15.45 4.75 -65.04
CA GLU A 989 16.18 6.01 -64.99
C GLU A 989 17.19 6.13 -63.84
N ASN A 990 17.26 5.10 -63.00
CA ASN A 990 18.16 5.10 -61.84
C ASN A 990 19.10 3.90 -61.74
N CYS A 991 20.37 4.21 -61.58
CA CYS A 991 21.41 3.20 -61.53
C CYS A 991 21.83 2.74 -60.12
N TRP A 992 21.91 3.66 -59.18
CA TRP A 992 22.36 3.31 -57.83
C TRP A 992 21.31 3.37 -56.75
N LYS A 993 20.05 3.37 -57.17
CA LYS A 993 18.91 3.39 -56.26
C LYS A 993 17.76 2.73 -56.97
N LYS A 994 17.09 1.81 -56.29
CA LYS A 994 15.94 1.11 -56.89
C LYS A 994 14.70 1.23 -56.01
N ARG A 995 13.54 0.95 -56.59
CA ARG A 995 12.31 1.00 -55.82
C ARG A 995 11.54 -0.29 -55.91
N GLY A 996 10.97 -0.70 -54.77
CA GLY A 996 10.21 -1.93 -54.72
C GLY A 996 8.75 -1.67 -54.42
N LEU A 997 7.88 -2.55 -54.86
CA LEU A 997 6.46 -2.40 -54.60
C LEU A 997 5.88 -3.81 -54.45
N CYS A 998 5.27 -4.08 -53.31
CA CYS A 998 4.69 -5.40 -53.08
C CYS A 998 3.35 -5.31 -52.36
N ILE A 999 2.47 -6.28 -52.58
CA ILE A 999 1.16 -6.27 -51.93
C ILE A 999 0.91 -7.64 -51.29
N ILE A 1000 0.80 -7.64 -49.97
CA ILE A 1000 0.62 -8.86 -49.18
C ILE A 1000 -0.72 -8.90 -48.44
N PRO A 1001 -1.32 -10.09 -48.32
CA PRO A 1001 -2.60 -10.26 -47.62
C PRO A 1001 -2.24 -11.03 -46.34
N THR A 1002 -3.25 -11.33 -45.50
CA THR A 1002 -3.02 -12.11 -44.28
C THR A 1002 -4.33 -12.49 -43.63
N LYS A 1003 -4.30 -13.55 -42.84
CA LYS A 1003 -5.47 -14.00 -42.10
C LYS A 1003 -4.91 -14.50 -40.79
N PHE A 1004 -5.58 -14.16 -39.69
CA PHE A 1004 -5.12 -14.57 -38.37
C PHE A 1004 -6.20 -15.36 -37.65
N GLY A 1005 -5.81 -16.50 -37.08
CA GLY A 1005 -6.75 -17.32 -36.35
C GLY A 1005 -7.04 -16.74 -34.98
N ILE A 1006 -8.29 -16.38 -34.74
CA ILE A 1006 -8.73 -15.80 -33.47
C ILE A 1006 -9.21 -16.82 -32.44
N SER A 1007 -8.51 -16.88 -31.30
CA SER A 1007 -8.78 -17.77 -30.16
C SER A 1007 -7.50 -18.36 -29.60
N PHE A 1008 -7.51 -18.74 -28.33
CA PHE A 1008 -6.32 -19.37 -27.78
C PHE A 1008 -6.34 -20.76 -28.40
N THR A 1009 -5.17 -21.34 -28.68
CA THR A 1009 -5.13 -22.68 -29.26
C THR A 1009 -5.33 -23.72 -28.18
N VAL A 1010 -5.34 -23.28 -26.93
CA VAL A 1010 -5.65 -24.16 -25.79
C VAL A 1010 -7.12 -23.79 -25.53
N PRO A 1011 -8.03 -24.73 -25.74
CA PRO A 1011 -9.46 -24.50 -25.53
C PRO A 1011 -9.92 -24.00 -24.15
N PHE A 1012 -9.33 -24.53 -23.08
CA PHE A 1012 -9.78 -24.11 -21.76
C PHE A 1012 -9.46 -22.68 -21.35
N LEU A 1013 -8.65 -21.99 -22.14
CA LEU A 1013 -8.29 -20.61 -21.82
C LEU A 1013 -9.29 -19.62 -22.38
N ASN A 1014 -10.21 -20.09 -23.21
CA ASN A 1014 -11.19 -19.21 -23.81
C ASN A 1014 -12.41 -18.97 -22.92
N GLN A 1015 -12.12 -18.43 -21.74
CA GLN A 1015 -13.11 -18.12 -20.72
C GLN A 1015 -12.75 -16.76 -20.10
N ALA A 1016 -13.76 -16.01 -19.68
CA ALA A 1016 -13.52 -14.70 -19.10
C ALA A 1016 -14.55 -14.31 -18.05
N GLY A 1017 -14.08 -13.70 -16.97
CA GLY A 1017 -14.98 -13.28 -15.92
C GLY A 1017 -15.03 -11.77 -15.75
N ALA A 1018 -16.07 -11.29 -15.09
CA ALA A 1018 -16.26 -9.87 -14.84
C ALA A 1018 -17.10 -9.68 -13.58
N LEU A 1019 -16.79 -8.67 -12.78
CA LEU A 1019 -17.53 -8.37 -11.58
C LEU A 1019 -17.97 -6.92 -11.72
N ILE A 1020 -19.26 -6.67 -11.57
CA ILE A 1020 -19.80 -5.31 -11.68
C ILE A 1020 -20.63 -4.93 -10.46
N HIS A 1021 -20.30 -3.78 -9.89
CA HIS A 1021 -20.99 -3.25 -8.73
C HIS A 1021 -21.61 -1.92 -9.12
N VAL A 1022 -22.80 -1.65 -8.64
CA VAL A 1022 -23.41 -0.35 -8.88
C VAL A 1022 -23.60 0.23 -7.49
N TYR A 1023 -22.95 1.35 -7.23
CA TYR A 1023 -23.08 1.95 -5.92
C TYR A 1023 -24.36 2.77 -5.84
N THR A 1024 -24.79 3.06 -4.62
CA THR A 1024 -26.02 3.82 -4.37
C THR A 1024 -26.10 5.21 -5.00
N ASP A 1025 -24.99 5.75 -5.51
CA ASP A 1025 -25.04 7.07 -6.14
C ASP A 1025 -25.25 6.88 -7.63
N GLY A 1026 -25.32 5.62 -8.05
CA GLY A 1026 -25.51 5.30 -9.44
C GLY A 1026 -24.23 5.00 -10.19
N SER A 1027 -23.09 5.38 -9.61
CA SER A 1027 -21.79 5.13 -10.23
C SER A 1027 -21.50 3.64 -10.26
N VAL A 1028 -21.00 3.19 -11.41
CA VAL A 1028 -20.69 1.78 -11.62
C VAL A 1028 -19.17 1.52 -11.59
N LEU A 1029 -18.80 0.34 -11.08
CA LEU A 1029 -17.40 -0.06 -11.02
C LEU A 1029 -17.28 -1.44 -11.64
N VAL A 1030 -16.59 -1.49 -12.77
CA VAL A 1030 -16.39 -2.73 -13.50
C VAL A 1030 -14.99 -3.31 -13.26
N SER A 1031 -14.93 -4.63 -13.20
CA SER A 1031 -13.68 -5.36 -13.00
C SER A 1031 -13.75 -6.63 -13.84
N HIS A 1032 -12.78 -6.85 -14.71
CA HIS A 1032 -12.74 -8.06 -15.51
C HIS A 1032 -11.36 -8.67 -15.35
N GLY A 1033 -11.19 -9.87 -15.89
CA GLY A 1033 -9.91 -10.54 -15.77
C GLY A 1033 -8.83 -10.00 -16.68
N GLY A 1034 -9.21 -9.10 -17.58
CA GLY A 1034 -8.26 -8.53 -18.51
C GLY A 1034 -7.43 -7.38 -17.96
N THR A 1035 -6.19 -7.26 -18.43
CA THR A 1035 -5.29 -6.20 -17.99
C THR A 1035 -5.04 -5.20 -19.09
N GLU A 1036 -4.66 -3.98 -18.74
CA GLU A 1036 -4.38 -2.94 -19.71
C GLU A 1036 -2.88 -2.76 -19.95
N MET A 1037 -2.49 -2.64 -21.23
CA MET A 1037 -1.10 -2.43 -21.60
C MET A 1037 -0.96 -1.39 -22.72
N GLY A 1038 -2.05 -0.70 -23.02
CA GLY A 1038 -2.04 0.32 -24.06
C GLY A 1038 -2.94 0.02 -25.23
N GLN A 1039 -3.50 -1.19 -25.26
CA GLN A 1039 -4.39 -1.63 -26.33
C GLN A 1039 -5.77 -1.00 -26.22
N GLY A 1040 -6.10 -0.49 -25.04
CA GLY A 1040 -7.39 0.14 -24.84
C GLY A 1040 -8.49 -0.81 -24.43
N LEU A 1041 -8.13 -1.87 -23.71
CA LEU A 1041 -9.11 -2.83 -23.24
C LEU A 1041 -10.13 -2.19 -22.29
N HIS A 1042 -9.65 -1.49 -21.26
CA HIS A 1042 -10.55 -0.88 -20.32
C HIS A 1042 -11.41 0.18 -20.96
N THR A 1043 -10.90 0.83 -22.00
CA THR A 1043 -11.72 1.84 -22.65
C THR A 1043 -12.85 1.10 -23.35
N LYS A 1044 -12.50 0.09 -24.14
CA LYS A 1044 -13.51 -0.70 -24.84
C LYS A 1044 -14.54 -1.30 -23.90
N MET A 1045 -14.10 -1.82 -22.76
CA MET A 1045 -15.01 -2.42 -21.79
C MET A 1045 -16.00 -1.38 -21.19
N VAL A 1046 -15.54 -0.15 -21.03
CA VAL A 1046 -16.41 0.89 -20.52
C VAL A 1046 -17.47 1.19 -21.57
N GLN A 1047 -17.04 1.28 -22.83
CA GLN A 1047 -17.93 1.54 -23.95
C GLN A 1047 -19.03 0.49 -24.05
N VAL A 1048 -18.65 -0.77 -23.82
CA VAL A 1048 -19.58 -1.89 -23.89
C VAL A 1048 -20.60 -1.80 -22.77
N ALA A 1049 -20.13 -1.56 -21.55
CA ALA A 1049 -21.02 -1.45 -20.41
C ALA A 1049 -21.97 -0.26 -20.55
N SER A 1050 -21.47 0.85 -21.12
CA SER A 1050 -22.28 2.05 -21.34
C SER A 1050 -23.38 1.82 -22.38
N LYS A 1051 -23.13 0.94 -23.33
CA LYS A 1051 -24.13 0.64 -24.34
C LYS A 1051 -25.08 -0.35 -23.71
N ALA A 1052 -24.50 -1.34 -23.07
CA ALA A 1052 -25.25 -2.38 -22.40
C ALA A 1052 -26.24 -1.82 -21.39
N LEU A 1053 -25.75 -0.99 -20.47
CA LEU A 1053 -26.59 -0.41 -19.43
C LEU A 1053 -27.39 0.79 -19.91
N LYS A 1054 -26.97 1.37 -21.02
CA LYS A 1054 -27.65 2.53 -21.59
C LYS A 1054 -27.54 3.74 -20.68
N ILE A 1055 -26.32 4.01 -20.23
CA ILE A 1055 -26.02 5.15 -19.38
C ILE A 1055 -24.72 5.77 -19.93
N PRO A 1056 -24.45 7.04 -19.61
CA PRO A 1056 -23.21 7.66 -20.14
C PRO A 1056 -22.00 6.90 -19.61
N ILE A 1057 -20.88 6.97 -20.33
CA ILE A 1057 -19.67 6.27 -19.90
C ILE A 1057 -19.15 6.91 -18.61
N SER A 1058 -19.44 8.19 -18.44
CA SER A 1058 -19.00 8.94 -17.26
C SER A 1058 -19.40 8.29 -15.95
N LYS A 1059 -20.50 7.55 -15.95
CA LYS A 1059 -20.96 6.90 -14.74
C LYS A 1059 -20.31 5.53 -14.54
N ILE A 1060 -19.42 5.15 -15.46
CA ILE A 1060 -18.73 3.88 -15.37
C ILE A 1060 -17.25 4.10 -15.17
N TYR A 1061 -16.62 3.18 -14.45
CA TYR A 1061 -15.19 3.28 -14.18
C TYR A 1061 -14.53 1.93 -13.99
N ILE A 1062 -13.32 1.78 -14.51
CA ILE A 1062 -12.54 0.56 -14.31
C ILE A 1062 -11.24 1.03 -13.69
N SER A 1063 -10.96 0.53 -12.48
CA SER A 1063 -9.76 0.94 -11.76
C SER A 1063 -8.55 0.05 -11.99
N GLU A 1064 -8.78 -1.26 -12.06
CA GLU A 1064 -7.67 -2.18 -12.23
C GLU A 1064 -8.09 -3.63 -12.38
N THR A 1065 -7.08 -4.49 -12.35
CA THR A 1065 -7.24 -5.92 -12.49
C THR A 1065 -6.66 -6.54 -11.22
N SER A 1066 -7.39 -7.43 -10.58
CA SER A 1066 -6.94 -8.08 -9.35
C SER A 1066 -7.49 -9.50 -9.18
N THR A 1067 -6.66 -10.37 -8.64
CA THR A 1067 -7.01 -11.76 -8.44
C THR A 1067 -8.13 -12.04 -7.45
N ASN A 1068 -8.53 -11.03 -6.70
CA ASN A 1068 -9.59 -11.23 -5.71
C ASN A 1068 -10.96 -10.74 -6.14
N THR A 1069 -11.03 -10.13 -7.33
CA THR A 1069 -12.30 -9.67 -7.86
C THR A 1069 -12.76 -10.65 -8.94
N VAL A 1070 -11.82 -11.13 -9.74
CA VAL A 1070 -12.07 -12.09 -10.82
C VAL A 1070 -10.93 -13.09 -10.77
N PRO A 1071 -11.18 -14.29 -10.22
CA PRO A 1071 -10.16 -15.32 -10.12
C PRO A 1071 -9.90 -16.10 -11.40
N ASN A 1072 -8.97 -17.03 -11.32
CA ASN A 1072 -8.58 -17.93 -12.41
C ASN A 1072 -8.71 -17.39 -13.83
N SER A 1073 -8.13 -16.22 -14.08
CA SER A 1073 -8.21 -15.63 -15.39
C SER A 1073 -7.07 -16.03 -16.33
N SER A 1074 -7.40 -16.14 -17.60
CA SER A 1074 -6.43 -16.51 -18.60
C SER A 1074 -5.65 -15.24 -18.85
N PRO A 1075 -4.40 -15.37 -19.31
CA PRO A 1075 -3.58 -14.18 -19.57
C PRO A 1075 -4.24 -13.27 -20.61
N THR A 1076 -3.91 -11.99 -20.57
CA THR A 1076 -4.47 -11.05 -21.51
C THR A 1076 -3.66 -11.24 -22.78
N ALA A 1077 -4.12 -12.18 -23.61
CA ALA A 1077 -3.41 -12.53 -24.83
C ALA A 1077 -4.35 -13.07 -25.92
N ALA A 1078 -3.74 -13.57 -27.00
CA ALA A 1078 -4.44 -14.14 -28.14
C ALA A 1078 -5.41 -13.18 -28.83
N SER A 1079 -5.30 -11.90 -28.50
CA SER A 1079 -6.15 -10.87 -29.10
C SER A 1079 -7.65 -11.01 -28.83
N VAL A 1080 -8.04 -11.98 -28.00
CA VAL A 1080 -9.46 -12.20 -27.71
C VAL A 1080 -10.01 -11.48 -26.49
N SER A 1081 -9.12 -10.86 -25.73
CA SER A 1081 -9.52 -10.15 -24.53
C SER A 1081 -10.76 -9.26 -24.70
N THR A 1082 -10.84 -8.49 -25.78
CA THR A 1082 -12.02 -7.65 -26.01
C THR A 1082 -13.22 -8.57 -26.27
N ASP A 1083 -13.02 -9.55 -27.14
CA ASP A 1083 -14.08 -10.49 -27.51
C ASP A 1083 -14.69 -11.18 -26.32
N ILE A 1084 -13.83 -11.73 -25.46
CA ILE A 1084 -14.29 -12.48 -24.29
C ILE A 1084 -14.61 -11.68 -23.03
N TYR A 1085 -13.81 -10.67 -22.69
CA TYR A 1085 -14.13 -9.90 -21.50
C TYR A 1085 -15.36 -9.04 -21.76
N GLY A 1086 -15.47 -8.52 -22.98
CA GLY A 1086 -16.63 -7.71 -23.32
C GLY A 1086 -17.93 -8.48 -23.23
N GLN A 1087 -17.84 -9.79 -23.50
CA GLN A 1087 -19.02 -10.65 -23.45
C GLN A 1087 -19.34 -10.87 -21.97
N ALA A 1088 -18.30 -11.05 -21.15
CA ALA A 1088 -18.46 -11.26 -19.71
C ALA A 1088 -19.04 -10.03 -19.03
N VAL A 1089 -18.55 -8.86 -19.42
CA VAL A 1089 -19.05 -7.59 -18.88
C VAL A 1089 -20.51 -7.46 -19.29
N TYR A 1090 -20.75 -7.61 -20.58
CA TYR A 1090 -22.07 -7.55 -21.17
C TYR A 1090 -23.04 -8.39 -20.34
N GLU A 1091 -22.71 -9.67 -20.13
CA GLU A 1091 -23.59 -10.54 -19.36
C GLU A 1091 -23.91 -9.94 -18.01
N ALA A 1092 -22.88 -9.44 -17.33
CA ALA A 1092 -23.06 -8.84 -16.02
C ALA A 1092 -24.09 -7.72 -16.14
N CYS A 1093 -23.89 -6.82 -17.09
CA CYS A 1093 -24.82 -5.70 -17.29
C CYS A 1093 -26.26 -6.15 -17.43
N GLN A 1094 -26.44 -7.31 -18.07
CA GLN A 1094 -27.78 -7.84 -18.29
C GLN A 1094 -28.42 -8.22 -16.95
N THR A 1095 -27.68 -8.98 -16.13
CA THR A 1095 -28.20 -9.37 -14.82
C THR A 1095 -28.64 -8.10 -14.09
N ILE A 1096 -27.79 -7.09 -14.15
CA ILE A 1096 -28.10 -5.81 -13.52
C ILE A 1096 -29.41 -5.23 -14.07
N LEU A 1097 -29.51 -5.11 -15.39
CA LEU A 1097 -30.71 -4.56 -16.04
C LEU A 1097 -31.96 -5.34 -15.69
N LYS A 1098 -31.79 -6.65 -15.52
CA LYS A 1098 -32.91 -7.53 -15.19
C LYS A 1098 -33.40 -7.25 -13.78
N ARG A 1099 -32.45 -7.16 -12.83
CA ARG A 1099 -32.77 -6.87 -11.43
C ARG A 1099 -33.43 -5.50 -11.28
N LEU A 1100 -32.99 -4.53 -12.08
CA LEU A 1100 -33.53 -3.18 -12.01
C LEU A 1100 -34.84 -2.94 -12.75
N GLU A 1101 -35.26 -3.91 -13.55
CA GLU A 1101 -36.50 -3.76 -14.33
C GLU A 1101 -37.73 -3.40 -13.53
N PRO A 1102 -38.10 -4.25 -12.55
CA PRO A 1102 -39.29 -3.99 -11.74
C PRO A 1102 -39.39 -2.54 -11.33
N PHE A 1103 -38.23 -1.91 -11.11
CA PHE A 1103 -38.19 -0.52 -10.68
C PHE A 1103 -38.31 0.46 -11.81
N LYS A 1104 -37.74 0.12 -12.96
CA LYS A 1104 -37.83 1.01 -14.12
C LYS A 1104 -39.32 1.07 -14.50
N LYS A 1105 -39.99 -0.08 -14.39
CA LYS A 1105 -41.40 -0.15 -14.70
C LYS A 1105 -42.18 0.69 -13.71
N LYS A 1106 -42.06 0.38 -12.41
CA LYS A 1106 -42.78 1.17 -11.40
C LYS A 1106 -42.54 2.67 -11.58
N ASN A 1107 -41.43 3.07 -12.18
CA ASN A 1107 -41.14 4.50 -12.35
C ASN A 1107 -40.47 4.86 -13.69
N PRO A 1108 -41.19 4.67 -14.81
CA PRO A 1108 -40.73 4.94 -16.17
C PRO A 1108 -40.06 6.29 -16.36
N ASP A 1109 -40.68 7.35 -15.83
CA ASP A 1109 -40.08 8.67 -15.99
C ASP A 1109 -38.84 8.93 -15.11
N GLY A 1110 -38.52 7.98 -14.22
CA GLY A 1110 -37.37 8.16 -13.34
C GLY A 1110 -35.99 8.12 -13.99
N SER A 1111 -34.96 8.48 -13.21
CA SER A 1111 -33.59 8.47 -13.71
C SER A 1111 -32.93 7.15 -13.33
N TRP A 1112 -31.69 6.96 -13.81
CA TRP A 1112 -30.92 5.75 -13.51
C TRP A 1112 -30.70 5.73 -11.99
N GLU A 1113 -30.37 6.91 -11.45
CA GLU A 1113 -30.12 7.05 -10.03
C GLU A 1113 -31.37 6.68 -9.23
N ASP A 1114 -32.54 7.10 -9.69
CA ASP A 1114 -33.78 6.78 -8.99
C ASP A 1114 -33.95 5.28 -8.87
N TRP A 1115 -33.85 4.58 -9.99
CA TRP A 1115 -34.01 3.13 -9.98
C TRP A 1115 -32.99 2.40 -9.12
N VAL A 1116 -31.73 2.80 -9.20
CA VAL A 1116 -30.69 2.15 -8.40
C VAL A 1116 -31.02 2.26 -6.92
N MET A 1117 -31.31 3.48 -6.49
CA MET A 1117 -31.65 3.74 -5.10
C MET A 1117 -32.87 2.93 -4.67
N ALA A 1118 -33.88 2.89 -5.54
CA ALA A 1118 -35.10 2.14 -5.27
C ALA A 1118 -34.80 0.66 -5.08
N ALA A 1119 -33.83 0.16 -5.86
CA ALA A 1119 -33.45 -1.23 -5.78
C ALA A 1119 -32.68 -1.50 -4.50
N TYR A 1120 -31.87 -0.52 -4.08
CA TYR A 1120 -31.10 -0.65 -2.84
C TYR A 1120 -32.05 -0.74 -1.67
N GLN A 1121 -33.01 0.18 -1.66
CA GLN A 1121 -34.04 0.27 -0.63
C GLN A 1121 -34.82 -1.03 -0.55
N ASP A 1122 -35.20 -1.57 -1.69
CA ASP A 1122 -35.97 -2.80 -1.70
C ASP A 1122 -35.07 -4.01 -1.44
N ARG A 1123 -33.86 -3.75 -0.98
CA ARG A 1123 -32.87 -4.78 -0.69
C ARG A 1123 -32.64 -5.75 -1.84
N VAL A 1124 -32.39 -5.18 -3.02
CA VAL A 1124 -32.09 -5.95 -4.23
C VAL A 1124 -30.59 -5.76 -4.47
N SER A 1125 -29.86 -6.87 -4.62
CA SER A 1125 -28.43 -6.80 -4.86
C SER A 1125 -28.00 -6.07 -6.14
N LEU A 1126 -27.04 -5.16 -6.00
CA LEU A 1126 -26.54 -4.42 -7.14
C LEU A 1126 -25.13 -4.88 -7.54
N SER A 1127 -24.83 -6.17 -7.28
CA SER A 1127 -23.54 -6.75 -7.60
C SER A 1127 -23.66 -8.14 -8.22
N THR A 1128 -23.12 -8.29 -9.43
CA THR A 1128 -23.18 -9.57 -10.08
C THR A 1128 -21.93 -9.91 -10.86
N THR A 1129 -21.80 -11.18 -11.21
CA THR A 1129 -20.67 -11.62 -11.99
C THR A 1129 -21.14 -11.79 -13.44
N GLY A 1130 -20.16 -11.90 -14.32
CA GLY A 1130 -20.40 -12.10 -15.73
C GLY A 1130 -19.38 -13.15 -16.13
N PHE A 1131 -19.70 -13.97 -17.12
CA PHE A 1131 -18.77 -14.99 -17.53
C PHE A 1131 -19.01 -15.32 -18.98
N TYR A 1132 -18.00 -15.86 -19.64
CA TYR A 1132 -18.11 -16.26 -21.04
C TYR A 1132 -17.20 -17.42 -21.36
N ARG A 1133 -17.69 -18.30 -22.23
CA ARG A 1133 -16.95 -19.48 -22.66
C ARG A 1133 -17.14 -19.48 -24.17
N THR A 1134 -16.05 -19.46 -24.93
CA THR A 1134 -16.18 -19.43 -26.38
C THR A 1134 -16.64 -20.80 -26.88
N PRO A 1135 -17.76 -20.80 -27.62
CA PRO A 1135 -18.36 -22.01 -28.17
C PRO A 1135 -17.62 -22.71 -29.32
N ASN A 1136 -17.89 -24.01 -29.42
CA ASN A 1136 -17.34 -24.87 -30.46
C ASN A 1136 -15.86 -24.78 -30.78
N LEU A 1137 -15.02 -24.99 -29.76
CA LEU A 1137 -13.59 -24.97 -29.99
C LEU A 1137 -12.99 -26.29 -29.55
N GLY A 1138 -11.93 -26.69 -30.26
CA GLY A 1138 -11.24 -27.94 -29.95
C GLY A 1138 -10.77 -28.67 -31.21
N TYR A 1139 -9.54 -28.38 -31.63
CA TYR A 1139 -8.94 -29.00 -32.81
C TYR A 1139 -8.01 -30.10 -32.34
N SER A 1140 -7.88 -31.14 -33.15
CA SER A 1140 -6.98 -32.23 -32.81
C SER A 1140 -5.98 -32.42 -33.95
N PHE A 1141 -4.70 -32.47 -33.59
CA PHE A 1141 -3.68 -32.66 -34.60
C PHE A 1141 -3.72 -34.14 -34.98
N GLU A 1142 -4.36 -34.95 -34.12
CA GLU A 1142 -4.47 -36.39 -34.33
C GLU A 1142 -5.38 -36.73 -35.50
N THR A 1143 -6.43 -35.93 -35.68
CA THR A 1143 -7.40 -36.19 -36.72
C THR A 1143 -7.61 -34.99 -37.62
N ASN A 1144 -6.70 -34.02 -37.53
CA ASN A 1144 -6.82 -32.79 -38.31
C ASN A 1144 -8.28 -32.38 -38.44
N SER A 1145 -8.98 -32.26 -37.31
CA SER A 1145 -10.38 -31.85 -37.30
C SER A 1145 -10.72 -31.05 -36.05
N GLY A 1146 -11.87 -30.40 -36.09
CA GLY A 1146 -12.31 -29.59 -34.96
C GLY A 1146 -11.85 -28.16 -35.12
N ASN A 1147 -12.74 -27.21 -34.82
CA ASN A 1147 -12.38 -25.80 -34.93
C ASN A 1147 -11.21 -25.47 -34.01
N ALA A 1148 -10.30 -24.63 -34.50
CA ALA A 1148 -9.14 -24.23 -33.73
C ALA A 1148 -9.36 -22.78 -33.36
N PHE A 1149 -10.07 -22.08 -34.24
CA PHE A 1149 -10.36 -20.68 -34.02
C PHE A 1149 -11.85 -20.42 -34.11
N HIS A 1150 -12.30 -19.35 -33.46
CA HIS A 1150 -13.70 -18.97 -33.49
C HIS A 1150 -13.97 -18.26 -34.83
N TYR A 1151 -12.96 -17.57 -35.36
CA TYR A 1151 -13.06 -16.89 -36.65
C TYR A 1151 -11.69 -16.33 -37.07
N PHE A 1152 -11.64 -15.63 -38.20
CA PHE A 1152 -10.37 -15.06 -38.66
C PHE A 1152 -10.42 -13.56 -38.93
N THR A 1153 -9.33 -12.87 -38.62
CA THR A 1153 -9.24 -11.44 -38.89
C THR A 1153 -8.40 -11.37 -40.16
N TYR A 1154 -8.84 -10.55 -41.11
CA TYR A 1154 -8.16 -10.43 -42.37
C TYR A 1154 -7.64 -9.04 -42.65
N GLY A 1155 -6.72 -8.94 -43.59
CA GLY A 1155 -6.16 -7.65 -43.94
C GLY A 1155 -5.16 -7.71 -45.07
N VAL A 1156 -5.03 -6.60 -45.79
CA VAL A 1156 -4.10 -6.50 -46.90
C VAL A 1156 -3.29 -5.22 -46.78
N ALA A 1157 -2.00 -5.31 -47.12
CA ALA A 1157 -1.10 -4.15 -47.06
C ALA A 1157 -0.27 -4.03 -48.34
N CYS A 1158 -0.10 -2.78 -48.80
CA CYS A 1158 0.67 -2.50 -49.99
C CYS A 1158 1.75 -1.46 -49.69
N SER A 1159 3.01 -1.87 -49.76
CA SER A 1159 4.13 -0.99 -49.46
C SER A 1159 5.07 -0.75 -50.65
N GLU A 1160 5.76 0.40 -50.61
CA GLU A 1160 6.69 0.79 -51.65
C GLU A 1160 7.96 1.35 -51.00
N VAL A 1161 9.12 0.84 -51.39
CA VAL A 1161 10.35 1.37 -50.80
C VAL A 1161 11.30 1.85 -51.88
N GLU A 1162 12.40 2.45 -51.42
CA GLU A 1162 13.45 2.92 -52.29
C GLU A 1162 14.73 2.60 -51.53
N ILE A 1163 15.59 1.79 -52.13
CA ILE A 1163 16.84 1.44 -51.47
C ILE A 1163 18.00 2.17 -52.11
N ASP A 1164 19.09 2.28 -51.35
CA ASP A 1164 20.33 2.91 -51.81
C ASP A 1164 21.27 1.71 -51.94
N CYS A 1165 21.37 1.18 -53.15
CA CYS A 1165 22.20 0.02 -53.46
C CYS A 1165 23.67 0.18 -53.15
N LEU A 1166 24.05 1.34 -52.63
CA LEU A 1166 25.44 1.60 -52.31
C LEU A 1166 25.72 1.62 -50.81
N THR A 1167 24.67 1.76 -49.99
CA THR A 1167 24.85 1.80 -48.54
C THR A 1167 24.06 0.75 -47.79
N GLY A 1168 22.89 0.42 -48.31
CA GLY A 1168 22.05 -0.56 -47.67
C GLY A 1168 20.87 0.10 -47.00
N ASP A 1169 20.91 1.42 -46.91
CA ASP A 1169 19.81 2.15 -46.31
C ASP A 1169 18.63 2.18 -47.27
N HIS A 1170 17.45 2.50 -46.75
CA HIS A 1170 16.25 2.57 -47.57
C HIS A 1170 15.20 3.41 -46.88
N LYS A 1171 14.21 3.87 -47.63
CA LYS A 1171 13.14 4.64 -47.01
C LYS A 1171 11.79 4.09 -47.46
N ASN A 1172 10.85 4.00 -46.53
CA ASN A 1172 9.53 3.52 -46.89
C ASN A 1172 8.78 4.74 -47.42
N LEU A 1173 8.41 4.68 -48.69
CA LEU A 1173 7.71 5.77 -49.32
C LEU A 1173 6.23 5.83 -48.98
N ARG A 1174 5.56 4.70 -49.11
CA ARG A 1174 4.14 4.68 -48.86
C ARG A 1174 3.60 3.29 -48.60
N THR A 1175 2.65 3.21 -47.69
CA THR A 1175 2.02 1.94 -47.36
C THR A 1175 0.53 2.18 -47.32
N ASP A 1176 -0.23 1.18 -47.75
CA ASP A 1176 -1.67 1.27 -47.76
C ASP A 1176 -2.22 0.00 -47.11
N ILE A 1177 -3.02 0.16 -46.07
CA ILE A 1177 -3.58 -0.99 -45.38
C ILE A 1177 -5.11 -0.94 -45.37
N VAL A 1178 -5.72 -2.11 -45.53
CA VAL A 1178 -7.17 -2.28 -45.49
C VAL A 1178 -7.37 -3.46 -44.56
N MET A 1179 -7.93 -3.20 -43.40
CA MET A 1179 -8.13 -4.25 -42.43
C MET A 1179 -9.61 -4.54 -42.22
N ASP A 1180 -9.92 -5.79 -41.92
CA ASP A 1180 -11.28 -6.21 -41.68
C ASP A 1180 -11.45 -6.46 -40.19
N VAL A 1181 -11.85 -5.42 -39.46
CA VAL A 1181 -12.04 -5.54 -38.03
C VAL A 1181 -13.52 -5.80 -37.77
N GLY A 1182 -14.29 -5.92 -38.83
CA GLY A 1182 -15.72 -6.14 -38.70
C GLY A 1182 -16.33 -4.81 -38.30
N SER A 1183 -17.31 -4.85 -37.40
CA SER A 1183 -17.91 -3.62 -36.90
C SER A 1183 -17.02 -3.20 -35.72
N SER A 1184 -16.21 -2.17 -35.91
CA SER A 1184 -15.31 -1.74 -34.84
C SER A 1184 -15.98 -1.14 -33.60
N LEU A 1185 -15.46 -1.49 -32.43
CA LEU A 1185 -15.98 -0.96 -31.17
C LEU A 1185 -15.40 0.42 -30.97
N ASN A 1186 -14.20 0.62 -31.52
CA ASN A 1186 -13.51 1.90 -31.40
C ASN A 1186 -12.50 2.05 -32.56
N PRO A 1187 -12.90 2.69 -33.66
CA PRO A 1187 -11.99 2.87 -34.79
C PRO A 1187 -10.70 3.64 -34.49
N ALA A 1188 -10.61 4.29 -33.33
CA ALA A 1188 -9.40 5.02 -32.98
C ALA A 1188 -8.44 4.02 -32.35
N ILE A 1189 -8.96 3.17 -31.46
CA ILE A 1189 -8.12 2.15 -30.85
C ILE A 1189 -7.68 1.17 -31.97
N ASP A 1190 -8.64 0.72 -32.79
CA ASP A 1190 -8.34 -0.17 -33.91
C ASP A 1190 -7.93 0.75 -35.05
N ILE A 1191 -6.67 0.70 -35.43
CA ILE A 1191 -6.08 1.57 -36.47
C ILE A 1191 -4.81 1.98 -35.78
N GLY A 1192 -4.94 2.30 -34.49
CA GLY A 1192 -3.78 2.65 -33.72
C GLY A 1192 -3.15 1.30 -33.46
N GLN A 1193 -4.00 0.26 -33.43
CA GLN A 1193 -3.58 -1.11 -33.23
C GLN A 1193 -3.03 -1.65 -34.54
N VAL A 1194 -3.63 -1.20 -35.63
CA VAL A 1194 -3.18 -1.62 -36.94
C VAL A 1194 -1.86 -0.96 -37.25
N GLU A 1195 -1.77 0.34 -37.04
CA GLU A 1195 -0.53 1.07 -37.32
C GLU A 1195 0.59 0.63 -36.38
N GLY A 1196 0.23 0.33 -35.14
CA GLY A 1196 1.22 -0.09 -34.17
C GLY A 1196 1.80 -1.47 -34.41
N ALA A 1197 0.94 -2.42 -34.70
CA ALA A 1197 1.37 -3.79 -34.97
C ALA A 1197 2.17 -3.80 -36.27
N PHE A 1198 1.71 -3.00 -37.25
CA PHE A 1198 2.37 -2.90 -38.53
C PHE A 1198 3.81 -2.43 -38.38
N VAL A 1199 4.03 -1.42 -37.55
CA VAL A 1199 5.38 -0.89 -37.37
C VAL A 1199 6.28 -1.89 -36.64
N GLN A 1200 5.74 -2.65 -35.70
CA GLN A 1200 6.54 -3.66 -34.99
C GLN A 1200 6.85 -4.77 -35.98
N GLY A 1201 6.06 -4.85 -37.03
CA GLY A 1201 6.27 -5.85 -38.06
C GLY A 1201 7.43 -5.42 -38.94
N LEU A 1202 7.34 -4.23 -39.52
CA LEU A 1202 8.42 -3.75 -40.36
C LEU A 1202 9.69 -3.74 -39.53
N GLY A 1203 9.53 -3.66 -38.21
CA GLY A 1203 10.68 -3.67 -37.34
C GLY A 1203 11.32 -5.04 -37.33
N LEU A 1204 10.49 -6.08 -37.21
CA LEU A 1204 10.95 -7.47 -37.18
C LEU A 1204 11.60 -7.91 -38.49
N PHE A 1205 11.00 -7.51 -39.61
CA PHE A 1205 11.46 -7.90 -40.93
C PHE A 1205 12.57 -7.06 -41.56
N THR A 1206 12.80 -5.86 -41.06
CA THR A 1206 13.79 -4.99 -41.68
C THR A 1206 14.65 -4.12 -40.77
N LEU A 1207 14.65 -4.31 -39.46
CA LEU A 1207 15.44 -3.40 -38.63
C LEU A 1207 15.98 -3.96 -37.33
N GLU A 1208 15.13 -4.68 -36.62
CA GLU A 1208 15.51 -5.27 -35.35
C GLU A 1208 16.27 -6.58 -35.55
N GLU A 1209 17.43 -6.69 -34.92
CA GLU A 1209 18.27 -7.88 -35.03
C GLU A 1209 19.14 -8.07 -33.79
N LEU A 1210 19.09 -9.26 -33.21
CA LEU A 1210 19.90 -9.51 -32.02
C LEU A 1210 21.17 -10.25 -32.36
N HIS A 1211 22.25 -9.94 -31.66
CA HIS A 1211 23.52 -10.63 -31.90
C HIS A 1211 24.03 -11.28 -30.63
N TYR A 1212 24.58 -12.48 -30.78
CA TYR A 1212 25.13 -13.21 -29.64
C TYR A 1212 26.52 -13.71 -30.01
N SER A 1213 27.36 -13.90 -29.00
CA SER A 1213 28.70 -14.40 -29.24
C SER A 1213 28.48 -15.90 -29.46
N PRO A 1214 29.42 -16.58 -30.14
CA PRO A 1214 29.37 -18.01 -30.43
C PRO A 1214 29.03 -18.84 -29.21
N GLU A 1215 29.53 -18.40 -28.05
CA GLU A 1215 29.30 -19.09 -26.78
C GLU A 1215 27.98 -18.77 -26.08
N GLY A 1216 27.08 -18.07 -26.78
CA GLY A 1216 25.77 -17.74 -26.25
C GLY A 1216 25.52 -16.47 -25.45
N SER A 1217 26.41 -15.50 -25.56
CA SER A 1217 26.25 -14.25 -24.83
C SER A 1217 25.74 -13.13 -25.74
N LEU A 1218 24.56 -12.59 -25.40
CA LEU A 1218 23.96 -11.52 -26.19
C LEU A 1218 24.82 -10.26 -26.25
N HIS A 1219 24.89 -9.64 -27.43
CA HIS A 1219 25.68 -8.42 -27.63
C HIS A 1219 24.77 -7.19 -27.54
N THR A 1220 23.64 -7.24 -28.24
CA THR A 1220 22.70 -6.13 -28.29
C THR A 1220 21.81 -6.05 -27.04
N ARG A 1221 22.14 -5.13 -26.13
CA ARG A 1221 21.37 -5.02 -24.90
C ARG A 1221 20.82 -3.64 -24.55
N GLY A 1222 20.64 -2.79 -25.56
CA GLY A 1222 20.14 -1.45 -25.33
C GLY A 1222 19.64 -0.87 -26.64
N PRO A 1223 18.91 0.26 -26.61
CA PRO A 1223 18.42 0.85 -27.86
C PRO A 1223 19.54 1.29 -28.78
N SER A 1224 20.74 1.46 -28.21
CA SER A 1224 21.91 1.91 -28.97
C SER A 1224 22.41 0.87 -29.96
N THR A 1225 22.15 -0.41 -29.66
CA THR A 1225 22.60 -1.49 -30.54
C THR A 1225 21.45 -2.31 -31.08
N TYR A 1226 20.25 -2.08 -30.54
CA TYR A 1226 19.05 -2.76 -30.99
C TYR A 1226 18.13 -1.66 -31.50
N LYS A 1227 18.05 -1.52 -32.80
CA LYS A 1227 17.25 -0.46 -33.39
C LYS A 1227 15.82 -0.79 -33.81
N ILE A 1228 14.86 -0.37 -32.99
CA ILE A 1228 13.46 -0.58 -33.30
C ILE A 1228 13.07 0.62 -34.16
N PRO A 1229 11.91 0.55 -34.83
CA PRO A 1229 11.47 1.66 -35.67
C PRO A 1229 11.44 3.00 -34.95
N ALA A 1230 12.00 4.04 -35.57
CA ALA A 1230 12.05 5.37 -34.99
C ALA A 1230 10.98 6.26 -35.63
N PHE A 1231 10.87 7.51 -35.19
CA PHE A 1231 9.87 8.39 -35.81
C PHE A 1231 10.10 8.45 -37.32
N GLY A 1232 11.35 8.60 -37.72
CA GLY A 1232 11.67 8.67 -39.14
C GLY A 1232 11.69 7.33 -39.86
N SER A 1233 11.18 6.27 -39.23
CA SER A 1233 11.17 4.95 -39.83
C SER A 1233 9.86 4.53 -40.50
N ILE A 1234 8.77 5.25 -40.25
CA ILE A 1234 7.48 4.88 -40.81
C ILE A 1234 7.26 5.35 -42.25
N PRO A 1235 6.41 4.62 -43.00
CA PRO A 1235 6.14 5.00 -44.38
C PRO A 1235 5.77 6.47 -44.46
N THR A 1236 6.40 7.19 -45.38
CA THR A 1236 6.12 8.63 -45.55
C THR A 1236 4.64 8.91 -45.72
N GLU A 1237 3.96 8.05 -46.48
CA GLU A 1237 2.51 8.16 -46.67
C GLU A 1237 1.95 6.93 -45.97
N PHE A 1238 1.28 7.14 -44.85
CA PHE A 1238 0.72 6.04 -44.08
C PHE A 1238 -0.80 6.13 -44.16
N ARG A 1239 -1.40 5.23 -44.94
CA ARG A 1239 -2.85 5.20 -45.10
C ARG A 1239 -3.43 3.91 -44.56
N VAL A 1240 -4.38 4.04 -43.65
CA VAL A 1240 -5.03 2.88 -43.05
C VAL A 1240 -6.54 3.01 -43.27
N SER A 1241 -7.18 1.86 -43.50
CA SER A 1241 -8.61 1.80 -43.74
C SER A 1241 -9.22 0.55 -43.12
N LEU A 1242 -10.40 0.72 -42.55
CA LEU A 1242 -11.10 -0.39 -41.94
C LEU A 1242 -12.23 -0.72 -42.90
N LEU A 1243 -12.30 -1.99 -43.30
CA LEU A 1243 -13.32 -2.47 -44.23
C LEU A 1243 -14.75 -2.13 -43.78
N ARG A 1244 -15.52 -1.50 -44.65
CA ARG A 1244 -16.90 -1.13 -44.32
C ARG A 1244 -17.91 -2.27 -44.53
N ASP A 1245 -19.10 -2.10 -43.95
CA ASP A 1245 -20.20 -3.06 -44.05
C ASP A 1245 -19.79 -4.52 -43.98
N CYS A 1246 -19.37 -4.99 -42.81
CA CYS A 1246 -18.96 -6.39 -42.70
C CYS A 1246 -19.00 -6.87 -41.25
N PRO A 1247 -20.14 -6.69 -40.58
CA PRO A 1247 -20.30 -7.11 -39.19
C PRO A 1247 -19.95 -8.57 -38.94
N ASN A 1248 -19.20 -8.81 -37.88
CA ASN A 1248 -18.80 -10.16 -37.51
C ASN A 1248 -19.72 -10.70 -36.42
N LYS A 1249 -20.68 -11.53 -36.81
CA LYS A 1249 -21.66 -12.10 -35.87
C LYS A 1249 -21.08 -12.99 -34.78
N LYS A 1250 -19.80 -13.32 -34.90
CA LYS A 1250 -19.17 -14.21 -33.92
C LYS A 1250 -18.69 -13.56 -32.61
N ALA A 1251 -18.52 -12.24 -32.60
CA ALA A 1251 -18.03 -11.56 -31.40
C ALA A 1251 -18.87 -10.36 -30.99
N ILE A 1252 -18.67 -9.94 -29.75
CA ILE A 1252 -19.41 -8.82 -29.19
C ILE A 1252 -19.56 -7.65 -30.15
N TYR A 1253 -20.77 -7.12 -30.19
CA TYR A 1253 -21.13 -5.99 -31.05
C TYR A 1253 -20.55 -6.01 -32.48
N ALA A 1254 -20.43 -7.20 -33.07
CA ALA A 1254 -19.95 -7.38 -34.44
C ALA A 1254 -18.51 -6.97 -34.73
N SER A 1255 -17.70 -6.93 -33.68
CA SER A 1255 -16.31 -6.56 -33.83
C SER A 1255 -15.43 -7.80 -33.99
N LYS A 1256 -14.14 -7.59 -34.21
CA LYS A 1256 -13.20 -8.69 -34.37
C LYS A 1256 -11.88 -8.33 -33.68
N ALA A 1257 -11.16 -9.34 -33.20
CA ALA A 1257 -9.87 -9.11 -32.56
C ALA A 1257 -8.99 -8.32 -33.54
N VAL A 1258 -8.26 -7.33 -33.03
CA VAL A 1258 -7.42 -6.50 -33.88
C VAL A 1258 -6.01 -6.42 -33.31
N GLY A 1259 -5.77 -7.15 -32.22
CA GLY A 1259 -4.46 -7.11 -31.58
C GLY A 1259 -3.24 -7.55 -32.36
N GLU A 1260 -3.18 -8.84 -32.70
CA GLU A 1260 -2.05 -9.41 -33.45
C GLU A 1260 -2.16 -9.43 -34.98
N PRO A 1261 -3.30 -9.87 -35.53
CA PRO A 1261 -3.46 -9.92 -36.99
C PRO A 1261 -2.65 -8.99 -37.91
N PRO A 1262 -2.69 -7.67 -37.68
CA PRO A 1262 -1.94 -6.75 -38.55
C PRO A 1262 -0.42 -6.80 -38.54
N LEU A 1263 0.20 -7.32 -37.47
CA LEU A 1263 1.66 -7.34 -37.43
C LEU A 1263 2.36 -7.97 -38.63
N PHE A 1264 1.83 -9.07 -39.16
CA PHE A 1264 2.49 -9.69 -40.31
C PHE A 1264 2.48 -8.77 -41.54
N LEU A 1265 1.48 -7.90 -41.64
CA LEU A 1265 1.40 -7.00 -42.77
C LEU A 1265 2.63 -6.12 -42.95
N GLY A 1266 3.52 -6.13 -41.97
CA GLY A 1266 4.73 -5.35 -42.08
C GLY A 1266 5.71 -6.07 -43.00
N ALA A 1267 5.34 -7.28 -43.39
CA ALA A 1267 6.18 -8.08 -44.27
C ALA A 1267 6.16 -7.46 -45.67
N SER A 1268 5.12 -6.68 -45.96
CA SER A 1268 5.01 -6.04 -47.26
C SER A 1268 6.19 -5.10 -47.50
N VAL A 1269 6.87 -4.70 -46.44
CA VAL A 1269 8.02 -3.81 -46.57
C VAL A 1269 9.21 -4.67 -47.00
N PHE A 1270 9.29 -5.85 -46.38
CA PHE A 1270 10.34 -6.81 -46.63
C PHE A 1270 10.34 -7.25 -48.09
N PHE A 1271 9.18 -7.71 -48.55
CA PHE A 1271 9.06 -8.15 -49.92
C PHE A 1271 9.15 -6.99 -50.90
N ALA A 1272 8.84 -5.79 -50.43
CA ALA A 1272 8.96 -4.61 -51.28
C ALA A 1272 10.47 -4.33 -51.48
N ILE A 1273 11.26 -4.57 -50.45
CA ILE A 1273 12.70 -4.38 -50.50
C ILE A 1273 13.31 -5.42 -51.43
N LYS A 1274 12.91 -6.67 -51.25
CA LYS A 1274 13.40 -7.78 -52.06
C LYS A 1274 13.17 -7.43 -53.53
N ASP A 1275 11.99 -6.88 -53.81
CA ASP A 1275 11.61 -6.48 -55.15
C ASP A 1275 12.64 -5.49 -55.68
N ALA A 1276 13.08 -4.56 -54.84
CA ALA A 1276 14.07 -3.56 -55.21
C ALA A 1276 15.45 -4.20 -55.41
N ILE A 1277 15.77 -5.18 -54.56
CA ILE A 1277 17.05 -5.86 -54.68
C ILE A 1277 17.13 -6.59 -56.03
N ARG A 1278 15.99 -7.09 -56.51
CA ARG A 1278 15.98 -7.75 -57.81
C ARG A 1278 16.41 -6.73 -58.85
N ALA A 1279 15.74 -5.58 -58.86
CA ALA A 1279 16.06 -4.53 -59.82
C ALA A 1279 17.54 -4.23 -59.82
N ALA A 1280 18.13 -4.14 -58.63
CA ALA A 1280 19.55 -3.87 -58.47
C ALA A 1280 20.37 -4.97 -59.13
N ARG A 1281 20.15 -6.22 -58.73
CA ARG A 1281 20.87 -7.37 -59.28
C ARG A 1281 20.78 -7.44 -60.82
N ALA A 1282 19.64 -7.03 -61.37
CA ALA A 1282 19.43 -7.05 -62.80
C ALA A 1282 20.26 -5.94 -63.44
N GLN A 1283 20.70 -5.00 -62.61
CA GLN A 1283 21.47 -3.87 -63.07
C GLN A 1283 22.97 -4.17 -63.20
N HIS A 1284 23.57 -4.75 -62.17
CA HIS A 1284 25.00 -5.03 -62.19
C HIS A 1284 25.39 -6.49 -61.97
N THR A 1285 24.43 -7.35 -61.63
CA THR A 1285 24.76 -8.75 -61.40
C THR A 1285 24.27 -9.63 -62.55
N ASN A 1286 23.79 -10.82 -62.18
CA ASN A 1286 23.29 -11.82 -63.12
C ASN A 1286 22.41 -11.21 -64.22
N ASN A 1287 21.99 -12.05 -65.15
CA ASN A 1287 21.15 -11.59 -66.24
C ASN A 1287 20.00 -12.58 -66.39
N ASN A 1288 19.80 -13.33 -65.29
CA ASN A 1288 18.76 -14.33 -65.21
C ASN A 1288 17.49 -13.78 -64.55
N THR A 1289 16.53 -13.42 -65.39
CA THR A 1289 15.23 -12.89 -64.94
C THR A 1289 14.59 -13.74 -63.85
N LYS A 1290 14.91 -15.03 -63.85
CA LYS A 1290 14.33 -15.95 -62.88
C LYS A 1290 15.31 -16.48 -61.84
N GLU A 1291 16.28 -15.67 -61.44
CA GLU A 1291 17.25 -16.09 -60.43
C GLU A 1291 16.56 -16.03 -59.06
N LEU A 1292 16.84 -16.99 -58.19
CA LEU A 1292 16.24 -16.97 -56.86
C LEU A 1292 17.28 -16.86 -55.76
N PHE A 1293 17.49 -15.63 -55.27
CA PHE A 1293 18.47 -15.38 -54.20
C PHE A 1293 17.83 -15.40 -52.81
N ARG A 1294 18.51 -16.02 -51.85
CA ARG A 1294 17.99 -16.09 -50.49
C ARG A 1294 18.21 -14.79 -49.71
N LEU A 1295 17.13 -14.29 -49.12
CA LEU A 1295 17.14 -13.09 -48.30
C LEU A 1295 16.38 -13.41 -47.02
N ASP A 1296 17.11 -13.62 -45.93
CA ASP A 1296 16.49 -13.92 -44.65
C ASP A 1296 16.00 -12.65 -43.97
N SER A 1297 15.32 -12.84 -42.84
CA SER A 1297 14.81 -11.75 -42.02
C SER A 1297 15.76 -11.64 -40.82
N PRO A 1298 16.09 -10.43 -40.40
CA PRO A 1298 15.61 -9.18 -40.99
C PRO A 1298 16.46 -8.74 -42.17
N ALA A 1299 15.81 -8.07 -43.12
CA ALA A 1299 16.49 -7.54 -44.28
C ALA A 1299 17.16 -6.25 -43.85
N THR A 1300 18.27 -6.37 -43.14
CA THR A 1300 19.02 -5.20 -42.67
C THR A 1300 19.81 -4.53 -43.77
N PRO A 1301 20.38 -3.34 -43.48
CA PRO A 1301 21.18 -2.68 -44.52
C PRO A 1301 22.38 -3.55 -44.90
N GLU A 1302 22.77 -4.42 -43.99
CA GLU A 1302 23.89 -5.31 -44.27
C GLU A 1302 23.44 -6.35 -45.28
N LYS A 1303 22.25 -6.92 -45.08
CA LYS A 1303 21.76 -7.93 -45.99
C LYS A 1303 21.40 -7.32 -47.34
N ILE A 1304 20.81 -6.13 -47.32
CA ILE A 1304 20.43 -5.43 -48.53
C ILE A 1304 21.65 -5.07 -49.39
N ARG A 1305 22.64 -4.43 -48.77
CA ARG A 1305 23.85 -4.04 -49.47
C ARG A 1305 24.58 -5.23 -50.05
N ASN A 1306 24.76 -6.26 -49.23
CA ASN A 1306 25.45 -7.46 -49.68
C ASN A 1306 24.74 -8.20 -50.81
N ALA A 1307 23.43 -7.98 -50.94
CA ALA A 1307 22.65 -8.63 -51.99
C ALA A 1307 22.66 -7.80 -53.26
N CYS A 1308 23.20 -6.59 -53.17
CA CYS A 1308 23.28 -5.71 -54.32
C CYS A 1308 24.69 -5.84 -54.88
N VAL A 1309 24.98 -7.02 -55.42
CA VAL A 1309 26.30 -7.31 -55.97
C VAL A 1309 26.70 -6.38 -57.11
N ASP A 1310 27.94 -5.91 -57.06
CA ASP A 1310 28.47 -5.01 -58.09
C ASP A 1310 30.00 -5.04 -58.05
N LYS A 1311 30.63 -4.22 -58.88
CA LYS A 1311 32.09 -4.17 -58.93
C LYS A 1311 32.70 -3.90 -57.57
N PHE A 1312 31.90 -3.40 -56.64
CA PHE A 1312 32.38 -3.08 -55.31
C PHE A 1312 32.36 -4.30 -54.39
N THR A 1313 31.17 -4.91 -54.25
CA THR A 1313 31.02 -6.10 -53.42
C THR A 1313 31.92 -7.19 -53.98
N THR A 1314 32.15 -7.11 -55.29
CA THR A 1314 32.99 -8.05 -56.01
C THR A 1314 34.47 -7.74 -55.81
N LEU A 1315 34.97 -6.67 -56.42
CA LEU A 1315 36.38 -6.32 -56.25
C LEU A 1315 36.67 -6.06 -54.76
N LYS A 1325 44.74 -15.97 -55.05
CA LYS A 1325 46.16 -16.02 -55.54
C LYS A 1325 46.80 -17.43 -55.30
N PRO A 1326 46.04 -18.51 -55.60
CA PRO A 1326 46.54 -19.89 -55.41
C PRO A 1326 47.72 -20.27 -56.33
N TRP A 1327 48.67 -21.08 -55.82
CA TRP A 1327 49.82 -21.48 -56.64
C TRP A 1327 49.35 -22.18 -57.92
N SER A 1328 48.57 -23.25 -57.72
CA SER A 1328 48.01 -24.01 -58.84
C SER A 1328 46.48 -24.03 -58.68
N LEU A 1329 45.78 -24.35 -59.78
CA LEU A 1329 44.33 -24.40 -59.76
C LEU A 1329 43.79 -25.82 -59.90
N ARG A 1330 42.63 -25.93 -60.54
CA ARG A 1330 42.02 -27.24 -60.77
C ARG A 1330 41.66 -27.28 -62.26
N VAL A 1331 40.78 -26.35 -62.64
CA VAL A 1331 40.32 -26.18 -64.03
C VAL A 1331 39.49 -27.35 -64.63
N ALA B 2 29.55 9.72 26.38
CA ALA B 2 28.16 10.26 26.29
C ALA B 2 27.53 9.95 24.92
N ASP B 3 26.59 10.79 24.50
CA ASP B 3 25.91 10.65 23.21
C ASP B 3 25.38 9.29 22.71
N GLU B 4 26.17 8.22 22.80
CA GLU B 4 25.71 6.94 22.28
C GLU B 4 24.84 6.14 23.25
N LEU B 5 23.59 5.90 22.84
CA LEU B 5 22.66 5.11 23.64
C LEU B 5 22.70 3.66 23.17
N VAL B 6 23.04 2.75 24.07
CA VAL B 6 23.14 1.34 23.71
C VAL B 6 22.27 0.42 24.54
N PHE B 7 21.32 -0.25 23.90
CA PHE B 7 20.46 -1.21 24.58
C PHE B 7 20.11 -2.38 23.66
N PHE B 8 19.47 -3.40 24.19
CA PHE B 8 19.09 -4.54 23.38
C PHE B 8 17.59 -4.73 23.34
N VAL B 9 17.08 -5.20 22.21
CA VAL B 9 15.66 -5.45 22.04
C VAL B 9 15.54 -6.84 21.44
N ASN B 10 15.00 -7.76 22.23
CA ASN B 10 14.83 -9.14 21.78
C ASN B 10 16.16 -9.79 21.37
N GLY B 11 17.18 -9.58 22.18
CA GLY B 11 18.46 -10.16 21.88
C GLY B 11 19.36 -9.32 20.99
N LYS B 12 18.76 -8.60 20.06
CA LYS B 12 19.55 -7.78 19.15
C LYS B 12 20.00 -6.44 19.77
N LYS B 13 21.26 -6.11 19.57
CA LYS B 13 21.85 -4.88 20.10
C LYS B 13 21.51 -3.65 19.27
N VAL B 14 21.06 -2.61 19.94
CA VAL B 14 20.69 -1.36 19.29
C VAL B 14 21.67 -0.28 19.70
N VAL B 15 22.13 0.49 18.74
CA VAL B 15 23.05 1.56 19.02
C VAL B 15 22.45 2.80 18.43
N GLU B 16 21.80 3.60 19.26
CA GLU B 16 21.19 4.85 18.79
C GLU B 16 22.17 5.97 19.07
N LYS B 17 22.69 6.57 18.00
CA LYS B 17 23.66 7.65 18.15
C LYS B 17 23.07 9.03 18.37
N ASN B 18 21.76 9.15 18.23
CA ASN B 18 21.11 10.43 18.43
C ASN B 18 19.82 10.31 19.20
N ALA B 19 19.89 9.69 20.36
CA ALA B 19 18.73 9.52 21.21
C ALA B 19 18.13 10.89 21.58
N ASP B 20 16.83 11.03 21.39
CA ASP B 20 16.17 12.27 21.77
C ASP B 20 15.45 12.00 23.10
N PRO B 21 15.81 12.77 24.14
CA PRO B 21 15.22 12.61 25.47
C PRO B 21 13.70 12.49 25.51
N GLU B 22 13.02 13.09 24.55
CA GLU B 22 11.56 13.02 24.51
C GLU B 22 11.02 11.75 23.86
N THR B 23 11.91 10.84 23.43
CA THR B 23 11.45 9.61 22.80
C THR B 23 11.13 8.48 23.76
N THR B 24 9.93 7.91 23.60
CA THR B 24 9.49 6.80 24.44
C THR B 24 9.86 5.49 23.76
N LEU B 25 9.90 4.42 24.54
CA LEU B 25 10.23 3.12 23.99
C LEU B 25 9.15 2.69 23.00
N LEU B 26 7.90 2.97 23.34
CA LEU B 26 6.79 2.58 22.48
C LEU B 26 6.93 3.12 21.07
N ALA B 27 7.35 4.37 20.96
CA ALA B 27 7.52 5.01 19.67
C ALA B 27 8.74 4.42 18.96
N TYR B 28 9.80 4.20 19.71
CA TYR B 28 11.00 3.65 19.13
C TYR B 28 10.71 2.27 18.57
N LEU B 29 10.09 1.41 19.36
CA LEU B 29 9.78 0.07 18.92
C LEU B 29 8.91 0.09 17.66
N ARG B 30 7.99 1.03 17.59
CA ARG B 30 7.10 1.08 16.45
C ARG B 30 7.64 1.78 15.21
N ARG B 31 8.16 2.99 15.39
CA ARG B 31 8.69 3.76 14.25
C ARG B 31 10.06 3.27 13.78
N LYS B 32 11.07 3.44 14.63
CA LYS B 32 12.43 3.07 14.30
C LYS B 32 12.74 1.58 14.15
N LEU B 33 12.24 0.74 15.05
CA LEU B 33 12.51 -0.69 15.00
C LEU B 33 11.49 -1.57 14.26
N GLY B 34 10.43 -0.96 13.73
CA GLY B 34 9.42 -1.73 13.01
C GLY B 34 8.77 -2.89 13.74
N LEU B 35 8.74 -2.86 15.07
CA LEU B 35 8.12 -3.91 15.86
C LEU B 35 6.75 -3.46 16.38
N ARG B 36 5.72 -3.62 15.56
CA ARG B 36 4.39 -3.19 15.93
C ARG B 36 3.61 -4.05 16.91
N GLY B 37 4.24 -5.06 17.48
CA GLY B 37 3.53 -5.91 18.44
C GLY B 37 3.04 -5.12 19.64
N THR B 38 3.87 -4.20 20.10
CA THR B 38 3.52 -3.36 21.24
C THR B 38 2.60 -2.26 20.71
N LYS B 39 1.40 -2.17 21.29
CA LYS B 39 0.38 -1.20 20.86
C LYS B 39 0.30 0.05 21.73
N LEU B 40 -0.46 1.04 21.26
CA LEU B 40 -0.72 2.28 22.01
C LEU B 40 -2.22 2.32 22.32
N GLY B 41 -2.58 2.33 23.59
CA GLY B 41 -3.98 2.35 23.97
C GLY B 41 -4.45 3.51 24.81
N CYS B 42 -3.51 4.27 25.36
CA CYS B 42 -3.87 5.39 26.21
C CYS B 42 -2.73 6.38 26.42
N GLY B 43 -1.51 5.87 26.54
CA GLY B 43 -0.37 6.73 26.74
C GLY B 43 -0.27 7.30 28.13
N GLU B 44 -1.14 6.85 29.03
CA GLU B 44 -1.13 7.34 30.41
C GLU B 44 -0.66 6.26 31.37
N GLY B 45 -0.37 5.07 30.85
CA GLY B 45 0.07 3.99 31.72
C GLY B 45 -1.03 3.18 32.37
N GLY B 46 -2.28 3.44 31.98
CA GLY B 46 -3.40 2.72 32.57
C GLY B 46 -3.91 1.43 31.92
N CYS B 47 -3.75 1.27 30.60
CA CYS B 47 -4.24 0.08 29.91
C CYS B 47 -3.27 -1.11 29.81
N GLY B 48 -1.98 -0.83 29.75
CA GLY B 48 -0.99 -1.89 29.65
C GLY B 48 -0.87 -2.54 28.29
N ALA B 49 -1.34 -1.86 27.26
CA ALA B 49 -1.28 -2.38 25.91
C ALA B 49 0.12 -2.19 25.37
N CYS B 50 0.94 -1.50 26.14
CA CYS B 50 2.32 -1.21 25.74
C CYS B 50 3.31 -1.91 26.65
N THR B 51 2.85 -2.96 27.33
CA THR B 51 3.69 -3.70 28.24
C THR B 51 4.82 -4.47 27.55
N VAL B 52 6.02 -4.29 28.07
CA VAL B 52 7.21 -4.98 27.55
C VAL B 52 8.00 -5.45 28.77
N MET B 53 8.91 -6.40 28.60
CA MET B 53 9.71 -6.83 29.72
C MET B 53 11.08 -6.19 29.63
N LEU B 54 11.61 -5.79 30.77
CA LEU B 54 12.93 -5.18 30.85
C LEU B 54 13.80 -6.08 31.74
N SER B 55 14.96 -6.44 31.24
CA SER B 55 15.87 -7.27 32.01
C SER B 55 17.17 -6.50 32.11
N LYS B 56 17.80 -6.55 33.28
CA LYS B 56 19.06 -5.85 33.49
C LYS B 56 19.85 -6.53 34.61
N TYR B 57 21.15 -6.22 34.66
CA TYR B 57 22.03 -6.77 35.69
C TYR B 57 22.05 -5.78 36.84
N ASP B 58 21.50 -6.19 37.97
CA ASP B 58 21.47 -5.34 39.14
C ASP B 58 22.70 -5.56 40.00
N ARG B 59 23.37 -4.46 40.35
CA ARG B 59 24.53 -4.54 41.22
C ARG B 59 23.96 -4.17 42.59
N LEU B 60 24.21 -5.04 43.56
CA LEU B 60 23.71 -4.90 44.93
C LEU B 60 23.06 -6.23 45.17
N GLN B 61 22.57 -6.83 44.09
CA GLN B 61 21.96 -8.14 44.22
C GLN B 61 22.84 -9.06 43.41
N ASP B 62 23.67 -8.45 42.57
CA ASP B 62 24.58 -9.20 41.73
C ASP B 62 23.76 -10.30 41.07
N LYS B 63 22.74 -9.89 40.31
CA LYS B 63 21.85 -10.85 39.65
C LYS B 63 21.07 -10.18 38.54
N ILE B 64 20.56 -10.98 37.60
CA ILE B 64 19.76 -10.43 36.51
C ILE B 64 18.33 -10.32 37.02
N ILE B 65 17.71 -9.17 36.76
CA ILE B 65 16.34 -8.99 37.21
C ILE B 65 15.44 -8.79 35.98
N HIS B 66 14.18 -9.14 36.14
CA HIS B 66 13.20 -9.01 35.07
C HIS B 66 11.95 -8.33 35.61
N PHE B 67 11.48 -7.28 34.92
CA PHE B 67 10.29 -6.58 35.38
C PHE B 67 9.47 -6.02 34.22
N SER B 68 8.19 -5.79 34.44
CA SER B 68 7.36 -5.26 33.38
C SER B 68 7.41 -3.74 33.42
N ALA B 69 7.06 -3.12 32.30
CA ALA B 69 7.06 -1.67 32.20
C ALA B 69 6.21 -1.21 31.03
N ASN B 70 5.61 -0.03 31.15
CA ASN B 70 4.78 0.53 30.09
C ASN B 70 5.68 1.28 29.14
N ALA B 71 5.79 0.78 27.91
CA ALA B 71 6.64 1.38 26.90
C ALA B 71 6.26 2.83 26.57
N CYS B 72 4.99 3.17 26.73
CA CYS B 72 4.52 4.52 26.42
C CYS B 72 5.05 5.60 27.37
N LEU B 73 5.55 5.20 28.53
CA LEU B 73 6.08 6.14 29.50
C LEU B 73 7.58 6.01 29.70
N ALA B 74 8.17 4.97 29.11
CA ALA B 74 9.60 4.73 29.25
C ALA B 74 10.47 5.53 28.28
N PRO B 75 11.26 6.49 28.80
CA PRO B 75 12.10 7.24 27.87
C PRO B 75 13.17 6.25 27.48
N ILE B 76 13.65 6.30 26.24
CA ILE B 76 14.68 5.34 25.86
C ILE B 76 15.99 5.65 26.58
N CYS B 77 16.21 6.93 26.91
CA CYS B 77 17.42 7.36 27.59
C CYS B 77 17.58 6.80 29.00
N THR B 78 16.62 6.00 29.44
CA THR B 78 16.71 5.39 30.75
C THR B 78 17.09 3.93 30.55
N LEU B 79 17.14 3.53 29.28
CA LEU B 79 17.41 2.15 28.93
C LEU B 79 18.82 1.75 28.52
N HIS B 80 19.79 2.61 28.78
CA HIS B 80 21.17 2.30 28.44
C HIS B 80 21.57 1.02 29.17
N HIS B 81 22.02 0.02 28.41
CA HIS B 81 22.43 -1.28 28.91
C HIS B 81 21.34 -2.12 29.53
N VAL B 82 20.13 -1.93 29.01
CA VAL B 82 18.97 -2.68 29.47
C VAL B 82 18.48 -3.50 28.29
N ALA B 83 18.09 -4.74 28.55
CA ALA B 83 17.59 -5.60 27.50
C ALA B 83 16.06 -5.63 27.51
N VAL B 84 15.47 -5.10 26.43
CA VAL B 84 14.04 -5.05 26.27
C VAL B 84 13.55 -6.34 25.62
N THR B 85 12.37 -6.77 26.01
CA THR B 85 11.76 -7.98 25.46
C THR B 85 10.31 -7.62 25.07
N THR B 86 9.99 -7.73 23.78
CA THR B 86 8.64 -7.43 23.33
C THR B 86 7.90 -8.72 23.06
N VAL B 87 6.63 -8.61 22.70
CA VAL B 87 5.79 -9.78 22.43
C VAL B 87 6.38 -10.69 21.36
N GLU B 88 6.84 -10.07 20.29
CA GLU B 88 7.43 -10.80 19.17
C GLU B 88 8.76 -11.43 19.55
N GLY B 89 9.26 -11.09 20.74
CA GLY B 89 10.53 -11.64 21.17
C GLY B 89 10.43 -12.93 21.97
N ILE B 90 9.24 -13.49 22.11
CA ILE B 90 9.12 -14.72 22.88
C ILE B 90 8.50 -15.86 22.08
N GLY B 91 8.02 -15.55 20.88
CA GLY B 91 7.42 -16.56 20.03
C GLY B 91 6.64 -15.96 18.88
N SER B 92 6.14 -16.82 18.00
CA SER B 92 5.35 -16.35 16.87
C SER B 92 4.82 -17.52 16.08
N THR B 93 3.81 -17.26 15.26
CA THR B 93 3.18 -18.27 14.43
C THR B 93 4.10 -18.72 13.29
N LYS B 94 5.08 -17.87 12.99
CA LYS B 94 6.06 -18.13 11.93
C LYS B 94 7.15 -19.09 12.42
N THR B 95 7.21 -19.31 13.72
CA THR B 95 8.20 -20.22 14.27
C THR B 95 7.49 -21.18 15.22
N ARG B 96 7.14 -20.69 16.40
CA ARG B 96 6.43 -21.47 17.41
C ARG B 96 6.04 -20.54 18.55
N LEU B 97 4.76 -20.59 18.93
CA LEU B 97 4.26 -19.76 20.01
C LEU B 97 4.82 -20.24 21.34
N HIS B 98 4.89 -19.31 22.29
CA HIS B 98 5.36 -19.56 23.64
C HIS B 98 4.16 -20.07 24.47
N PRO B 99 4.40 -20.88 25.50
CA PRO B 99 3.27 -21.37 26.28
C PRO B 99 2.26 -20.27 26.62
N VAL B 100 2.75 -19.09 27.02
CA VAL B 100 1.86 -17.97 27.33
C VAL B 100 0.99 -17.59 26.14
N GLN B 101 1.59 -17.37 24.98
CA GLN B 101 0.84 -17.00 23.79
C GLN B 101 -0.09 -18.14 23.31
N GLU B 102 0.34 -19.38 23.49
CA GLU B 102 -0.47 -20.53 23.08
C GLU B 102 -1.73 -20.65 23.93
N ARG B 103 -1.54 -20.62 25.26
CA ARG B 103 -2.65 -20.76 26.17
C ARG B 103 -3.68 -19.68 26.07
N ILE B 104 -3.27 -18.41 26.06
CA ILE B 104 -4.25 -17.33 25.96
C ILE B 104 -5.07 -17.45 24.68
N ALA B 105 -4.46 -17.92 23.60
CA ALA B 105 -5.15 -18.06 22.33
C ALA B 105 -6.13 -19.22 22.32
N LYS B 106 -5.67 -20.38 22.78
CA LYS B 106 -6.51 -21.57 22.81
C LYS B 106 -7.59 -21.49 23.88
N SER B 107 -7.37 -20.65 24.89
CA SER B 107 -8.32 -20.48 25.99
C SER B 107 -9.40 -19.46 25.69
N HIS B 108 -9.38 -18.91 24.49
CA HIS B 108 -10.36 -17.92 24.08
C HIS B 108 -10.16 -16.65 24.90
N GLY B 109 -8.93 -16.42 25.34
CA GLY B 109 -8.61 -15.22 26.11
C GLY B 109 -8.29 -14.02 25.23
N SER B 110 -8.57 -14.14 23.95
CA SER B 110 -8.30 -13.07 23.01
C SER B 110 -9.47 -12.95 22.05
N GLN B 111 -10.00 -11.75 21.88
CA GLN B 111 -11.12 -11.53 20.96
C GLN B 111 -10.72 -10.58 19.85
N CYS B 112 -10.56 -9.30 20.15
CA CYS B 112 -10.14 -8.36 19.12
C CYS B 112 -8.62 -8.44 19.16
N GLY B 113 -8.12 -8.97 20.27
CA GLY B 113 -6.70 -9.17 20.49
C GLY B 113 -5.76 -7.98 20.63
N PHE B 114 -6.29 -6.77 20.67
CA PHE B 114 -5.43 -5.58 20.79
C PHE B 114 -4.74 -5.49 22.14
N CYS B 115 -5.38 -6.05 23.16
CA CYS B 115 -4.83 -6.03 24.50
C CYS B 115 -3.94 -7.25 24.74
N THR B 116 -4.14 -8.28 23.92
CA THR B 116 -3.43 -9.55 24.06
C THR B 116 -1.92 -9.47 24.18
N PRO B 117 -1.28 -8.64 23.36
CA PRO B 117 0.18 -8.56 23.49
C PRO B 117 0.64 -8.12 24.88
N GLY B 118 0.11 -7.00 25.37
CA GLY B 118 0.50 -6.51 26.68
C GLY B 118 0.20 -7.46 27.81
N ILE B 119 -0.89 -8.22 27.70
CA ILE B 119 -1.27 -9.18 28.71
C ILE B 119 -0.36 -10.40 28.67
N VAL B 120 0.12 -10.74 27.47
CA VAL B 120 1.03 -11.87 27.27
C VAL B 120 2.35 -11.52 27.95
N MET B 121 2.76 -10.26 27.85
CA MET B 121 3.99 -9.83 28.47
C MET B 121 3.89 -9.69 29.98
N SER B 122 2.73 -9.31 30.49
CA SER B 122 2.54 -9.20 31.93
C SER B 122 2.63 -10.60 32.53
N MET B 123 2.02 -11.58 31.88
CA MET B 123 2.05 -12.95 32.35
C MET B 123 3.43 -13.54 32.14
N TYR B 124 4.13 -13.07 31.11
CA TYR B 124 5.48 -13.56 30.80
C TYR B 124 6.46 -13.13 31.88
N THR B 125 6.47 -11.84 32.19
CA THR B 125 7.36 -11.31 33.21
C THR B 125 7.16 -12.11 34.49
N LEU B 126 5.90 -12.34 34.87
CA LEU B 126 5.59 -13.10 36.07
C LEU B 126 6.31 -14.43 36.04
N LEU B 127 6.02 -15.22 34.99
CA LEU B 127 6.61 -16.55 34.80
C LEU B 127 8.12 -16.50 34.73
N ARG B 128 8.64 -15.37 34.30
CA ARG B 128 10.08 -15.22 34.19
C ARG B 128 10.69 -14.94 35.56
N ASN B 129 9.85 -14.57 36.53
CA ASN B 129 10.33 -14.31 37.88
C ASN B 129 9.94 -15.49 38.75
N GLN B 130 8.77 -16.05 38.45
CA GLN B 130 8.27 -17.19 39.18
C GLN B 130 7.75 -18.18 38.14
N PRO B 131 8.48 -19.27 37.91
CA PRO B 131 8.08 -20.29 36.93
C PRO B 131 6.84 -21.08 37.35
N GLU B 132 6.53 -21.03 38.64
CA GLU B 132 5.35 -21.71 39.19
C GLU B 132 4.63 -20.72 40.09
N PRO B 133 3.84 -19.83 39.49
CA PRO B 133 3.12 -18.85 40.29
C PRO B 133 1.92 -19.45 41.02
N THR B 134 1.37 -18.66 41.94
CA THR B 134 0.21 -19.06 42.70
C THR B 134 -0.96 -18.35 42.01
N VAL B 135 -2.16 -18.90 42.11
CA VAL B 135 -3.33 -18.29 41.48
C VAL B 135 -3.43 -16.80 41.84
N GLU B 136 -2.97 -16.44 43.03
CA GLU B 136 -3.04 -15.04 43.45
C GLU B 136 -2.02 -14.11 42.77
N GLU B 137 -0.81 -14.63 42.53
CA GLU B 137 0.24 -13.84 41.88
C GLU B 137 -0.10 -13.71 40.40
N ILE B 138 -0.77 -14.73 39.87
CA ILE B 138 -1.17 -14.71 38.47
C ILE B 138 -2.21 -13.62 38.27
N GLU B 139 -3.04 -13.36 39.26
CA GLU B 139 -4.03 -12.31 39.08
C GLU B 139 -3.38 -10.94 39.31
N ASP B 140 -2.63 -10.79 40.41
CA ASP B 140 -2.00 -9.51 40.68
C ASP B 140 -1.10 -9.01 39.56
N ALA B 141 -0.81 -9.90 38.61
CA ALA B 141 0.06 -9.60 37.48
C ALA B 141 -0.59 -8.67 36.49
N PHE B 142 -1.91 -8.71 36.42
CA PHE B 142 -2.65 -7.89 35.47
C PHE B 142 -3.37 -6.65 35.98
N GLN B 143 -2.88 -6.03 37.06
CA GLN B 143 -3.54 -4.85 37.58
C GLN B 143 -3.28 -3.64 36.73
N GLY B 144 -2.33 -3.76 35.80
CA GLY B 144 -2.02 -2.65 34.93
C GLY B 144 -2.48 -2.93 33.53
N ASN B 145 -3.29 -3.97 33.38
CA ASN B 145 -3.79 -4.38 32.07
C ASN B 145 -5.29 -4.32 31.94
N LEU B 146 -5.77 -3.77 30.82
CA LEU B 146 -7.21 -3.66 30.55
C LEU B 146 -7.67 -4.37 29.26
N CYS B 147 -8.75 -5.12 29.37
CA CYS B 147 -9.34 -5.80 28.22
C CYS B 147 -10.80 -5.36 28.16
N ARG B 148 -11.25 -4.99 26.98
CA ARG B 148 -12.61 -4.53 26.79
C ARG B 148 -13.51 -5.56 26.12
N CYS B 149 -12.95 -6.68 25.69
CA CYS B 149 -13.71 -7.73 24.99
C CYS B 149 -14.11 -8.98 25.75
N THR B 150 -13.11 -9.67 26.30
CA THR B 150 -13.29 -10.95 26.97
C THR B 150 -14.01 -11.14 28.29
N GLY B 151 -14.22 -10.07 29.06
CA GLY B 151 -14.86 -10.26 30.34
C GLY B 151 -13.84 -10.81 31.32
N TYR B 152 -12.59 -10.90 30.85
CA TYR B 152 -11.46 -11.38 31.65
C TYR B 152 -11.45 -12.84 32.10
N ARG B 153 -12.61 -13.43 32.34
CA ARG B 153 -12.64 -14.81 32.82
C ARG B 153 -11.72 -15.78 32.05
N PRO B 154 -11.85 -15.86 30.72
CA PRO B 154 -11.03 -16.76 29.91
C PRO B 154 -9.52 -16.51 30.05
N ILE B 155 -9.11 -15.25 30.06
CA ILE B 155 -7.69 -14.93 30.19
C ILE B 155 -7.18 -15.57 31.50
N LEU B 156 -7.93 -15.43 32.58
CA LEU B 156 -7.53 -15.97 33.88
C LEU B 156 -7.62 -17.50 34.01
N GLN B 157 -8.61 -18.10 33.36
CA GLN B 157 -8.77 -19.54 33.44
C GLN B 157 -7.66 -20.23 32.66
N GLY B 158 -7.32 -19.70 31.50
CA GLY B 158 -6.25 -20.28 30.70
C GLY B 158 -4.92 -20.22 31.42
N PHE B 159 -4.55 -19.04 31.93
CA PHE B 159 -3.27 -18.88 32.64
C PHE B 159 -3.25 -19.59 33.98
N ARG B 160 -4.42 -19.95 34.49
CA ARG B 160 -4.51 -20.65 35.78
C ARG B 160 -3.74 -21.97 35.71
N THR B 161 -3.50 -22.45 34.49
CA THR B 161 -2.78 -23.69 34.26
C THR B 161 -1.27 -23.60 34.46
N PHE B 162 -0.77 -22.39 34.73
CA PHE B 162 0.66 -22.18 34.98
C PHE B 162 0.86 -22.29 36.49
N ALA B 163 -0.24 -22.10 37.21
CA ALA B 163 -0.25 -22.12 38.66
C ALA B 163 -0.02 -23.48 39.32
N LYS B 164 0.06 -23.44 40.64
CA LYS B 164 0.24 -24.66 41.43
C LYS B 164 1.66 -25.19 41.23
N SER B 191 -19.81 -33.03 30.87
CA SER B 191 -20.12 -32.12 29.71
C SER B 191 -18.87 -31.58 29.01
N PRO B 192 -19.01 -31.16 27.73
CA PRO B 192 -17.88 -30.64 26.97
C PRO B 192 -17.25 -29.41 27.62
N SER B 193 -16.00 -29.15 27.26
CA SER B 193 -15.27 -28.00 27.78
C SER B 193 -14.70 -27.18 26.63
N LEU B 194 -14.55 -25.88 26.87
CA LEU B 194 -14.04 -24.98 25.85
C LEU B 194 -12.59 -25.20 25.42
N PHE B 195 -11.77 -25.81 26.28
CA PHE B 195 -10.40 -26.08 25.91
C PHE B 195 -9.76 -27.23 26.71
N ASN B 196 -8.73 -27.86 26.14
CA ASN B 196 -8.06 -28.99 26.79
C ASN B 196 -6.64 -28.60 27.23
N PRO B 197 -6.44 -28.40 28.54
CA PRO B 197 -5.14 -28.02 29.10
C PRO B 197 -4.08 -29.11 28.96
N GLU B 198 -4.52 -30.34 28.65
CA GLU B 198 -3.57 -31.43 28.53
C GLU B 198 -2.79 -31.35 27.23
N GLU B 199 -3.29 -30.58 26.29
CA GLU B 199 -2.61 -30.43 25.02
C GLU B 199 -1.69 -29.20 25.07
N PHE B 200 -1.73 -28.46 26.19
CA PHE B 200 -0.88 -27.30 26.33
C PHE B 200 0.56 -27.74 26.53
N MET B 201 1.46 -27.07 25.82
CA MET B 201 2.87 -27.37 25.91
C MET B 201 3.45 -26.86 27.23
N PRO B 202 4.15 -27.71 27.97
CA PRO B 202 4.75 -27.33 29.26
C PRO B 202 5.81 -26.24 29.10
N LEU B 203 5.91 -25.37 30.10
CA LEU B 203 6.87 -24.27 30.11
C LEU B 203 8.28 -24.75 30.49
N ASP B 204 9.23 -24.62 29.57
CA ASP B 204 10.61 -25.06 29.82
C ASP B 204 11.53 -23.86 29.93
N PRO B 205 11.82 -23.41 31.16
CA PRO B 205 12.70 -22.25 31.32
C PRO B 205 14.09 -22.44 30.70
N THR B 206 14.61 -23.67 30.69
CA THR B 206 15.93 -23.92 30.10
C THR B 206 15.93 -23.59 28.60
N GLN B 207 14.80 -23.13 28.07
CA GLN B 207 14.71 -22.78 26.65
C GLN B 207 14.38 -21.31 26.47
N GLU B 208 14.32 -20.58 27.57
CA GLU B 208 14.01 -19.16 27.51
C GLU B 208 15.25 -18.40 27.03
N PRO B 209 15.06 -17.42 26.13
CA PRO B 209 16.16 -16.62 25.60
C PRO B 209 17.09 -16.16 26.70
N ILE B 210 18.38 -16.42 26.54
CA ILE B 210 19.40 -16.05 27.52
C ILE B 210 19.61 -14.53 27.55
N PHE B 211 20.17 -14.04 28.66
CA PHE B 211 20.45 -12.62 28.80
C PHE B 211 21.55 -12.30 27.81
N PRO B 212 21.45 -11.15 27.12
CA PRO B 212 22.47 -10.74 26.14
C PRO B 212 23.88 -10.84 26.69
N PRO B 213 24.64 -11.85 26.24
CA PRO B 213 26.03 -12.06 26.69
C PRO B 213 26.89 -10.79 26.65
N GLU B 214 26.89 -10.09 25.52
CA GLU B 214 27.68 -8.86 25.42
C GLU B 214 27.28 -7.93 26.56
N LEU B 215 25.98 -7.65 26.62
CA LEU B 215 25.44 -6.78 27.63
C LEU B 215 25.92 -7.21 29.02
N LEU B 216 26.20 -8.50 29.21
CA LEU B 216 26.64 -8.97 30.51
C LEU B 216 28.11 -8.67 30.79
N ARG B 217 28.90 -8.56 29.72
CA ARG B 217 30.32 -8.27 29.88
C ARG B 217 30.51 -6.80 30.29
N LEU B 218 29.62 -5.94 29.80
CA LEU B 218 29.69 -4.52 30.11
C LEU B 218 29.47 -4.20 31.59
N LYS B 219 28.80 -5.11 32.30
CA LYS B 219 28.51 -4.91 33.74
C LYS B 219 29.80 -4.59 34.49
N ASP B 220 30.92 -5.07 33.96
CA ASP B 220 32.21 -4.84 34.60
C ASP B 220 32.61 -3.37 34.55
N VAL B 221 32.69 -2.81 33.34
CA VAL B 221 33.06 -1.40 33.19
C VAL B 221 32.29 -0.50 34.18
N PRO B 222 33.00 0.49 34.79
CA PRO B 222 32.43 1.44 35.76
C PRO B 222 31.54 2.41 35.02
N PRO B 223 30.32 2.64 35.52
CA PRO B 223 29.41 3.57 34.86
C PRO B 223 30.01 4.94 34.68
N LYS B 224 29.87 5.47 33.47
CA LYS B 224 30.36 6.80 33.12
C LYS B 224 29.13 7.68 32.88
N GLN B 225 29.29 8.99 33.04
CA GLN B 225 28.17 9.90 32.84
C GLN B 225 27.85 10.11 31.37
N LEU B 226 26.59 9.89 31.00
CA LEU B 226 26.16 10.05 29.63
C LEU B 226 25.41 11.36 29.44
N ARG B 227 25.25 11.75 28.18
CA ARG B 227 24.57 12.99 27.82
C ARG B 227 23.88 12.82 26.46
N PHE B 228 22.62 13.23 26.36
CA PHE B 228 21.86 13.12 25.11
C PHE B 228 21.24 14.46 24.73
N GLU B 229 21.16 14.75 23.43
CA GLU B 229 20.60 16.01 22.99
C GLU B 229 19.52 15.82 21.93
N GLY B 230 18.26 16.03 22.32
CA GLY B 230 17.16 15.88 21.38
C GLY B 230 16.77 17.22 20.79
N GLU B 231 15.67 17.26 20.07
CA GLU B 231 15.21 18.49 19.45
C GLU B 231 15.02 19.64 20.43
N ARG B 232 14.46 19.36 21.60
CA ARG B 232 14.19 20.40 22.60
C ARG B 232 14.73 20.13 24.01
N VAL B 233 15.01 18.87 24.31
CA VAL B 233 15.47 18.50 25.64
C VAL B 233 16.90 17.97 25.67
N THR B 234 17.53 18.10 26.83
CA THR B 234 18.87 17.57 27.05
C THR B 234 18.77 16.64 28.25
N TRP B 235 19.24 15.42 28.06
CA TRP B 235 19.20 14.42 29.12
C TRP B 235 20.59 14.10 29.63
N ILE B 236 20.79 14.23 30.93
CA ILE B 236 22.09 13.91 31.51
C ILE B 236 21.94 12.82 32.57
N GLN B 237 22.39 11.63 32.19
CA GLN B 237 22.35 10.45 33.03
C GLN B 237 23.53 10.52 34.02
N ALA B 238 23.26 10.86 35.27
CA ALA B 238 24.33 10.94 36.27
C ALA B 238 24.76 9.53 36.68
N SER B 239 26.04 9.36 37.03
CA SER B 239 26.54 8.06 37.43
C SER B 239 26.93 8.01 38.90
N THR B 240 27.08 9.17 39.53
CA THR B 240 27.48 9.19 40.93
C THR B 240 26.75 10.30 41.67
N LEU B 241 26.62 10.14 42.98
CA LEU B 241 25.94 11.15 43.78
C LEU B 241 26.63 12.50 43.63
N LYS B 242 27.95 12.50 43.67
CA LYS B 242 28.72 13.73 43.53
C LYS B 242 28.34 14.49 42.26
N GLU B 243 28.22 13.77 41.16
CA GLU B 243 27.85 14.37 39.88
C GLU B 243 26.43 14.89 39.94
N LEU B 244 25.56 14.18 40.64
CA LEU B 244 24.16 14.59 40.75
C LEU B 244 24.07 15.91 41.49
N LEU B 245 24.79 16.00 42.60
CA LEU B 245 24.76 17.21 43.40
C LEU B 245 25.40 18.37 42.65
N ASP B 246 26.47 18.09 41.90
CA ASP B 246 27.12 19.14 41.12
C ASP B 246 26.17 19.62 40.04
N LEU B 247 25.56 18.68 39.33
CA LEU B 247 24.63 19.02 38.27
C LEU B 247 23.52 19.92 38.76
N LYS B 248 22.90 19.54 39.87
CA LYS B 248 21.80 20.30 40.47
C LYS B 248 22.23 21.70 40.89
N ALA B 249 23.49 21.82 41.29
CA ALA B 249 24.05 23.10 41.69
C ALA B 249 24.12 24.00 40.45
N GLN B 250 24.68 23.47 39.38
CA GLN B 250 24.84 24.20 38.12
C GLN B 250 23.54 24.45 37.37
N HIS B 251 22.57 23.56 37.59
CA HIS B 251 21.27 23.63 36.92
C HIS B 251 20.13 23.34 37.89
N PRO B 252 19.71 24.35 38.67
CA PRO B 252 18.62 24.21 39.64
C PRO B 252 17.27 23.84 39.02
N GLU B 253 16.92 24.54 37.94
CA GLU B 253 15.64 24.32 37.27
C GLU B 253 15.47 22.94 36.63
N ALA B 254 16.59 22.27 36.34
CA ALA B 254 16.57 20.94 35.73
C ALA B 254 15.73 19.96 36.54
N LYS B 255 14.82 19.22 35.89
CA LYS B 255 13.96 18.25 36.58
C LYS B 255 14.64 16.89 36.63
N LEU B 256 14.37 16.13 37.69
CA LEU B 256 14.94 14.79 37.82
C LEU B 256 13.90 13.83 37.26
N VAL B 257 14.37 12.75 36.66
CA VAL B 257 13.45 11.78 36.11
C VAL B 257 14.01 10.42 36.45
N VAL B 258 13.13 9.56 36.94
CA VAL B 258 13.52 8.20 37.28
C VAL B 258 12.57 7.33 36.49
N GLY B 259 11.35 7.19 36.99
CA GLY B 259 10.34 6.38 36.34
C GLY B 259 9.60 7.15 35.27
N ASN B 260 9.67 8.47 35.33
CA ASN B 260 8.99 9.28 34.33
C ASN B 260 7.47 9.03 34.32
N THR B 261 6.94 8.31 35.30
CA THR B 261 5.50 8.04 35.32
C THR B 261 4.74 9.27 35.76
N GLU B 262 5.47 10.34 36.03
CA GLU B 262 4.86 11.60 36.43
C GLU B 262 5.22 12.67 35.40
N ILE B 263 6.53 12.84 35.16
CA ILE B 263 7.00 13.82 34.19
C ILE B 263 6.48 13.49 32.79
N GLY B 264 6.38 12.20 32.49
CA GLY B 264 5.89 11.77 31.20
C GLY B 264 4.45 12.24 30.95
N ILE B 265 3.65 12.28 32.01
CA ILE B 265 2.27 12.71 31.89
C ILE B 265 2.20 14.22 31.72
N GLU B 266 3.02 14.95 32.48
CA GLU B 266 3.05 16.41 32.43
C GLU B 266 3.52 16.91 31.06
N MET B 267 4.44 16.20 30.44
CA MET B 267 4.91 16.64 29.13
C MET B 267 3.90 16.34 28.04
N LYS B 268 3.40 15.11 28.04
CA LYS B 268 2.43 14.70 27.04
C LYS B 268 1.07 15.39 27.17
N PHE B 269 0.52 15.37 28.38
CA PHE B 269 -0.81 15.95 28.62
C PHE B 269 -0.91 17.38 29.15
N LYS B 270 0.04 17.79 29.98
CA LYS B 270 0.01 19.13 30.55
C LYS B 270 0.77 20.16 29.72
N ASN B 271 1.20 19.76 28.53
CA ASN B 271 1.96 20.69 27.68
C ASN B 271 3.07 21.35 28.50
N GLN B 272 4.06 20.55 28.92
CA GLN B 272 5.15 21.08 29.71
C GLN B 272 6.45 20.81 29.00
N LEU B 273 7.41 21.73 29.15
CA LEU B 273 8.70 21.53 28.52
C LEU B 273 9.86 21.68 29.49
N PHE B 274 10.46 20.56 29.86
CA PHE B 274 11.60 20.58 30.76
C PHE B 274 12.80 20.38 29.83
N PRO B 275 13.39 21.50 29.37
CA PRO B 275 14.55 21.57 28.46
C PRO B 275 15.80 20.82 28.90
N MET B 276 15.93 20.60 30.21
CA MET B 276 17.08 19.87 30.74
C MET B 276 16.66 18.91 31.85
N ILE B 277 16.99 17.63 31.67
CA ILE B 277 16.64 16.57 32.60
C ILE B 277 17.85 15.83 33.16
N ILE B 278 17.76 15.41 34.42
CA ILE B 278 18.85 14.67 35.04
C ILE B 278 18.26 13.37 35.58
N CYS B 279 18.87 12.25 35.22
CA CYS B 279 18.40 10.96 35.69
C CYS B 279 19.38 10.38 36.70
N PRO B 280 19.00 10.38 37.99
CA PRO B 280 19.83 9.86 39.09
C PRO B 280 19.74 8.35 39.28
N ALA B 281 18.81 7.72 38.55
CA ALA B 281 18.57 6.29 38.64
C ALA B 281 19.79 5.41 38.90
N TRP B 282 20.92 5.69 38.26
CA TRP B 282 22.11 4.86 38.46
C TRP B 282 22.75 4.95 39.85
N ILE B 283 22.88 6.16 40.39
CA ILE B 283 23.50 6.37 41.70
C ILE B 283 23.14 5.35 42.77
N PRO B 284 24.11 4.50 43.19
CA PRO B 284 23.85 3.49 44.21
C PRO B 284 23.26 3.96 45.53
N GLU B 285 23.64 5.14 46.01
CA GLU B 285 23.11 5.62 47.28
C GLU B 285 21.62 5.92 47.19
N LEU B 286 21.12 6.13 45.97
CA LEU B 286 19.71 6.42 45.77
C LEU B 286 18.93 5.12 45.58
N ASN B 287 19.65 4.00 45.72
CA ASN B 287 19.05 2.68 45.54
C ASN B 287 19.40 1.79 46.71
N ALA B 288 20.06 2.38 47.70
CA ALA B 288 20.48 1.62 48.87
C ALA B 288 19.30 1.31 49.77
N VAL B 289 19.39 0.16 50.41
CA VAL B 289 18.38 -0.29 51.36
C VAL B 289 19.14 -0.59 52.64
N GLU B 290 18.70 -0.01 53.73
CA GLU B 290 19.37 -0.24 54.99
C GLU B 290 18.40 -0.54 56.10
N HIS B 291 18.75 -1.51 56.94
CA HIS B 291 17.89 -1.88 58.05
C HIS B 291 18.54 -1.43 59.33
N GLY B 292 18.21 -0.21 59.75
CA GLY B 292 18.76 0.31 60.98
C GLY B 292 17.84 0.06 62.15
N PRO B 293 18.24 0.49 63.35
CA PRO B 293 17.45 0.33 64.59
C PRO B 293 16.16 1.16 64.63
N GLU B 294 16.10 2.23 63.86
CA GLU B 294 14.92 3.08 63.82
C GLU B 294 13.89 2.60 62.80
N GLY B 295 14.38 1.88 61.80
CA GLY B 295 13.52 1.37 60.75
C GLY B 295 14.35 1.03 59.53
N ILE B 296 13.66 0.76 58.41
CA ILE B 296 14.32 0.41 57.15
C ILE B 296 14.41 1.66 56.30
N SER B 297 15.56 1.85 55.67
CA SER B 297 15.79 3.02 54.82
C SER B 297 15.89 2.61 53.34
N PHE B 298 15.27 3.41 52.47
CA PHE B 298 15.30 3.15 51.03
C PHE B 298 15.84 4.37 50.31
N GLY B 299 16.66 4.15 49.28
CA GLY B 299 17.20 5.25 48.50
C GLY B 299 16.03 5.83 47.71
N ALA B 300 16.05 7.13 47.44
CA ALA B 300 14.96 7.79 46.72
C ALA B 300 14.68 7.34 45.28
N ALA B 301 15.50 6.43 44.77
CA ALA B 301 15.30 5.94 43.42
C ALA B 301 14.73 4.52 43.42
N CYS B 302 14.67 3.91 44.60
CA CYS B 302 14.13 2.57 44.74
C CYS B 302 12.71 2.55 44.21
N ALA B 303 12.39 1.51 43.44
CA ALA B 303 11.06 1.38 42.88
C ALA B 303 10.11 0.83 43.92
N LEU B 304 8.87 1.28 43.86
CA LEU B 304 7.85 0.84 44.79
C LEU B 304 7.81 -0.67 44.93
N SER B 305 7.94 -1.36 43.81
CA SER B 305 7.93 -2.81 43.80
C SER B 305 9.03 -3.34 44.71
N SER B 306 10.16 -2.62 44.76
CA SER B 306 11.26 -3.04 45.62
C SER B 306 10.88 -2.79 47.08
N VAL B 307 10.42 -1.58 47.34
CA VAL B 307 9.99 -1.18 48.67
C VAL B 307 8.95 -2.19 49.14
N GLU B 308 8.01 -2.52 48.26
CA GLU B 308 6.96 -3.49 48.58
C GLU B 308 7.61 -4.82 48.99
N LYS B 309 8.54 -5.31 48.17
CA LYS B 309 9.22 -6.56 48.43
C LYS B 309 9.94 -6.57 49.78
N THR B 310 10.66 -5.48 50.05
CA THR B 310 11.40 -5.36 51.30
C THR B 310 10.45 -5.39 52.47
N LEU B 311 9.45 -4.52 52.42
CA LEU B 311 8.47 -4.42 53.49
C LEU B 311 7.75 -5.73 53.78
N LEU B 312 7.36 -6.44 52.74
CA LEU B 312 6.67 -7.72 52.92
C LEU B 312 7.55 -8.69 53.67
N GLU B 313 8.83 -8.72 53.34
CA GLU B 313 9.75 -9.63 54.01
C GLU B 313 9.92 -9.15 55.45
N ALA B 314 9.96 -7.84 55.63
CA ALA B 314 10.09 -7.27 56.97
C ALA B 314 8.87 -7.66 57.82
N VAL B 315 7.68 -7.63 57.21
CA VAL B 315 6.45 -7.98 57.91
C VAL B 315 6.42 -9.46 58.28
N ALA B 316 6.98 -10.28 57.40
CA ALA B 316 7.00 -11.72 57.63
C ALA B 316 8.01 -12.11 58.71
N LYS B 317 9.09 -11.36 58.81
CA LYS B 317 10.13 -11.69 59.79
C LYS B 317 10.02 -11.00 61.15
N LEU B 318 9.62 -9.73 61.17
CA LEU B 318 9.52 -9.00 62.43
C LEU B 318 8.16 -9.15 63.10
N PRO B 319 8.11 -8.95 64.43
CA PRO B 319 6.89 -9.05 65.22
C PRO B 319 5.88 -8.03 64.72
N THR B 320 4.61 -8.40 64.81
CA THR B 320 3.52 -7.55 64.36
C THR B 320 3.60 -6.13 64.93
N GLN B 321 4.02 -6.00 66.18
CA GLN B 321 4.07 -4.67 66.78
C GLN B 321 5.08 -3.69 66.19
N LYS B 322 6.11 -4.21 65.54
CA LYS B 322 7.11 -3.33 64.93
C LYS B 322 6.81 -2.99 63.47
N THR B 323 5.87 -3.72 62.86
CA THR B 323 5.54 -3.50 61.45
C THR B 323 4.23 -2.77 61.17
N GLU B 324 3.70 -2.06 62.18
CA GLU B 324 2.44 -1.34 62.01
C GLU B 324 2.43 -0.32 60.88
N VAL B 325 3.51 0.47 60.76
CA VAL B 325 3.58 1.45 59.68
C VAL B 325 3.90 0.74 58.36
N PHE B 326 4.65 -0.35 58.44
CA PHE B 326 5.02 -1.11 57.26
C PHE B 326 3.75 -1.64 56.59
N ARG B 327 2.93 -2.32 57.39
CA ARG B 327 1.68 -2.87 56.91
C ARG B 327 0.82 -1.75 56.32
N GLY B 328 1.05 -0.52 56.79
CA GLY B 328 0.28 0.61 56.28
C GLY B 328 0.67 0.94 54.86
N VAL B 329 1.96 1.03 54.61
CA VAL B 329 2.45 1.32 53.28
C VAL B 329 2.01 0.21 52.31
N LEU B 330 2.09 -1.03 52.79
CA LEU B 330 1.71 -2.19 52.00
C LEU B 330 0.27 -2.16 51.54
N GLU B 331 -0.63 -1.71 52.40
CA GLU B 331 -2.04 -1.62 52.02
C GLU B 331 -2.21 -0.59 50.92
N GLN B 332 -1.36 0.45 50.92
CA GLN B 332 -1.45 1.46 49.89
C GLN B 332 -0.86 0.91 48.60
N LEU B 333 0.37 0.42 48.67
CA LEU B 333 1.04 -0.14 47.49
C LEU B 333 0.18 -1.25 46.90
N ARG B 334 -0.75 -1.73 47.70
CA ARG B 334 -1.62 -2.81 47.28
C ARG B 334 -2.56 -2.42 46.16
N TRP B 335 -3.02 -1.17 46.14
CA TRP B 335 -3.94 -0.75 45.10
C TRP B 335 -3.38 0.45 44.35
N PHE B 336 -2.05 0.51 44.35
CA PHE B 336 -1.27 1.56 43.70
C PHE B 336 -0.92 1.08 42.28
N ALA B 337 -1.46 1.77 41.28
CA ALA B 337 -1.22 1.40 39.88
C ALA B 337 -1.23 -0.12 39.69
N GLY B 338 -0.28 -0.60 38.90
CA GLY B 338 -0.15 -2.02 38.63
C GLY B 338 1.31 -2.42 38.73
N LYS B 339 1.65 -3.58 38.18
CA LYS B 339 3.03 -4.04 38.21
C LYS B 339 3.94 -3.18 37.34
N GLN B 340 3.45 -2.79 36.16
CA GLN B 340 4.26 -1.99 35.25
C GLN B 340 4.71 -0.65 35.82
N VAL B 341 3.82 0.02 36.56
CA VAL B 341 4.15 1.32 37.14
C VAL B 341 4.98 1.22 38.43
N LYS B 342 4.69 0.20 39.22
CA LYS B 342 5.42 0.01 40.47
C LYS B 342 6.85 -0.48 40.24
N SER B 343 7.12 -1.00 39.04
CA SER B 343 8.45 -1.49 38.75
C SER B 343 9.38 -0.38 38.28
N VAL B 344 8.81 0.77 37.94
CA VAL B 344 9.61 1.89 37.49
C VAL B 344 9.42 3.13 38.36
N ALA B 345 8.23 3.28 38.97
CA ALA B 345 7.93 4.43 39.82
C ALA B 345 8.85 4.44 41.06
N SER B 346 9.46 5.57 41.32
CA SER B 346 10.37 5.66 42.44
C SER B 346 9.71 6.22 43.68
N LEU B 347 10.20 5.75 44.81
CA LEU B 347 9.71 6.20 46.10
C LEU B 347 9.89 7.71 46.13
N GLY B 348 11.09 8.17 45.82
CA GLY B 348 11.33 9.60 45.81
C GLY B 348 10.36 10.33 44.89
N GLY B 349 10.18 9.79 43.70
CA GLY B 349 9.29 10.42 42.72
C GLY B 349 7.90 10.72 43.25
N ASN B 350 7.33 9.80 44.03
CA ASN B 350 5.99 10.00 44.58
C ASN B 350 5.94 11.13 45.59
N ILE B 351 6.89 11.13 46.52
CA ILE B 351 6.94 12.15 47.56
C ILE B 351 7.04 13.55 47.02
N ILE B 352 8.09 13.83 46.25
CA ILE B 352 8.34 15.17 45.73
C ILE B 352 7.30 15.72 44.74
N THR B 353 6.65 14.84 43.97
CA THR B 353 5.64 15.30 43.02
C THR B 353 4.57 16.06 43.79
N ALA B 354 4.37 15.62 45.03
CA ALA B 354 3.40 16.23 45.94
C ALA B 354 2.02 16.36 45.34
N SER B 355 1.44 15.23 44.95
CA SER B 355 0.11 15.24 44.38
C SER B 355 -0.92 15.24 45.51
N PRO B 356 -1.88 16.19 45.46
CA PRO B 356 -2.94 16.29 46.47
C PRO B 356 -3.54 14.92 46.79
N ILE B 357 -3.50 14.02 45.80
CA ILE B 357 -4.07 12.69 45.97
C ILE B 357 -3.07 11.56 46.01
N SER B 358 -1.87 11.85 46.52
CA SER B 358 -0.83 10.86 46.69
C SER B 358 -1.32 9.85 47.72
N ASP B 359 -1.03 8.58 47.51
CA ASP B 359 -1.47 7.59 48.46
C ASP B 359 -0.40 7.31 49.49
N LEU B 360 0.82 7.71 49.19
CA LEU B 360 1.90 7.46 50.12
C LEU B 360 2.17 8.59 51.09
N ASN B 361 2.24 9.82 50.59
CA ASN B 361 2.53 10.96 51.46
C ASN B 361 1.70 10.97 52.75
N PRO B 362 0.39 10.76 52.64
CA PRO B 362 -0.44 10.75 53.86
C PRO B 362 0.09 9.76 54.90
N VAL B 363 0.50 8.58 54.46
CA VAL B 363 1.04 7.56 55.36
C VAL B 363 2.40 8.00 55.93
N PHE B 364 3.25 8.55 55.08
CA PHE B 364 4.57 9.00 55.52
C PHE B 364 4.53 10.14 56.53
N MET B 365 3.51 11.00 56.43
CA MET B 365 3.35 12.14 57.31
C MET B 365 2.81 11.73 58.69
N ALA B 366 1.85 10.80 58.69
CA ALA B 366 1.25 10.34 59.93
C ALA B 366 2.25 9.54 60.75
N SER B 367 3.36 9.16 60.12
CA SER B 367 4.39 8.38 60.78
C SER B 367 5.73 9.11 60.90
N GLY B 368 5.75 10.37 60.49
CA GLY B 368 6.96 11.16 60.56
C GLY B 368 8.18 10.47 59.97
N THR B 369 7.99 9.82 58.82
CA THR B 369 9.04 9.10 58.11
C THR B 369 10.25 10.01 57.88
N LYS B 370 11.43 9.54 58.26
CA LYS B 370 12.67 10.31 58.13
C LYS B 370 13.12 10.54 56.69
N LEU B 371 13.22 11.80 56.28
CA LEU B 371 13.65 12.16 54.94
C LEU B 371 15.05 12.78 54.93
N THR B 372 15.99 12.13 54.27
CA THR B 372 17.36 12.64 54.21
C THR B 372 17.60 13.44 52.92
N ILE B 373 17.56 14.77 53.05
CA ILE B 373 17.75 15.69 51.93
C ILE B 373 19.19 16.17 51.83
N VAL B 374 19.72 16.25 50.60
CA VAL B 374 21.10 16.69 50.41
C VAL B 374 21.31 17.67 49.26
N SER B 375 22.52 18.20 49.19
CA SER B 375 22.93 19.14 48.14
C SER B 375 24.44 19.27 48.33
N ARG B 376 25.15 19.70 47.28
CA ARG B 376 26.61 19.84 47.37
C ARG B 376 26.97 20.59 48.65
N GLY B 377 27.61 19.89 49.59
CA GLY B 377 28.01 20.52 50.84
C GLY B 377 27.05 20.30 52.01
N THR B 378 25.78 20.61 51.82
CA THR B 378 24.76 20.45 52.88
C THR B 378 24.15 19.04 52.96
N ARG B 379 23.49 18.77 54.08
CA ARG B 379 22.85 17.48 54.31
C ARG B 379 22.05 17.42 55.62
N ARG B 380 20.72 17.39 55.51
CA ARG B 380 19.86 17.34 56.69
C ARG B 380 18.84 16.19 56.67
N THR B 381 18.29 15.86 57.84
CA THR B 381 17.30 14.79 57.94
C THR B 381 16.11 15.27 58.75
N VAL B 382 14.96 15.42 58.10
CA VAL B 382 13.78 15.90 58.79
C VAL B 382 12.59 14.97 58.62
N PRO B 383 11.78 14.80 59.67
CA PRO B 383 10.60 13.92 59.60
C PRO B 383 9.47 14.63 58.86
N MET B 384 8.76 13.87 58.03
CA MET B 384 7.65 14.47 57.30
C MET B 384 6.52 14.87 58.24
N ASP B 385 5.99 16.07 58.03
CA ASP B 385 4.87 16.57 58.81
C ASP B 385 4.13 17.57 57.93
N HIS B 386 3.07 18.15 58.45
CA HIS B 386 2.27 19.06 57.63
C HIS B 386 3.02 20.20 56.97
N THR B 387 4.13 20.63 57.56
CA THR B 387 4.89 21.76 57.00
C THR B 387 5.64 21.49 55.72
N PHE B 388 5.85 20.20 55.42
CA PHE B 388 6.59 19.80 54.23
C PHE B 388 5.94 20.22 52.91
N PHE B 389 4.61 20.24 52.90
CA PHE B 389 3.87 20.63 51.70
C PHE B 389 3.25 22.02 51.87
N PRO B 390 4.07 23.08 51.71
CA PRO B 390 3.63 24.46 51.84
C PRO B 390 2.36 24.77 51.06
N SER B 391 2.43 24.60 49.75
CA SER B 391 1.30 24.89 48.89
C SER B 391 1.06 23.79 47.85
N TYR B 392 0.18 24.08 46.89
CA TYR B 392 -0.13 23.12 45.83
C TYR B 392 1.14 22.61 45.17
N ARG B 393 1.22 21.29 45.01
CA ARG B 393 2.34 20.61 44.38
C ARG B 393 3.74 21.14 44.71
N LYS B 394 3.91 21.68 45.92
CA LYS B 394 5.20 22.21 46.30
C LYS B 394 5.68 21.56 47.60
N THR B 395 6.99 21.51 47.78
CA THR B 395 7.55 20.91 48.97
C THR B 395 8.66 21.79 49.51
N LEU B 396 9.19 21.41 50.68
CA LEU B 396 10.24 22.18 51.33
C LEU B 396 11.65 21.79 50.92
N LEU B 397 11.88 21.57 49.63
CA LEU B 397 13.21 21.22 49.16
C LEU B 397 13.80 22.47 48.54
N GLY B 398 15.13 22.59 48.63
CA GLY B 398 15.79 23.75 48.05
C GLY B 398 15.95 23.54 46.56
N PRO B 399 16.06 24.63 45.79
CA PRO B 399 16.22 24.43 44.34
C PRO B 399 17.49 23.63 43.99
N GLU B 400 18.41 23.49 44.94
CA GLU B 400 19.62 22.74 44.67
C GLU B 400 19.63 21.44 45.49
N GLU B 401 18.49 21.13 46.10
CA GLU B 401 18.34 19.95 46.93
C GLU B 401 17.67 18.79 46.20
N ILE B 402 18.00 17.58 46.62
CA ILE B 402 17.42 16.35 46.06
C ILE B 402 17.20 15.41 47.24
N LEU B 403 16.07 14.71 47.25
CA LEU B 403 15.77 13.76 48.30
C LEU B 403 16.67 12.55 48.07
N LEU B 404 17.45 12.18 49.07
CA LEU B 404 18.39 11.07 48.96
C LEU B 404 17.86 9.74 49.47
N SER B 405 17.23 9.75 50.64
CA SER B 405 16.71 8.51 51.21
C SER B 405 15.51 8.75 52.11
N ILE B 406 14.78 7.68 52.35
CA ILE B 406 13.58 7.71 53.18
C ILE B 406 13.65 6.54 54.16
N GLU B 407 13.37 6.81 55.43
CA GLU B 407 13.40 5.74 56.42
C GLU B 407 12.02 5.53 57.02
N ILE B 408 11.32 4.50 56.54
CA ILE B 408 10.00 4.19 57.06
C ILE B 408 10.27 3.53 58.41
N PRO B 409 9.73 4.13 59.48
CA PRO B 409 9.82 3.73 60.87
C PRO B 409 9.24 2.41 61.36
N TYR B 410 9.96 1.81 62.31
CA TYR B 410 9.51 0.58 62.93
C TYR B 410 8.37 1.02 63.83
N SER B 411 7.62 0.08 64.37
CA SER B 411 6.48 0.44 65.20
C SER B 411 6.70 0.18 66.70
N ARG B 412 6.49 1.22 67.51
CA ARG B 412 6.69 1.12 68.95
C ARG B 412 5.49 0.49 69.65
N GLU B 413 5.69 0.09 70.90
CA GLU B 413 4.59 -0.51 71.68
C GLU B 413 3.51 0.53 71.89
N ASP B 414 2.28 0.06 72.07
CA ASP B 414 1.13 0.95 72.29
C ASP B 414 0.99 1.97 71.16
N GLU B 415 1.48 1.62 69.96
CA GLU B 415 1.41 2.49 68.79
C GLU B 415 0.76 1.75 67.64
N PHE B 416 -0.34 2.26 67.11
CA PHE B 416 -1.00 1.57 66.01
C PHE B 416 -1.22 2.45 64.79
N PHE B 417 -1.13 1.82 63.62
CA PHE B 417 -1.28 2.52 62.36
C PHE B 417 -2.34 1.88 61.48
N SER B 418 -2.83 2.63 60.51
CA SER B 418 -3.82 2.19 59.54
C SER B 418 -3.70 3.09 58.32
N ALA B 419 -4.10 2.59 57.16
CA ALA B 419 -4.04 3.37 55.93
C ALA B 419 -5.18 2.92 55.03
N PHE B 420 -5.99 3.87 54.60
CA PHE B 420 -7.13 3.58 53.76
C PHE B 420 -7.11 4.43 52.50
N LYS B 421 -7.74 3.91 51.46
CA LYS B 421 -7.83 4.59 50.17
C LYS B 421 -9.13 4.16 49.53
N GLN B 422 -9.82 5.09 48.90
CA GLN B 422 -11.08 4.79 48.24
C GLN B 422 -11.19 5.59 46.97
N ALA B 423 -11.49 4.91 45.86
CA ALA B 423 -11.64 5.58 44.57
C ALA B 423 -12.95 5.18 43.91
N SER B 424 -12.91 4.95 42.59
CA SER B 424 -14.10 4.55 41.85
C SER B 424 -14.02 3.06 41.55
N ARG B 425 -12.80 2.60 41.27
CA ARG B 425 -12.52 1.20 41.00
C ARG B 425 -11.34 0.83 41.90
N ARG B 426 -11.47 -0.30 42.59
CA ARG B 426 -10.47 -0.78 43.51
C ARG B 426 -9.06 -0.93 42.92
N GLU B 427 -8.97 -1.58 41.76
CA GLU B 427 -7.67 -1.81 41.11
C GLU B 427 -7.15 -0.60 40.35
N ASP B 428 -5.89 -0.26 40.59
CA ASP B 428 -5.21 0.85 39.90
C ASP B 428 -6.11 2.07 39.64
N ASP B 429 -6.18 2.98 40.62
CA ASP B 429 -7.01 4.18 40.48
C ASP B 429 -6.63 5.36 41.37
N ILE B 430 -6.91 6.57 40.86
CA ILE B 430 -6.64 7.84 41.56
C ILE B 430 -7.63 7.96 42.72
N ALA B 431 -7.11 8.12 43.94
CA ALA B 431 -7.93 8.21 45.15
C ALA B 431 -8.87 9.42 45.29
N LYS B 432 -10.07 9.17 45.81
CA LYS B 432 -11.04 10.25 46.06
C LYS B 432 -10.56 10.82 47.39
N VAL B 433 -10.36 9.92 48.34
CA VAL B 433 -9.88 10.25 49.67
C VAL B 433 -8.98 9.11 50.12
N THR B 434 -7.78 9.46 50.57
CA THR B 434 -6.83 8.48 51.04
C THR B 434 -6.24 9.01 52.33
N CYS B 435 -5.84 8.12 53.22
CA CYS B 435 -5.30 8.59 54.49
C CYS B 435 -4.25 7.70 55.12
N GLY B 436 -3.67 8.24 56.18
CA GLY B 436 -2.67 7.54 56.98
C GLY B 436 -3.06 7.92 58.40
N MET B 437 -3.27 6.93 59.26
CA MET B 437 -3.65 7.21 60.63
C MET B 437 -2.78 6.53 61.69
N ARG B 438 -2.32 7.34 62.64
CA ARG B 438 -1.46 6.84 63.69
C ARG B 438 -1.83 7.33 65.08
N VAL B 439 -1.66 6.45 66.06
CA VAL B 439 -1.93 6.76 67.46
C VAL B 439 -0.89 6.11 68.37
N LEU B 440 -0.52 6.85 69.41
CA LEU B 440 0.45 6.38 70.40
C LEU B 440 -0.16 6.65 71.76
N PHE B 441 -0.27 5.60 72.58
CA PHE B 441 -0.84 5.76 73.91
C PHE B 441 0.24 5.71 75.01
N GLN B 442 -0.15 6.15 76.21
CA GLN B 442 0.77 6.10 77.35
C GLN B 442 0.91 4.60 77.61
N PRO B 443 2.11 4.16 78.02
CA PRO B 443 2.41 2.74 78.31
C PRO B 443 1.22 1.89 78.76
N GLY B 444 0.97 0.81 78.04
CA GLY B 444 -0.13 -0.07 78.37
C GLY B 444 -1.50 0.54 78.69
N SER B 445 -1.74 1.79 78.31
CA SER B 445 -3.02 2.42 78.60
C SER B 445 -3.86 2.63 77.35
N MET B 446 -4.99 3.29 77.54
CA MET B 446 -5.88 3.59 76.42
C MET B 446 -5.97 5.10 76.34
N GLN B 447 -4.93 5.75 76.85
CA GLN B 447 -4.85 7.19 76.86
C GLN B 447 -3.93 7.70 75.76
N VAL B 448 -4.49 8.55 74.90
CA VAL B 448 -3.77 9.13 73.77
C VAL B 448 -2.58 10.01 74.15
N LYS B 449 -1.42 9.71 73.56
CA LYS B 449 -0.22 10.50 73.78
C LYS B 449 -0.01 11.28 72.48
N GLU B 450 0.10 10.55 71.37
CA GLU B 450 0.27 11.16 70.05
C GLU B 450 -0.85 10.69 69.14
N LEU B 451 -1.40 11.60 68.34
CA LEU B 451 -2.48 11.24 67.42
C LEU B 451 -2.42 12.08 66.15
N ALA B 452 -2.22 11.40 65.02
CA ALA B 452 -2.12 12.06 63.72
C ALA B 452 -3.07 11.47 62.68
N LEU B 453 -3.84 12.34 62.05
CA LEU B 453 -4.77 11.93 61.01
C LEU B 453 -4.44 12.75 59.76
N CYS B 454 -3.87 12.11 58.76
CA CYS B 454 -3.47 12.79 57.52
C CYS B 454 -4.22 12.28 56.27
N TYR B 455 -4.83 13.21 55.53
CA TYR B 455 -5.60 12.87 54.34
C TYR B 455 -5.10 13.42 53.01
N GLY B 456 -5.52 12.73 51.95
CA GLY B 456 -5.21 13.13 50.60
C GLY B 456 -6.60 13.25 50.00
N GLY B 457 -6.76 14.13 49.01
CA GLY B 457 -8.07 14.29 48.38
C GLY B 457 -9.04 15.22 49.07
N MET B 458 -8.54 15.96 50.07
CA MET B 458 -9.38 16.90 50.81
C MET B 458 -8.90 18.33 50.66
N ALA B 459 -7.68 18.48 50.14
CA ALA B 459 -7.08 19.80 49.94
C ALA B 459 -6.22 19.80 48.67
N ASP B 460 -5.52 20.90 48.42
CA ASP B 460 -4.65 21.00 47.24
C ASP B 460 -3.26 20.50 47.62
N ARG B 461 -3.22 19.76 48.72
CA ARG B 461 -1.98 19.19 49.24
C ARG B 461 -2.32 18.23 50.37
N THR B 462 -1.41 17.31 50.68
CA THR B 462 -1.64 16.39 51.76
C THR B 462 -1.71 17.24 53.03
N ILE B 463 -2.70 16.97 53.89
CA ILE B 463 -2.87 17.73 55.13
C ILE B 463 -3.09 16.83 56.33
N SER B 464 -2.84 17.37 57.51
CA SER B 464 -3.04 16.64 58.77
C SER B 464 -4.13 17.39 59.54
N ALA B 465 -5.11 16.66 60.07
CA ALA B 465 -6.20 17.27 60.83
C ALA B 465 -5.74 17.62 62.24
N LEU B 466 -4.72 18.48 62.33
CA LEU B 466 -4.15 18.90 63.61
C LEU B 466 -5.14 19.44 64.63
N LYS B 467 -6.01 20.37 64.21
CA LYS B 467 -6.98 20.92 65.15
C LYS B 467 -7.74 19.78 65.80
N THR B 468 -8.40 18.97 64.99
CA THR B 468 -9.17 17.85 65.53
C THR B 468 -8.36 16.85 66.37
N THR B 469 -7.12 16.58 65.99
CA THR B 469 -6.33 15.63 66.77
C THR B 469 -5.76 16.20 68.07
N GLN B 470 -5.62 17.51 68.16
CA GLN B 470 -5.09 18.15 69.37
C GLN B 470 -6.00 17.93 70.57
N LYS B 471 -7.27 18.26 70.37
CA LYS B 471 -8.29 18.13 71.39
C LYS B 471 -8.41 16.71 71.96
N GLN B 472 -7.71 15.75 71.38
CA GLN B 472 -7.81 14.38 71.86
C GLN B 472 -6.60 13.90 72.61
N LEU B 473 -5.52 14.68 72.54
CA LEU B 473 -4.31 14.30 73.25
C LEU B 473 -4.66 14.21 74.72
N SER B 474 -4.19 13.14 75.34
CA SER B 474 -4.41 12.90 76.76
C SER B 474 -5.78 12.34 77.08
N LYS B 475 -6.71 12.43 76.13
CA LYS B 475 -8.06 11.89 76.31
C LYS B 475 -8.01 10.39 76.07
N PHE B 476 -9.07 9.68 76.41
CA PHE B 476 -9.07 8.22 76.24
C PHE B 476 -9.76 7.71 75.00
N TRP B 477 -9.30 6.53 74.54
CA TRP B 477 -9.85 5.91 73.36
C TRP B 477 -11.21 5.34 73.72
N ASN B 478 -12.26 6.11 73.44
CA ASN B 478 -13.64 5.72 73.78
C ASN B 478 -14.71 6.36 72.90
N GLU B 479 -15.92 5.80 73.01
CA GLU B 479 -17.09 6.24 72.25
C GLU B 479 -17.22 7.76 72.16
N LYS B 480 -16.74 8.46 73.19
CA LYS B 480 -16.84 9.91 73.23
C LYS B 480 -15.80 10.51 72.30
N LEU B 481 -14.58 9.96 72.32
CA LEU B 481 -13.49 10.43 71.47
C LEU B 481 -13.94 10.28 70.03
N LEU B 482 -14.49 9.11 69.72
CA LEU B 482 -14.98 8.83 68.40
C LEU B 482 -15.94 9.94 68.00
N GLN B 483 -16.85 10.29 68.91
CA GLN B 483 -17.83 11.35 68.66
C GLN B 483 -17.17 12.70 68.44
N ASP B 484 -16.27 13.10 69.32
CA ASP B 484 -15.61 14.39 69.16
C ASP B 484 -14.86 14.47 67.83
N VAL B 485 -13.95 13.53 67.59
CA VAL B 485 -13.16 13.48 66.34
C VAL B 485 -14.03 13.65 65.10
N CYS B 486 -15.06 12.83 64.95
CA CYS B 486 -15.95 12.94 63.80
C CYS B 486 -16.48 14.36 63.69
N ALA B 487 -16.83 14.97 64.81
CA ALA B 487 -17.33 16.33 64.79
C ALA B 487 -16.18 17.23 64.35
N GLY B 488 -14.99 16.95 64.89
CA GLY B 488 -13.81 17.72 64.55
C GLY B 488 -13.55 17.66 63.06
N LEU B 489 -13.35 16.44 62.55
CA LEU B 489 -13.08 16.23 61.12
C LEU B 489 -14.11 16.93 60.26
N ALA B 490 -15.38 16.75 60.62
CA ALA B 490 -16.48 17.34 59.86
C ALA B 490 -16.40 18.85 59.77
N GLU B 491 -15.74 19.46 60.74
CA GLU B 491 -15.62 20.91 60.74
C GLU B 491 -14.29 21.37 60.15
N GLU B 492 -13.22 20.69 60.54
CA GLU B 492 -11.89 21.05 60.07
C GLU B 492 -11.62 20.76 58.60
N LEU B 493 -12.20 19.69 58.06
CA LEU B 493 -11.96 19.34 56.65
C LEU B 493 -13.17 19.56 55.74
N SER B 494 -13.92 20.61 56.03
CA SER B 494 -15.11 20.94 55.23
C SER B 494 -14.74 21.22 53.77
N LEU B 495 -15.69 21.05 52.87
CA LEU B 495 -15.46 21.32 51.46
C LEU B 495 -16.54 22.24 50.94
N SER B 496 -16.14 23.29 50.24
CA SER B 496 -17.11 24.22 49.68
C SER B 496 -17.76 23.57 48.45
N PRO B 497 -19.05 23.86 48.21
CA PRO B 497 -19.80 23.30 47.08
C PRO B 497 -19.00 23.30 45.78
N ASP B 498 -18.23 24.37 45.59
CA ASP B 498 -17.39 24.53 44.41
C ASP B 498 -16.08 23.76 44.56
N ALA B 499 -16.07 22.79 45.45
CA ALA B 499 -14.86 22.00 45.66
C ALA B 499 -14.41 21.35 44.35
N PRO B 500 -13.09 21.34 44.11
CA PRO B 500 -12.61 20.71 42.88
C PRO B 500 -12.87 19.23 43.00
N GLY B 501 -13.27 18.59 41.91
CA GLY B 501 -13.54 17.17 41.96
C GLY B 501 -14.92 16.83 42.49
N GLY B 502 -15.62 17.82 43.02
CA GLY B 502 -16.96 17.59 43.55
C GLY B 502 -17.06 16.45 44.54
N MET B 503 -18.20 15.77 44.53
CA MET B 503 -18.45 14.65 45.43
C MET B 503 -18.22 15.08 46.88
N ILE B 504 -18.60 16.32 47.18
CA ILE B 504 -18.46 16.90 48.50
C ILE B 504 -18.93 15.97 49.63
N GLU B 505 -20.20 15.57 49.63
CA GLU B 505 -20.76 14.70 50.68
C GLU B 505 -20.00 13.38 50.87
N PHE B 506 -19.79 12.67 49.78
CA PHE B 506 -19.11 11.38 49.79
C PHE B 506 -17.70 11.51 50.33
N ARG B 507 -16.98 12.51 49.85
CA ARG B 507 -15.61 12.72 50.29
C ARG B 507 -15.52 13.00 51.78
N ARG B 508 -16.39 13.87 52.28
CA ARG B 508 -16.37 14.18 53.69
C ARG B 508 -16.79 12.96 54.51
N THR B 509 -17.82 12.25 54.06
CA THR B 509 -18.26 11.05 54.77
C THR B 509 -17.12 10.03 54.88
N LEU B 510 -16.30 9.95 53.84
CA LEU B 510 -15.18 9.00 53.80
C LEU B 510 -14.11 9.28 54.85
N THR B 511 -13.97 10.53 55.25
CA THR B 511 -12.98 10.88 56.25
C THR B 511 -13.47 10.43 57.63
N LEU B 512 -14.78 10.52 57.86
CA LEU B 512 -15.32 10.10 59.15
C LEU B 512 -15.38 8.59 59.22
N SER B 513 -15.78 7.99 58.10
CA SER B 513 -15.89 6.53 58.01
C SER B 513 -14.51 5.90 58.15
N PHE B 514 -13.52 6.52 57.53
CA PHE B 514 -12.16 6.02 57.60
C PHE B 514 -11.71 6.02 59.05
N PHE B 515 -11.99 7.12 59.76
CA PHE B 515 -11.61 7.20 61.16
C PHE B 515 -12.35 6.19 62.01
N PHE B 516 -13.61 5.95 61.69
CA PHE B 516 -14.43 5.00 62.41
C PHE B 516 -13.77 3.63 62.34
N LYS B 517 -13.29 3.26 61.14
CA LYS B 517 -12.59 1.99 60.96
C LYS B 517 -11.32 2.01 61.81
N PHE B 518 -10.59 3.14 61.77
CA PHE B 518 -9.37 3.27 62.55
C PHE B 518 -9.71 3.09 64.02
N TYR B 519 -10.79 3.74 64.43
CA TYR B 519 -11.26 3.68 65.81
C TYR B 519 -11.55 2.24 66.25
N LEU B 520 -12.33 1.52 65.45
CA LEU B 520 -12.70 0.14 65.75
C LEU B 520 -11.50 -0.80 65.72
N THR B 521 -10.60 -0.58 64.79
CA THR B 521 -9.42 -1.41 64.65
C THR B 521 -8.51 -1.27 65.86
N VAL B 522 -8.31 -0.03 66.31
CA VAL B 522 -7.47 0.23 67.47
C VAL B 522 -8.05 -0.48 68.70
N LEU B 523 -9.39 -0.46 68.84
CA LEU B 523 -10.04 -1.14 69.96
C LEU B 523 -9.65 -2.62 69.88
N LYS B 524 -9.84 -3.22 68.72
CA LYS B 524 -9.49 -4.61 68.53
C LYS B 524 -8.03 -4.78 68.95
N LYS B 525 -7.17 -3.87 68.48
CA LYS B 525 -5.74 -3.92 68.79
C LYS B 525 -5.42 -3.60 70.24
N LEU B 526 -6.32 -2.90 70.92
CA LEU B 526 -6.09 -2.61 72.33
C LEU B 526 -6.62 -3.81 73.11
N GLY B 527 -7.15 -4.78 72.39
CA GLY B 527 -7.68 -6.00 72.99
C GLY B 527 -6.65 -7.11 73.23
N LYS B 528 -5.37 -6.85 72.94
CA LYS B 528 -4.30 -7.85 73.15
C LYS B 528 -4.48 -9.14 72.32
N ASP B 529 -4.91 -10.21 73.01
CA ASP B 529 -5.18 -11.55 72.44
C ASP B 529 -4.15 -12.65 72.82
N SER B 530 -2.85 -12.33 72.77
CA SER B 530 -1.76 -13.28 73.14
C SER B 530 -1.22 -14.22 72.02
N LYS B 536 -11.45 -6.04 72.92
CA LYS B 536 -12.52 -6.73 72.15
C LYS B 536 -13.35 -5.75 71.30
N LEU B 537 -14.60 -6.12 71.00
CA LEU B 537 -15.48 -5.28 70.17
C LEU B 537 -16.85 -6.00 70.02
N ASP B 538 -17.88 -5.25 69.63
CA ASP B 538 -19.22 -5.87 69.42
C ASP B 538 -19.10 -7.03 68.45
N PRO B 539 -20.01 -8.02 68.58
CA PRO B 539 -19.99 -9.21 67.70
C PRO B 539 -20.17 -8.87 66.18
N THR B 540 -21.07 -7.92 65.88
CA THR B 540 -21.37 -7.50 64.50
C THR B 540 -20.48 -6.33 64.00
N TYR B 541 -19.29 -6.18 64.59
CA TYR B 541 -18.39 -5.07 64.21
C TYR B 541 -17.05 -5.39 63.59
N THR B 542 -16.37 -6.42 64.11
CA THR B 542 -15.03 -6.83 63.61
C THR B 542 -14.88 -6.80 62.08
N SER B 543 -15.97 -7.03 61.36
CA SER B 543 -15.97 -7.02 59.90
C SER B 543 -15.50 -5.66 59.40
N ALA B 544 -15.71 -4.62 60.21
CA ALA B 544 -15.27 -3.27 59.84
C ALA B 544 -13.85 -3.00 60.31
N THR B 545 -13.14 -4.06 60.71
CA THR B 545 -11.74 -3.98 61.16
C THR B 545 -10.91 -4.99 60.32
N LEU B 546 -11.37 -5.19 59.08
CA LEU B 546 -10.74 -6.15 58.15
C LEU B 546 -10.35 -5.56 56.78
N LEU B 547 -9.12 -5.84 56.35
CA LEU B 547 -8.61 -5.37 55.04
C LEU B 547 -9.21 -6.22 53.91
N PHE B 548 -9.24 -5.66 52.68
CA PHE B 548 -9.82 -6.38 51.53
C PHE B 548 -9.31 -7.83 51.44
N GLN B 549 -10.18 -8.72 50.99
CA GLN B 549 -9.82 -10.14 50.86
C GLN B 549 -10.36 -10.80 49.58
N LYS B 550 -9.46 -11.45 48.85
CA LYS B 550 -9.82 -12.14 47.61
C LYS B 550 -10.13 -13.62 47.90
N HIS B 551 -11.38 -14.02 47.69
CA HIS B 551 -11.82 -15.41 47.90
C HIS B 551 -11.38 -16.15 46.60
N PRO B 552 -11.14 -17.48 46.65
CA PRO B 552 -10.72 -18.25 45.45
C PRO B 552 -11.79 -18.35 44.34
N PRO B 553 -11.44 -18.00 43.08
CA PRO B 553 -12.37 -18.05 41.93
C PRO B 553 -12.89 -19.45 41.54
N ALA B 554 -14.12 -19.51 41.03
CA ALA B 554 -14.72 -20.79 40.60
C ALA B 554 -15.63 -20.54 39.40
N ASN B 555 -15.20 -20.93 38.20
CA ASN B 555 -16.01 -20.72 37.01
C ASN B 555 -16.35 -22.00 36.27
N ILE B 556 -17.58 -22.08 35.84
CA ILE B 556 -18.04 -23.24 35.09
C ILE B 556 -18.72 -22.76 33.81
N GLN B 557 -18.40 -23.43 32.71
CA GLN B 557 -19.02 -23.09 31.44
C GLN B 557 -19.66 -24.36 30.94
N LEU B 558 -20.92 -24.28 30.56
CA LEU B 558 -21.57 -25.47 30.02
C LEU B 558 -22.42 -25.12 28.84
N PHE B 559 -22.15 -25.85 27.78
CA PHE B 559 -22.81 -25.69 26.52
C PHE B 559 -23.12 -27.12 26.10
N GLN B 560 -23.72 -27.26 24.93
CA GLN B 560 -24.09 -28.57 24.42
C GLN B 560 -23.11 -29.19 23.42
N GLU B 561 -22.95 -30.50 23.54
CA GLU B 561 -22.06 -31.27 22.69
C GLU B 561 -22.70 -31.37 21.31
N VAL B 562 -21.91 -31.66 20.28
CA VAL B 562 -22.46 -31.77 18.94
C VAL B 562 -22.95 -33.20 18.71
N PRO B 563 -23.87 -33.37 17.75
CA PRO B 563 -24.42 -34.69 17.41
C PRO B 563 -23.30 -35.74 17.35
N ASN B 564 -23.48 -36.81 18.13
CA ASN B 564 -22.51 -37.90 18.22
C ASN B 564 -21.87 -38.29 16.88
N GLY B 565 -22.64 -38.25 15.81
CA GLY B 565 -22.10 -38.60 14.50
C GLY B 565 -22.02 -37.42 13.56
N GLN B 566 -21.17 -36.44 13.89
CA GLN B 566 -21.00 -35.28 13.04
C GLN B 566 -19.56 -35.32 12.57
N SER B 567 -19.35 -35.00 11.29
CA SER B 567 -18.01 -35.02 10.76
C SER B 567 -17.08 -34.16 11.60
N LYS B 568 -15.89 -34.68 11.86
CA LYS B 568 -14.90 -33.98 12.64
C LYS B 568 -14.53 -32.69 11.88
N GLU B 569 -14.87 -32.67 10.59
CA GLU B 569 -14.60 -31.53 9.73
C GLU B 569 -15.72 -30.50 9.72
N ASP B 570 -16.87 -30.86 10.29
CA ASP B 570 -17.98 -29.91 10.38
C ASP B 570 -17.81 -29.20 11.71
N THR B 571 -17.07 -28.10 11.67
CA THR B 571 -16.77 -27.32 12.87
C THR B 571 -17.97 -26.60 13.52
N VAL B 572 -19.03 -26.36 12.74
CA VAL B 572 -20.21 -25.68 13.28
C VAL B 572 -20.74 -26.40 14.52
N GLY B 573 -20.72 -25.71 15.65
CA GLY B 573 -21.20 -26.28 16.89
C GLY B 573 -20.06 -26.59 17.85
N ARG B 574 -18.83 -26.64 17.35
CA ARG B 574 -17.68 -26.93 18.19
C ARG B 574 -17.05 -25.60 18.63
N PRO B 575 -16.32 -25.62 19.76
CA PRO B 575 -15.67 -24.43 20.32
C PRO B 575 -14.33 -24.10 19.65
N LEU B 576 -14.40 -23.80 18.36
CA LEU B 576 -13.23 -23.46 17.54
C LEU B 576 -12.71 -22.07 17.89
N PRO B 577 -11.47 -21.97 18.36
CA PRO B 577 -10.96 -20.63 18.70
C PRO B 577 -10.87 -19.65 17.53
N HIS B 578 -10.91 -18.37 17.86
CA HIS B 578 -10.84 -17.27 16.90
C HIS B 578 -9.65 -17.46 15.99
N LEU B 579 -9.91 -17.65 14.70
CA LEU B 579 -8.86 -17.89 13.72
C LEU B 579 -7.62 -16.98 13.78
N ALA B 580 -7.72 -15.86 14.51
CA ALA B 580 -6.58 -14.94 14.60
C ALA B 580 -5.98 -14.83 15.99
N ALA B 581 -6.57 -15.56 16.94
CA ALA B 581 -6.12 -15.55 18.33
C ALA B 581 -4.60 -15.67 18.46
N ALA B 582 -4.03 -16.66 17.78
CA ALA B 582 -2.60 -16.91 17.79
C ALA B 582 -1.77 -15.72 17.30
N MET B 583 -2.19 -15.10 16.20
CA MET B 583 -1.47 -13.95 15.67
C MET B 583 -1.67 -12.69 16.50
N GLN B 584 -2.74 -12.66 17.29
CA GLN B 584 -2.99 -11.52 18.14
C GLN B 584 -2.17 -11.72 19.40
N ALA B 585 -2.03 -12.98 19.78
CA ALA B 585 -1.23 -13.34 20.95
C ALA B 585 0.26 -13.31 20.62
N SER B 586 0.60 -12.93 19.39
CA SER B 586 2.02 -12.88 19.01
C SER B 586 2.43 -11.53 18.44
N GLY B 587 1.46 -10.63 18.31
CA GLY B 587 1.76 -9.31 17.81
C GLY B 587 1.87 -9.23 16.30
N GLU B 588 1.55 -10.35 15.64
CA GLU B 588 1.63 -10.43 14.19
C GLU B 588 0.35 -9.96 13.54
N ALA B 589 -0.74 -9.96 14.31
CA ALA B 589 -2.01 -9.50 13.79
C ALA B 589 -1.79 -8.03 13.47
N VAL B 590 -2.27 -7.59 12.31
CA VAL B 590 -2.06 -6.21 11.91
C VAL B 590 -3.28 -5.32 12.06
N TYR B 591 -3.07 -4.19 12.71
CA TYR B 591 -4.14 -3.22 12.87
C TYR B 591 -3.74 -1.99 12.06
N CYS B 592 -4.73 -1.17 11.76
CA CYS B 592 -4.54 0.00 10.95
C CYS B 592 -3.21 0.73 11.07
N ASP B 593 -2.83 1.15 12.28
CA ASP B 593 -1.58 1.87 12.45
C ASP B 593 -0.36 0.95 12.35
N ASP B 594 -0.59 -0.35 12.49
CA ASP B 594 0.46 -1.36 12.40
C ASP B 594 0.92 -1.45 10.94
N ILE B 595 0.05 -1.05 10.03
CA ILE B 595 0.38 -1.04 8.61
C ILE B 595 1.60 -0.15 8.42
N PRO B 596 2.63 -0.63 7.73
CA PRO B 596 3.82 0.18 7.53
C PRO B 596 3.47 1.53 6.94
N ARG B 597 4.38 2.48 7.10
CA ARG B 597 4.16 3.81 6.61
C ARG B 597 4.98 4.09 5.36
N TYR B 598 4.41 4.86 4.44
CA TYR B 598 5.10 5.22 3.22
C TYR B 598 6.20 6.23 3.50
N GLU B 599 7.25 6.22 2.70
CA GLU B 599 8.39 7.13 2.85
C GLU B 599 7.94 8.59 2.88
N ASN B 600 6.84 8.90 2.20
CA ASN B 600 6.34 10.28 2.14
C ASN B 600 4.99 10.43 2.84
N GLU B 601 4.68 9.52 3.76
CA GLU B 601 3.42 9.57 4.47
C GLU B 601 3.44 10.68 5.52
N LEU B 602 2.42 11.54 5.48
CA LEU B 602 2.31 12.65 6.40
C LEU B 602 1.34 12.33 7.54
N PHE B 603 1.43 13.09 8.63
CA PHE B 603 0.57 12.88 9.78
C PHE B 603 -0.41 14.02 10.05
N LEU B 604 -1.62 13.65 10.47
CA LEU B 604 -2.67 14.63 10.74
C LEU B 604 -3.16 14.60 12.18
N ARG B 605 -3.28 15.79 12.75
CA ARG B 605 -3.74 16.01 14.11
C ARG B 605 -4.92 16.97 14.04
N LEU B 606 -6.08 16.54 14.49
CA LEU B 606 -7.26 17.39 14.46
C LEU B 606 -7.18 18.58 15.41
N VAL B 607 -7.65 19.74 14.94
CA VAL B 607 -7.71 20.97 15.73
C VAL B 607 -9.18 21.13 16.11
N THR B 608 -9.51 20.96 17.40
CA THR B 608 -10.89 21.04 17.87
C THR B 608 -11.35 22.25 18.72
N SER B 609 -12.66 22.41 18.82
CA SER B 609 -13.29 23.48 19.59
C SER B 609 -13.10 23.31 21.10
N THR B 610 -12.77 24.40 21.79
CA THR B 610 -12.59 24.35 23.23
C THR B 610 -13.79 24.98 23.95
N ARG B 611 -14.71 25.51 23.16
CA ARG B 611 -15.92 26.14 23.68
C ARG B 611 -17.14 25.28 23.34
N ALA B 612 -18.11 25.20 24.26
CA ALA B 612 -19.30 24.38 24.06
C ALA B 612 -20.21 24.90 22.97
N HIS B 613 -20.13 26.20 22.70
CA HIS B 613 -20.96 26.82 21.68
C HIS B 613 -20.50 28.25 21.55
N ALA B 614 -20.13 28.65 20.33
CA ALA B 614 -19.64 30.00 20.11
C ALA B 614 -19.38 30.25 18.63
N LYS B 615 -19.00 31.48 18.35
CA LYS B 615 -18.67 31.88 17.00
C LYS B 615 -17.16 31.79 16.86
N ILE B 616 -16.70 31.43 15.67
CA ILE B 616 -15.28 31.36 15.38
C ILE B 616 -15.04 32.72 14.79
N LYS B 617 -14.29 33.56 15.48
CA LYS B 617 -14.07 34.90 14.96
C LYS B 617 -12.73 35.02 14.25
N SER B 618 -11.85 34.08 14.50
CA SER B 618 -10.54 34.13 13.86
C SER B 618 -9.72 32.89 14.16
N ILE B 619 -8.92 32.49 13.17
CA ILE B 619 -8.03 31.35 13.33
C ILE B 619 -6.62 31.81 12.96
N ASP B 620 -5.69 31.64 13.89
CA ASP B 620 -4.31 32.05 13.68
C ASP B 620 -3.41 30.81 13.69
N VAL B 621 -2.58 30.68 12.66
CA VAL B 621 -1.67 29.54 12.55
C VAL B 621 -0.21 29.95 12.52
N SER B 622 0.05 31.23 12.82
CA SER B 622 1.39 31.79 12.85
C SER B 622 2.34 30.96 13.70
N GLU B 623 1.84 30.53 14.86
CA GLU B 623 2.62 29.74 15.77
C GLU B 623 2.87 28.35 15.22
N ALA B 624 1.82 27.73 14.70
CA ALA B 624 1.91 26.39 14.14
C ALA B 624 2.99 26.33 13.05
N GLN B 625 2.86 27.20 12.06
CA GLN B 625 3.79 27.26 10.93
C GLN B 625 5.26 27.29 11.36
N LYS B 626 5.51 27.72 12.59
CA LYS B 626 6.87 27.81 13.07
C LYS B 626 7.39 26.49 13.58
N VAL B 627 6.51 25.53 13.82
CA VAL B 627 6.93 24.23 14.34
C VAL B 627 7.65 23.43 13.25
N PRO B 628 8.73 22.73 13.62
CA PRO B 628 9.49 21.93 12.65
C PRO B 628 8.62 20.86 12.01
N GLY B 629 8.68 20.75 10.69
CA GLY B 629 7.90 19.73 10.02
C GLY B 629 6.48 20.09 9.65
N PHE B 630 6.03 21.28 10.03
CA PHE B 630 4.68 21.73 9.71
C PHE B 630 4.51 21.74 8.19
N VAL B 631 3.43 21.14 7.71
CA VAL B 631 3.15 21.11 6.29
C VAL B 631 2.05 22.11 5.97
N CYS B 632 0.90 21.94 6.60
CA CYS B 632 -0.21 22.86 6.37
C CYS B 632 -1.33 22.71 7.39
N PHE B 633 -2.24 23.66 7.37
CA PHE B 633 -3.39 23.66 8.26
C PHE B 633 -4.62 23.55 7.37
N LEU B 634 -5.46 22.55 7.63
CA LEU B 634 -6.67 22.36 6.84
C LEU B 634 -7.88 22.88 7.56
N SER B 635 -8.79 23.49 6.81
CA SER B 635 -10.03 24.04 7.37
C SER B 635 -11.13 23.87 6.35
N ALA B 636 -12.37 24.15 6.73
CA ALA B 636 -13.51 24.01 5.83
C ALA B 636 -13.22 24.52 4.41
N ASP B 637 -12.52 25.64 4.30
CA ASP B 637 -12.19 26.23 3.00
C ASP B 637 -11.56 25.32 1.96
N ASP B 638 -10.72 24.38 2.41
CA ASP B 638 -10.01 23.47 1.51
C ASP B 638 -10.84 22.36 0.89
N ILE B 639 -11.99 22.03 1.50
CA ILE B 639 -12.82 20.96 0.97
C ILE B 639 -13.32 21.26 -0.43
N PRO B 640 -13.01 20.36 -1.39
CA PRO B 640 -13.41 20.48 -2.80
C PRO B 640 -14.87 20.11 -3.03
N GLY B 641 -15.37 19.13 -2.26
CA GLY B 641 -16.75 18.71 -2.39
C GLY B 641 -17.70 19.57 -1.55
N SER B 642 -18.38 18.96 -0.59
CA SER B 642 -19.28 19.70 0.30
C SER B 642 -18.84 19.45 1.72
N ASN B 643 -19.05 20.45 2.58
CA ASN B 643 -18.68 20.32 3.98
C ASN B 643 -19.81 19.62 4.74
N GLU B 644 -20.89 19.33 4.04
CA GLU B 644 -22.03 18.71 4.67
C GLU B 644 -21.95 17.18 4.76
N THR B 645 -21.73 16.68 5.97
CA THR B 645 -21.62 15.25 6.18
C THR B 645 -22.57 14.74 7.27
N GLY B 646 -22.29 13.53 7.77
CA GLY B 646 -23.11 12.94 8.81
C GLY B 646 -24.27 12.15 8.25
N LEU B 647 -24.72 11.16 9.00
CA LEU B 647 -25.83 10.32 8.58
C LEU B 647 -27.08 11.08 8.11
N PHE B 648 -27.28 12.32 8.60
CA PHE B 648 -28.45 13.12 8.19
C PHE B 648 -28.11 14.49 7.63
N ASN B 649 -26.87 14.65 7.19
CA ASN B 649 -26.45 15.91 6.61
C ASN B 649 -26.70 17.08 7.52
N ASP B 650 -26.51 16.85 8.81
CA ASP B 650 -26.68 17.90 9.78
C ASP B 650 -25.37 18.16 10.49
N GLU B 651 -24.27 17.66 9.92
CA GLU B 651 -22.95 17.82 10.51
C GLU B 651 -22.02 18.47 9.51
N THR B 652 -20.87 18.91 9.99
CA THR B 652 -19.88 19.51 9.11
C THR B 652 -18.65 18.61 9.14
N VAL B 653 -17.84 18.69 8.09
CA VAL B 653 -16.60 17.91 8.02
C VAL B 653 -15.63 18.73 8.84
N PHE B 654 -15.68 20.04 8.59
CA PHE B 654 -14.86 21.02 9.30
C PHE B 654 -15.77 22.15 9.71
N ALA B 655 -15.67 22.59 10.96
CA ALA B 655 -16.52 23.67 11.44
C ALA B 655 -16.34 24.98 10.66
N LYS B 656 -17.46 25.62 10.36
CA LYS B 656 -17.46 26.90 9.66
C LYS B 656 -18.40 27.86 10.40
N ASP B 657 -17.89 29.05 10.70
CA ASP B 657 -18.65 30.10 11.40
C ASP B 657 -18.83 29.91 12.92
N THR B 658 -19.45 28.79 13.30
CA THR B 658 -19.68 28.51 14.72
C THR B 658 -19.34 27.08 15.11
N VAL B 659 -18.92 26.90 16.36
CA VAL B 659 -18.59 25.58 16.90
C VAL B 659 -19.79 25.24 17.77
N THR B 660 -20.16 23.97 17.85
CA THR B 660 -21.33 23.62 18.65
C THR B 660 -21.18 22.58 19.75
N CYS B 661 -19.96 22.45 20.25
CA CYS B 661 -19.67 21.52 21.35
C CYS B 661 -18.17 21.50 21.54
N VAL B 662 -17.72 21.15 22.73
CA VAL B 662 -16.29 21.09 22.97
C VAL B 662 -15.82 19.85 22.22
N GLY B 663 -14.74 20.01 21.45
CA GLY B 663 -14.24 18.88 20.69
C GLY B 663 -14.71 18.86 19.25
N HIS B 664 -15.56 19.82 18.89
CA HIS B 664 -16.09 19.95 17.54
C HIS B 664 -14.89 20.24 16.60
N ILE B 665 -14.72 19.45 15.54
CA ILE B 665 -13.56 19.62 14.65
C ILE B 665 -13.62 20.88 13.77
N ILE B 666 -12.62 21.74 13.94
CA ILE B 666 -12.53 23.00 13.20
C ILE B 666 -11.61 22.90 12.01
N GLY B 667 -10.53 22.13 12.17
CA GLY B 667 -9.58 21.94 11.10
C GLY B 667 -8.58 20.89 11.51
N ALA B 668 -7.42 20.87 10.85
CA ALA B 668 -6.38 19.91 11.19
C ALA B 668 -5.01 20.33 10.67
N VAL B 669 -3.97 19.89 11.36
CA VAL B 669 -2.60 20.18 10.97
C VAL B 669 -1.94 18.92 10.41
N VAL B 670 -1.15 19.09 9.36
CA VAL B 670 -0.45 17.99 8.73
C VAL B 670 1.02 18.30 8.91
N ALA B 671 1.80 17.32 9.33
CA ALA B 671 3.23 17.54 9.51
C ALA B 671 4.03 16.28 9.18
N ASP B 672 5.35 16.36 9.24
CA ASP B 672 6.19 15.21 8.90
C ASP B 672 6.22 14.11 9.97
N THR B 673 5.76 14.41 11.18
CA THR B 673 5.74 13.41 12.25
C THR B 673 4.50 13.60 13.12
N PRO B 674 4.18 12.61 13.97
CA PRO B 674 3.00 12.75 14.82
C PRO B 674 3.25 13.90 15.81
N GLU B 675 4.42 13.86 16.45
CA GLU B 675 4.82 14.87 17.43
C GLU B 675 4.69 16.30 16.93
N HIS B 676 5.18 16.54 15.71
CA HIS B 676 5.14 17.86 15.12
C HIS B 676 3.73 18.36 14.84
N ALA B 677 2.89 17.48 14.31
CA ALA B 677 1.50 17.84 14.02
C ALA B 677 0.79 18.15 15.33
N GLU B 678 1.08 17.33 16.35
CA GLU B 678 0.49 17.51 17.67
C GLU B 678 0.90 18.88 18.23
N ARG B 679 2.20 19.14 18.33
CA ARG B 679 2.66 20.41 18.84
C ARG B 679 2.13 21.58 18.01
N ALA B 680 2.27 21.49 16.69
CA ALA B 680 1.81 22.56 15.82
C ALA B 680 0.32 22.80 16.02
N ALA B 681 -0.44 21.72 16.16
CA ALA B 681 -1.89 21.82 16.34
C ALA B 681 -2.26 22.52 17.65
N HIS B 682 -1.41 22.33 18.66
CA HIS B 682 -1.65 22.90 19.98
C HIS B 682 -1.46 24.42 20.07
N VAL B 683 -0.81 25.02 19.08
CA VAL B 683 -0.62 26.46 19.11
C VAL B 683 -1.43 27.20 18.04
N VAL B 684 -2.44 26.54 17.48
CA VAL B 684 -3.28 27.21 16.51
C VAL B 684 -4.28 28.02 17.35
N LYS B 685 -4.22 29.34 17.22
CA LYS B 685 -5.08 30.18 18.03
C LYS B 685 -6.46 30.45 17.45
N VAL B 686 -7.48 29.93 18.12
CA VAL B 686 -8.85 30.17 17.69
C VAL B 686 -9.43 31.20 18.66
N THR B 687 -10.06 32.23 18.13
CA THR B 687 -10.64 33.26 18.98
C THR B 687 -12.16 33.13 18.85
N TYR B 688 -12.84 32.87 19.97
CA TYR B 688 -14.29 32.70 19.93
C TYR B 688 -15.10 33.86 20.52
N GLU B 689 -16.40 33.79 20.27
CA GLU B 689 -17.37 34.76 20.76
C GLU B 689 -18.52 33.85 21.19
N ASP B 690 -18.51 33.46 22.46
CA ASP B 690 -19.50 32.55 23.03
C ASP B 690 -20.98 32.81 22.71
N LEU B 691 -21.74 31.71 22.64
CA LEU B 691 -23.17 31.75 22.37
C LEU B 691 -23.87 30.92 23.46
N PRO B 692 -25.14 31.23 23.75
CA PRO B 692 -25.94 30.53 24.76
C PRO B 692 -25.89 29.02 24.56
N ALA B 693 -25.28 28.29 25.49
CA ALA B 693 -25.16 26.84 25.36
C ALA B 693 -26.24 26.03 26.08
N ILE B 694 -26.62 24.89 25.48
CA ILE B 694 -27.60 24.00 26.09
C ILE B 694 -26.87 22.68 26.33
N ILE B 695 -26.47 22.44 27.57
CA ILE B 695 -25.71 21.25 27.89
C ILE B 695 -26.48 20.02 28.34
N THR B 696 -27.39 20.18 29.29
CA THR B 696 -28.12 19.03 29.84
C THR B 696 -29.49 18.71 29.26
N ILE B 697 -29.97 17.51 29.57
CA ILE B 697 -31.28 17.08 29.11
C ILE B 697 -32.31 18.09 29.60
N GLU B 698 -32.10 18.58 30.82
CA GLU B 698 -32.95 19.58 31.43
C GLU B 698 -33.09 20.79 30.49
N ASP B 699 -32.00 21.53 30.29
CA ASP B 699 -32.03 22.71 29.43
C ASP B 699 -32.62 22.36 28.08
N ALA B 700 -32.38 21.13 27.65
CA ALA B 700 -32.89 20.68 26.37
C ALA B 700 -34.40 20.77 26.46
N ILE B 701 -34.96 20.21 27.54
CA ILE B 701 -36.40 20.24 27.75
C ILE B 701 -36.87 21.68 28.01
N LYS B 702 -36.16 22.35 28.92
CA LYS B 702 -36.45 23.73 29.27
C LYS B 702 -36.59 24.59 28.00
N ASN B 703 -35.50 24.66 27.23
CA ASN B 703 -35.47 25.46 26.00
C ASN B 703 -36.15 24.81 24.82
N ASN B 704 -36.75 23.65 25.05
CA ASN B 704 -37.44 22.93 23.98
C ASN B 704 -36.48 22.61 22.80
N SER B 705 -35.26 22.15 23.13
CA SER B 705 -34.26 21.82 22.11
C SER B 705 -34.24 20.32 21.80
N PHE B 706 -34.94 19.95 20.74
CA PHE B 706 -35.01 18.55 20.35
C PHE B 706 -34.63 18.35 18.88
N TYR B 707 -34.73 17.11 18.44
CA TYR B 707 -34.47 16.72 17.07
C TYR B 707 -35.73 15.94 16.70
N GLY B 708 -36.51 16.47 15.75
CA GLY B 708 -37.72 15.77 15.35
C GLY B 708 -38.81 15.77 16.41
N SER B 709 -39.89 15.07 16.14
CA SER B 709 -41.00 15.03 17.07
C SER B 709 -41.07 13.74 17.87
N GLU B 710 -41.74 13.82 19.01
CA GLU B 710 -41.91 12.69 19.93
C GLU B 710 -42.15 11.34 19.24
N LEU B 711 -41.63 10.27 19.87
CA LEU B 711 -41.83 8.91 19.38
C LEU B 711 -42.83 8.34 20.38
N LYS B 712 -43.54 7.29 20.01
CA LYS B 712 -44.52 6.72 20.93
C LYS B 712 -45.09 5.37 20.51
N ILE B 713 -45.44 4.58 21.51
CA ILE B 713 -46.07 3.28 21.33
C ILE B 713 -47.07 3.21 22.46
N GLU B 714 -48.36 3.11 22.14
CA GLU B 714 -49.39 3.04 23.16
C GLU B 714 -50.29 1.85 22.87
N LYS B 715 -50.63 1.12 23.92
CA LYS B 715 -51.50 -0.04 23.76
C LYS B 715 -52.44 -0.18 24.96
N GLY B 716 -53.72 -0.37 24.68
CA GLY B 716 -54.72 -0.51 25.74
C GLY B 716 -55.36 0.79 26.20
N ASP B 717 -55.78 0.84 27.45
CA ASP B 717 -56.40 2.04 28.02
C ASP B 717 -55.70 2.46 29.31
N LEU B 718 -54.90 3.51 29.24
CA LEU B 718 -54.18 3.96 30.42
C LEU B 718 -55.13 4.41 31.52
N LYS B 719 -55.99 5.38 31.19
CA LYS B 719 -56.97 5.93 32.13
C LYS B 719 -57.66 4.76 32.81
N LYS B 720 -58.21 3.88 31.99
CA LYS B 720 -58.90 2.68 32.46
C LYS B 720 -57.97 1.80 33.28
N GLY B 721 -56.69 1.76 32.90
CA GLY B 721 -55.72 0.92 33.57
C GLY B 721 -55.35 1.33 34.98
N PHE B 722 -54.98 2.60 35.17
CA PHE B 722 -54.61 3.07 36.51
C PHE B 722 -55.84 2.98 37.40
N SER B 723 -56.97 3.37 36.83
CA SER B 723 -58.26 3.33 37.50
C SER B 723 -58.59 1.98 38.14
N GLU B 724 -58.00 0.90 37.62
CA GLU B 724 -58.26 -0.44 38.15
C GLU B 724 -57.09 -0.92 38.97
N ALA B 725 -56.02 -0.13 39.00
CA ALA B 725 -54.81 -0.51 39.73
C ALA B 725 -54.87 -0.21 41.22
N ASP B 726 -54.58 -1.23 42.04
CA ASP B 726 -54.58 -1.06 43.50
C ASP B 726 -53.62 0.08 43.88
N ASN B 727 -52.34 -0.11 43.57
CA ASN B 727 -51.32 0.89 43.89
C ASN B 727 -50.72 1.53 42.63
N VAL B 728 -50.22 2.76 42.78
CA VAL B 728 -49.61 3.50 41.70
C VAL B 728 -48.32 4.16 42.17
N VAL B 729 -47.26 4.03 41.37
CA VAL B 729 -45.96 4.61 41.70
C VAL B 729 -45.46 5.53 40.59
N SER B 730 -44.86 6.64 40.98
CA SER B 730 -44.30 7.60 40.03
C SER B 730 -42.86 7.86 40.41
N GLY B 731 -42.06 8.25 39.41
CA GLY B 731 -40.67 8.50 39.69
C GLY B 731 -39.92 9.14 38.55
N GLU B 732 -38.61 9.21 38.73
CA GLU B 732 -37.72 9.77 37.75
C GLU B 732 -36.40 9.01 37.90
N LEU B 733 -35.86 8.55 36.77
CA LEU B 733 -34.61 7.78 36.81
C LEU B 733 -33.60 8.32 35.82
N TYR B 734 -32.33 8.12 36.14
CA TYR B 734 -31.26 8.59 35.27
C TYR B 734 -30.20 7.51 35.04
N ILE B 735 -29.73 7.40 33.80
CA ILE B 735 -28.69 6.44 33.43
C ILE B 735 -27.61 7.22 32.71
N GLY B 736 -26.39 7.12 33.22
CA GLY B 736 -25.27 7.84 32.63
C GLY B 736 -24.84 7.31 31.29
N GLY B 737 -24.04 8.10 30.57
CA GLY B 737 -23.58 7.66 29.27
C GLY B 737 -22.51 6.59 29.42
N GLN B 738 -21.69 6.42 28.38
CA GLN B 738 -20.65 5.41 28.43
C GLN B 738 -19.69 5.55 27.25
N ASP B 739 -18.40 5.41 27.53
CA ASP B 739 -17.37 5.50 26.49
C ASP B 739 -17.04 4.07 26.04
N HIS B 740 -17.02 3.86 24.73
CA HIS B 740 -16.74 2.53 24.19
C HIS B 740 -15.45 1.90 24.74
N PHE B 741 -14.39 2.70 24.76
CA PHE B 741 -13.08 2.28 25.23
C PHE B 741 -12.58 1.00 24.57
N TYR B 742 -12.64 0.98 23.25
CA TYR B 742 -12.12 -0.14 22.47
C TYR B 742 -10.61 0.09 22.66
N LEU B 743 -9.81 -0.97 22.73
CA LEU B 743 -8.39 -0.73 22.94
C LEU B 743 -7.71 0.02 21.79
N GLU B 744 -8.16 -0.23 20.57
CA GLU B 744 -7.59 0.49 19.45
C GLU B 744 -8.55 1.64 19.16
N THR B 745 -8.06 2.87 19.30
CA THR B 745 -8.89 4.04 19.03
C THR B 745 -9.12 4.17 17.53
N HIS B 746 -9.95 5.13 17.13
CA HIS B 746 -10.23 5.38 15.72
C HIS B 746 -8.95 5.60 14.95
N CYS B 747 -8.91 5.11 13.73
CA CYS B 747 -7.71 5.22 12.91
C CYS B 747 -8.01 5.15 11.41
N THR B 748 -7.33 5.98 10.64
CA THR B 748 -7.52 5.99 9.18
C THR B 748 -6.25 6.36 8.41
N ILE B 749 -6.03 5.65 7.31
CA ILE B 749 -4.89 5.88 6.43
C ILE B 749 -5.47 6.14 5.05
N ALA B 750 -5.19 7.30 4.50
CA ALA B 750 -5.68 7.65 3.17
C ALA B 750 -4.52 7.67 2.17
N ILE B 751 -4.69 6.99 1.04
CA ILE B 751 -3.65 6.96 0.00
C ILE B 751 -4.18 7.56 -1.28
N PRO B 752 -3.75 8.79 -1.61
CA PRO B 752 -4.25 9.39 -2.85
C PRO B 752 -3.51 8.76 -4.03
N LYS B 753 -4.24 8.27 -5.03
CA LYS B 753 -3.60 7.63 -6.17
C LYS B 753 -2.98 8.61 -7.16
N GLY B 754 -3.75 9.59 -7.59
CA GLY B 754 -3.23 10.58 -8.52
C GLY B 754 -4.03 10.63 -9.79
N GLU B 755 -4.83 9.60 -10.01
CA GLU B 755 -5.63 9.53 -11.22
C GLU B 755 -7.12 9.46 -10.91
N GLU B 756 -7.91 10.19 -11.68
CA GLU B 756 -9.37 10.20 -11.57
C GLU B 756 -9.96 10.39 -10.17
N GLY B 757 -9.22 11.05 -9.29
CA GLY B 757 -9.71 11.27 -7.94
C GLY B 757 -9.73 10.00 -7.12
N GLU B 758 -9.01 8.98 -7.57
CA GLU B 758 -8.94 7.69 -6.88
C GLU B 758 -8.26 7.79 -5.52
N MET B 759 -8.82 7.10 -4.53
CA MET B 759 -8.25 7.06 -3.19
C MET B 759 -8.53 5.74 -2.50
N GLU B 760 -7.52 5.20 -1.83
CA GLU B 760 -7.68 3.93 -1.11
C GLU B 760 -7.49 4.23 0.36
N LEU B 761 -8.41 3.76 1.19
CA LEU B 761 -8.33 4.01 2.62
C LEU B 761 -8.34 2.76 3.47
N PHE B 762 -7.46 2.74 4.47
CA PHE B 762 -7.36 1.65 5.44
C PHE B 762 -7.94 2.26 6.73
N VAL B 763 -9.15 1.84 7.07
CA VAL B 763 -9.87 2.37 8.22
C VAL B 763 -10.32 1.38 9.29
N SER B 764 -10.32 1.82 10.54
CA SER B 764 -10.79 1.02 11.68
C SER B 764 -12.25 1.46 11.83
N THR B 765 -13.15 0.75 11.15
CA THR B 765 -14.56 1.08 11.16
C THR B 765 -15.43 -0.14 10.92
N GLN B 766 -16.72 0.00 11.25
CA GLN B 766 -17.67 -1.09 11.07
C GLN B 766 -18.63 -0.71 9.96
N ASN B 767 -18.34 0.38 9.27
CA ASN B 767 -19.19 0.83 8.20
C ASN B 767 -18.33 1.33 7.05
N ALA B 768 -17.94 0.41 6.17
CA ALA B 768 -17.11 0.76 5.03
C ALA B 768 -17.96 1.51 4.00
N MET B 769 -19.22 1.14 3.89
CA MET B 769 -20.11 1.79 2.93
C MET B 769 -20.26 3.29 3.18
N LYS B 770 -20.53 3.65 4.43
CA LYS B 770 -20.68 5.06 4.75
C LYS B 770 -19.34 5.77 4.65
N THR B 771 -18.25 5.10 5.05
CA THR B 771 -16.92 5.71 4.94
C THR B 771 -16.70 6.06 3.47
N GLN B 772 -17.08 5.12 2.61
CA GLN B 772 -16.93 5.26 1.18
C GLN B 772 -17.69 6.45 0.58
N SER B 773 -18.99 6.53 0.82
CA SER B 773 -19.78 7.64 0.28
C SER B 773 -19.54 8.98 0.98
N PHE B 774 -19.21 8.95 2.27
CA PHE B 774 -18.94 10.20 2.98
C PHE B 774 -17.64 10.81 2.47
N VAL B 775 -16.64 9.96 2.25
CA VAL B 775 -15.35 10.41 1.74
C VAL B 775 -15.55 10.97 0.34
N ALA B 776 -16.38 10.29 -0.44
CA ALA B 776 -16.67 10.72 -1.79
C ALA B 776 -17.43 12.05 -1.79
N LYS B 777 -18.39 12.22 -0.88
CA LYS B 777 -19.17 13.44 -0.83
C LYS B 777 -18.28 14.63 -0.50
N MET B 778 -17.33 14.42 0.40
CA MET B 778 -16.41 15.46 0.81
C MET B 778 -15.51 15.88 -0.34
N LEU B 779 -14.99 14.89 -1.06
CA LEU B 779 -14.11 15.13 -2.20
C LEU B 779 -14.86 15.55 -3.46
N GLY B 780 -16.10 15.09 -3.58
CA GLY B 780 -16.91 15.43 -4.75
C GLY B 780 -16.54 14.61 -5.98
N VAL B 781 -16.44 13.30 -5.79
CA VAL B 781 -16.10 12.39 -6.87
C VAL B 781 -17.04 11.21 -6.75
N PRO B 782 -17.34 10.52 -7.86
CA PRO B 782 -18.24 9.37 -7.83
C PRO B 782 -17.83 8.38 -6.73
N VAL B 783 -18.79 7.64 -6.20
CA VAL B 783 -18.48 6.68 -5.15
C VAL B 783 -17.54 5.56 -5.62
N ASN B 784 -17.58 5.25 -6.92
CA ASN B 784 -16.72 4.19 -7.50
C ASN B 784 -15.20 4.50 -7.50
N ARG B 785 -14.83 5.74 -7.20
CA ARG B 785 -13.46 6.18 -7.17
C ARG B 785 -12.78 5.94 -5.83
N ILE B 786 -13.59 5.68 -4.80
CA ILE B 786 -13.08 5.48 -3.45
C ILE B 786 -13.13 4.02 -2.97
N LEU B 787 -11.99 3.51 -2.51
CA LEU B 787 -11.92 2.14 -2.00
C LEU B 787 -11.63 2.15 -0.50
N VAL B 788 -12.42 1.39 0.24
CA VAL B 788 -12.22 1.30 1.68
C VAL B 788 -11.97 -0.16 2.03
N ARG B 789 -10.94 -0.41 2.82
CA ARG B 789 -10.57 -1.75 3.21
C ARG B 789 -10.46 -1.85 4.72
N VAL B 790 -11.04 -2.89 5.29
CA VAL B 790 -11.01 -3.08 6.73
C VAL B 790 -10.50 -4.46 7.08
N LYS B 791 -9.28 -4.54 7.59
CA LYS B 791 -8.71 -5.84 7.97
C LYS B 791 -9.47 -6.27 9.22
N ARG B 792 -9.21 -5.57 10.33
CA ARG B 792 -9.83 -5.85 11.61
C ARG B 792 -9.77 -4.61 12.49
N MET B 793 -10.65 -4.54 13.48
CA MET B 793 -10.65 -3.42 14.42
C MET B 793 -10.27 -3.93 15.78
N GLY B 794 -9.49 -3.14 16.49
CA GLY B 794 -9.12 -3.53 17.84
C GLY B 794 -10.27 -3.03 18.70
N GLY B 795 -11.48 -3.52 18.41
CA GLY B 795 -12.67 -3.11 19.15
C GLY B 795 -13.54 -2.10 18.42
N GLY B 796 -14.86 -2.28 18.50
CA GLY B 796 -15.78 -1.36 17.85
C GLY B 796 -16.96 -1.00 18.76
N PHE B 797 -17.73 -2.02 19.13
CA PHE B 797 -18.88 -1.89 20.00
C PHE B 797 -19.88 -0.80 19.60
N GLY B 798 -19.82 -0.33 18.36
CA GLY B 798 -20.76 0.69 17.94
C GLY B 798 -20.14 2.07 17.89
N GLY B 799 -19.03 2.23 18.59
CA GLY B 799 -18.35 3.51 18.59
C GLY B 799 -17.84 3.77 17.20
N LYS B 800 -17.67 2.68 16.45
CA LYS B 800 -17.18 2.75 15.10
C LYS B 800 -18.23 2.38 14.08
N GLU B 801 -19.51 2.47 14.43
CA GLU B 801 -20.57 2.17 13.47
C GLU B 801 -20.72 3.32 12.49
N THR B 802 -20.44 4.54 12.95
CA THR B 802 -20.53 5.70 12.08
C THR B 802 -19.55 6.81 12.44
N ARG B 803 -19.31 7.01 13.74
CA ARG B 803 -18.45 8.09 14.17
C ARG B 803 -17.00 8.00 13.75
N SER B 804 -16.64 6.94 13.04
CA SER B 804 -15.27 6.78 12.58
C SER B 804 -15.06 7.69 11.38
N THR B 805 -16.15 8.07 10.72
CA THR B 805 -16.04 8.93 9.56
C THR B 805 -15.50 10.30 9.90
N LEU B 806 -15.55 10.65 11.18
CA LEU B 806 -15.05 11.95 11.60
C LEU B 806 -13.55 12.06 11.32
N VAL B 807 -12.83 10.95 11.52
CA VAL B 807 -11.39 10.89 11.28
C VAL B 807 -11.06 10.57 9.81
N SER B 808 -11.81 9.64 9.23
CA SER B 808 -11.61 9.21 7.86
C SER B 808 -11.64 10.38 6.89
N VAL B 809 -12.74 11.13 6.92
CA VAL B 809 -12.91 12.25 6.02
C VAL B 809 -11.87 13.34 6.19
N ALA B 810 -11.36 13.51 7.40
CA ALA B 810 -10.36 14.54 7.65
C ALA B 810 -9.02 14.10 7.04
N VAL B 811 -8.71 12.82 7.19
CA VAL B 811 -7.46 12.29 6.65
C VAL B 811 -7.53 12.30 5.12
N ALA B 812 -8.72 12.01 4.58
CA ALA B 812 -8.92 11.98 3.14
C ALA B 812 -8.65 13.37 2.54
N LEU B 813 -9.08 14.42 3.22
CA LEU B 813 -8.86 15.77 2.74
C LEU B 813 -7.38 16.09 2.73
N ALA B 814 -6.64 15.60 3.73
CA ALA B 814 -5.20 15.87 3.82
C ALA B 814 -4.49 15.11 2.69
N ALA B 815 -4.96 13.90 2.39
CA ALA B 815 -4.39 13.10 1.33
C ALA B 815 -4.66 13.84 0.03
N TYR B 816 -5.93 14.21 -0.18
CA TYR B 816 -6.32 14.94 -1.37
C TYR B 816 -5.49 16.20 -1.60
N LYS B 817 -5.44 17.05 -0.58
CA LYS B 817 -4.73 18.30 -0.70
C LYS B 817 -3.21 18.21 -0.83
N THR B 818 -2.59 17.29 -0.10
CA THR B 818 -1.15 17.14 -0.12
C THR B 818 -0.64 16.25 -1.24
N GLY B 819 -1.42 15.25 -1.60
CA GLY B 819 -0.98 14.34 -2.63
C GLY B 819 -0.23 13.20 -1.99
N HIS B 820 0.11 13.32 -0.70
CA HIS B 820 0.80 12.24 -0.02
C HIS B 820 -0.18 11.44 0.78
N PRO B 821 0.17 10.19 1.08
CA PRO B 821 -0.75 9.38 1.88
C PRO B 821 -0.67 10.00 3.27
N VAL B 822 -1.77 10.00 3.99
CA VAL B 822 -1.80 10.59 5.32
C VAL B 822 -2.49 9.65 6.29
N ARG B 823 -2.09 9.69 7.56
CA ARG B 823 -2.72 8.83 8.54
C ARG B 823 -2.95 9.53 9.86
N CYS B 824 -3.84 8.96 10.67
CA CYS B 824 -4.16 9.50 11.97
C CYS B 824 -4.81 8.47 12.88
N MET B 825 -4.26 8.33 14.08
CA MET B 825 -4.83 7.44 15.08
C MET B 825 -5.09 8.39 16.26
N LEU B 826 -6.31 8.43 16.75
CA LEU B 826 -6.63 9.34 17.85
C LEU B 826 -6.03 8.88 19.16
N ASP B 827 -5.69 9.84 20.02
CA ASP B 827 -5.16 9.51 21.33
C ASP B 827 -6.41 9.25 22.16
N ARG B 828 -6.25 8.48 23.22
CA ARG B 828 -7.37 8.14 24.10
C ARG B 828 -8.27 9.34 24.40
N ASN B 829 -7.68 10.42 24.89
CA ASN B 829 -8.47 11.59 25.24
C ASN B 829 -9.19 12.24 24.07
N GLU B 830 -8.59 12.21 22.88
CA GLU B 830 -9.25 12.78 21.72
C GLU B 830 -10.42 11.89 21.38
N ASP B 831 -10.19 10.59 21.45
CA ASP B 831 -11.24 9.61 21.17
C ASP B 831 -12.42 9.79 22.11
N MET B 832 -12.13 10.00 23.39
CA MET B 832 -13.16 10.17 24.40
C MET B 832 -13.92 11.50 24.31
N LEU B 833 -13.24 12.53 23.86
CA LEU B 833 -13.86 13.85 23.73
C LEU B 833 -14.68 13.97 22.45
N ILE B 834 -14.20 13.38 21.37
CA ILE B 834 -14.85 13.52 20.07
C ILE B 834 -15.80 12.45 19.51
N THR B 835 -15.38 11.19 19.56
CA THR B 835 -16.16 10.11 18.96
C THR B 835 -17.59 9.88 19.41
N GLY B 836 -17.98 10.50 20.52
CA GLY B 836 -19.32 10.32 21.03
C GLY B 836 -19.40 9.01 21.78
N GLY B 837 -20.46 8.81 22.55
CA GLY B 837 -20.59 7.59 23.31
C GLY B 837 -22.02 7.09 23.39
N ARG B 838 -22.33 6.38 24.46
CA ARG B 838 -23.68 5.87 24.67
C ARG B 838 -24.59 7.02 25.06
N HIS B 839 -25.87 6.87 24.79
CA HIS B 839 -26.83 7.91 25.12
C HIS B 839 -27.25 7.95 26.59
N PRO B 840 -27.09 9.11 27.24
CA PRO B 840 -27.50 9.21 28.64
C PRO B 840 -29.02 9.34 28.59
N PHE B 841 -29.72 8.61 29.44
CA PHE B 841 -31.19 8.66 29.48
C PHE B 841 -31.79 9.25 30.76
N LEU B 842 -32.95 9.87 30.62
CA LEU B 842 -33.71 10.46 31.73
C LEU B 842 -35.15 9.97 31.58
N ALA B 843 -35.65 9.22 32.55
CA ALA B 843 -37.00 8.71 32.45
C ALA B 843 -37.94 9.19 33.53
N ARG B 844 -39.19 9.46 33.14
CA ARG B 844 -40.25 9.89 34.05
C ARG B 844 -41.38 8.88 33.89
N TYR B 845 -41.45 7.95 34.82
CA TYR B 845 -42.43 6.86 34.82
C TYR B 845 -43.57 6.95 35.84
N LYS B 846 -44.50 6.00 35.73
CA LYS B 846 -45.67 5.91 36.60
C LYS B 846 -46.34 4.56 36.33
N VAL B 847 -46.34 3.67 37.31
CA VAL B 847 -46.90 2.34 37.11
C VAL B 847 -47.98 1.90 38.10
N GLY B 848 -49.12 1.46 37.55
CA GLY B 848 -50.21 0.99 38.38
C GLY B 848 -50.13 -0.53 38.48
N PHE B 849 -50.51 -1.08 39.62
CA PHE B 849 -50.46 -2.52 39.80
C PHE B 849 -51.30 -3.04 40.96
N MET B 850 -51.55 -4.35 40.99
CA MET B 850 -52.33 -4.96 42.04
C MET B 850 -51.42 -5.42 43.18
N LYS B 851 -52.00 -5.60 44.36
CA LYS B 851 -51.27 -6.03 45.54
C LYS B 851 -50.39 -7.25 45.22
N THR B 852 -50.93 -8.13 44.39
CA THR B 852 -50.22 -9.34 44.00
C THR B 852 -48.90 -9.03 43.25
N GLY B 853 -48.81 -7.82 42.73
CA GLY B 853 -47.61 -7.42 42.00
C GLY B 853 -47.83 -7.32 40.50
N THR B 854 -49.03 -7.62 40.05
CA THR B 854 -49.36 -7.57 38.63
C THR B 854 -49.46 -6.17 38.06
N ILE B 855 -48.65 -5.88 37.04
CA ILE B 855 -48.66 -4.56 36.43
C ILE B 855 -49.96 -4.43 35.64
N VAL B 856 -50.61 -3.28 35.82
CA VAL B 856 -51.88 -2.97 35.16
C VAL B 856 -51.74 -1.83 34.19
N ALA B 857 -50.91 -0.85 34.53
CA ALA B 857 -50.70 0.30 33.65
C ALA B 857 -49.26 0.79 33.71
N LEU B 858 -48.79 1.41 32.64
CA LEU B 858 -47.44 1.94 32.61
C LEU B 858 -47.34 3.14 31.72
N GLU B 859 -46.50 4.07 32.13
CA GLU B 859 -46.27 5.29 31.39
C GLU B 859 -44.85 5.75 31.63
N VAL B 860 -44.00 5.59 30.61
CA VAL B 860 -42.63 6.02 30.73
C VAL B 860 -42.36 6.99 29.60
N ASP B 861 -41.71 8.09 29.95
CA ASP B 861 -41.34 9.10 28.97
C ASP B 861 -39.83 9.20 29.01
N HIS B 862 -39.21 8.81 27.90
CA HIS B 862 -37.75 8.81 27.78
C HIS B 862 -37.20 10.07 27.12
N TYR B 863 -36.04 10.51 27.59
CA TYR B 863 -35.33 11.67 27.05
C TYR B 863 -33.85 11.28 26.94
N SER B 864 -33.30 11.37 25.74
CA SER B 864 -31.89 11.01 25.58
C SER B 864 -31.09 12.23 25.14
N ASN B 865 -29.90 12.36 25.70
CA ASN B 865 -29.02 13.47 25.35
C ASN B 865 -28.36 13.03 24.04
N ALA B 866 -28.80 13.62 22.93
CA ALA B 866 -28.31 13.26 21.59
C ALA B 866 -27.00 13.85 21.06
N GLY B 867 -26.57 14.99 21.61
CA GLY B 867 -25.34 15.60 21.14
C GLY B 867 -25.64 16.62 20.07
N ASN B 868 -24.59 17.24 19.52
CA ASN B 868 -24.76 18.26 18.48
C ASN B 868 -25.07 17.69 17.10
N SER B 869 -25.61 16.47 17.07
CA SER B 869 -25.92 15.83 15.81
C SER B 869 -26.92 14.69 15.94
N ARG B 870 -27.76 14.54 14.92
CA ARG B 870 -28.75 13.49 14.89
C ARG B 870 -28.08 12.11 14.89
N ASP B 871 -27.19 11.88 13.93
CA ASP B 871 -26.50 10.61 13.81
C ASP B 871 -27.47 9.43 13.98
N LEU B 872 -27.17 8.50 14.88
CA LEU B 872 -28.03 7.34 15.09
C LEU B 872 -29.01 7.56 16.24
N SER B 873 -28.87 8.71 16.90
CA SER B 873 -29.69 9.06 18.05
C SER B 873 -31.16 8.66 17.91
N HIS B 874 -31.73 8.84 16.72
CA HIS B 874 -33.15 8.51 16.51
C HIS B 874 -33.52 7.03 16.50
N SER B 875 -32.77 6.20 15.77
CA SER B 875 -33.09 4.77 15.75
C SER B 875 -32.83 4.16 17.13
N ILE B 876 -31.92 4.78 17.87
CA ILE B 876 -31.58 4.32 19.20
C ILE B 876 -32.82 4.46 20.10
N MET B 877 -33.51 5.60 19.97
CA MET B 877 -34.71 5.84 20.77
C MET B 877 -35.77 4.80 20.46
N GLU B 878 -35.92 4.48 19.18
CA GLU B 878 -36.90 3.48 18.79
C GLU B 878 -36.55 2.14 19.42
N ARG B 879 -35.29 1.72 19.34
CA ARG B 879 -34.94 0.43 19.92
C ARG B 879 -35.26 0.46 21.41
N ALA B 880 -35.14 1.64 22.01
CA ALA B 880 -35.43 1.82 23.42
C ALA B 880 -36.91 1.51 23.66
N LEU B 881 -37.79 2.21 22.94
CA LEU B 881 -39.23 2.01 23.07
C LEU B 881 -39.66 0.55 22.84
N PHE B 882 -38.98 -0.15 21.92
CA PHE B 882 -39.26 -1.56 21.61
C PHE B 882 -38.83 -2.47 22.77
N HIS B 883 -38.16 -1.90 23.76
CA HIS B 883 -37.67 -2.66 24.91
C HIS B 883 -38.06 -2.16 26.30
N MET B 884 -38.95 -1.18 26.37
CA MET B 884 -39.38 -0.65 27.66
C MET B 884 -40.20 -1.67 28.44
N ASP B 885 -40.52 -2.78 27.79
CA ASP B 885 -41.32 -3.83 28.40
C ASP B 885 -40.47 -4.99 28.88
N ASN B 886 -39.21 -5.04 28.45
CA ASN B 886 -38.34 -6.16 28.80
C ASN B 886 -39.12 -7.47 28.60
N CYS B 887 -39.24 -8.27 29.64
CA CYS B 887 -39.93 -9.56 29.55
C CYS B 887 -41.31 -9.61 30.19
N TYR B 888 -41.98 -8.46 30.27
CA TYR B 888 -43.28 -8.40 30.94
C TYR B 888 -44.49 -7.92 30.15
N LYS B 889 -45.61 -8.61 30.38
CA LYS B 889 -46.87 -8.28 29.75
C LYS B 889 -47.52 -7.12 30.50
N ILE B 890 -47.71 -6.00 29.80
CA ILE B 890 -48.31 -4.82 30.39
C ILE B 890 -49.48 -4.40 29.51
N PRO B 891 -50.73 -4.77 29.90
CA PRO B 891 -52.00 -4.49 29.19
C PRO B 891 -52.20 -3.05 28.73
N ASN B 892 -51.93 -2.11 29.62
CA ASN B 892 -52.10 -0.71 29.27
C ASN B 892 -50.73 -0.06 29.41
N ILE B 893 -50.22 0.42 28.28
CA ILE B 893 -48.89 0.99 28.29
C ILE B 893 -48.74 2.12 27.29
N ARG B 894 -47.82 3.02 27.59
CA ARG B 894 -47.56 4.16 26.75
C ARG B 894 -46.14 4.63 27.04
N GLY B 895 -45.32 4.69 25.99
CA GLY B 895 -43.95 5.13 26.15
C GLY B 895 -43.66 6.18 25.08
N THR B 896 -42.94 7.22 25.46
CA THR B 896 -42.60 8.26 24.50
C THR B 896 -41.10 8.55 24.59
N GLY B 897 -40.56 9.13 23.53
CA GLY B 897 -39.14 9.46 23.53
C GLY B 897 -38.88 10.75 22.79
N ARG B 898 -37.88 11.49 23.23
CA ARG B 898 -37.49 12.73 22.59
C ARG B 898 -35.98 12.68 22.50
N LEU B 899 -35.43 13.42 21.55
CA LEU B 899 -34.00 13.47 21.37
C LEU B 899 -33.58 14.86 21.75
N CYS B 900 -32.77 14.99 22.79
CA CYS B 900 -32.32 16.29 23.23
C CYS B 900 -31.12 16.83 22.42
N LYS B 901 -31.36 17.90 21.70
CA LYS B 901 -30.34 18.56 20.90
C LYS B 901 -29.47 19.42 21.82
N THR B 902 -28.28 18.92 22.18
CA THR B 902 -27.39 19.65 23.08
C THR B 902 -26.04 20.00 22.46
N ASN B 903 -25.24 20.77 23.19
CA ASN B 903 -23.91 21.19 22.74
C ASN B 903 -22.80 20.32 23.31
N LEU B 904 -22.94 19.02 23.07
CA LEU B 904 -21.98 18.03 23.51
C LEU B 904 -21.68 17.22 22.25
N SER B 905 -20.55 16.52 22.21
CA SER B 905 -20.23 15.71 21.03
C SER B 905 -21.42 14.80 20.79
N SER B 906 -21.85 14.68 19.54
CA SER B 906 -22.99 13.82 19.20
C SER B 906 -22.79 12.41 19.71
N ASN B 907 -23.75 11.89 20.46
CA ASN B 907 -23.63 10.53 20.93
C ASN B 907 -24.10 9.63 19.82
N THR B 908 -23.65 8.38 19.86
CA THR B 908 -23.95 7.39 18.83
C THR B 908 -24.35 6.01 19.38
N ALA B 909 -24.16 5.00 18.56
CA ALA B 909 -24.50 3.65 18.95
C ALA B 909 -23.50 3.07 19.94
N PHE B 910 -23.96 2.16 20.78
CA PHE B 910 -23.12 1.50 21.76
C PHE B 910 -23.78 0.18 22.10
N ARG B 911 -23.00 -0.89 22.00
CA ARG B 911 -23.45 -2.24 22.30
C ARG B 911 -24.68 -2.24 23.19
N GLY B 912 -25.84 -2.43 22.57
CA GLY B 912 -27.10 -2.41 23.27
C GLY B 912 -28.04 -1.54 22.45
N PHE B 913 -27.51 -0.44 21.92
CA PHE B 913 -28.25 0.46 21.07
C PHE B 913 -29.59 0.92 21.64
N GLY B 914 -29.57 1.62 22.77
CA GLY B 914 -30.81 2.09 23.36
C GLY B 914 -31.54 1.04 24.16
N GLY B 915 -31.36 -0.22 23.79
CA GLY B 915 -32.00 -1.30 24.49
C GLY B 915 -31.68 -1.34 25.98
N PRO B 916 -30.39 -1.30 26.36
CA PRO B 916 -29.96 -1.31 27.77
C PRO B 916 -30.64 -0.25 28.64
N GLN B 917 -30.79 0.96 28.11
CA GLN B 917 -31.43 2.05 28.84
C GLN B 917 -32.87 1.68 29.16
N ALA B 918 -33.66 1.40 28.13
CA ALA B 918 -35.05 1.02 28.29
C ALA B 918 -35.22 -0.15 29.25
N LEU B 919 -34.42 -1.21 29.07
CA LEU B 919 -34.53 -2.38 29.94
C LEU B 919 -34.25 -2.01 31.39
N PHE B 920 -33.32 -1.07 31.60
CA PHE B 920 -32.97 -0.61 32.95
C PHE B 920 -34.16 0.06 33.65
N ILE B 921 -34.74 1.06 32.97
CA ILE B 921 -35.88 1.78 33.50
C ILE B 921 -36.99 0.77 33.80
N ALA B 922 -37.14 -0.21 32.92
CA ALA B 922 -38.15 -1.22 33.09
C ALA B 922 -37.93 -1.98 34.41
N GLU B 923 -36.70 -2.42 34.62
CA GLU B 923 -36.35 -3.15 35.82
C GLU B 923 -36.27 -2.30 37.07
N ASN B 924 -36.23 -0.98 36.92
CA ASN B 924 -36.19 -0.15 38.11
C ASN B 924 -37.60 -0.10 38.69
N TRP B 925 -38.57 0.36 37.89
CA TRP B 925 -39.93 0.44 38.40
C TRP B 925 -40.48 -0.93 38.75
N MET B 926 -39.93 -1.97 38.14
CA MET B 926 -40.41 -3.31 38.48
C MET B 926 -39.92 -3.62 39.88
N SER B 927 -38.67 -3.27 40.18
CA SER B 927 -38.11 -3.55 41.49
C SER B 927 -38.91 -2.79 42.55
N GLU B 928 -39.41 -1.61 42.19
CA GLU B 928 -40.17 -0.83 43.14
C GLU B 928 -41.52 -1.48 43.40
N VAL B 929 -42.15 -2.02 42.36
CA VAL B 929 -43.42 -2.69 42.54
C VAL B 929 -43.24 -3.80 43.58
N ALA B 930 -42.17 -4.58 43.47
CA ALA B 930 -41.94 -5.67 44.42
C ALA B 930 -41.85 -5.18 45.88
N VAL B 931 -41.08 -4.10 46.09
CA VAL B 931 -40.93 -3.53 47.44
C VAL B 931 -42.28 -3.06 47.98
N THR B 932 -42.93 -2.21 47.21
CA THR B 932 -44.24 -1.67 47.55
C THR B 932 -45.22 -2.78 47.96
N CYS B 933 -45.28 -3.85 47.16
CA CYS B 933 -46.18 -4.95 47.44
C CYS B 933 -45.73 -5.80 48.61
N GLY B 934 -44.44 -5.76 48.91
CA GLY B 934 -43.93 -6.56 50.01
C GLY B 934 -43.80 -8.01 49.61
N LEU B 935 -43.60 -8.22 48.31
CA LEU B 935 -43.46 -9.56 47.78
C LEU B 935 -42.05 -9.82 47.25
N PRO B 936 -41.61 -11.09 47.26
CA PRO B 936 -40.28 -11.45 46.75
C PRO B 936 -40.20 -11.02 45.29
N ALA B 937 -39.05 -10.52 44.85
CA ALA B 937 -38.92 -10.04 43.48
C ALA B 937 -39.08 -11.10 42.40
N GLU B 938 -38.45 -12.27 42.55
CA GLU B 938 -38.56 -13.30 41.52
C GLU B 938 -40.01 -13.62 41.27
N GLU B 939 -40.78 -13.63 42.34
CA GLU B 939 -42.21 -13.91 42.29
C GLU B 939 -42.97 -12.83 41.52
N VAL B 940 -42.71 -11.57 41.88
CA VAL B 940 -43.37 -10.47 41.22
C VAL B 940 -43.05 -10.56 39.72
N ARG B 941 -41.76 -10.74 39.42
CA ARG B 941 -41.31 -10.83 38.04
C ARG B 941 -41.88 -12.01 37.26
N TRP B 942 -41.73 -13.21 37.80
CA TRP B 942 -42.24 -14.39 37.13
C TRP B 942 -43.72 -14.35 36.74
N LYS B 943 -44.56 -13.88 37.66
CA LYS B 943 -45.99 -13.80 37.40
C LYS B 943 -46.34 -12.76 36.33
N ASN B 944 -45.47 -11.77 36.18
CA ASN B 944 -45.67 -10.70 35.20
C ASN B 944 -45.05 -11.05 33.85
N MET B 945 -44.34 -12.17 33.81
CA MET B 945 -43.66 -12.58 32.58
C MET B 945 -44.54 -12.97 31.40
N TYR B 946 -44.05 -12.62 30.21
CA TYR B 946 -44.73 -12.95 28.96
C TYR B 946 -44.91 -14.45 28.90
N LYS B 947 -45.75 -14.87 27.98
CA LYS B 947 -46.06 -16.27 27.80
C LYS B 947 -46.02 -16.60 26.30
N GLU B 948 -45.56 -17.80 25.98
CA GLU B 948 -45.48 -18.26 24.60
C GLU B 948 -46.76 -17.86 23.87
N GLY B 949 -46.61 -17.00 22.87
CA GLY B 949 -47.77 -16.57 22.09
C GLY B 949 -48.16 -15.12 22.30
N ASP B 950 -47.88 -14.60 23.50
CA ASP B 950 -48.25 -13.22 23.82
C ASP B 950 -47.74 -12.24 22.78
N LEU B 951 -48.31 -11.04 22.79
CA LEU B 951 -47.86 -10.02 21.88
C LEU B 951 -47.13 -8.98 22.68
N THR B 952 -46.11 -8.38 22.10
CA THR B 952 -45.35 -7.34 22.78
C THR B 952 -46.28 -6.13 22.79
N HIS B 953 -45.80 -5.01 23.31
CA HIS B 953 -46.66 -3.84 23.32
C HIS B 953 -46.72 -3.31 21.91
N PHE B 954 -45.74 -3.67 21.09
CA PHE B 954 -45.72 -3.25 19.70
C PHE B 954 -46.33 -4.34 18.83
N ASN B 955 -47.12 -5.18 19.48
CA ASN B 955 -47.85 -6.28 18.85
C ASN B 955 -47.06 -7.19 17.95
N GLN B 956 -46.29 -8.09 18.56
CA GLN B 956 -45.53 -9.04 17.77
C GLN B 956 -45.49 -10.29 18.61
N ARG B 957 -45.83 -11.42 18.00
CA ARG B 957 -45.86 -12.69 18.70
C ARG B 957 -44.49 -13.16 19.17
N LEU B 958 -44.45 -13.65 20.39
CA LEU B 958 -43.21 -14.14 20.95
C LEU B 958 -43.19 -15.64 20.76
N GLU B 959 -42.74 -16.08 19.58
CA GLU B 959 -42.66 -17.49 19.27
C GLU B 959 -41.32 -18.03 19.75
N GLY B 960 -41.36 -19.20 20.39
CA GLY B 960 -40.13 -19.77 20.90
C GLY B 960 -39.63 -18.89 22.05
N PHE B 961 -40.54 -18.43 22.89
CA PHE B 961 -40.21 -17.59 24.05
C PHE B 961 -39.58 -18.54 25.07
N SER B 962 -38.27 -18.40 25.28
CA SER B 962 -37.58 -19.32 26.19
C SER B 962 -37.11 -18.77 27.52
N VAL B 963 -37.48 -17.52 27.81
CA VAL B 963 -37.10 -16.89 29.07
C VAL B 963 -37.49 -17.82 30.22
N PRO B 964 -38.69 -18.45 30.13
CA PRO B 964 -39.11 -19.36 31.21
C PRO B 964 -38.09 -20.44 31.52
N ARG B 965 -37.62 -21.14 30.50
CA ARG B 965 -36.63 -22.21 30.67
C ARG B 965 -35.32 -21.65 31.20
N CYS B 966 -34.94 -20.46 30.74
CA CYS B 966 -33.72 -19.81 31.18
C CYS B 966 -33.88 -19.45 32.64
N TRP B 967 -35.07 -18.96 32.97
CA TRP B 967 -35.41 -18.55 34.33
C TRP B 967 -35.34 -19.73 35.32
N ASP B 968 -36.01 -20.83 34.96
CA ASP B 968 -36.02 -22.00 35.82
C ASP B 968 -34.64 -22.61 35.98
N GLU B 969 -33.96 -22.82 34.86
CA GLU B 969 -32.63 -23.40 34.89
C GLU B 969 -31.66 -22.52 35.67
N CYS B 970 -31.74 -21.21 35.48
CA CYS B 970 -30.84 -20.31 36.20
C CYS B 970 -31.10 -20.35 37.71
N LEU B 971 -32.37 -20.26 38.11
CA LEU B 971 -32.76 -20.33 39.52
C LEU B 971 -32.22 -21.60 40.15
N LYS B 972 -32.34 -22.71 39.43
CA LYS B 972 -31.88 -23.98 39.95
C LYS B 972 -30.36 -24.14 40.05
N SER B 973 -29.63 -23.87 38.98
CA SER B 973 -28.18 -24.04 39.02
C SER B 973 -27.47 -22.99 39.85
N SER B 974 -28.10 -21.83 39.99
CA SER B 974 -27.50 -20.77 40.79
C SER B 974 -27.79 -21.00 42.27
N GLN B 975 -28.76 -21.87 42.54
CA GLN B 975 -29.16 -22.20 43.91
C GLN B 975 -29.72 -20.96 44.58
N TYR B 976 -30.28 -20.08 43.77
CA TYR B 976 -30.88 -18.83 44.19
C TYR B 976 -31.58 -18.90 45.56
N TYR B 977 -32.60 -19.75 45.67
CA TYR B 977 -33.35 -19.88 46.91
C TYR B 977 -32.51 -20.24 48.13
N ALA B 978 -31.66 -21.24 47.99
CA ALA B 978 -30.81 -21.63 49.10
C ALA B 978 -29.86 -20.48 49.45
N ARG B 979 -29.42 -19.73 48.44
CA ARG B 979 -28.52 -18.63 48.69
C ARG B 979 -29.20 -17.39 49.25
N LYS B 980 -30.46 -17.16 48.91
CA LYS B 980 -31.13 -15.98 49.44
C LYS B 980 -31.15 -16.03 50.98
N SER B 981 -31.31 -17.24 51.53
CA SER B 981 -31.31 -17.42 52.98
C SER B 981 -29.94 -16.98 53.43
N GLU B 982 -28.92 -17.63 52.86
CA GLU B 982 -27.52 -17.33 53.15
C GLU B 982 -27.31 -15.81 53.23
N VAL B 983 -27.87 -15.09 52.27
CA VAL B 983 -27.74 -13.63 52.20
C VAL B 983 -28.31 -12.90 53.40
N ASP B 984 -29.50 -13.32 53.83
CA ASP B 984 -30.13 -12.68 54.96
C ASP B 984 -29.46 -12.99 56.28
N LYS B 985 -28.90 -14.19 56.39
CA LYS B 985 -28.20 -14.58 57.60
C LYS B 985 -27.02 -13.61 57.73
N PHE B 986 -26.30 -13.43 56.63
CA PHE B 986 -25.15 -12.53 56.58
C PHE B 986 -25.59 -11.14 57.03
N ASN B 987 -26.66 -10.64 56.43
CA ASN B 987 -27.17 -9.32 56.77
C ASN B 987 -27.51 -9.17 58.24
N LYS B 988 -27.90 -10.29 58.86
CA LYS B 988 -28.25 -10.29 60.28
C LYS B 988 -26.99 -10.25 61.13
N GLU B 989 -26.01 -11.05 60.77
CA GLU B 989 -24.76 -11.12 61.52
C GLU B 989 -23.74 -10.03 61.19
N ASN B 990 -24.08 -9.16 60.24
CA ASN B 990 -23.19 -8.08 59.81
C ASN B 990 -23.78 -6.69 59.86
N CYS B 991 -23.05 -5.80 60.50
CA CYS B 991 -23.49 -4.43 60.68
C CYS B 991 -22.98 -3.41 59.66
N TRP B 992 -21.71 -3.53 59.26
CA TRP B 992 -21.14 -2.56 58.33
C TRP B 992 -20.85 -3.07 56.93
N LYS B 993 -21.46 -4.20 56.60
CA LYS B 993 -21.31 -4.81 55.29
C LYS B 993 -22.58 -5.61 55.03
N LYS B 994 -23.15 -5.43 53.83
CA LYS B 994 -24.37 -6.15 53.47
C LYS B 994 -24.20 -6.92 52.16
N ARG B 995 -25.10 -7.87 51.91
CA ARG B 995 -25.04 -8.62 50.67
C ARG B 995 -26.33 -8.56 49.91
N GLY B 996 -26.23 -8.43 48.60
CA GLY B 996 -27.42 -8.37 47.75
C GLY B 996 -27.50 -9.56 46.83
N LEU B 997 -28.70 -9.91 46.42
CA LEU B 997 -28.89 -11.04 45.51
C LEU B 997 -30.09 -10.70 44.65
N CYS B 998 -29.90 -10.68 43.33
CA CYS B 998 -30.99 -10.36 42.42
C CYS B 998 -30.95 -11.24 41.18
N ILE B 999 -32.10 -11.48 40.57
CA ILE B 999 -32.17 -12.31 39.37
C ILE B 999 -32.98 -11.59 38.31
N ILE B 1000 -32.31 -11.25 37.20
CA ILE B 1000 -32.91 -10.51 36.10
C ILE B 1000 -32.95 -11.30 34.79
N PRO B 1001 -34.04 -11.11 34.00
CA PRO B 1001 -34.19 -11.79 32.72
C PRO B 1001 -34.00 -10.70 31.65
N THR B 1002 -34.11 -11.06 30.38
CA THR B 1002 -34.00 -10.09 29.29
C THR B 1002 -34.36 -10.71 27.95
N LYS B 1003 -34.77 -9.88 27.01
CA LYS B 1003 -35.10 -10.32 25.67
C LYS B 1003 -34.62 -9.20 24.77
N PHE B 1004 -33.97 -9.56 23.68
CA PHE B 1004 -33.45 -8.56 22.75
C PHE B 1004 -34.03 -8.76 21.35
N GLY B 1005 -34.49 -7.68 20.76
CA GLY B 1005 -35.04 -7.75 19.42
C GLY B 1005 -33.95 -7.85 18.37
N ILE B 1006 -33.93 -8.94 17.63
CA ILE B 1006 -32.93 -9.19 16.59
C ILE B 1006 -33.34 -8.70 15.20
N SER B 1007 -32.57 -7.76 14.66
CA SER B 1007 -32.74 -7.14 13.33
C SER B 1007 -32.51 -5.64 13.39
N PHE B 1008 -32.13 -5.04 12.27
CA PHE B 1008 -31.97 -3.60 12.27
C PHE B 1008 -33.41 -3.06 12.30
N THR B 1009 -33.63 -1.93 12.95
CA THR B 1009 -34.98 -1.39 13.00
C THR B 1009 -35.30 -0.65 11.71
N VAL B 1010 -34.28 -0.49 10.86
CA VAL B 1010 -34.47 0.09 9.53
C VAL B 1010 -34.50 -1.17 8.66
N PRO B 1011 -35.64 -1.46 8.04
CA PRO B 1011 -35.79 -2.65 7.19
C PRO B 1011 -34.80 -2.83 6.03
N PHE B 1012 -34.47 -1.75 5.33
CA PHE B 1012 -33.58 -1.90 4.19
C PHE B 1012 -32.14 -2.27 4.49
N LEU B 1013 -31.76 -2.25 5.77
CA LEU B 1013 -30.40 -2.60 6.15
C LEU B 1013 -30.22 -4.09 6.36
N ASN B 1014 -31.33 -4.82 6.38
CA ASN B 1014 -31.25 -6.26 6.61
C ASN B 1014 -30.97 -7.06 5.34
N GLN B 1015 -29.83 -6.73 4.74
CA GLN B 1015 -29.34 -7.35 3.51
C GLN B 1015 -27.83 -7.60 3.65
N ALA B 1016 -27.34 -8.65 3.04
CA ALA B 1016 -25.92 -8.96 3.12
C ALA B 1016 -25.38 -9.65 1.87
N GLY B 1017 -24.19 -9.26 1.47
CA GLY B 1017 -23.57 -9.85 0.30
C GLY B 1017 -22.32 -10.64 0.62
N ALA B 1018 -21.90 -11.50 -0.30
CA ALA B 1018 -20.71 -12.31 -0.14
C ALA B 1018 -20.16 -12.68 -1.51
N LEU B 1019 -18.84 -12.71 -1.64
CA LEU B 1019 -18.20 -13.07 -2.90
C LEU B 1019 -17.27 -14.23 -2.56
N ILE B 1020 -17.39 -15.33 -3.28
CA ILE B 1020 -16.55 -16.50 -3.04
C ILE B 1020 -15.86 -16.98 -4.33
N HIS B 1021 -14.55 -17.13 -4.22
CA HIS B 1021 -13.73 -17.59 -5.33
C HIS B 1021 -13.08 -18.91 -4.93
N VAL B 1022 -12.99 -19.84 -5.86
CA VAL B 1022 -12.29 -21.08 -5.57
C VAL B 1022 -11.15 -21.08 -6.57
N TYR B 1023 -9.93 -21.09 -6.09
CA TYR B 1023 -8.80 -21.09 -6.99
C TYR B 1023 -8.52 -22.49 -7.47
N THR B 1024 -7.76 -22.60 -8.57
CA THR B 1024 -7.43 -23.90 -9.17
C THR B 1024 -6.69 -24.90 -8.28
N ASP B 1025 -6.19 -24.47 -7.12
CA ASP B 1025 -5.50 -25.40 -6.23
C ASP B 1025 -6.50 -25.95 -5.22
N GLY B 1026 -7.73 -25.47 -5.33
CA GLY B 1026 -8.80 -25.89 -4.45
C GLY B 1026 -9.03 -24.96 -3.27
N SER B 1027 -8.06 -24.08 -3.01
CA SER B 1027 -8.19 -23.13 -1.91
C SER B 1027 -9.28 -22.12 -2.20
N VAL B 1028 -10.10 -21.86 -1.18
CA VAL B 1028 -11.21 -20.93 -1.29
C VAL B 1028 -10.94 -19.59 -0.60
N LEU B 1029 -11.47 -18.51 -1.17
CA LEU B 1029 -11.31 -17.18 -0.62
C LEU B 1029 -12.68 -16.55 -0.50
N VAL B 1030 -13.12 -16.35 0.75
CA VAL B 1030 -14.42 -15.76 1.02
C VAL B 1030 -14.32 -14.28 1.39
N SER B 1031 -15.30 -13.51 0.96
CA SER B 1031 -15.38 -12.09 1.23
C SER B 1031 -16.85 -11.73 1.44
N HIS B 1032 -17.17 -11.13 2.58
CA HIS B 1032 -18.55 -10.72 2.84
C HIS B 1032 -18.52 -9.26 3.24
N GLY B 1033 -19.69 -8.67 3.38
CA GLY B 1033 -19.76 -7.26 3.75
C GLY B 1033 -19.47 -6.99 5.22
N GLY B 1034 -19.36 -8.05 6.01
CA GLY B 1034 -19.11 -7.91 7.42
C GLY B 1034 -17.65 -7.68 7.80
N THR B 1035 -17.42 -6.91 8.86
CA THR B 1035 -16.07 -6.63 9.33
C THR B 1035 -15.80 -7.30 10.66
N GLU B 1036 -14.53 -7.54 10.97
CA GLU B 1036 -14.14 -8.18 12.21
C GLU B 1036 -13.65 -7.17 13.26
N MET B 1037 -14.12 -7.33 14.50
CA MET B 1037 -13.73 -6.46 15.60
C MET B 1037 -13.45 -7.26 16.89
N GLY B 1038 -13.41 -8.58 16.76
CA GLY B 1038 -13.15 -9.44 17.91
C GLY B 1038 -14.30 -10.37 18.25
N GLN B 1039 -15.43 -10.17 17.59
CA GLN B 1039 -16.63 -10.98 17.83
C GLN B 1039 -16.52 -12.36 17.19
N GLY B 1040 -15.57 -12.51 16.25
CA GLY B 1040 -15.39 -13.81 15.62
C GLY B 1040 -16.25 -14.04 14.40
N LEU B 1041 -16.59 -12.97 13.69
CA LEU B 1041 -17.41 -13.08 12.49
C LEU B 1041 -16.72 -13.92 11.42
N HIS B 1042 -15.48 -13.57 11.09
CA HIS B 1042 -14.77 -14.32 10.06
C HIS B 1042 -14.55 -15.76 10.45
N THR B 1043 -14.42 -16.04 11.74
CA THR B 1043 -14.24 -17.41 12.15
C THR B 1043 -15.54 -18.14 11.85
N LYS B 1044 -16.65 -17.57 12.33
CA LYS B 1044 -17.96 -18.19 12.10
C LYS B 1044 -18.26 -18.38 10.62
N MET B 1045 -17.92 -17.39 9.79
CA MET B 1045 -18.16 -17.49 8.36
C MET B 1045 -17.34 -18.62 7.70
N VAL B 1046 -16.13 -18.86 8.21
CA VAL B 1046 -15.31 -19.93 7.67
C VAL B 1046 -15.97 -21.25 8.03
N GLN B 1047 -16.42 -21.36 9.28
CA GLN B 1047 -17.10 -22.56 9.77
C GLN B 1047 -18.32 -22.89 8.93
N VAL B 1048 -19.08 -21.86 8.55
CA VAL B 1048 -20.28 -22.02 7.74
C VAL B 1048 -19.93 -22.52 6.35
N ALA B 1049 -18.96 -21.89 5.73
CA ALA B 1049 -18.53 -22.28 4.39
C ALA B 1049 -17.97 -23.71 4.37
N SER B 1050 -17.25 -24.08 5.44
CA SER B 1050 -16.67 -25.41 5.57
C SER B 1050 -17.75 -26.49 5.72
N LYS B 1051 -18.87 -26.14 6.32
CA LYS B 1051 -19.94 -27.10 6.49
C LYS B 1051 -20.69 -27.11 5.18
N ALA B 1052 -20.95 -25.92 4.66
CA ALA B 1052 -21.66 -25.76 3.41
C ALA B 1052 -20.97 -26.51 2.26
N LEU B 1053 -19.69 -26.26 2.07
CA LEU B 1053 -18.94 -26.91 0.99
C LEU B 1053 -18.50 -28.32 1.33
N LYS B 1054 -18.50 -28.66 2.61
CA LYS B 1054 -18.11 -29.99 3.06
C LYS B 1054 -16.63 -30.24 2.79
N ILE B 1055 -15.81 -29.27 3.18
CA ILE B 1055 -14.36 -29.37 3.04
C ILE B 1055 -13.75 -28.86 4.35
N PRO B 1056 -12.50 -29.21 4.66
CA PRO B 1056 -11.92 -28.74 5.92
C PRO B 1056 -11.85 -27.21 5.91
N ILE B 1057 -11.82 -26.60 7.09
CA ILE B 1057 -11.77 -25.14 7.17
C ILE B 1057 -10.42 -24.65 6.65
N SER B 1058 -9.41 -25.50 6.76
CA SER B 1058 -8.06 -25.17 6.31
C SER B 1058 -7.99 -24.72 4.86
N LYS B 1059 -8.92 -25.21 4.04
CA LYS B 1059 -8.94 -24.84 2.63
C LYS B 1059 -9.69 -23.54 2.39
N ILE B 1060 -10.20 -22.94 3.46
CA ILE B 1060 -10.95 -21.68 3.35
C ILE B 1060 -10.21 -20.57 4.06
N TYR B 1061 -10.36 -19.35 3.54
CA TYR B 1061 -9.67 -18.21 4.11
C TYR B 1061 -10.43 -16.91 3.87
N ILE B 1062 -10.45 -16.04 4.89
CA ILE B 1062 -11.07 -14.73 4.75
C ILE B 1062 -9.96 -13.75 5.10
N SER B 1063 -9.62 -12.89 4.15
CA SER B 1063 -8.54 -11.92 4.35
C SER B 1063 -8.98 -10.58 4.89
N GLU B 1064 -10.11 -10.09 4.41
CA GLU B 1064 -10.59 -8.78 4.83
C GLU B 1064 -11.94 -8.39 4.26
N THR B 1065 -12.29 -7.14 4.51
CA THR B 1065 -13.54 -6.56 4.07
C THR B 1065 -13.16 -5.36 3.19
N SER B 1066 -13.76 -5.27 2.00
CA SER B 1066 -13.48 -4.17 1.08
C SER B 1066 -14.66 -3.80 0.20
N THR B 1067 -14.81 -2.52 -0.06
CA THR B 1067 -15.91 -2.00 -0.84
C THR B 1067 -15.95 -2.42 -2.31
N ASN B 1068 -14.88 -3.03 -2.80
CA ASN B 1068 -14.84 -3.43 -4.20
C ASN B 1068 -15.12 -4.92 -4.42
N THR B 1069 -15.30 -5.67 -3.34
CA THR B 1069 -15.61 -7.08 -3.45
C THR B 1069 -17.09 -7.28 -3.15
N VAL B 1070 -17.60 -6.52 -2.18
CA VAL B 1070 -19.00 -6.57 -1.78
C VAL B 1070 -19.42 -5.13 -1.52
N PRO B 1071 -20.14 -4.51 -2.47
CA PRO B 1071 -20.58 -3.13 -2.34
C PRO B 1071 -21.80 -2.93 -1.45
N ASN B 1072 -22.20 -1.67 -1.31
CA ASN B 1072 -23.36 -1.25 -0.53
C ASN B 1072 -23.74 -2.08 0.68
N SER B 1073 -22.76 -2.32 1.55
CA SER B 1073 -23.03 -3.12 2.73
C SER B 1073 -23.48 -2.31 3.94
N SER B 1074 -24.35 -2.91 4.73
CA SER B 1074 -24.86 -2.28 5.92
C SER B 1074 -23.76 -2.41 6.93
N PRO B 1075 -23.70 -1.50 7.92
CA PRO B 1075 -22.66 -1.57 8.94
C PRO B 1075 -22.69 -2.90 9.68
N THR B 1076 -21.57 -3.30 10.25
CA THR B 1076 -21.51 -4.55 10.99
C THR B 1076 -22.08 -4.20 12.35
N ALA B 1077 -23.39 -4.33 12.46
CA ALA B 1077 -24.10 -3.98 13.68
C ALA B 1077 -25.40 -4.78 13.87
N ALA B 1078 -26.18 -4.38 14.87
CA ALA B 1078 -27.46 -4.99 15.22
C ALA B 1078 -27.37 -6.48 15.55
N SER B 1079 -26.16 -6.97 15.76
CA SER B 1079 -25.93 -8.37 16.09
C SER B 1079 -26.37 -9.40 15.04
N VAL B 1080 -26.81 -8.93 13.87
CA VAL B 1080 -27.27 -9.83 12.83
C VAL B 1080 -26.22 -10.26 11.81
N SER B 1081 -25.05 -9.63 11.88
CA SER B 1081 -23.97 -9.95 10.96
C SER B 1081 -23.76 -11.45 10.72
N THR B 1082 -23.76 -12.26 11.78
CA THR B 1082 -23.59 -13.70 11.59
C THR B 1082 -24.82 -14.25 10.87
N ASP B 1083 -26.01 -13.86 11.34
CA ASP B 1083 -27.25 -14.31 10.76
C ASP B 1083 -27.36 -14.04 9.29
N ILE B 1084 -27.07 -12.81 8.89
CA ILE B 1084 -27.18 -12.40 7.49
C ILE B 1084 -25.98 -12.68 6.58
N TYR B 1085 -24.76 -12.46 7.07
CA TYR B 1085 -23.61 -12.75 6.21
C TYR B 1085 -23.47 -14.25 6.04
N GLY B 1086 -23.74 -15.00 7.10
CA GLY B 1086 -23.65 -16.45 7.02
C GLY B 1086 -24.61 -17.04 6.01
N GLN B 1087 -25.75 -16.37 5.85
CA GLN B 1087 -26.77 -16.81 4.90
C GLN B 1087 -26.25 -16.48 3.50
N ALA B 1088 -25.64 -15.31 3.35
CA ALA B 1088 -25.08 -14.87 2.07
C ALA B 1088 -23.94 -15.76 1.63
N VAL B 1089 -23.07 -16.12 2.56
CA VAL B 1089 -21.94 -17.00 2.27
C VAL B 1089 -22.52 -18.35 1.86
N TYR B 1090 -23.40 -18.87 2.70
CA TYR B 1090 -24.07 -20.13 2.48
C TYR B 1090 -24.60 -20.18 1.05
N GLU B 1091 -25.39 -19.20 0.65
CA GLU B 1091 -25.94 -19.17 -0.69
C GLU B 1091 -24.84 -19.31 -1.73
N ALA B 1092 -23.77 -18.54 -1.57
CA ALA B 1092 -22.66 -18.61 -2.50
C ALA B 1092 -22.16 -20.04 -2.60
N CYS B 1093 -21.89 -20.65 -1.45
CA CYS B 1093 -21.41 -22.04 -1.44
C CYS B 1093 -22.29 -22.98 -2.22
N GLN B 1094 -23.60 -22.72 -2.20
CA GLN B 1094 -24.55 -23.54 -2.90
C GLN B 1094 -24.34 -23.43 -4.42
N THR B 1095 -24.27 -22.20 -4.92
CA THR B 1095 -24.05 -21.97 -6.33
C THR B 1095 -22.79 -22.75 -6.73
N ILE B 1096 -21.75 -22.65 -5.91
CA ILE B 1096 -20.52 -23.36 -6.17
C ILE B 1096 -20.77 -24.88 -6.25
N LEU B 1097 -21.40 -25.45 -5.23
CA LEU B 1097 -21.68 -26.88 -5.18
C LEU B 1097 -22.51 -27.34 -6.37
N LYS B 1098 -23.40 -26.46 -6.83
CA LYS B 1098 -24.26 -26.77 -7.96
C LYS B 1098 -23.44 -26.86 -9.24
N ARG B 1099 -22.58 -25.87 -9.45
CA ARG B 1099 -21.70 -25.82 -10.63
C ARG B 1099 -20.75 -27.02 -10.66
N LEU B 1100 -20.27 -27.43 -9.49
CA LEU B 1100 -19.34 -28.55 -9.40
C LEU B 1100 -19.95 -29.94 -9.44
N GLU B 1101 -21.28 -30.02 -9.34
CA GLU B 1101 -21.96 -31.31 -9.34
C GLU B 1101 -21.64 -32.23 -10.51
N PRO B 1102 -21.90 -31.75 -11.75
CA PRO B 1102 -21.63 -32.57 -12.93
C PRO B 1102 -20.31 -33.28 -12.84
N PHE B 1103 -19.34 -32.63 -12.20
CA PHE B 1103 -18.00 -33.19 -12.07
C PHE B 1103 -17.86 -34.17 -10.92
N LYS B 1104 -18.56 -33.91 -9.83
CA LYS B 1104 -18.50 -34.82 -8.69
C LYS B 1104 -19.13 -36.15 -9.17
N LYS B 1105 -20.18 -36.02 -9.97
CA LYS B 1105 -20.84 -37.20 -10.50
C LYS B 1105 -19.90 -37.94 -11.43
N LYS B 1106 -19.41 -37.28 -12.48
CA LYS B 1106 -18.49 -37.93 -13.40
C LYS B 1106 -17.32 -38.59 -12.66
N ASN B 1107 -16.99 -38.12 -11.47
CA ASN B 1107 -15.86 -38.70 -10.72
C ASN B 1107 -16.07 -38.78 -9.19
N PRO B 1108 -17.05 -39.60 -8.76
CA PRO B 1108 -17.42 -39.83 -7.36
C PRO B 1108 -16.24 -40.08 -6.43
N ASP B 1109 -15.33 -40.95 -6.83
CA ASP B 1109 -14.18 -41.22 -5.97
C ASP B 1109 -13.13 -40.11 -5.93
N GLY B 1110 -13.29 -39.08 -6.76
CA GLY B 1110 -12.33 -37.98 -6.79
C GLY B 1110 -12.27 -37.08 -5.55
N SER B 1111 -11.26 -36.21 -5.50
CA SER B 1111 -11.10 -35.29 -4.38
C SER B 1111 -11.72 -33.94 -4.75
N TRP B 1112 -11.75 -33.03 -3.78
CA TRP B 1112 -12.29 -31.68 -4.00
C TRP B 1112 -11.43 -31.02 -5.07
N GLU B 1113 -10.13 -31.20 -4.94
CA GLU B 1113 -9.17 -30.64 -5.88
C GLU B 1113 -9.42 -31.16 -7.29
N ASP B 1114 -9.71 -32.45 -7.41
CA ASP B 1114 -9.98 -33.04 -8.72
C ASP B 1114 -11.14 -32.34 -9.39
N TRP B 1115 -12.26 -32.24 -8.67
CA TRP B 1115 -13.44 -31.61 -9.23
C TRP B 1115 -13.25 -30.15 -9.60
N VAL B 1116 -12.58 -29.38 -8.74
CA VAL B 1116 -12.35 -27.97 -9.02
C VAL B 1116 -11.58 -27.82 -10.32
N MET B 1117 -10.47 -28.55 -10.42
CA MET B 1117 -9.63 -28.52 -11.62
C MET B 1117 -10.43 -28.92 -12.85
N ALA B 1118 -11.23 -29.97 -12.72
CA ALA B 1118 -12.06 -30.45 -13.82
C ALA B 1118 -13.03 -29.37 -14.28
N ALA B 1119 -13.53 -28.59 -13.33
CA ALA B 1119 -14.47 -27.53 -13.62
C ALA B 1119 -13.75 -26.37 -14.31
N TYR B 1120 -12.51 -26.11 -13.89
CA TYR B 1120 -11.72 -25.04 -14.49
C TYR B 1120 -11.46 -25.38 -15.96
N GLN B 1121 -11.03 -26.61 -16.18
CA GLN B 1121 -10.73 -27.15 -17.50
C GLN B 1121 -11.95 -27.05 -18.40
N ASP B 1122 -13.11 -27.43 -17.87
CA ASP B 1122 -14.32 -27.38 -18.66
C ASP B 1122 -14.85 -25.96 -18.78
N ARG B 1123 -14.03 -24.99 -18.41
CA ARG B 1123 -14.37 -23.57 -18.45
C ARG B 1123 -15.68 -23.25 -17.73
N VAL B 1124 -15.78 -23.73 -16.49
CA VAL B 1124 -16.93 -23.48 -15.63
C VAL B 1124 -16.45 -22.46 -14.57
N SER B 1125 -17.17 -21.36 -14.43
CA SER B 1125 -16.79 -20.34 -13.46
C SER B 1125 -16.76 -20.79 -11.99
N LEU B 1126 -15.67 -20.48 -11.30
CA LEU B 1126 -15.54 -20.83 -9.90
C LEU B 1126 -15.68 -19.61 -8.99
N SER B 1127 -16.45 -18.62 -9.45
CA SER B 1127 -16.69 -17.39 -8.69
C SER B 1127 -18.14 -16.95 -8.71
N THR B 1128 -18.73 -16.83 -7.52
CA THR B 1128 -20.12 -16.40 -7.45
C THR B 1128 -20.40 -15.48 -6.29
N THR B 1129 -21.55 -14.83 -6.35
CA THR B 1129 -21.96 -13.96 -5.28
C THR B 1129 -23.00 -14.70 -4.44
N GLY B 1130 -23.25 -14.15 -3.26
CA GLY B 1130 -24.23 -14.68 -2.35
C GLY B 1130 -24.96 -13.46 -1.83
N PHE B 1131 -26.23 -13.60 -1.49
CA PHE B 1131 -26.96 -12.45 -1.00
C PHE B 1131 -28.06 -12.93 -0.10
N TYR B 1132 -28.52 -12.05 0.79
CA TYR B 1132 -29.61 -12.38 1.70
C TYR B 1132 -30.43 -11.15 2.07
N ARG B 1133 -31.73 -11.34 2.21
CA ARG B 1133 -32.65 -10.29 2.56
C ARG B 1133 -33.51 -10.92 3.65
N THR B 1134 -33.56 -10.31 4.83
CA THR B 1134 -34.35 -10.88 5.90
C THR B 1134 -35.84 -10.68 5.62
N PRO B 1135 -36.58 -11.79 5.59
CA PRO B 1135 -38.02 -11.80 5.33
C PRO B 1135 -38.94 -11.22 6.40
N ASN B 1136 -40.10 -10.77 5.93
CA ASN B 1136 -41.17 -10.23 6.76
C ASN B 1136 -40.81 -9.20 7.81
N LEU B 1137 -40.17 -8.11 7.40
CA LEU B 1137 -39.82 -7.07 8.34
C LEU B 1137 -40.44 -5.76 7.90
N GLY B 1138 -40.80 -4.93 8.89
CA GLY B 1138 -41.41 -3.64 8.62
C GLY B 1138 -42.50 -3.28 9.62
N TYR B 1139 -42.11 -2.61 10.70
CA TYR B 1139 -43.04 -2.17 11.74
C TYR B 1139 -43.37 -0.71 11.52
N SER B 1140 -44.59 -0.32 11.89
CA SER B 1140 -44.98 1.06 11.75
C SER B 1140 -45.41 1.59 13.11
N PHE B 1141 -44.87 2.74 13.50
CA PHE B 1141 -45.24 3.33 14.77
C PHE B 1141 -46.61 3.96 14.58
N GLU B 1142 -46.99 4.15 13.32
CA GLU B 1142 -48.27 4.75 12.95
C GLU B 1142 -49.44 3.84 13.28
N THR B 1143 -49.24 2.55 13.11
CA THR B 1143 -50.30 1.60 13.34
C THR B 1143 -49.89 0.50 14.30
N ASN B 1144 -48.81 0.73 15.03
CA ASN B 1144 -48.29 -0.26 15.97
C ASN B 1144 -48.49 -1.67 15.43
N SER B 1145 -48.02 -1.92 14.22
CA SER B 1145 -48.12 -3.23 13.60
C SER B 1145 -46.94 -3.53 12.68
N GLY B 1146 -46.80 -4.79 12.32
CA GLY B 1146 -45.71 -5.21 11.46
C GLY B 1146 -44.52 -5.66 12.28
N ASN B 1147 -43.89 -6.75 11.88
CA ASN B 1147 -42.72 -7.26 12.60
C ASN B 1147 -41.61 -6.21 12.60
N ALA B 1148 -40.93 -6.09 13.74
CA ALA B 1148 -39.83 -5.15 13.88
C ALA B 1148 -38.58 -5.97 13.94
N PHE B 1149 -38.71 -7.18 14.47
CA PHE B 1149 -37.58 -8.08 14.59
C PHE B 1149 -37.89 -9.42 13.96
N HIS B 1150 -36.84 -10.13 13.55
CA HIS B 1150 -37.00 -11.44 12.96
C HIS B 1150 -37.24 -12.45 14.08
N TYR B 1151 -36.67 -12.19 15.25
CA TYR B 1151 -36.85 -13.04 16.44
C TYR B 1151 -36.20 -12.40 17.66
N PHE B 1152 -36.23 -13.08 18.81
CA PHE B 1152 -35.64 -12.53 20.03
C PHE B 1152 -34.61 -13.44 20.69
N THR B 1153 -33.56 -12.84 21.24
CA THR B 1153 -32.56 -13.62 21.96
C THR B 1153 -32.91 -13.41 23.42
N TYR B 1154 -32.90 -14.49 24.19
CA TYR B 1154 -33.27 -14.41 25.59
C TYR B 1154 -32.16 -14.83 26.52
N GLY B 1155 -32.29 -14.44 27.79
CA GLY B 1155 -31.30 -14.81 28.77
C GLY B 1155 -31.62 -14.34 30.17
N VAL B 1156 -31.10 -15.07 31.16
CA VAL B 1156 -31.32 -14.73 32.56
C VAL B 1156 -30.00 -14.73 33.30
N ALA B 1157 -29.84 -13.79 34.22
CA ALA B 1157 -28.62 -13.66 35.02
C ALA B 1157 -28.93 -13.49 36.51
N CYS B 1158 -28.16 -14.15 37.36
CA CYS B 1158 -28.32 -14.07 38.80
C CYS B 1158 -27.00 -13.67 39.46
N SER B 1159 -26.98 -12.49 40.06
CA SER B 1159 -25.78 -11.99 40.70
C SER B 1159 -25.92 -11.75 42.21
N GLU B 1160 -24.79 -11.80 42.90
CA GLU B 1160 -24.74 -11.60 44.34
C GLU B 1160 -23.56 -10.70 44.69
N VAL B 1161 -23.79 -9.64 45.45
CA VAL B 1161 -22.69 -8.76 45.82
C VAL B 1161 -22.58 -8.60 47.32
N GLU B 1162 -21.52 -7.92 47.73
CA GLU B 1162 -21.29 -7.62 49.12
C GLU B 1162 -20.73 -6.20 49.10
N ILE B 1163 -21.42 -5.28 49.77
CA ILE B 1163 -20.96 -3.89 49.81
C ILE B 1163 -20.36 -3.57 51.16
N ASP B 1164 -19.53 -2.53 51.18
CA ASP B 1164 -18.89 -2.03 52.40
C ASP B 1164 -19.60 -0.70 52.62
N CYS B 1165 -20.63 -0.73 53.45
CA CYS B 1165 -21.46 0.44 53.75
C CYS B 1165 -20.70 1.62 54.35
N LEU B 1166 -19.40 1.46 54.51
CA LEU B 1166 -18.58 2.52 55.08
C LEU B 1166 -17.69 3.21 54.05
N THR B 1167 -17.48 2.57 52.91
CA THR B 1167 -16.60 3.16 51.88
C THR B 1167 -17.28 3.33 50.54
N GLY B 1168 -18.18 2.41 50.22
CA GLY B 1168 -18.89 2.48 48.94
C GLY B 1168 -18.38 1.41 48.01
N ASP B 1169 -17.27 0.77 48.38
CA ASP B 1169 -16.72 -0.29 47.55
C ASP B 1169 -17.57 -1.55 47.70
N HIS B 1170 -17.42 -2.47 46.76
CA HIS B 1170 -18.18 -3.72 46.79
C HIS B 1170 -17.47 -4.77 45.96
N LYS B 1171 -17.82 -6.04 46.17
CA LYS B 1171 -17.23 -7.07 45.36
C LYS B 1171 -18.31 -8.00 44.82
N ASN B 1172 -18.18 -8.39 43.56
CA ASN B 1172 -19.16 -9.29 42.99
C ASN B 1172 -18.72 -10.69 43.39
N LEU B 1173 -19.56 -11.35 44.17
CA LEU B 1173 -19.26 -12.69 44.65
C LEU B 1173 -19.49 -13.77 43.62
N ARG B 1174 -20.66 -13.75 42.99
CA ARG B 1174 -20.98 -14.77 42.05
C ARG B 1174 -22.11 -14.37 41.11
N THR B 1175 -21.99 -14.79 39.86
CA THR B 1175 -23.00 -14.52 38.86
C THR B 1175 -23.26 -15.81 38.11
N ASP B 1176 -24.52 -16.01 37.73
CA ASP B 1176 -24.90 -17.20 37.00
C ASP B 1176 -25.72 -16.75 35.80
N ILE B 1177 -25.30 -17.14 34.60
CA ILE B 1177 -26.00 -16.76 33.40
C ILE B 1177 -26.44 -17.98 32.59
N VAL B 1178 -27.63 -17.89 32.02
CA VAL B 1178 -28.20 -18.94 31.17
C VAL B 1178 -28.70 -18.16 29.95
N MET B 1179 -28.06 -18.37 28.82
CA MET B 1179 -28.43 -17.67 27.62
C MET B 1179 -29.01 -18.61 26.58
N ASP B 1180 -29.94 -18.10 25.79
CA ASP B 1180 -30.55 -18.89 24.74
C ASP B 1180 -30.01 -18.40 23.40
N VAL B 1181 -28.93 -19.03 22.96
CA VAL B 1181 -28.32 -18.67 21.68
C VAL B 1181 -28.84 -19.61 20.60
N GLY B 1182 -29.76 -20.49 21.00
CA GLY B 1182 -30.31 -21.46 20.07
C GLY B 1182 -29.23 -22.51 19.85
N SER B 1183 -29.09 -22.98 18.61
CA SER B 1183 -28.04 -23.95 18.29
C SER B 1183 -26.81 -23.09 17.96
N SER B 1184 -25.85 -23.06 18.87
CA SER B 1184 -24.66 -22.23 18.66
C SER B 1184 -23.73 -22.68 17.52
N LEU B 1185 -23.22 -21.71 16.77
CA LEU B 1185 -22.30 -22.00 15.67
C LEU B 1185 -20.93 -22.21 16.26
N ASN B 1186 -20.69 -21.54 17.39
CA ASN B 1186 -19.40 -21.64 18.08
C ASN B 1186 -19.58 -21.29 19.57
N PRO B 1187 -19.79 -22.29 20.42
CA PRO B 1187 -19.97 -22.03 21.85
C PRO B 1187 -18.80 -21.33 22.56
N ALA B 1188 -17.64 -21.24 21.90
CA ALA B 1188 -16.50 -20.55 22.49
C ALA B 1188 -16.66 -19.07 22.19
N ILE B 1189 -17.01 -18.74 20.95
CA ILE B 1189 -17.23 -17.36 20.58
C ILE B 1189 -18.45 -16.85 21.38
N ASP B 1190 -19.54 -17.63 21.37
CA ASP B 1190 -20.76 -17.28 22.12
C ASP B 1190 -20.50 -17.80 23.54
N ILE B 1191 -20.35 -16.90 24.49
CA ILE B 1191 -20.04 -17.23 25.90
C ILE B 1191 -18.95 -16.22 26.16
N GLY B 1192 -18.06 -16.09 25.18
CA GLY B 1192 -17.01 -15.11 25.30
C GLY B 1192 -17.73 -13.82 25.01
N GLN B 1193 -18.79 -13.93 24.20
CA GLN B 1193 -19.64 -12.81 23.82
C GLN B 1193 -20.58 -12.52 24.98
N VAL B 1194 -21.00 -13.57 25.66
CA VAL B 1194 -21.89 -13.42 26.79
C VAL B 1194 -21.13 -12.82 27.95
N GLU B 1195 -19.95 -13.37 28.25
CA GLU B 1195 -19.15 -12.87 29.35
C GLU B 1195 -18.65 -11.45 29.07
N GLY B 1196 -18.34 -11.19 27.81
CA GLY B 1196 -17.83 -9.88 27.44
C GLY B 1196 -18.87 -8.77 27.51
N ALA B 1197 -20.05 -9.03 26.96
CA ALA B 1197 -21.12 -8.06 26.98
C ALA B 1197 -21.58 -7.84 28.42
N PHE B 1198 -21.61 -8.93 29.18
CA PHE B 1198 -22.01 -8.87 30.57
C PHE B 1198 -21.11 -7.95 31.38
N VAL B 1199 -19.80 -8.04 31.17
CA VAL B 1199 -18.87 -7.20 31.91
C VAL B 1199 -18.98 -5.73 31.49
N GLN B 1200 -19.26 -5.46 30.22
CA GLN B 1200 -19.43 -4.07 29.78
C GLN B 1200 -20.72 -3.54 30.36
N GLY B 1201 -21.60 -4.47 30.74
CA GLY B 1201 -22.86 -4.11 31.33
C GLY B 1201 -22.62 -3.69 32.78
N LEU B 1202 -22.02 -4.57 33.57
CA LEU B 1202 -21.76 -4.25 34.95
C LEU B 1202 -20.91 -2.98 34.98
N GLY B 1203 -20.20 -2.74 33.89
CA GLY B 1203 -19.38 -1.55 33.80
C GLY B 1203 -20.26 -0.32 33.71
N LEU B 1204 -21.27 -0.37 32.84
CA LEU B 1204 -22.20 0.72 32.62
C LEU B 1204 -23.05 1.06 33.85
N PHE B 1205 -23.52 0.02 34.53
CA PHE B 1205 -24.38 0.16 35.70
C PHE B 1205 -23.71 0.39 37.05
N THR B 1206 -22.42 0.09 37.16
CA THR B 1206 -21.76 0.23 38.44
C THR B 1206 -20.32 0.73 38.47
N LEU B 1207 -19.77 1.25 37.38
CA LEU B 1207 -18.37 1.64 37.45
C LEU B 1207 -17.95 2.78 36.53
N GLU B 1208 -18.42 2.72 35.29
CA GLU B 1208 -18.08 3.73 34.31
C GLU B 1208 -18.98 4.96 34.45
N GLU B 1209 -18.36 6.14 34.53
CA GLU B 1209 -19.10 7.39 34.69
C GLU B 1209 -18.32 8.57 34.12
N LEU B 1210 -18.95 9.35 33.26
CA LEU B 1210 -18.27 10.48 32.68
C LEU B 1210 -18.64 11.77 33.38
N HIS B 1211 -17.69 12.69 33.51
CA HIS B 1211 -17.95 13.97 34.14
C HIS B 1211 -17.64 15.12 33.22
N TYR B 1212 -18.48 16.14 33.24
CA TYR B 1212 -18.29 17.33 32.41
C TYR B 1212 -18.43 18.57 33.28
N SER B 1213 -17.78 19.64 32.87
CA SER B 1213 -17.90 20.88 33.61
C SER B 1213 -19.25 21.43 33.18
N PRO B 1214 -19.86 22.32 34.00
CA PRO B 1214 -21.16 22.94 33.74
C PRO B 1214 -21.26 23.50 32.34
N GLU B 1215 -20.14 24.03 31.84
CA GLU B 1215 -20.08 24.62 30.50
C GLU B 1215 -19.86 23.64 29.35
N GLY B 1216 -19.98 22.34 29.65
CA GLY B 1216 -19.85 21.30 28.63
C GLY B 1216 -18.51 20.68 28.28
N SER B 1217 -17.51 20.83 29.15
CA SER B 1217 -16.19 20.29 28.89
C SER B 1217 -15.95 19.00 29.69
N LEU B 1218 -15.70 17.90 28.98
CA LEU B 1218 -15.47 16.60 29.61
C LEU B 1218 -14.25 16.59 30.53
N HIS B 1219 -14.37 15.95 31.68
CA HIS B 1219 -13.27 15.86 32.65
C HIS B 1219 -12.53 14.53 32.48
N THR B 1220 -13.30 13.45 32.42
CA THR B 1220 -12.74 12.10 32.31
C THR B 1220 -12.30 11.76 30.90
N ARG B 1221 -10.99 11.81 30.64
CA ARG B 1221 -10.49 11.54 29.30
C ARG B 1221 -9.40 10.49 29.18
N GLY B 1222 -9.31 9.59 30.15
CA GLY B 1222 -8.30 8.55 30.12
C GLY B 1222 -8.69 7.44 31.07
N PRO B 1223 -8.01 6.28 31.03
CA PRO B 1223 -8.36 5.19 31.93
C PRO B 1223 -8.15 5.53 33.40
N SER B 1224 -7.34 6.57 33.64
CA SER B 1224 -7.04 7.02 34.99
C SER B 1224 -8.22 7.65 35.70
N THR B 1225 -9.15 8.21 34.93
CA THR B 1225 -10.32 8.85 35.50
C THR B 1225 -11.62 8.21 35.06
N TYR B 1226 -11.52 7.32 34.08
CA TYR B 1226 -12.67 6.59 33.56
C TYR B 1226 -12.36 5.12 33.83
N LYS B 1227 -12.98 4.57 34.86
CA LYS B 1227 -12.70 3.19 35.24
C LYS B 1227 -13.63 2.10 34.69
N ILE B 1228 -13.16 1.40 33.67
CA ILE B 1228 -13.94 0.30 33.11
C ILE B 1228 -13.57 -0.92 33.97
N PRO B 1229 -14.34 -2.00 33.85
CA PRO B 1229 -14.05 -3.21 34.63
C PRO B 1229 -12.62 -3.70 34.48
N ALA B 1230 -11.97 -4.01 35.59
CA ALA B 1230 -10.59 -4.49 35.59
C ALA B 1230 -10.56 -6.01 35.80
N PHE B 1231 -9.38 -6.62 35.80
CA PHE B 1231 -9.33 -8.07 36.04
C PHE B 1231 -10.02 -8.40 37.36
N GLY B 1232 -9.72 -7.62 38.39
CA GLY B 1232 -10.31 -7.85 39.69
C GLY B 1232 -11.75 -7.36 39.84
N SER B 1233 -12.40 -7.01 38.74
CA SER B 1233 -13.78 -6.51 38.78
C SER B 1233 -14.88 -7.53 38.47
N ILE B 1234 -14.51 -8.68 37.92
CA ILE B 1234 -15.51 -9.69 37.57
C ILE B 1234 -15.97 -10.57 38.72
N PRO B 1235 -17.20 -11.09 38.63
CA PRO B 1235 -17.72 -11.94 39.70
C PRO B 1235 -16.73 -13.04 40.03
N THR B 1236 -16.45 -13.22 41.32
CA THR B 1236 -15.49 -14.23 41.76
C THR B 1236 -15.83 -15.61 41.20
N GLU B 1237 -17.12 -15.93 41.15
CA GLU B 1237 -17.59 -17.18 40.57
C GLU B 1237 -18.36 -16.76 39.34
N PHE B 1238 -17.81 -17.05 38.16
CA PHE B 1238 -18.44 -16.66 36.90
C PHE B 1238 -18.89 -17.93 36.18
N ARG B 1239 -20.20 -18.17 36.20
CA ARG B 1239 -20.76 -19.36 35.54
C ARG B 1239 -21.67 -18.95 34.40
N VAL B 1240 -21.38 -19.48 33.21
CA VAL B 1240 -22.18 -19.19 32.03
C VAL B 1240 -22.66 -20.52 31.45
N SER B 1241 -23.89 -20.49 30.93
CA SER B 1241 -24.52 -21.67 30.33
C SER B 1241 -25.36 -21.28 29.13
N LEU B 1242 -25.28 -22.12 28.09
CA LEU B 1242 -26.05 -21.89 26.90
C LEU B 1242 -27.19 -22.92 26.93
N LEU B 1243 -28.41 -22.43 26.81
CA LEU B 1243 -29.60 -23.27 26.84
C LEU B 1243 -29.54 -24.42 25.83
N ARG B 1244 -29.76 -25.65 26.32
CA ARG B 1244 -29.72 -26.83 25.44
C ARG B 1244 -31.04 -27.09 24.71
N ASP B 1245 -30.97 -27.92 23.67
CA ASP B 1245 -32.13 -28.32 22.87
C ASP B 1245 -33.11 -27.19 22.55
N CYS B 1246 -32.73 -26.24 21.71
CA CYS B 1246 -33.64 -25.15 21.39
C CYS B 1246 -33.27 -24.46 20.08
N PRO B 1247 -33.12 -25.25 19.00
CA PRO B 1247 -32.76 -24.71 17.70
C PRO B 1247 -33.67 -23.59 17.22
N ASN B 1248 -33.05 -22.53 16.72
CA ASN B 1248 -33.78 -21.38 16.20
C ASN B 1248 -33.93 -21.48 14.69
N LYS B 1249 -35.09 -21.92 14.22
CA LYS B 1249 -35.34 -22.09 12.79
C LYS B 1249 -35.28 -20.82 11.96
N LYS B 1250 -35.21 -19.67 12.61
CA LYS B 1250 -35.18 -18.40 11.91
C LYS B 1250 -33.84 -17.94 11.33
N ALA B 1251 -32.74 -18.50 11.84
CA ALA B 1251 -31.42 -18.09 11.38
C ALA B 1251 -30.52 -19.26 10.99
N ILE B 1252 -29.45 -18.93 10.26
CA ILE B 1252 -28.51 -19.92 9.78
C ILE B 1252 -28.14 -20.96 10.83
N TYR B 1253 -28.12 -22.21 10.39
CA TYR B 1253 -27.81 -23.36 11.23
C TYR B 1253 -28.41 -23.36 12.66
N ALA B 1254 -29.61 -22.82 12.80
CA ALA B 1254 -30.33 -22.79 14.07
C ALA B 1254 -29.72 -21.96 15.20
N SER B 1255 -28.88 -20.99 14.82
CA SER B 1255 -28.22 -20.15 15.80
C SER B 1255 -29.02 -18.86 15.99
N LYS B 1256 -28.56 -18.02 16.92
CA LYS B 1256 -29.22 -16.75 17.19
C LYS B 1256 -28.16 -15.69 17.46
N ALA B 1257 -28.47 -14.42 17.15
CA ALA B 1257 -27.54 -13.33 17.41
C ALA B 1257 -27.17 -13.37 18.89
N VAL B 1258 -25.89 -13.15 19.20
CA VAL B 1258 -25.42 -13.20 20.57
C VAL B 1258 -24.62 -11.95 20.90
N GLY B 1259 -24.53 -11.03 19.95
CA GLY B 1259 -23.76 -9.82 20.15
C GLY B 1259 -24.14 -8.88 21.28
N GLU B 1260 -25.32 -8.25 21.16
CA GLU B 1260 -25.82 -7.30 22.15
C GLU B 1260 -26.67 -7.86 23.30
N PRO B 1261 -27.67 -8.71 22.99
CA PRO B 1261 -28.54 -9.27 24.03
C PRO B 1261 -28.03 -9.41 25.48
N PRO B 1262 -26.89 -10.07 25.69
CA PRO B 1262 -26.40 -10.25 27.07
C PRO B 1262 -25.96 -9.00 27.86
N LEU B 1263 -25.60 -7.92 27.18
CA LEU B 1263 -25.13 -6.74 27.91
C LEU B 1263 -26.06 -6.23 29.02
N PHE B 1264 -27.37 -6.25 28.82
CA PHE B 1264 -28.26 -5.77 29.88
C PHE B 1264 -28.19 -6.64 31.12
N LEU B 1265 -27.88 -7.92 30.95
CA LEU B 1265 -27.80 -8.83 32.09
C LEU B 1265 -26.80 -8.37 33.15
N GLY B 1266 -26.02 -7.36 32.85
CA GLY B 1266 -25.08 -6.85 33.84
C GLY B 1266 -25.83 -6.00 34.85
N ALA B 1267 -27.11 -5.77 34.56
CA ALA B 1267 -27.95 -4.97 35.45
C ALA B 1267 -28.20 -5.77 36.73
N SER B 1268 -28.07 -7.08 36.66
CA SER B 1268 -28.30 -7.92 37.83
C SER B 1268 -27.32 -7.56 38.95
N VAL B 1269 -26.22 -6.90 38.59
CA VAL B 1269 -25.23 -6.50 39.60
C VAL B 1269 -25.77 -5.26 40.29
N PHE B 1270 -26.34 -4.38 39.47
CA PHE B 1270 -26.91 -3.12 39.92
C PHE B 1270 -28.03 -3.35 40.93
N PHE B 1271 -29.00 -4.17 40.53
CA PHE B 1271 -30.12 -4.46 41.40
C PHE B 1271 -29.69 -5.31 42.58
N ALA B 1272 -28.59 -6.05 42.42
CA ALA B 1272 -28.07 -6.84 43.54
C ALA B 1272 -27.50 -5.87 44.59
N ILE B 1273 -26.89 -4.79 44.12
CA ILE B 1273 -26.31 -3.78 44.99
C ILE B 1273 -27.43 -3.04 45.71
N LYS B 1274 -28.45 -2.64 44.95
CA LYS B 1274 -29.60 -1.92 45.50
C LYS B 1274 -30.18 -2.76 46.64
N ASP B 1275 -30.26 -4.07 46.40
CA ASP B 1275 -30.77 -5.01 47.38
C ASP B 1275 -29.96 -4.88 48.67
N ALA B 1276 -28.64 -4.77 48.53
CA ALA B 1276 -27.74 -4.63 49.67
C ALA B 1276 -27.92 -3.27 50.35
N ILE B 1277 -28.14 -2.23 49.55
CA ILE B 1277 -28.34 -0.89 50.10
C ILE B 1277 -29.61 -0.88 50.98
N ARG B 1278 -30.61 -1.66 50.58
CA ARG B 1278 -31.82 -1.73 51.39
C ARG B 1278 -31.44 -2.27 52.76
N ALA B 1279 -30.75 -3.41 52.78
CA ALA B 1279 -30.34 -4.02 54.04
C ALA B 1279 -29.63 -3.00 54.93
N ALA B 1280 -28.75 -2.22 54.33
CA ALA B 1280 -28.01 -1.18 55.05
C ALA B 1280 -28.97 -0.17 55.65
N ARG B 1281 -29.80 0.44 54.81
CA ARG B 1281 -30.77 1.44 55.27
C ARG B 1281 -31.69 0.92 56.40
N ALA B 1282 -32.00 -0.36 56.36
CA ALA B 1282 -32.85 -0.98 57.36
C ALA B 1282 -32.06 -1.12 58.66
N GLN B 1283 -30.74 -1.01 58.54
CA GLN B 1283 -29.86 -1.14 59.67
C GLN B 1283 -29.68 0.15 60.48
N HIS B 1284 -29.42 1.27 59.80
CA HIS B 1284 -29.20 2.54 60.49
C HIS B 1284 -30.11 3.68 60.06
N THR B 1285 -30.90 3.48 59.01
CA THR B 1285 -31.78 4.56 58.56
C THR B 1285 -33.24 4.28 58.91
N ASN B 1286 -34.13 4.64 57.98
CA ASN B 1286 -35.57 4.47 58.13
C ASN B 1286 -35.95 3.12 58.73
N ASN B 1287 -37.24 2.93 58.96
CA ASN B 1287 -37.72 1.66 59.53
C ASN B 1287 -38.94 1.25 58.71
N ASN B 1288 -39.01 1.84 57.51
CA ASN B 1288 -40.07 1.58 56.56
C ASN B 1288 -39.70 0.49 55.54
N THR B 1289 -40.16 -0.73 55.81
CA THR B 1289 -39.90 -1.88 54.95
C THR B 1289 -40.19 -1.59 53.48
N LYS B 1290 -41.11 -0.66 53.24
CA LYS B 1290 -41.50 -0.32 51.87
C LYS B 1290 -41.05 1.06 51.40
N GLU B 1291 -39.89 1.52 51.88
CA GLU B 1291 -39.38 2.83 51.46
C GLU B 1291 -38.83 2.69 50.04
N LEU B 1292 -39.03 3.70 49.19
CA LEU B 1292 -38.51 3.64 47.83
C LEU B 1292 -37.50 4.74 47.56
N PHE B 1293 -36.20 4.42 47.68
CA PHE B 1293 -35.14 5.40 47.44
C PHE B 1293 -34.61 5.36 46.01
N ARG B 1294 -34.38 6.52 45.42
CA ARG B 1294 -33.87 6.57 44.05
C ARG B 1294 -32.37 6.32 43.97
N LEU B 1295 -31.99 5.39 43.10
CA LEU B 1295 -30.60 5.02 42.85
C LEU B 1295 -30.42 5.00 41.33
N ASP B 1296 -29.78 6.02 40.80
CA ASP B 1296 -29.53 6.11 39.37
C ASP B 1296 -28.33 5.27 38.98
N SER B 1297 -28.08 5.20 37.67
CA SER B 1297 -26.94 4.49 37.10
C SER B 1297 -25.93 5.56 36.70
N PRO B 1298 -24.64 5.31 36.93
CA PRO B 1298 -24.12 4.09 37.54
C PRO B 1298 -24.14 4.14 39.06
N ALA B 1299 -24.32 2.98 39.67
CA ALA B 1299 -24.32 2.86 41.11
C ALA B 1299 -22.85 2.84 41.55
N THR B 1300 -22.21 4.01 41.54
CA THR B 1300 -20.82 4.13 41.93
C THR B 1300 -20.62 4.06 43.44
N PRO B 1301 -19.36 3.97 43.89
CA PRO B 1301 -19.14 3.91 45.34
C PRO B 1301 -19.65 5.19 46.01
N GLU B 1302 -19.74 6.25 45.22
CA GLU B 1302 -20.24 7.51 45.75
C GLU B 1302 -21.73 7.39 45.97
N LYS B 1303 -22.44 6.82 45.00
CA LYS B 1303 -23.88 6.67 45.13
C LYS B 1303 -24.23 5.63 46.19
N ILE B 1304 -23.46 4.56 46.24
CA ILE B 1304 -23.68 3.49 47.22
C ILE B 1304 -23.46 3.99 48.64
N ARG B 1305 -22.32 4.63 48.89
CA ARG B 1305 -22.00 5.15 50.22
C ARG B 1305 -23.02 6.18 50.67
N ASN B 1306 -23.34 7.13 49.79
CA ASN B 1306 -24.31 8.15 50.13
C ASN B 1306 -25.72 7.62 50.41
N ALA B 1307 -26.03 6.44 49.89
CA ALA B 1307 -27.34 5.83 50.09
C ALA B 1307 -27.36 4.99 51.36
N CYS B 1308 -26.19 4.81 51.95
CA CYS B 1308 -26.09 4.04 53.18
C CYS B 1308 -26.04 5.05 54.32
N VAL B 1309 -27.17 5.72 54.54
CA VAL B 1309 -27.27 6.75 55.56
C VAL B 1309 -27.03 6.20 56.98
N ASP B 1310 -26.24 6.95 57.75
CA ASP B 1310 -25.91 6.56 59.11
C ASP B 1310 -25.45 7.79 59.89
N LYS B 1311 -25.03 7.59 61.14
CA LYS B 1311 -24.57 8.70 61.97
C LYS B 1311 -23.45 9.47 61.31
N PHE B 1312 -22.81 8.86 60.33
CA PHE B 1312 -21.71 9.51 59.63
C PHE B 1312 -22.18 10.43 58.51
N THR B 1313 -22.95 9.86 57.58
CA THR B 1313 -23.49 10.63 56.46
C THR B 1313 -24.37 11.73 57.03
N THR B 1314 -24.92 11.46 58.21
CA THR B 1314 -25.79 12.39 58.92
C THR B 1314 -24.98 13.46 59.65
N LEU B 1315 -24.29 13.09 60.73
CA LEU B 1315 -23.49 14.06 61.47
C LEU B 1315 -22.41 14.63 60.54
N LYS B 1325 -27.84 26.13 61.88
CA LYS B 1325 -27.70 27.11 63.01
C LYS B 1325 -28.47 28.42 62.71
N PRO B 1326 -29.73 28.32 62.20
CA PRO B 1326 -30.56 29.49 61.87
C PRO B 1326 -30.97 30.34 63.10
N TRP B 1327 -31.04 31.66 62.94
CA TRP B 1327 -31.43 32.52 64.07
C TRP B 1327 -32.81 32.13 64.60
N SER B 1328 -33.80 32.13 63.69
CA SER B 1328 -35.16 31.74 64.03
C SER B 1328 -35.57 30.59 63.08
N LEU B 1329 -36.63 29.87 63.46
CA LEU B 1329 -37.11 28.74 62.67
C LEU B 1329 -38.46 29.02 62.04
N ARG B 1330 -39.26 27.97 61.89
CA ARG B 1330 -40.60 28.11 61.33
C ARG B 1330 -41.53 27.38 62.29
N VAL B 1331 -41.29 26.07 62.42
CA VAL B 1331 -42.03 25.16 63.31
C VAL B 1331 -43.54 24.95 62.98
#